data_9ES6
#
_entry.id   9ES6
#
_cell.length_a   1.00
_cell.length_b   1.00
_cell.length_c   1.00
_cell.angle_alpha   90.00
_cell.angle_beta   90.00
_cell.angle_gamma   90.00
#
_symmetry.space_group_name_H-M   'P 1'
#
loop_
_entity.id
_entity.type
_entity.pdbx_description
1 polymer '60 kDa heat shock protein, mitochondrial'
2 non-polymer "ADENOSINE-5'-DIPHOSPHATE"
3 non-polymer 'BERYLLIUM TRIFLUORIDE ION'
4 non-polymer 'MAGNESIUM ION'
5 non-polymer 'POTASSIUM ION'
6 water water
#
_entity_poly.entity_id   1
_entity_poly.type   'polypeptide(L)'
_entity_poly.pdbx_seq_one_letter_code
;GSAKDVKFGADARALMLQGVDLLADAVAVTMGPKGRTVIIEQSWGSPKVTKDGVTVAKSIDLKDKYKNIGAKLVQDVANN
TNEEAGDGTTTATVLARSIAKEGFEKISKGANPVEIRRGVMLAVDAVIAELKKQSKPVTTPEEIAQVATISANGDKEIGN
IISDAMKKVGRKGVITVKDGKTLNDELEIIEGMKFDRGYISPYFINTSKGQKCEFQDAYVLLSEKKISSIQSIVPALEIA
NAHRKPLVIIAEDVDGEALSTLVLNRLKVGLQVVAVKAPGFGDNRKNQLKDMAIATGGAVFGEEGLTLNLEDVQPHDLGK
VGEVIVTKDDAMLLKGKGDKAQIEKRIQEIIEQLDVTTSEYEKEKLNERLAKLSDGVAVLKVGGTSDVEVNEKKDRVTDA
LNATRAAVEEGIVLGGGCALLRCIPALDSLTPANEDQKIGIEIIKRTLKIPAMTIAKNAGVEGSLIVEKIMQSSSEVGYD
AMAGDFVNMVEKGIIDPTKVVRTALLDAAGVASLLTTAEVVVTEIPKEEKDPGMGAMGGMGGGMGGGMF
;
_entity_poly.pdbx_strand_id   A,B,C,D,E,F,G,H,I,J,K,L,M,N
#
loop_
_chem_comp.id
_chem_comp.type
_chem_comp.name
_chem_comp.formula
ADP non-polymer ADENOSINE-5'-DIPHOSPHATE 'C10 H15 N5 O10 P2'
BEF non-polymer 'BERYLLIUM TRIFLUORIDE ION' 'Be F3 -1'
K non-polymer 'POTASSIUM ION' 'K 1'
MG non-polymer 'MAGNESIUM ION' 'Mg 2'
#
# COMPACT_ATOMS: atom_id res chain seq x y z
N GLY A 1 21.34 -24.90 -12.84
CA GLY A 1 20.15 -25.05 -12.01
C GLY A 1 19.41 -23.75 -11.78
N SER A 2 20.09 -22.79 -11.15
CA SER A 2 19.48 -21.51 -10.87
C SER A 2 19.25 -20.72 -12.16
N ALA A 3 18.22 -19.88 -12.14
CA ALA A 3 17.89 -19.07 -13.31
C ALA A 3 19.03 -18.11 -13.64
N LYS A 4 19.27 -17.91 -14.93
CA LYS A 4 20.38 -17.12 -15.41
C LYS A 4 19.88 -15.94 -16.23
N ASP A 5 20.62 -14.84 -16.14
CA ASP A 5 20.41 -13.66 -16.97
C ASP A 5 21.57 -13.55 -17.96
N VAL A 6 21.23 -13.38 -19.23
CA VAL A 6 22.22 -13.37 -20.31
C VAL A 6 22.17 -12.00 -20.97
N LYS A 7 23.33 -11.36 -21.09
CA LYS A 7 23.45 -10.06 -21.71
C LYS A 7 24.40 -10.14 -22.90
N PHE A 8 24.03 -9.45 -23.98
CA PHE A 8 24.69 -9.57 -25.27
C PHE A 8 25.35 -8.24 -25.64
N GLY A 9 26.45 -8.32 -26.39
CA GLY A 9 27.02 -7.17 -27.04
C GLY A 9 27.61 -6.10 -26.14
N ALA A 10 27.45 -4.84 -26.55
CA ALA A 10 28.14 -3.72 -25.92
C ALA A 10 27.54 -3.34 -24.57
N ASP A 11 26.32 -3.77 -24.25
CA ASP A 11 25.74 -3.44 -22.96
C ASP A 11 26.47 -4.12 -21.82
N ALA A 12 26.71 -5.44 -21.96
CA ALA A 12 27.46 -6.17 -20.96
C ALA A 12 28.89 -5.65 -20.87
N ARG A 13 29.49 -5.31 -22.01
CA ARG A 13 30.83 -4.74 -22.01
C ARG A 13 30.85 -3.41 -21.26
N ALA A 14 29.84 -2.58 -21.45
CA ALA A 14 29.77 -1.30 -20.76
C ALA A 14 29.63 -1.50 -19.26
N LEU A 15 28.79 -2.46 -18.84
CA LEU A 15 28.62 -2.71 -17.41
C LEU A 15 29.90 -3.23 -16.77
N MET A 16 30.57 -4.18 -17.44
CA MET A 16 31.84 -4.70 -16.92
C MET A 16 32.90 -3.61 -16.90
N LEU A 17 32.93 -2.74 -17.91
CA LEU A 17 33.86 -1.63 -17.90
C LEU A 17 33.56 -0.65 -16.77
N GLN A 18 32.28 -0.45 -16.45
CA GLN A 18 31.95 0.40 -15.30
C GLN A 18 32.48 -0.21 -14.01
N GLY A 19 32.33 -1.52 -13.83
CA GLY A 19 32.87 -2.17 -12.64
C GLY A 19 34.38 -2.06 -12.57
N VAL A 20 35.05 -2.32 -13.70
CA VAL A 20 36.51 -2.22 -13.76
C VAL A 20 36.96 -0.81 -13.46
N ASP A 21 36.26 0.19 -14.03
CA ASP A 21 36.61 1.58 -13.80
C ASP A 21 36.43 1.95 -12.33
N LEU A 22 35.37 1.47 -11.69
CA LEU A 22 35.17 1.76 -10.28
C LEU A 22 36.32 1.20 -9.45
N LEU A 23 36.65 -0.08 -9.64
CA LEU A 23 37.71 -0.68 -8.85
C LEU A 23 39.04 -0.01 -9.11
N ALA A 24 39.35 0.28 -10.38
CA ALA A 24 40.63 0.89 -10.71
C ALA A 24 40.71 2.33 -10.22
N ASP A 25 39.60 3.06 -10.24
CA ASP A 25 39.61 4.42 -9.70
C ASP A 25 39.82 4.40 -8.19
N ALA A 26 39.25 3.41 -7.50
CA ALA A 26 39.53 3.27 -6.08
C ALA A 26 40.99 2.95 -5.83
N VAL A 27 41.57 2.07 -6.66
CA VAL A 27 42.94 1.61 -6.43
C VAL A 27 43.95 2.70 -6.77
N ALA A 28 43.72 3.43 -7.87
CA ALA A 28 44.74 4.30 -8.46
C ALA A 28 45.01 5.56 -7.64
N VAL A 29 44.18 5.89 -6.65
CA VAL A 29 44.45 7.05 -5.82
C VAL A 29 45.61 6.84 -4.87
N THR A 30 46.17 5.63 -4.82
CA THR A 30 47.25 5.28 -3.91
C THR A 30 48.57 5.02 -4.65
N MET A 31 48.71 5.54 -5.86
CA MET A 31 49.88 5.26 -6.69
C MET A 31 50.84 6.44 -6.66
N GLY A 32 52.12 6.14 -6.52
CA GLY A 32 53.16 7.15 -6.54
C GLY A 32 53.47 7.69 -5.16
N PRO A 33 54.48 8.57 -5.08
CA PRO A 33 54.81 9.17 -3.77
C PRO A 33 53.71 10.04 -3.20
N LYS A 34 53.03 10.81 -4.05
CA LYS A 34 51.91 11.63 -3.60
C LYS A 34 50.57 10.93 -3.73
N GLY A 35 50.46 9.72 -3.18
CA GLY A 35 49.21 8.97 -3.19
C GLY A 35 48.59 8.96 -1.81
N ARG A 36 47.27 8.97 -1.76
CA ARG A 36 46.53 8.95 -0.52
C ARG A 36 46.27 7.51 -0.08
N THR A 37 45.55 7.37 1.03
CA THR A 37 45.23 6.07 1.60
C THR A 37 43.75 5.76 1.43
N VAL A 38 43.39 4.51 1.73
CA VAL A 38 42.03 4.03 1.65
C VAL A 38 41.68 3.38 2.98
N ILE A 39 40.53 3.76 3.54
CA ILE A 39 40.01 3.13 4.75
C ILE A 39 38.98 2.08 4.35
N ILE A 40 39.20 0.85 4.78
CA ILE A 40 38.29 -0.27 4.56
C ILE A 40 37.70 -0.65 5.90
N GLU A 41 36.37 -0.65 5.99
CA GLU A 41 35.72 -1.04 7.23
C GLU A 41 35.94 -2.53 7.51
N GLN A 42 36.38 -2.84 8.72
CA GLN A 42 36.56 -4.21 9.15
C GLN A 42 35.36 -4.65 9.97
N SER A 43 34.85 -5.84 9.69
CA SER A 43 33.63 -6.31 10.33
C SER A 43 33.81 -6.49 11.83
N TRP A 44 34.96 -7.03 12.25
CA TRP A 44 35.14 -7.43 13.63
C TRP A 44 35.82 -6.38 14.51
N GLY A 45 36.30 -5.29 13.95
CA GLY A 45 37.00 -4.32 14.75
C GLY A 45 37.22 -2.99 14.07
N SER A 46 38.34 -2.37 14.40
CA SER A 46 38.66 -1.05 13.89
C SER A 46 38.91 -1.11 12.38
N PRO A 47 38.63 -0.04 11.64
CA PRO A 47 38.89 -0.06 10.20
C PRO A 47 40.37 -0.13 9.90
N LYS A 48 40.69 -0.51 8.66
CA LYS A 48 42.06 -0.69 8.21
C LYS A 48 42.39 0.41 7.20
N VAL A 49 43.49 1.12 7.43
CA VAL A 49 43.95 2.16 6.51
C VAL A 49 45.15 1.61 5.74
N THR A 50 45.04 1.59 4.42
CA THR A 50 46.06 0.97 3.60
C THR A 50 46.35 1.81 2.35
N LYS A 51 47.59 1.72 1.88
CA LYS A 51 47.99 2.29 0.60
C LYS A 51 48.34 1.20 -0.40
N ASP A 52 47.97 -0.04 -0.11
CA ASP A 52 48.36 -1.18 -0.95
C ASP A 52 47.29 -1.43 -2.01
N GLY A 53 47.74 -1.65 -3.24
CA GLY A 53 46.78 -1.83 -4.34
C GLY A 53 45.97 -3.10 -4.22
N VAL A 54 46.62 -4.22 -3.90
CA VAL A 54 45.91 -5.49 -3.85
C VAL A 54 44.96 -5.53 -2.64
N THR A 55 45.36 -4.90 -1.54
CA THR A 55 44.49 -4.86 -0.37
C THR A 55 43.22 -4.07 -0.65
N VAL A 56 43.33 -2.96 -1.38
CA VAL A 56 42.16 -2.19 -1.75
C VAL A 56 41.31 -2.96 -2.77
N ALA A 57 41.97 -3.60 -3.74
CA ALA A 57 41.24 -4.30 -4.78
C ALA A 57 40.44 -5.48 -4.22
N LYS A 58 41.06 -6.28 -3.35
CA LYS A 58 40.39 -7.45 -2.80
C LYS A 58 39.24 -7.13 -1.88
N SER A 59 39.14 -5.89 -1.41
CA SER A 59 38.10 -5.49 -0.46
C SER A 59 36.88 -4.88 -1.13
N ILE A 60 36.85 -4.81 -2.46
CA ILE A 60 35.76 -4.19 -3.20
C ILE A 60 34.97 -5.28 -3.90
N ASP A 61 33.72 -5.45 -3.50
CA ASP A 61 32.79 -6.37 -4.13
C ASP A 61 31.50 -5.62 -4.44
N LEU A 62 31.04 -5.73 -5.69
CA LEU A 62 29.92 -4.93 -6.16
C LEU A 62 28.64 -5.76 -6.21
N LYS A 63 27.51 -5.08 -6.02
CA LYS A 63 26.22 -5.77 -6.03
C LYS A 63 25.83 -6.17 -7.44
N ASP A 64 26.01 -5.28 -8.42
CA ASP A 64 25.68 -5.61 -9.80
C ASP A 64 26.56 -6.75 -10.30
N LYS A 65 25.93 -7.72 -10.96
CA LYS A 65 26.63 -8.95 -11.32
C LYS A 65 27.72 -8.70 -12.35
N TYR A 66 27.45 -7.87 -13.35
CA TYR A 66 28.42 -7.63 -14.42
C TYR A 66 29.56 -6.74 -13.93
N LYS A 67 29.23 -5.68 -13.20
CA LYS A 67 30.25 -4.87 -12.56
C LYS A 67 31.08 -5.70 -11.60
N ASN A 68 30.45 -6.64 -10.90
CA ASN A 68 31.19 -7.53 -10.02
C ASN A 68 32.10 -8.47 -10.81
N ILE A 69 31.69 -8.90 -12.00
CA ILE A 69 32.54 -9.73 -12.84
C ILE A 69 33.80 -8.96 -13.23
N GLY A 70 33.61 -7.71 -13.68
CA GLY A 70 34.76 -6.89 -14.02
C GLY A 70 35.67 -6.64 -12.84
N ALA A 71 35.08 -6.35 -11.68
CA ALA A 71 35.86 -6.13 -10.47
C ALA A 71 36.62 -7.39 -10.07
N LYS A 72 35.99 -8.56 -10.22
CA LYS A 72 36.66 -9.81 -9.90
C LYS A 72 37.84 -10.06 -10.82
N LEU A 73 37.70 -9.73 -12.11
CA LEU A 73 38.84 -9.88 -13.01
C LEU A 73 39.98 -8.95 -12.64
N VAL A 74 39.67 -7.71 -12.26
CA VAL A 74 40.74 -6.80 -11.84
C VAL A 74 41.38 -7.29 -10.53
N GLN A 75 40.57 -7.87 -9.64
CA GLN A 75 41.11 -8.47 -8.43
C GLN A 75 42.03 -9.63 -8.76
N ASP A 76 41.67 -10.42 -9.76
CA ASP A 76 42.55 -11.50 -10.22
C ASP A 76 43.89 -10.91 -10.68
N VAL A 77 43.84 -9.83 -11.46
CA VAL A 77 45.08 -9.18 -11.91
C VAL A 77 45.93 -8.78 -10.71
N ALA A 78 45.32 -8.08 -9.75
CA ALA A 78 46.07 -7.57 -8.61
C ALA A 78 46.63 -8.70 -7.75
N ASN A 79 45.84 -9.75 -7.54
CA ASN A 79 46.29 -10.86 -6.71
C ASN A 79 47.42 -11.63 -7.37
N ASN A 80 47.34 -11.86 -8.67
CA ASN A 80 48.44 -12.53 -9.36
C ASN A 80 49.72 -11.69 -9.31
N THR A 81 49.59 -10.37 -9.52
CA THR A 81 50.76 -9.51 -9.43
C THR A 81 51.36 -9.53 -8.02
N ASN A 82 50.50 -9.51 -7.00
CA ASN A 82 50.99 -9.57 -5.62
C ASN A 82 51.68 -10.89 -5.33
N GLU A 83 51.13 -12.01 -5.80
CA GLU A 83 51.71 -13.31 -5.50
C GLU A 83 53.01 -13.57 -6.24
N GLU A 84 53.11 -13.17 -7.51
CA GLU A 84 54.31 -13.43 -8.29
C GLU A 84 55.41 -12.40 -8.07
N ALA A 85 55.11 -11.24 -7.48
CA ALA A 85 56.15 -10.24 -7.28
C ALA A 85 56.23 -9.73 -5.85
N GLY A 86 55.08 -9.54 -5.21
CA GLY A 86 55.00 -8.91 -3.90
C GLY A 86 54.80 -7.41 -3.96
N ASP A 87 54.98 -6.80 -5.12
CA ASP A 87 54.83 -5.37 -5.32
C ASP A 87 54.37 -5.10 -6.74
N GLY A 88 53.89 -3.88 -6.98
CA GLY A 88 53.42 -3.48 -8.29
C GLY A 88 51.95 -3.74 -8.56
N THR A 89 51.13 -3.92 -7.53
CA THR A 89 49.73 -4.25 -7.74
C THR A 89 48.94 -3.08 -8.31
N THR A 90 49.22 -1.86 -7.85
CA THR A 90 48.52 -0.69 -8.38
C THR A 90 48.85 -0.46 -9.84
N THR A 91 50.13 -0.63 -10.21
CA THR A 91 50.51 -0.48 -11.61
C THR A 91 49.82 -1.53 -12.48
N ALA A 92 49.76 -2.78 -12.01
CA ALA A 92 49.05 -3.81 -12.75
C ALA A 92 47.58 -3.49 -12.88
N THR A 93 46.96 -2.97 -11.82
CA THR A 93 45.54 -2.62 -11.87
C THR A 93 45.27 -1.53 -12.91
N VAL A 94 46.08 -0.48 -12.90
CA VAL A 94 45.84 0.62 -13.85
C VAL A 94 46.14 0.17 -15.28
N LEU A 95 47.17 -0.66 -15.47
CA LEU A 95 47.46 -1.18 -16.80
C LEU A 95 46.33 -2.06 -17.31
N ALA A 96 45.80 -2.92 -16.45
CA ALA A 96 44.69 -3.78 -16.84
C ALA A 96 43.46 -2.96 -17.19
N ARG A 97 43.17 -1.93 -16.40
CA ARG A 97 42.01 -1.08 -16.71
C ARG A 97 42.20 -0.39 -18.05
N SER A 98 43.39 0.14 -18.32
CA SER A 98 43.64 0.83 -19.59
C SER A 98 43.50 -0.13 -20.76
N ILE A 99 44.10 -1.32 -20.67
CA ILE A 99 44.04 -2.28 -21.76
C ILE A 99 42.60 -2.70 -22.00
N ALA A 100 41.84 -2.96 -20.93
CA ALA A 100 40.44 -3.35 -21.08
C ALA A 100 39.63 -2.23 -21.74
N LYS A 101 39.89 -0.98 -21.35
CA LYS A 101 39.14 0.13 -21.94
C LYS A 101 39.42 0.28 -23.43
N GLU A 102 40.70 0.27 -23.82
CA GLU A 102 41.01 0.40 -25.24
C GLU A 102 40.51 -0.80 -26.03
N GLY A 103 40.58 -2.00 -25.45
CA GLY A 103 40.07 -3.18 -26.14
C GLY A 103 38.57 -3.11 -26.34
N PHE A 104 37.83 -2.65 -25.33
CA PHE A 104 36.39 -2.53 -25.45
C PHE A 104 36.01 -1.46 -26.48
N GLU A 105 36.74 -0.34 -26.50
CA GLU A 105 36.40 0.75 -27.39
C GLU A 105 36.71 0.46 -28.86
N LYS A 106 37.57 -0.52 -29.14
CA LYS A 106 38.00 -0.82 -30.51
C LYS A 106 37.29 -2.03 -31.10
N ILE A 107 36.18 -2.47 -30.51
CA ILE A 107 35.45 -3.64 -31.00
C ILE A 107 34.38 -3.19 -31.97
N SER A 108 34.40 -3.77 -33.18
CA SER A 108 33.43 -3.49 -34.21
C SER A 108 32.88 -4.79 -34.75
N LYS A 109 31.99 -4.70 -35.74
CA LYS A 109 31.42 -5.90 -36.34
C LYS A 109 32.49 -6.71 -37.07
N GLY A 110 33.37 -6.04 -37.82
CA GLY A 110 34.42 -6.73 -38.54
C GLY A 110 35.69 -6.99 -37.78
N ALA A 111 35.84 -6.39 -36.60
CA ALA A 111 37.03 -6.60 -35.80
C ALA A 111 37.06 -8.01 -35.21
N ASN A 112 38.28 -8.53 -35.04
CA ASN A 112 38.48 -9.85 -34.47
C ASN A 112 39.22 -9.71 -33.14
N PRO A 113 38.52 -9.73 -32.00
CA PRO A 113 39.22 -9.51 -30.72
C PRO A 113 40.24 -10.58 -30.38
N VAL A 114 40.14 -11.77 -30.95
CA VAL A 114 41.14 -12.80 -30.67
C VAL A 114 42.48 -12.43 -31.29
N GLU A 115 42.47 -11.93 -32.53
CA GLU A 115 43.71 -11.48 -33.15
C GLU A 115 44.22 -10.21 -32.48
N ILE A 116 43.33 -9.37 -31.96
CA ILE A 116 43.76 -8.22 -31.18
C ILE A 116 44.48 -8.67 -29.91
N ARG A 117 43.95 -9.71 -29.25
CA ARG A 117 44.63 -10.27 -28.09
C ARG A 117 45.99 -10.85 -28.47
N ARG A 118 46.07 -11.51 -29.62
CA ARG A 118 47.36 -12.03 -30.09
C ARG A 118 48.36 -10.91 -30.29
N GLY A 119 47.93 -9.82 -30.95
CA GLY A 119 48.83 -8.69 -31.15
C GLY A 119 49.25 -8.06 -29.84
N VAL A 120 48.34 -8.02 -28.86
CA VAL A 120 48.70 -7.54 -27.53
C VAL A 120 49.78 -8.43 -26.92
N MET A 121 49.65 -9.75 -27.08
CA MET A 121 50.65 -10.65 -26.52
C MET A 121 52.02 -10.44 -27.15
N LEU A 122 52.06 -10.30 -28.49
CA LEU A 122 53.35 -10.01 -29.14
C LEU A 122 53.92 -8.67 -28.69
N ALA A 123 53.08 -7.64 -28.56
CA ALA A 123 53.58 -6.34 -28.12
C ALA A 123 54.14 -6.42 -26.70
N VAL A 124 53.47 -7.16 -25.82
CA VAL A 124 53.93 -7.29 -24.45
C VAL A 124 55.22 -8.10 -24.39
N ASP A 125 55.35 -9.12 -25.22
CA ASP A 125 56.60 -9.86 -25.30
C ASP A 125 57.75 -8.95 -25.74
N ALA A 126 57.51 -8.10 -26.75
CA ALA A 126 58.54 -7.18 -27.19
C ALA A 126 58.91 -6.19 -26.08
N VAL A 127 57.91 -5.68 -25.35
CA VAL A 127 58.20 -4.74 -24.28
C VAL A 127 58.98 -5.41 -23.16
N ILE A 128 58.66 -6.68 -22.87
CA ILE A 128 59.40 -7.41 -21.85
C ILE A 128 60.84 -7.64 -22.27
N ALA A 129 61.05 -7.96 -23.56
CA ALA A 129 62.41 -8.08 -24.06
C ALA A 129 63.18 -6.78 -23.92
N GLU A 130 62.54 -5.65 -24.24
CA GLU A 130 63.19 -4.36 -24.07
C GLU A 130 63.51 -4.08 -22.61
N LEU A 131 62.59 -4.43 -21.71
CA LEU A 131 62.83 -4.25 -20.28
C LEU A 131 64.04 -5.06 -19.81
N LYS A 132 64.13 -6.31 -20.25
CA LYS A 132 65.30 -7.12 -19.90
C LYS A 132 66.57 -6.56 -20.51
N LYS A 133 66.46 -5.96 -21.70
CA LYS A 133 67.64 -5.35 -22.33
C LYS A 133 68.08 -4.09 -21.58
N GLN A 134 67.16 -3.38 -20.93
CA GLN A 134 67.47 -2.12 -20.27
C GLN A 134 67.83 -2.29 -18.79
N SER A 135 67.85 -3.50 -18.26
CA SER A 135 68.10 -3.71 -16.85
C SER A 135 69.58 -3.61 -16.53
N LYS A 136 69.88 -3.30 -15.25
CA LYS A 136 71.24 -3.27 -14.74
C LYS A 136 71.24 -3.93 -13.36
N PRO A 137 72.19 -4.81 -13.09
CA PRO A 137 72.18 -5.53 -11.81
C PRO A 137 72.52 -4.63 -10.65
N VAL A 138 72.14 -5.07 -9.44
CA VAL A 138 72.44 -4.36 -8.20
C VAL A 138 73.86 -4.77 -7.78
N THR A 139 74.75 -3.79 -7.66
CA THR A 139 76.13 -4.05 -7.28
C THR A 139 76.54 -3.38 -5.97
N THR A 140 75.78 -2.40 -5.49
CA THR A 140 76.12 -1.69 -4.26
C THR A 140 74.96 -1.75 -3.28
N PRO A 141 75.26 -1.76 -1.97
CA PRO A 141 74.17 -1.69 -0.98
C PRO A 141 73.38 -0.40 -1.04
N GLU A 142 73.97 0.68 -1.57
CA GLU A 142 73.25 1.92 -1.73
C GLU A 142 72.06 1.76 -2.68
N GLU A 143 72.23 0.95 -3.72
CA GLU A 143 71.11 0.65 -4.61
C GLU A 143 70.00 -0.09 -3.87
N ILE A 144 70.38 -1.02 -2.97
CA ILE A 144 69.39 -1.71 -2.17
C ILE A 144 68.63 -0.72 -1.28
N ALA A 145 69.36 0.21 -0.66
CA ALA A 145 68.71 1.23 0.16
C ALA A 145 67.76 2.09 -0.66
N GLN A 146 68.19 2.48 -1.87
CA GLN A 146 67.35 3.30 -2.73
C GLN A 146 66.08 2.55 -3.13
N VAL A 147 66.21 1.27 -3.49
CA VAL A 147 65.05 0.48 -3.88
C VAL A 147 64.08 0.33 -2.72
N ALA A 148 64.61 0.03 -1.52
CA ALA A 148 63.75 -0.11 -0.36
C ALA A 148 63.05 1.20 -0.02
N THR A 149 63.76 2.32 -0.11
CA THR A 149 63.16 3.62 0.17
C THR A 149 62.07 3.95 -0.83
N ILE A 150 62.32 3.68 -2.12
CA ILE A 150 61.33 3.97 -3.14
C ILE A 150 60.08 3.10 -2.94
N SER A 151 60.27 1.83 -2.63
CA SER A 151 59.15 0.93 -2.43
C SER A 151 58.47 1.12 -1.08
N ALA A 152 59.07 1.87 -0.16
CA ALA A 152 58.48 2.16 1.14
C ALA A 152 57.90 3.58 1.19
N ASN A 153 57.45 4.09 0.04
CA ASN A 153 56.88 5.44 -0.06
C ASN A 153 57.86 6.50 0.43
N GLY A 154 59.12 6.36 0.01
CA GLY A 154 60.12 7.36 0.34
C GLY A 154 60.46 7.48 1.80
N ASP A 155 60.54 6.35 2.51
CA ASP A 155 60.91 6.34 3.92
C ASP A 155 62.38 5.97 4.03
N LYS A 156 63.21 6.93 4.47
CA LYS A 156 64.64 6.68 4.58
C LYS A 156 64.96 5.63 5.62
N GLU A 157 64.26 5.66 6.77
CA GLU A 157 64.58 4.75 7.85
C GLU A 157 64.28 3.30 7.49
N ILE A 158 63.21 3.04 6.74
CA ILE A 158 62.89 1.68 6.33
C ILE A 158 63.98 1.14 5.41
N GLY A 159 64.42 1.96 4.45
CA GLY A 159 65.50 1.54 3.57
C GLY A 159 66.79 1.30 4.32
N ASN A 160 67.11 2.16 5.29
CA ASN A 160 68.31 1.96 6.09
C ASN A 160 68.23 0.67 6.89
N ILE A 161 67.07 0.38 7.48
CA ILE A 161 66.90 -0.84 8.26
C ILE A 161 67.05 -2.07 7.38
N ILE A 162 66.46 -2.04 6.18
CA ILE A 162 66.53 -3.19 5.30
C ILE A 162 67.96 -3.39 4.79
N SER A 163 68.66 -2.29 4.50
CA SER A 163 70.07 -2.39 4.10
C SER A 163 70.91 -2.97 5.23
N ASP A 164 70.66 -2.54 6.47
CA ASP A 164 71.39 -3.11 7.60
C ASP A 164 71.10 -4.59 7.74
N ALA A 165 69.83 -4.99 7.55
CA ALA A 165 69.49 -6.41 7.64
C ALA A 165 70.21 -7.22 6.57
N MET A 166 70.25 -6.72 5.33
CA MET A 166 70.96 -7.43 4.27
C MET A 166 72.47 -7.44 4.49
N LYS A 167 73.03 -6.41 5.11
CA LYS A 167 74.44 -6.45 5.48
C LYS A 167 74.70 -7.48 6.56
N LYS A 168 73.78 -7.62 7.51
CA LYS A 168 74.01 -8.52 8.65
C LYS A 168 73.80 -9.99 8.27
N VAL A 169 72.66 -10.32 7.67
CA VAL A 169 72.31 -11.71 7.40
C VAL A 169 72.58 -12.12 5.97
N GLY A 170 73.21 -11.27 5.18
CA GLY A 170 73.48 -11.57 3.79
C GLY A 170 72.37 -11.10 2.86
N ARG A 171 72.69 -11.09 1.57
CA ARG A 171 71.73 -10.61 0.57
C ARG A 171 70.55 -11.57 0.43
N LYS A 172 70.81 -12.87 0.60
CA LYS A 172 69.78 -13.89 0.49
C LYS A 172 69.31 -14.39 1.85
N GLY A 173 69.66 -13.69 2.94
CA GLY A 173 69.27 -14.15 4.26
C GLY A 173 67.79 -14.04 4.51
N VAL A 174 67.31 -14.81 5.50
CA VAL A 174 65.90 -14.81 5.84
C VAL A 174 65.57 -13.57 6.67
N ILE A 175 64.59 -12.80 6.20
CA ILE A 175 64.16 -11.58 6.86
C ILE A 175 62.64 -11.61 6.98
N THR A 176 62.12 -11.27 8.15
CA THR A 176 60.68 -11.27 8.40
C THR A 176 60.29 -10.02 9.19
N VAL A 177 59.01 -9.69 9.12
CA VAL A 177 58.45 -8.50 9.77
C VAL A 177 57.46 -8.96 10.84
N LYS A 178 57.62 -8.41 12.03
CA LYS A 178 56.73 -8.70 13.15
C LYS A 178 56.38 -7.38 13.83
N ASP A 179 55.16 -7.26 14.33
CA ASP A 179 54.74 -5.98 14.90
C ASP A 179 55.50 -5.68 16.18
N GLY A 180 55.87 -4.43 16.37
CA GLY A 180 56.63 -4.03 17.53
C GLY A 180 55.76 -3.49 18.65
N LYS A 181 56.30 -3.58 19.88
CA LYS A 181 55.64 -3.07 21.06
C LYS A 181 56.19 -1.71 21.49
N THR A 182 57.05 -1.10 20.68
CA THR A 182 57.68 0.17 21.00
C THR A 182 57.34 1.20 19.92
N LEU A 183 57.82 2.43 20.14
CA LEU A 183 57.47 3.53 19.25
C LEU A 183 58.26 3.51 17.94
N ASN A 184 59.44 2.91 17.94
CA ASN A 184 60.34 2.97 16.78
C ASN A 184 60.62 1.56 16.27
N ASP A 185 61.01 1.50 15.00
CA ASP A 185 61.37 0.24 14.37
C ASP A 185 62.75 -0.22 14.85
N GLU A 186 62.91 -1.53 15.00
CA GLU A 186 64.19 -2.09 15.44
C GLU A 186 64.46 -3.38 14.69
N LEU A 187 65.73 -3.78 14.71
CA LEU A 187 66.21 -4.94 13.97
C LEU A 187 66.91 -5.90 14.92
N GLU A 188 66.60 -7.19 14.81
CA GLU A 188 67.22 -8.22 15.63
C GLU A 188 67.75 -9.32 14.73
N ILE A 189 68.80 -9.99 15.21
CA ILE A 189 69.40 -11.10 14.48
C ILE A 189 69.19 -12.40 15.25
N ALA A 378 66.88 -12.41 10.15
CA ALA A 378 66.65 -11.08 10.70
C ALA A 378 65.17 -10.86 10.99
N VAL A 379 64.88 -10.15 12.07
CA VAL A 379 63.52 -9.85 12.50
C VAL A 379 63.38 -8.33 12.59
N LEU A 380 62.33 -7.79 11.97
CA LEU A 380 62.04 -6.37 12.00
C LEU A 380 60.83 -6.13 12.89
N LYS A 381 60.98 -5.25 13.88
CA LYS A 381 59.88 -4.83 14.72
C LYS A 381 59.44 -3.43 14.29
N VAL A 382 58.15 -3.28 13.99
CA VAL A 382 57.61 -2.05 13.45
C VAL A 382 57.06 -1.19 14.58
N GLY A 383 57.51 0.07 14.64
CA GLY A 383 57.05 0.97 15.67
C GLY A 383 55.74 1.67 15.31
N GLY A 384 55.14 2.28 16.31
CA GLY A 384 53.90 2.99 16.12
C GLY A 384 53.19 3.20 17.44
N THR A 385 52.01 3.81 17.34
CA THR A 385 51.19 4.09 18.51
C THR A 385 49.93 3.23 18.58
N SER A 386 49.22 3.07 17.45
CA SER A 386 48.03 2.25 17.40
C SER A 386 48.21 1.15 16.36
N ASP A 387 47.22 0.26 16.29
CA ASP A 387 47.33 -0.90 15.41
C ASP A 387 47.23 -0.50 13.95
N VAL A 388 46.45 0.54 13.64
CA VAL A 388 46.31 0.97 12.25
C VAL A 388 47.64 1.46 11.69
N GLU A 389 48.37 2.25 12.47
CA GLU A 389 49.65 2.78 12.01
C GLU A 389 50.67 1.67 11.81
N VAL A 390 50.75 0.74 12.77
CA VAL A 390 51.71 -0.34 12.64
C VAL A 390 51.34 -1.26 11.48
N ASN A 391 50.05 -1.42 11.21
CA ASN A 391 49.63 -2.24 10.07
C ASN A 391 50.02 -1.58 8.75
N GLU A 392 49.79 -0.27 8.64
CA GLU A 392 50.19 0.44 7.42
C GLU A 392 51.70 0.39 7.23
N LYS A 393 52.46 0.64 8.29
CA LYS A 393 53.92 0.60 8.20
C LYS A 393 54.41 -0.81 7.89
N LYS A 394 53.75 -1.83 8.45
CA LYS A 394 54.13 -3.21 8.15
C LYS A 394 53.87 -3.55 6.70
N ASP A 395 52.75 -3.08 6.15
CA ASP A 395 52.48 -3.29 4.73
C ASP A 395 53.55 -2.64 3.87
N ARG A 396 53.93 -1.41 4.20
CA ARG A 396 54.99 -0.74 3.44
C ARG A 396 56.35 -1.43 3.59
N VAL A 397 56.69 -1.91 4.78
CA VAL A 397 57.94 -2.63 4.97
C VAL A 397 57.96 -3.94 4.21
N THR A 398 56.84 -4.67 4.20
CA THR A 398 56.74 -5.89 3.43
C THR A 398 56.88 -5.60 1.93
N ASP A 399 56.25 -4.53 1.46
CA ASP A 399 56.42 -4.13 0.07
C ASP A 399 57.87 -3.84 -0.25
N ALA A 400 58.56 -3.10 0.63
CA ALA A 400 59.95 -2.76 0.40
C ALA A 400 60.83 -4.01 0.39
N LEU A 401 60.60 -4.95 1.30
CA LEU A 401 61.38 -6.18 1.33
C LEU A 401 61.15 -7.03 0.08
N ASN A 402 59.89 -7.17 -0.35
CA ASN A 402 59.62 -7.92 -1.57
C ASN A 402 60.26 -7.25 -2.78
N ALA A 403 60.18 -5.93 -2.85
CA ALA A 403 60.75 -5.21 -3.98
C ALA A 403 62.27 -5.32 -4.02
N THR A 404 62.93 -5.24 -2.86
CA THR A 404 64.38 -5.36 -2.86
C THR A 404 64.83 -6.80 -3.11
N ARG A 405 64.02 -7.79 -2.69
CA ARG A 405 64.31 -9.17 -3.06
C ARG A 405 64.21 -9.37 -4.56
N ALA A 406 63.18 -8.78 -5.19
CA ALA A 406 63.10 -8.84 -6.65
C ALA A 406 64.24 -8.09 -7.31
N ALA A 407 64.66 -6.97 -6.73
CA ALA A 407 65.73 -6.16 -7.32
C ALA A 407 67.08 -6.85 -7.22
N VAL A 408 67.29 -7.67 -6.19
CA VAL A 408 68.53 -8.45 -6.12
C VAL A 408 68.42 -9.73 -6.94
N GLU A 409 67.21 -10.28 -7.10
CA GLU A 409 67.03 -11.46 -7.94
C GLU A 409 67.12 -11.15 -9.42
N GLU A 410 67.01 -9.88 -9.81
CA GLU A 410 66.95 -9.49 -11.21
C GLU A 410 67.63 -8.12 -11.33
N GLY A 411 67.38 -7.44 -12.44
CA GLY A 411 67.99 -6.16 -12.72
C GLY A 411 67.23 -5.00 -12.11
N ILE A 412 67.64 -3.79 -12.51
CA ILE A 412 67.05 -2.54 -12.03
C ILE A 412 66.79 -1.64 -13.23
N VAL A 413 65.60 -1.04 -13.27
CA VAL A 413 65.22 -0.11 -14.31
C VAL A 413 64.83 1.22 -13.65
N LEU A 414 64.57 2.21 -14.48
CA LEU A 414 64.19 3.54 -13.99
C LEU A 414 62.82 3.50 -13.34
N GLY A 415 62.63 4.37 -12.35
CA GLY A 415 61.36 4.47 -11.66
C GLY A 415 60.42 5.48 -12.29
N GLY A 416 59.28 5.68 -11.64
CA GLY A 416 58.30 6.65 -12.09
C GLY A 416 57.52 6.24 -13.31
N GLY A 417 57.63 4.99 -13.76
CA GLY A 417 57.00 4.58 -14.99
C GLY A 417 57.78 4.92 -16.24
N CYS A 418 58.98 5.50 -16.10
CA CYS A 418 59.79 5.85 -17.25
C CYS A 418 60.35 4.62 -17.96
N ALA A 419 60.62 3.55 -17.21
CA ALA A 419 61.12 2.32 -17.81
C ALA A 419 60.12 1.75 -18.81
N LEU A 420 58.84 1.81 -18.48
CA LEU A 420 57.80 1.37 -19.40
C LEU A 420 57.62 2.36 -20.55
N LEU A 421 57.93 3.63 -20.32
CA LEU A 421 57.84 4.62 -21.39
C LEU A 421 58.93 4.44 -22.43
N ARG A 422 60.11 3.97 -22.01
CA ARG A 422 61.23 3.84 -22.93
C ARG A 422 61.06 2.70 -23.93
N CYS A 423 60.03 1.86 -23.79
CA CYS A 423 59.85 0.71 -24.65
C CYS A 423 58.92 0.99 -25.84
N ILE A 424 58.45 2.22 -25.99
CA ILE A 424 57.59 2.55 -27.14
C ILE A 424 58.33 2.37 -28.46
N PRO A 425 59.60 2.79 -28.62
CA PRO A 425 60.30 2.52 -29.88
C PRO A 425 60.38 1.04 -30.23
N ALA A 426 60.46 0.17 -29.22
CA ALA A 426 60.45 -1.27 -29.49
C ALA A 426 59.15 -1.69 -30.17
N LEU A 427 58.02 -1.12 -29.75
CA LEU A 427 56.76 -1.38 -30.43
C LEU A 427 56.70 -0.72 -31.80
N ASP A 428 57.34 0.44 -31.95
CA ASP A 428 57.39 1.08 -33.26
C ASP A 428 58.14 0.21 -34.26
N SER A 429 59.18 -0.49 -33.82
CA SER A 429 59.94 -1.35 -34.71
C SER A 429 59.10 -2.53 -35.21
N LEU A 430 58.22 -3.05 -34.36
CA LEU A 430 57.45 -4.23 -34.71
C LEU A 430 56.52 -3.96 -35.90
N THR A 431 56.32 -4.98 -36.72
CA THR A 431 55.39 -4.89 -37.84
C THR A 431 54.21 -5.81 -37.61
N PRO A 432 52.98 -5.37 -37.89
CA PRO A 432 51.82 -6.23 -37.65
C PRO A 432 51.63 -7.26 -38.76
N ALA A 433 50.88 -8.31 -38.43
CA ALA A 433 50.51 -9.30 -39.44
C ALA A 433 49.20 -8.95 -40.14
N ASN A 434 48.28 -8.31 -39.44
CA ASN A 434 47.01 -7.87 -40.02
C ASN A 434 46.52 -6.65 -39.24
N GLU A 435 45.28 -6.24 -39.53
CA GLU A 435 44.75 -5.03 -38.91
C GLU A 435 44.48 -5.21 -37.42
N ASP A 436 43.99 -6.39 -37.03
CA ASP A 436 43.68 -6.62 -35.62
C ASP A 436 44.94 -6.63 -34.77
N GLN A 437 46.02 -7.24 -35.27
CA GLN A 437 47.27 -7.22 -34.53
C GLN A 437 47.83 -5.80 -34.44
N LYS A 438 47.65 -4.99 -35.49
CA LYS A 438 48.02 -3.58 -35.40
C LYS A 438 47.22 -2.87 -34.33
N ILE A 439 45.93 -3.17 -34.24
CA ILE A 439 45.08 -2.57 -33.20
C ILE A 439 45.59 -2.94 -31.82
N GLY A 440 45.93 -4.21 -31.63
CA GLY A 440 46.47 -4.64 -30.34
C GLY A 440 47.80 -3.98 -30.00
N ILE A 441 48.68 -3.85 -31.00
CA ILE A 441 49.96 -3.21 -30.77
C ILE A 441 49.77 -1.75 -30.39
N GLU A 442 48.85 -1.05 -31.06
CA GLU A 442 48.57 0.33 -30.69
C GLU A 442 47.93 0.42 -29.31
N ILE A 443 47.11 -0.56 -28.94
CA ILE A 443 46.53 -0.59 -27.60
C ILE A 443 47.65 -0.65 -26.55
N ILE A 444 48.60 -1.55 -26.75
CA ILE A 444 49.71 -1.67 -25.81
C ILE A 444 50.57 -0.41 -25.81
N LYS A 445 50.78 0.18 -26.99
CA LYS A 445 51.57 1.40 -27.09
C LYS A 445 50.93 2.54 -26.32
N ARG A 446 49.60 2.67 -26.42
CA ARG A 446 48.91 3.71 -25.66
C ARG A 446 48.89 3.40 -24.17
N THR A 447 48.82 2.11 -23.81
CA THR A 447 48.79 1.74 -22.40
C THR A 447 50.12 1.96 -21.72
N LEU A 448 51.23 1.87 -22.46
CA LEU A 448 52.55 1.99 -21.84
C LEU A 448 52.75 3.33 -21.14
N LYS A 449 51.98 4.36 -21.51
CA LYS A 449 52.11 5.68 -20.89
C LYS A 449 51.30 5.84 -19.62
N ILE A 450 50.46 4.87 -19.27
CA ILE A 450 49.49 5.01 -18.18
C ILE A 450 50.15 5.18 -16.81
N PRO A 451 51.12 4.35 -16.41
CA PRO A 451 51.67 4.51 -15.04
C PRO A 451 52.26 5.89 -14.76
N ALA A 452 53.00 6.45 -15.71
CA ALA A 452 53.59 7.77 -15.50
C ALA A 452 52.52 8.85 -15.41
N MET A 453 51.50 8.77 -16.26
CA MET A 453 50.39 9.73 -16.17
C MET A 453 49.65 9.60 -14.85
N THR A 454 49.46 8.38 -14.35
CA THR A 454 48.80 8.20 -13.06
C THR A 454 49.63 8.79 -11.93
N ILE A 455 50.94 8.55 -11.95
CA ILE A 455 51.81 9.08 -10.91
C ILE A 455 51.81 10.60 -10.93
N ALA A 456 51.84 11.20 -12.13
CA ALA A 456 51.77 12.65 -12.23
C ALA A 456 50.41 13.17 -11.77
N LYS A 457 49.34 12.47 -12.12
CA LYS A 457 47.99 12.90 -11.75
C LYS A 457 47.81 12.91 -10.24
N ASN A 458 48.32 11.88 -9.55
CA ASN A 458 48.25 11.87 -8.09
C ASN A 458 49.05 13.01 -7.48
N ALA A 459 50.03 13.55 -8.20
CA ALA A 459 50.84 14.66 -7.73
C ALA A 459 50.18 16.02 -7.97
N GLY A 460 49.01 16.05 -8.62
CA GLY A 460 48.33 17.30 -8.85
C GLY A 460 48.75 18.05 -10.09
N VAL A 461 49.46 17.41 -11.01
CA VAL A 461 49.90 18.05 -12.24
C VAL A 461 49.26 17.34 -13.43
N GLU A 462 49.53 17.84 -14.64
CA GLU A 462 48.98 17.26 -15.86
C GLU A 462 49.90 16.13 -16.32
N GLY A 463 49.36 14.90 -16.34
CA GLY A 463 50.17 13.75 -16.71
C GLY A 463 50.61 13.75 -18.15
N SER A 464 49.76 14.26 -19.06
CA SER A 464 50.09 14.22 -20.48
C SER A 464 51.33 15.05 -20.79
N LEU A 465 51.40 16.27 -20.25
CA LEU A 465 52.57 17.11 -20.50
C LEU A 465 53.82 16.51 -19.88
N ILE A 466 53.71 15.93 -18.68
CA ILE A 466 54.86 15.31 -18.04
C ILE A 466 55.38 14.16 -18.88
N VAL A 467 54.48 13.32 -19.37
CA VAL A 467 54.88 12.18 -20.18
C VAL A 467 55.49 12.64 -21.50
N GLU A 468 54.92 13.67 -22.12
CA GLU A 468 55.46 14.19 -23.37
C GLU A 468 56.87 14.74 -23.17
N LYS A 469 57.09 15.48 -22.08
CA LYS A 469 58.42 16.02 -21.82
C LYS A 469 59.41 14.92 -21.45
N ILE A 470 58.94 13.88 -20.76
CA ILE A 470 59.81 12.74 -20.47
C ILE A 470 60.26 12.06 -21.77
N MET A 471 59.32 11.85 -22.69
CA MET A 471 59.65 11.19 -23.94
C MET A 471 60.56 12.07 -24.80
N GLN A 472 60.34 13.38 -24.77
CA GLN A 472 61.22 14.29 -25.51
C GLN A 472 62.59 14.40 -24.87
N SER A 473 62.69 14.10 -23.58
CA SER A 473 63.95 14.27 -22.87
C SER A 473 64.90 13.12 -23.18
N SER A 474 66.04 13.13 -22.48
CA SER A 474 67.03 12.07 -22.64
C SER A 474 66.57 10.80 -21.93
N SER A 475 67.25 9.70 -22.24
CA SER A 475 66.86 8.40 -21.68
C SER A 475 67.05 8.37 -20.17
N GLU A 476 68.08 9.03 -19.66
CA GLU A 476 68.37 8.97 -18.23
C GLU A 476 67.45 9.90 -17.44
N VAL A 477 66.79 10.83 -18.11
CA VAL A 477 66.02 11.86 -17.42
C VAL A 477 64.60 11.36 -17.18
N GLY A 478 64.13 11.49 -15.95
CA GLY A 478 62.76 11.20 -15.59
C GLY A 478 62.14 12.30 -14.75
N TYR A 479 60.93 12.08 -14.27
CA TYR A 479 60.20 13.08 -13.49
C TYR A 479 60.09 12.63 -12.04
N ASP A 480 60.59 13.47 -11.13
CA ASP A 480 60.44 13.26 -9.70
C ASP A 480 59.17 13.97 -9.25
N ALA A 481 58.18 13.18 -8.80
CA ALA A 481 56.91 13.77 -8.37
C ALA A 481 57.03 14.40 -6.99
N MET A 482 57.82 13.81 -6.10
CA MET A 482 58.00 14.37 -4.77
C MET A 482 58.63 15.76 -4.83
N ALA A 483 59.71 15.90 -5.60
CA ALA A 483 60.30 17.21 -5.85
C ALA A 483 59.57 17.97 -6.95
N GLY A 484 58.80 17.27 -7.77
CA GLY A 484 58.06 17.92 -8.84
C GLY A 484 58.93 18.53 -9.92
N ASP A 485 59.97 17.83 -10.36
CA ASP A 485 60.86 18.38 -11.37
C ASP A 485 61.53 17.25 -12.13
N PHE A 486 62.09 17.59 -13.29
CA PHE A 486 62.74 16.61 -14.14
C PHE A 486 64.20 16.47 -13.73
N VAL A 487 64.59 15.26 -13.33
CA VAL A 487 65.91 14.98 -12.78
C VAL A 487 66.47 13.73 -13.47
N ASN A 488 67.64 13.30 -13.00
CA ASN A 488 68.23 12.05 -13.42
C ASN A 488 67.81 10.97 -12.42
N MET A 489 67.12 9.94 -12.92
CA MET A 489 66.47 8.98 -12.02
C MET A 489 67.49 8.18 -11.23
N VAL A 490 68.55 7.70 -11.87
CA VAL A 490 69.51 6.85 -11.19
C VAL A 490 70.23 7.61 -10.08
N GLU A 491 70.64 8.86 -10.36
CA GLU A 491 71.33 9.63 -9.34
C GLU A 491 70.42 9.96 -8.17
N LYS A 492 69.17 10.33 -8.44
CA LYS A 492 68.23 10.65 -7.36
C LYS A 492 67.77 9.39 -6.64
N GLY A 493 67.92 8.23 -7.25
CA GLY A 493 67.54 6.97 -6.63
C GLY A 493 66.15 6.47 -6.95
N ILE A 494 65.49 7.04 -7.96
CA ILE A 494 64.14 6.62 -8.35
C ILE A 494 64.33 5.44 -9.30
N ILE A 495 64.40 4.24 -8.74
CA ILE A 495 64.62 3.02 -9.51
C ILE A 495 63.62 1.96 -9.06
N ASP A 496 63.32 1.03 -9.95
CA ASP A 496 62.38 -0.05 -9.69
C ASP A 496 63.00 -1.39 -10.08
N PRO A 497 62.62 -2.47 -9.41
CA PRO A 497 63.00 -3.81 -9.90
C PRO A 497 62.33 -4.07 -11.25
N THR A 498 63.09 -4.69 -12.16
CA THR A 498 62.53 -4.99 -13.48
C THR A 498 61.53 -6.14 -13.41
N LYS A 499 61.70 -7.04 -12.44
CA LYS A 499 60.77 -8.16 -12.29
C LYS A 499 59.37 -7.67 -11.96
N VAL A 500 59.27 -6.66 -11.08
CA VAL A 500 57.96 -6.17 -10.65
C VAL A 500 57.19 -5.58 -11.84
N VAL A 501 57.83 -4.68 -12.59
CA VAL A 501 57.16 -4.06 -13.72
C VAL A 501 56.87 -5.09 -14.81
N ARG A 502 57.80 -6.02 -15.03
CA ARG A 502 57.60 -7.05 -16.04
C ARG A 502 56.38 -7.90 -15.73
N THR A 503 56.28 -8.40 -14.50
CA THR A 503 55.16 -9.27 -14.15
C THR A 503 53.85 -8.48 -14.07
N ALA A 504 53.89 -7.22 -13.62
CA ALA A 504 52.68 -6.42 -13.61
C ALA A 504 52.14 -6.23 -15.01
N LEU A 505 53.01 -5.85 -15.95
CA LEU A 505 52.58 -5.67 -17.33
C LEU A 505 52.06 -6.99 -17.91
N LEU A 506 52.77 -8.09 -17.67
CA LEU A 506 52.36 -9.37 -18.24
C LEU A 506 50.99 -9.79 -17.74
N ASP A 507 50.80 -9.78 -16.42
CA ASP A 507 49.53 -10.22 -15.84
C ASP A 507 48.39 -9.32 -16.28
N ALA A 508 48.58 -7.99 -16.19
CA ALA A 508 47.52 -7.08 -16.58
C ALA A 508 47.15 -7.26 -18.04
N ALA A 509 48.15 -7.35 -18.91
CA ALA A 509 47.89 -7.49 -20.34
C ALA A 509 47.16 -8.80 -20.64
N GLY A 510 47.63 -9.90 -20.06
CA GLY A 510 46.98 -11.17 -20.33
C GLY A 510 45.53 -11.17 -19.93
N VAL A 511 45.24 -10.79 -18.68
CA VAL A 511 43.87 -10.86 -18.20
C VAL A 511 42.98 -9.88 -18.95
N ALA A 512 43.45 -8.65 -19.18
CA ALA A 512 42.63 -7.66 -19.85
C ALA A 512 42.37 -8.06 -21.30
N SER A 513 43.38 -8.58 -22.00
CA SER A 513 43.19 -9.00 -23.38
C SER A 513 42.22 -10.16 -23.47
N LEU A 514 42.27 -11.10 -22.51
CA LEU A 514 41.27 -12.14 -22.48
C LEU A 514 39.88 -11.56 -22.24
N LEU A 515 39.80 -10.53 -21.39
CA LEU A 515 38.51 -9.90 -21.12
C LEU A 515 37.92 -9.25 -22.36
N THR A 516 38.75 -8.58 -23.17
CA THR A 516 38.23 -7.81 -24.29
C THR A 516 37.58 -8.69 -25.35
N THR A 517 37.85 -10.00 -25.33
CA THR A 517 37.22 -10.90 -26.29
C THR A 517 35.77 -11.21 -25.96
N ALA A 518 35.17 -10.51 -25.00
CA ALA A 518 33.82 -10.83 -24.55
C ALA A 518 32.77 -10.43 -25.58
N GLU A 519 31.75 -11.27 -25.71
CA GLU A 519 30.54 -10.94 -26.46
C GLU A 519 29.26 -11.22 -25.69
N VAL A 520 29.25 -12.24 -24.84
CA VAL A 520 28.06 -12.65 -24.09
C VAL A 520 28.47 -12.85 -22.64
N VAL A 521 27.64 -12.36 -21.72
CA VAL A 521 27.89 -12.51 -20.28
C VAL A 521 26.68 -13.17 -19.64
N VAL A 522 26.93 -14.25 -18.90
CA VAL A 522 25.89 -15.01 -18.23
C VAL A 522 26.10 -14.89 -16.73
N THR A 523 25.08 -14.43 -16.02
CA THR A 523 25.13 -14.26 -14.57
C THR A 523 23.93 -14.94 -13.94
N GLU A 524 23.98 -15.10 -12.62
CA GLU A 524 22.85 -15.65 -11.89
C GLU A 524 21.85 -14.56 -11.54
N ILE A 525 20.59 -14.95 -11.41
CA ILE A 525 19.54 -13.99 -11.08
C ILE A 525 19.71 -13.54 -9.63
N PRO A 526 19.67 -12.24 -9.33
CA PRO A 526 19.88 -11.79 -7.96
C PRO A 526 18.69 -12.08 -7.06
N LYS A 527 18.59 -13.32 -6.60
CA LYS A 527 17.50 -13.73 -5.73
C LYS A 527 17.64 -13.10 -4.34
N GLY B 1 1.42 -34.23 -8.11
CA GLY B 1 1.05 -33.61 -6.85
C GLY B 1 0.94 -32.10 -6.93
N SER B 2 2.04 -31.45 -7.28
CA SER B 2 2.06 -30.00 -7.40
C SER B 2 1.19 -29.53 -8.56
N ALA B 3 0.64 -28.32 -8.41
CA ALA B 3 -0.23 -27.77 -9.45
C ALA B 3 0.55 -27.58 -10.74
N LYS B 4 -0.13 -27.84 -11.86
CA LYS B 4 0.50 -27.80 -13.18
C LYS B 4 -0.19 -26.77 -14.05
N ASP B 5 0.60 -26.15 -14.93
CA ASP B 5 0.11 -25.25 -15.96
C ASP B 5 0.27 -25.92 -17.31
N VAL B 6 -0.80 -25.94 -18.09
CA VAL B 6 -0.84 -26.65 -19.37
C VAL B 6 -1.05 -25.61 -20.48
N LYS B 7 -0.18 -25.63 -21.48
CA LYS B 7 -0.26 -24.72 -22.61
C LYS B 7 -0.43 -25.52 -23.89
N PHE B 8 -1.28 -25.01 -24.78
CA PHE B 8 -1.71 -25.73 -25.97
C PHE B 8 -1.24 -25.00 -27.22
N GLY B 9 -1.00 -25.76 -28.28
CA GLY B 9 -0.81 -25.21 -29.61
C GLY B 9 0.43 -24.35 -29.82
N ALA B 10 0.28 -23.30 -30.63
CA ALA B 10 1.41 -22.52 -31.09
C ALA B 10 1.99 -21.60 -30.01
N ASP B 11 1.27 -21.34 -28.93
CA ASP B 11 1.80 -20.49 -27.87
C ASP B 11 2.98 -21.16 -27.16
N ALA B 12 2.79 -22.42 -26.77
CA ALA B 12 3.87 -23.17 -26.14
C ALA B 12 5.03 -23.36 -27.09
N ARG B 13 4.74 -23.62 -28.37
CA ARG B 13 5.79 -23.75 -29.36
C ARG B 13 6.59 -22.46 -29.50
N ALA B 14 5.90 -21.32 -29.50
CA ALA B 14 6.58 -20.04 -29.60
C ALA B 14 7.45 -19.78 -28.37
N LEU B 15 6.96 -20.12 -27.18
CA LEU B 15 7.77 -19.92 -25.98
C LEU B 15 9.01 -20.81 -25.97
N MET B 16 8.84 -22.09 -26.32
CA MET B 16 10.00 -22.98 -26.38
C MET B 16 10.97 -22.54 -27.47
N LEU B 17 10.45 -22.04 -28.59
CA LEU B 17 11.33 -21.51 -29.63
C LEU B 17 12.08 -20.28 -29.16
N GLN B 18 11.45 -19.44 -28.34
CA GLN B 18 12.16 -18.29 -27.78
C GLN B 18 13.29 -18.74 -26.88
N GLY B 19 13.04 -19.75 -26.04
CA GLY B 19 14.11 -20.27 -25.19
C GLY B 19 15.25 -20.87 -25.99
N VAL B 20 14.90 -21.67 -27.00
CA VAL B 20 15.91 -22.29 -27.88
C VAL B 20 16.70 -21.22 -28.60
N ASP B 21 16.03 -20.18 -29.10
CA ASP B 21 16.70 -19.11 -29.80
C ASP B 21 17.65 -18.36 -28.88
N LEU B 22 17.23 -18.11 -27.65
CA LEU B 22 18.13 -17.43 -26.70
C LEU B 22 19.39 -18.25 -26.45
N LEU B 23 19.22 -19.54 -26.13
CA LEU B 23 20.40 -20.36 -25.85
C LEU B 23 21.29 -20.49 -27.08
N ALA B 24 20.70 -20.70 -28.25
CA ALA B 24 21.49 -20.86 -29.46
C ALA B 24 22.17 -19.57 -29.88
N ASP B 25 21.54 -18.42 -29.67
CA ASP B 25 22.17 -17.15 -29.97
C ASP B 25 23.34 -16.89 -29.03
N ALA B 26 23.21 -17.29 -27.77
CA ALA B 26 24.35 -17.20 -26.86
C ALA B 26 25.49 -18.11 -27.29
N VAL B 27 25.15 -19.32 -27.73
CA VAL B 27 26.19 -20.30 -28.09
C VAL B 27 26.88 -19.92 -29.40
N ALA B 28 26.12 -19.45 -30.39
CA ALA B 28 26.62 -19.32 -31.76
C ALA B 28 27.59 -18.17 -31.95
N VAL B 29 27.73 -17.27 -30.97
CA VAL B 29 28.71 -16.19 -31.08
C VAL B 29 30.13 -16.69 -30.92
N THR B 30 30.32 -17.98 -30.65
CA THR B 30 31.63 -18.57 -30.43
C THR B 30 32.02 -19.57 -31.50
N MET B 31 31.41 -19.50 -32.67
CA MET B 31 31.62 -20.47 -33.74
C MET B 31 32.56 -19.93 -34.80
N GLY B 32 33.48 -20.77 -35.25
CA GLY B 32 34.39 -20.41 -36.31
C GLY B 32 35.67 -19.80 -35.79
N PRO B 33 36.58 -19.45 -36.71
CA PRO B 33 37.83 -18.81 -36.27
C PRO B 33 37.64 -17.41 -35.73
N LYS B 34 36.75 -16.63 -36.33
CA LYS B 34 36.43 -15.28 -35.84
C LYS B 34 35.25 -15.28 -34.88
N GLY B 35 35.30 -16.12 -33.85
CA GLY B 35 34.26 -16.18 -32.83
C GLY B 35 34.77 -15.60 -31.53
N ARG B 36 33.88 -14.97 -30.78
CA ARG B 36 34.21 -14.36 -29.51
C ARG B 36 34.02 -15.35 -28.37
N THR B 37 34.28 -14.90 -27.15
CA THR B 37 34.16 -15.74 -25.96
C THR B 37 32.99 -15.29 -25.11
N VAL B 38 32.66 -16.12 -24.12
CA VAL B 38 31.55 -15.89 -23.21
C VAL B 38 32.07 -15.97 -21.79
N ILE B 39 31.71 -14.98 -20.97
CA ILE B 39 32.05 -14.99 -19.55
C ILE B 39 30.84 -15.49 -18.77
N ILE B 40 31.03 -16.55 -18.01
CA ILE B 40 30.01 -17.12 -17.13
C ILE B 40 30.46 -16.86 -15.70
N GLU B 41 29.60 -16.19 -14.93
CA GLU B 41 29.93 -15.91 -13.54
C GLU B 41 29.95 -17.20 -12.73
N GLN B 42 31.03 -17.39 -11.99
CA GLN B 42 31.18 -18.55 -11.12
C GLN B 42 30.80 -18.15 -9.69
N SER B 43 30.01 -19.00 -9.04
CA SER B 43 29.47 -18.66 -7.72
C SER B 43 30.58 -18.55 -6.68
N TRP B 44 31.57 -19.43 -6.74
CA TRP B 44 32.57 -19.54 -5.67
C TRP B 44 33.85 -18.75 -5.94
N GLY B 45 34.03 -18.18 -7.12
CA GLY B 45 35.26 -17.49 -7.39
C GLY B 45 35.21 -16.63 -8.63
N SER B 46 36.36 -16.56 -9.31
CA SER B 46 36.50 -15.70 -10.47
C SER B 46 35.64 -16.24 -11.61
N PRO B 47 35.15 -15.37 -12.50
CA PRO B 47 34.33 -15.84 -13.63
C PRO B 47 35.16 -16.70 -14.58
N LYS B 48 34.46 -17.43 -15.44
CA LYS B 48 35.08 -18.35 -16.38
C LYS B 48 34.84 -17.84 -17.79
N VAL B 49 35.91 -17.69 -18.56
CA VAL B 49 35.83 -17.25 -19.94
C VAL B 49 36.03 -18.46 -20.84
N THR B 50 35.05 -18.74 -21.70
CA THR B 50 35.09 -19.95 -22.51
C THR B 50 34.61 -19.66 -23.93
N LYS B 51 35.15 -20.43 -24.88
CA LYS B 51 34.67 -20.44 -26.26
C LYS B 51 34.02 -21.76 -26.60
N ASP B 52 33.68 -22.58 -25.60
CA ASP B 52 33.14 -23.90 -25.83
C ASP B 52 31.62 -23.86 -25.89
N GLY B 53 31.04 -24.55 -26.88
CA GLY B 53 29.61 -24.53 -27.04
C GLY B 53 28.87 -25.21 -25.90
N VAL B 54 29.35 -26.38 -25.48
CA VAL B 54 28.66 -27.14 -24.43
C VAL B 54 28.78 -26.42 -23.09
N THR B 55 29.93 -25.81 -22.84
CA THR B 55 30.11 -25.07 -21.58
C THR B 55 29.17 -23.88 -21.50
N VAL B 56 28.99 -23.15 -22.60
CA VAL B 56 28.05 -22.03 -22.61
C VAL B 56 26.62 -22.55 -22.49
N ALA B 57 26.29 -23.64 -23.20
CA ALA B 57 24.92 -24.15 -23.19
C ALA B 57 24.53 -24.63 -21.80
N LYS B 58 25.38 -25.41 -21.15
CA LYS B 58 25.06 -25.98 -19.85
C LYS B 58 24.96 -24.95 -18.74
N SER B 59 25.44 -23.73 -18.97
CA SER B 59 25.45 -22.68 -17.96
C SER B 59 24.25 -21.74 -18.07
N ILE B 60 23.34 -21.98 -18.99
CA ILE B 60 22.19 -21.10 -19.21
C ILE B 60 20.94 -21.83 -18.76
N ASP B 61 20.29 -21.29 -17.73
CA ASP B 61 19.02 -21.79 -17.22
C ASP B 61 18.05 -20.62 -17.13
N LEU B 62 16.86 -20.79 -17.69
CA LEU B 62 15.91 -19.70 -17.81
C LEU B 62 14.80 -19.82 -16.76
N LYS B 63 14.27 -18.67 -16.36
CA LYS B 63 13.23 -18.65 -15.34
C LYS B 63 11.90 -19.15 -15.89
N ASP B 64 11.54 -18.71 -17.09
CA ASP B 64 10.30 -19.15 -17.71
C ASP B 64 10.34 -20.66 -17.98
N LYS B 65 9.26 -21.35 -17.62
CA LYS B 65 9.28 -22.81 -17.64
C LYS B 65 9.39 -23.35 -19.07
N TYR B 66 8.67 -22.75 -20.02
CA TYR B 66 8.68 -23.26 -21.39
C TYR B 66 9.99 -22.91 -22.10
N LYS B 67 10.47 -21.68 -21.91
CA LYS B 67 11.78 -21.32 -22.42
C LYS B 67 12.86 -22.20 -21.79
N ASN B 68 12.71 -22.52 -20.51
CA ASN B 68 13.65 -23.42 -19.86
C ASN B 68 13.57 -24.83 -20.44
N ILE B 69 12.38 -25.28 -20.84
CA ILE B 69 12.26 -26.59 -21.47
C ILE B 69 13.02 -26.62 -22.79
N GLY B 70 12.83 -25.58 -23.60
CA GLY B 70 13.57 -25.50 -24.86
C GLY B 70 15.07 -25.43 -24.64
N ALA B 71 15.50 -24.62 -23.66
CA ALA B 71 16.92 -24.52 -23.34
C ALA B 71 17.47 -25.85 -22.86
N LYS B 72 16.69 -26.59 -22.07
CA LYS B 72 17.13 -27.89 -21.59
C LYS B 72 17.29 -28.88 -22.74
N LEU B 73 16.39 -28.83 -23.72
CA LEU B 73 16.53 -29.71 -24.88
C LEU B 73 17.78 -29.37 -25.67
N VAL B 74 18.06 -28.08 -25.85
CA VAL B 74 19.29 -27.70 -26.57
C VAL B 74 20.52 -28.11 -25.77
N GLN B 75 20.44 -28.02 -24.44
CA GLN B 75 21.53 -28.48 -23.59
C GLN B 75 21.74 -29.98 -23.75
N ASP B 76 20.64 -30.73 -23.87
CA ASP B 76 20.75 -32.16 -24.13
C ASP B 76 21.48 -32.41 -25.45
N VAL B 77 21.15 -31.64 -26.48
CA VAL B 77 21.83 -31.77 -27.77
C VAL B 77 23.34 -31.55 -27.58
N ALA B 78 23.69 -30.44 -26.94
CA ALA B 78 25.10 -30.08 -26.79
C ALA B 78 25.85 -31.10 -25.95
N ASN B 79 25.23 -31.57 -24.86
CA ASN B 79 25.89 -32.54 -23.99
C ASN B 79 26.09 -33.87 -24.68
N ASN B 80 25.09 -34.33 -25.44
CA ASN B 80 25.25 -35.58 -26.18
C ASN B 80 26.35 -35.46 -27.22
N THR B 81 26.40 -34.34 -27.94
CA THR B 81 27.46 -34.14 -28.92
C THR B 81 28.83 -34.10 -28.26
N ASN B 82 28.93 -33.44 -27.10
CA ASN B 82 30.19 -33.39 -26.38
C ASN B 82 30.62 -34.77 -25.90
N GLU B 83 29.68 -35.57 -25.39
CA GLU B 83 30.03 -36.88 -24.85
C GLU B 83 30.41 -37.87 -25.93
N GLU B 84 29.69 -37.90 -27.05
CA GLU B 84 29.97 -38.88 -28.10
C GLU B 84 31.07 -38.47 -29.05
N ALA B 85 31.50 -37.20 -29.05
CA ALA B 85 32.57 -36.79 -29.96
C ALA B 85 33.69 -36.05 -29.25
N GLY B 86 33.35 -35.18 -28.29
CA GLY B 86 34.29 -34.30 -27.66
C GLY B 86 34.42 -32.94 -28.33
N ASP B 87 33.87 -32.80 -29.53
CA ASP B 87 33.91 -31.57 -30.29
C ASP B 87 32.66 -31.45 -31.15
N GLY B 88 32.42 -30.25 -31.68
CA GLY B 88 31.28 -30.01 -32.51
C GLY B 88 30.01 -29.60 -31.79
N THR B 89 30.12 -29.10 -30.56
CA THR B 89 28.93 -28.77 -29.78
C THR B 89 28.21 -27.54 -30.32
N THR B 90 28.97 -26.52 -30.73
CA THR B 90 28.35 -25.32 -31.30
C THR B 90 27.63 -25.63 -32.61
N THR B 91 28.24 -26.47 -33.45
CA THR B 91 27.59 -26.86 -34.70
C THR B 91 26.31 -27.62 -34.42
N ALA B 92 26.34 -28.54 -33.46
CA ALA B 92 25.14 -29.27 -33.10
C ALA B 92 24.06 -28.35 -32.56
N THR B 93 24.46 -27.36 -31.75
CA THR B 93 23.49 -26.41 -31.20
C THR B 93 22.82 -25.61 -32.30
N VAL B 94 23.59 -25.08 -33.24
CA VAL B 94 23.00 -24.27 -34.30
C VAL B 94 22.14 -25.12 -35.23
N LEU B 95 22.59 -26.35 -35.52
CA LEU B 95 21.78 -27.25 -36.34
C LEU B 95 20.45 -27.59 -35.66
N ALA B 96 20.50 -27.86 -34.35
CA ALA B 96 19.28 -28.18 -33.62
C ALA B 96 18.33 -26.98 -33.60
N ARG B 97 18.86 -25.78 -33.40
CA ARG B 97 18.01 -24.60 -33.41
C ARG B 97 17.36 -24.41 -34.78
N SER B 98 18.13 -24.59 -35.85
CA SER B 98 17.57 -24.42 -37.18
C SER B 98 16.48 -25.45 -37.46
N ILE B 99 16.74 -26.72 -37.13
CA ILE B 99 15.76 -27.76 -37.39
C ILE B 99 14.49 -27.51 -36.58
N ALA B 100 14.65 -27.11 -35.32
CA ALA B 100 13.48 -26.81 -34.49
C ALA B 100 12.69 -25.65 -35.07
N LYS B 101 13.37 -24.61 -35.54
CA LYS B 101 12.67 -23.45 -36.09
C LYS B 101 11.88 -23.82 -37.34
N GLU B 102 12.52 -24.52 -38.29
CA GLU B 102 11.80 -24.89 -39.50
C GLU B 102 10.67 -25.87 -39.21
N GLY B 103 10.87 -26.79 -38.27
CA GLY B 103 9.81 -27.70 -37.90
C GLY B 103 8.62 -27.01 -37.27
N PHE B 104 8.89 -26.02 -36.41
CA PHE B 104 7.82 -25.27 -35.78
C PHE B 104 7.06 -24.44 -36.82
N GLU B 105 7.78 -23.81 -37.76
CA GLU B 105 7.13 -22.93 -38.71
C GLU B 105 6.32 -23.68 -39.78
N LYS B 106 6.49 -25.00 -39.90
CA LYS B 106 5.80 -25.77 -40.92
C LYS B 106 4.67 -26.63 -40.36
N ILE B 107 4.19 -26.33 -39.16
CA ILE B 107 3.13 -27.09 -38.53
C ILE B 107 1.78 -26.45 -38.85
N SER B 108 0.88 -27.24 -39.42
CA SER B 108 -0.46 -26.79 -39.77
C SER B 108 -1.49 -27.78 -39.22
N LYS B 109 -2.76 -27.50 -39.49
CA LYS B 109 -3.82 -28.40 -39.02
C LYS B 109 -3.72 -29.76 -39.69
N GLY B 110 -3.47 -29.79 -40.99
CA GLY B 110 -3.37 -31.03 -41.73
C GLY B 110 -2.01 -31.68 -41.74
N ALA B 111 -0.98 -30.95 -41.29
CA ALA B 111 0.37 -31.49 -41.27
C ALA B 111 0.51 -32.57 -40.20
N ASN B 112 1.38 -33.54 -40.47
CA ASN B 112 1.66 -34.63 -39.54
C ASN B 112 3.11 -34.55 -39.10
N PRO B 113 3.42 -33.97 -37.94
CA PRO B 113 4.82 -33.81 -37.53
C PRO B 113 5.56 -35.12 -37.32
N VAL B 114 4.87 -36.23 -37.08
CA VAL B 114 5.54 -37.51 -36.92
C VAL B 114 6.15 -37.97 -38.24
N GLU B 115 5.39 -37.84 -39.33
CA GLU B 115 5.93 -38.18 -40.65
C GLU B 115 7.00 -37.19 -41.08
N ILE B 116 6.88 -35.93 -40.65
CA ILE B 116 7.95 -34.96 -40.90
C ILE B 116 9.23 -35.40 -40.19
N ARG B 117 9.10 -35.87 -38.96
CA ARG B 117 10.26 -36.39 -38.23
C ARG B 117 10.85 -37.61 -38.94
N ARG B 118 9.99 -38.49 -39.47
CA ARG B 118 10.47 -39.65 -40.21
C ARG B 118 11.26 -39.20 -41.44
N GLY B 119 10.74 -38.23 -42.18
CA GLY B 119 11.46 -37.72 -43.33
C GLY B 119 12.78 -37.06 -42.94
N VAL B 120 12.80 -36.39 -41.79
CA VAL B 120 14.04 -35.79 -41.29
C VAL B 120 15.07 -36.87 -41.01
N MET B 121 14.64 -37.97 -40.37
CA MET B 121 15.58 -39.06 -40.10
C MET B 121 16.10 -39.68 -41.39
N LEU B 122 15.22 -39.87 -42.39
CA LEU B 122 15.68 -40.40 -43.66
C LEU B 122 16.70 -39.48 -44.32
N ALA B 123 16.43 -38.17 -44.32
CA ALA B 123 17.35 -37.22 -44.92
C ALA B 123 18.69 -37.22 -44.20
N VAL B 124 18.66 -37.32 -42.86
CA VAL B 124 19.89 -37.31 -42.09
C VAL B 124 20.69 -38.59 -42.34
N ASP B 125 20.01 -39.73 -42.48
CA ASP B 125 20.70 -40.95 -42.84
C ASP B 125 21.38 -40.83 -44.20
N ALA B 126 20.68 -40.23 -45.17
CA ALA B 126 21.27 -40.02 -46.49
C ALA B 126 22.50 -39.11 -46.41
N VAL B 127 22.40 -38.04 -45.62
CA VAL B 127 23.52 -37.10 -45.49
C VAL B 127 24.70 -37.79 -44.82
N ILE B 128 24.43 -38.63 -43.82
CA ILE B 128 25.51 -39.35 -43.14
C ILE B 128 26.18 -40.33 -44.10
N ALA B 129 25.40 -41.01 -44.94
CA ALA B 129 25.97 -41.89 -45.94
C ALA B 129 26.86 -41.11 -46.90
N GLU B 130 26.41 -39.93 -47.34
CA GLU B 130 27.23 -39.10 -48.22
C GLU B 130 28.51 -38.66 -47.54
N LEU B 131 28.42 -38.28 -46.26
CA LEU B 131 29.62 -37.87 -45.52
C LEU B 131 30.62 -39.00 -45.42
N LYS B 132 30.14 -40.22 -45.14
CA LYS B 132 31.03 -41.37 -45.12
C LYS B 132 31.63 -41.63 -46.50
N LYS B 133 30.87 -41.38 -47.56
CA LYS B 133 31.40 -41.55 -48.91
C LYS B 133 32.47 -40.51 -49.22
N GLN B 134 32.39 -39.32 -48.63
CA GLN B 134 33.32 -38.25 -48.92
C GLN B 134 34.54 -38.20 -48.00
N SER B 135 34.65 -39.13 -47.07
CA SER B 135 35.75 -39.10 -46.11
C SER B 135 37.04 -39.64 -46.73
N LYS B 136 38.16 -39.22 -46.16
CA LYS B 136 39.49 -39.69 -46.55
C LYS B 136 40.29 -39.92 -45.28
N PRO B 137 40.97 -41.07 -45.16
CA PRO B 137 41.69 -41.36 -43.92
C PRO B 137 42.91 -40.48 -43.74
N VAL B 138 43.36 -40.38 -42.48
CA VAL B 138 44.56 -39.63 -42.12
C VAL B 138 45.75 -40.54 -42.40
N THR B 139 46.67 -40.08 -43.24
CA THR B 139 47.85 -40.86 -43.61
C THR B 139 49.17 -40.19 -43.21
N THR B 140 49.17 -38.90 -42.94
CA THR B 140 50.40 -38.18 -42.64
C THR B 140 50.25 -37.43 -41.33
N PRO B 141 51.34 -37.27 -40.58
CA PRO B 141 51.27 -36.45 -39.34
C PRO B 141 50.94 -35.00 -39.60
N GLU B 142 51.21 -34.49 -40.79
CA GLU B 142 50.85 -33.11 -41.12
C GLU B 142 49.34 -32.92 -41.08
N GLU B 143 48.59 -33.94 -41.50
CA GLU B 143 47.14 -33.87 -41.38
C GLU B 143 46.71 -33.82 -39.93
N ILE B 144 47.39 -34.56 -39.06
CA ILE B 144 47.10 -34.50 -37.62
C ILE B 144 47.36 -33.09 -37.10
N ALA B 145 48.48 -32.49 -37.51
CA ALA B 145 48.78 -31.12 -37.08
C ALA B 145 47.72 -30.15 -37.57
N GLN B 146 47.29 -30.30 -38.82
CA GLN B 146 46.26 -29.41 -39.36
C GLN B 146 44.95 -29.56 -38.62
N VAL B 147 44.55 -30.80 -38.31
CA VAL B 147 43.30 -31.02 -37.58
C VAL B 147 43.38 -30.42 -36.18
N ALA B 148 44.51 -30.63 -35.49
CA ALA B 148 44.66 -30.07 -34.15
C ALA B 148 44.66 -28.54 -34.18
N THR B 149 45.32 -27.95 -35.17
CA THR B 149 45.35 -26.50 -35.29
C THR B 149 43.96 -25.95 -35.56
N ILE B 150 43.21 -26.59 -36.46
CA ILE B 150 41.85 -26.13 -36.78
C ILE B 150 40.96 -26.23 -35.56
N SER B 151 41.05 -27.33 -34.81
CA SER B 151 40.23 -27.52 -33.63
C SER B 151 40.70 -26.71 -32.42
N ALA B 152 41.90 -26.14 -32.48
CA ALA B 152 42.42 -25.30 -31.41
C ALA B 152 42.33 -23.82 -31.75
N ASN B 153 41.32 -23.44 -32.55
CA ASN B 153 41.12 -22.06 -32.97
C ASN B 153 42.35 -21.49 -33.68
N GLY B 154 42.91 -22.30 -34.58
CA GLY B 154 44.03 -21.85 -35.38
C GLY B 154 45.29 -21.56 -34.59
N ASP B 155 45.61 -22.39 -33.60
CA ASP B 155 46.83 -22.22 -32.82
C ASP B 155 47.87 -23.21 -33.34
N LYS B 156 48.94 -22.67 -33.95
CA LYS B 156 49.96 -23.54 -34.52
C LYS B 156 50.70 -24.33 -33.46
N GLU B 157 51.00 -23.69 -32.31
CA GLU B 157 51.79 -24.37 -31.29
C GLU B 157 51.05 -25.54 -30.67
N ILE B 158 49.73 -25.43 -30.48
CA ILE B 158 48.95 -26.54 -29.94
C ILE B 158 48.99 -27.73 -30.88
N GLY B 159 48.81 -27.46 -32.18
CA GLY B 159 48.88 -28.54 -33.16
C GLY B 159 50.26 -29.17 -33.22
N ASN B 160 51.31 -28.36 -33.14
CA ASN B 160 52.66 -28.90 -33.13
C ASN B 160 52.90 -29.77 -31.90
N ILE B 161 52.43 -29.33 -30.74
CA ILE B 161 52.61 -30.11 -29.51
C ILE B 161 51.87 -31.43 -29.60
N ILE B 162 50.64 -31.41 -30.12
CA ILE B 162 49.86 -32.63 -30.21
C ILE B 162 50.46 -33.59 -31.23
N SER B 163 50.98 -33.05 -32.34
CA SER B 163 51.67 -33.89 -33.31
C SER B 163 52.93 -34.51 -32.71
N ASP B 164 53.68 -33.75 -31.93
CA ASP B 164 54.86 -34.29 -31.26
C ASP B 164 54.47 -35.39 -30.29
N ALA B 165 53.38 -35.19 -29.55
CA ALA B 165 52.92 -36.21 -28.61
C ALA B 165 52.52 -37.49 -29.34
N MET B 166 51.79 -37.35 -30.45
CA MET B 166 51.41 -38.54 -31.21
C MET B 166 52.60 -39.23 -31.86
N LYS B 167 53.64 -38.47 -32.25
CA LYS B 167 54.86 -39.10 -32.73
C LYS B 167 55.56 -39.86 -31.61
N LYS B 168 55.59 -39.29 -30.40
CA LYS B 168 56.34 -39.90 -29.30
C LYS B 168 55.64 -41.15 -28.76
N VAL B 169 54.33 -41.08 -28.53
CA VAL B 169 53.62 -42.18 -27.86
C VAL B 169 52.71 -42.95 -28.80
N GLY B 170 52.76 -42.68 -30.09
CA GLY B 170 51.91 -43.37 -31.05
C GLY B 170 50.57 -42.67 -31.24
N ARG B 171 49.87 -43.10 -32.29
CA ARG B 171 48.57 -42.50 -32.61
C ARG B 171 47.54 -42.83 -31.54
N LYS B 172 47.57 -44.05 -31.01
CA LYS B 172 46.62 -44.49 -30.00
C LYS B 172 47.16 -44.37 -28.58
N GLY B 173 48.28 -43.66 -28.39
CA GLY B 173 48.86 -43.54 -27.07
C GLY B 173 48.02 -42.69 -26.14
N VAL B 174 48.25 -42.87 -24.84
CA VAL B 174 47.50 -42.13 -23.83
C VAL B 174 48.07 -40.73 -23.71
N ILE B 175 47.21 -39.72 -23.88
CA ILE B 175 47.59 -38.31 -23.78
C ILE B 175 46.58 -37.61 -22.89
N THR B 176 47.07 -36.78 -21.98
CA THR B 176 46.22 -36.05 -21.05
C THR B 176 46.73 -34.62 -20.89
N VAL B 177 45.85 -33.76 -20.40
CA VAL B 177 46.13 -32.33 -20.23
C VAL B 177 46.10 -32.00 -18.75
N LYS B 178 47.13 -31.30 -18.28
CA LYS B 178 47.20 -30.86 -16.89
C LYS B 178 47.68 -29.40 -16.89
N ASP B 179 47.18 -28.62 -15.93
CA ASP B 179 47.53 -27.20 -15.91
C ASP B 179 49.01 -27.02 -15.57
N GLY B 180 49.66 -26.09 -16.26
CA GLY B 180 51.06 -25.84 -16.05
C GLY B 180 51.33 -24.70 -15.09
N LYS B 181 52.51 -24.74 -14.47
CA LYS B 181 52.96 -23.70 -13.55
C LYS B 181 53.90 -22.71 -14.22
N THR B 182 54.08 -22.79 -15.53
CA THR B 182 54.99 -21.94 -16.28
C THR B 182 54.23 -21.15 -17.33
N LEU B 183 54.95 -20.27 -18.04
CA LEU B 183 54.32 -19.37 -18.99
C LEU B 183 53.96 -20.06 -20.29
N ASN B 184 54.67 -21.13 -20.67
CA ASN B 184 54.52 -21.76 -21.97
C ASN B 184 54.08 -23.21 -21.81
N ASP B 185 53.50 -23.74 -22.88
CA ASP B 185 53.08 -25.14 -22.91
C ASP B 185 54.29 -26.05 -23.07
N GLU B 186 54.25 -27.21 -22.42
CA GLU B 186 55.33 -28.17 -22.50
C GLU B 186 54.77 -29.58 -22.53
N LEU B 187 55.59 -30.52 -23.00
CA LEU B 187 55.20 -31.91 -23.19
C LEU B 187 56.16 -32.82 -22.45
N GLU B 188 55.63 -33.79 -21.72
CA GLU B 188 56.43 -34.77 -20.99
C GLU B 188 55.96 -36.17 -21.35
N ILE B 189 56.90 -37.13 -21.24
CA ILE B 189 56.58 -38.52 -21.50
C ILE B 189 56.71 -39.34 -20.21
N ALA B 378 51.67 -39.52 -22.53
CA ALA B 378 52.12 -38.14 -22.70
C ALA B 378 51.29 -37.19 -21.84
N VAL B 379 51.96 -36.20 -21.26
CA VAL B 379 51.32 -35.20 -20.40
C VAL B 379 51.61 -33.83 -20.96
N LEU B 380 50.55 -33.03 -21.13
CA LEU B 380 50.66 -31.66 -21.64
C LEU B 380 50.45 -30.69 -20.49
N LYS B 381 51.39 -29.77 -20.31
CA LYS B 381 51.27 -28.69 -19.34
C LYS B 381 50.95 -27.40 -20.09
N VAL B 382 49.86 -26.75 -19.69
CA VAL B 382 49.36 -25.57 -20.38
C VAL B 382 49.92 -24.32 -19.72
N GLY B 383 50.52 -23.44 -20.52
CA GLY B 383 51.07 -22.21 -20.01
C GLY B 383 50.04 -21.09 -19.90
N GLY B 384 50.43 -20.05 -19.19
CA GLY B 384 49.57 -18.90 -19.01
C GLY B 384 50.00 -18.09 -17.81
N THR B 385 49.25 -17.02 -17.56
CA THR B 385 49.50 -16.12 -16.45
C THR B 385 48.45 -16.19 -15.36
N SER B 386 47.18 -16.30 -15.73
CA SER B 386 46.08 -16.39 -14.78
C SER B 386 45.30 -17.68 -15.02
N ASP B 387 44.47 -18.03 -14.03
CA ASP B 387 43.73 -19.29 -14.11
C ASP B 387 42.71 -19.27 -15.25
N VAL B 388 42.14 -18.10 -15.54
CA VAL B 388 41.17 -18.01 -16.63
C VAL B 388 41.83 -18.33 -17.97
N GLU B 389 43.03 -17.80 -18.19
CA GLU B 389 43.74 -18.04 -19.44
C GLU B 389 44.08 -19.52 -19.59
N VAL B 390 44.60 -20.15 -18.54
CA VAL B 390 44.97 -21.54 -18.63
C VAL B 390 43.73 -22.42 -18.78
N ASN B 391 42.60 -22.00 -18.20
CA ASN B 391 41.37 -22.77 -18.37
C ASN B 391 40.87 -22.70 -19.81
N GLU B 392 40.88 -21.51 -20.40
CA GLU B 392 40.49 -21.38 -21.80
C GLU B 392 41.41 -22.18 -22.71
N LYS B 393 42.73 -22.06 -22.50
CA LYS B 393 43.68 -22.81 -23.31
C LYS B 393 43.53 -24.31 -23.11
N LYS B 394 43.24 -24.75 -21.89
CA LYS B 394 43.04 -26.17 -21.62
C LYS B 394 41.80 -26.68 -22.34
N ASP B 395 40.74 -25.89 -22.33
CA ASP B 395 39.53 -26.28 -23.07
C ASP B 395 39.82 -26.42 -24.56
N ARG B 396 40.56 -25.47 -25.14
CA ARG B 396 40.93 -25.59 -26.55
C ARG B 396 41.85 -26.77 -26.83
N VAL B 397 42.81 -27.06 -25.94
CA VAL B 397 43.68 -28.21 -26.13
C VAL B 397 42.91 -29.52 -26.03
N THR B 398 41.97 -29.61 -25.09
CA THR B 398 41.13 -30.80 -24.98
C THR B 398 40.28 -30.98 -26.23
N ASP B 399 39.73 -29.88 -26.74
CA ASP B 399 38.97 -29.95 -27.99
C ASP B 399 39.85 -30.45 -29.13
N ALA B 400 41.07 -29.93 -29.23
CA ALA B 400 41.97 -30.35 -30.30
C ALA B 400 42.33 -31.82 -30.17
N LEU B 401 42.61 -32.30 -28.96
CA LEU B 401 42.94 -33.71 -28.76
C LEU B 401 41.76 -34.62 -29.09
N ASN B 402 40.55 -34.25 -28.65
CA ASN B 402 39.38 -35.05 -28.99
C ASN B 402 39.14 -35.08 -30.49
N ALA B 403 39.29 -33.93 -31.15
CA ALA B 403 39.06 -33.86 -32.59
C ALA B 403 40.09 -34.67 -33.36
N THR B 404 41.36 -34.61 -32.95
CA THR B 404 42.37 -35.40 -33.65
C THR B 404 42.23 -36.89 -33.36
N ARG B 405 41.76 -37.26 -32.16
CA ARG B 405 41.45 -38.66 -31.90
C ARG B 405 40.32 -39.15 -32.80
N ALA B 406 39.28 -38.34 -32.96
CA ALA B 406 38.20 -38.70 -33.89
C ALA B 406 38.70 -38.76 -35.33
N ALA B 407 39.59 -37.84 -35.71
CA ALA B 407 40.10 -37.82 -37.08
C ALA B 407 41.02 -38.99 -37.37
N VAL B 408 41.69 -39.51 -36.36
CA VAL B 408 42.53 -40.69 -36.57
C VAL B 408 41.72 -41.98 -36.44
N GLU B 409 40.59 -41.94 -35.73
CA GLU B 409 39.72 -43.11 -35.65
C GLU B 409 38.76 -43.21 -36.82
N GLU B 410 38.69 -42.18 -37.66
CA GLU B 410 37.74 -42.15 -38.77
C GLU B 410 38.37 -41.33 -39.89
N GLY B 411 37.55 -40.89 -40.85
CA GLY B 411 38.04 -40.15 -41.99
C GLY B 411 38.16 -38.66 -41.73
N ILE B 412 38.39 -37.92 -42.83
CA ILE B 412 38.54 -36.48 -42.79
C ILE B 412 37.72 -35.88 -43.92
N VAL B 413 36.97 -34.81 -43.61
CA VAL B 413 36.18 -34.08 -44.59
C VAL B 413 36.62 -32.63 -44.57
N LEU B 414 36.05 -31.85 -45.49
CA LEU B 414 36.38 -30.42 -45.58
C LEU B 414 35.84 -29.67 -44.38
N GLY B 415 36.53 -28.59 -44.02
CA GLY B 415 36.12 -27.76 -42.90
C GLY B 415 35.20 -26.63 -43.34
N GLY B 416 34.93 -25.75 -42.38
CA GLY B 416 34.11 -24.57 -42.63
C GLY B 416 32.65 -24.84 -42.89
N GLY B 417 32.18 -26.06 -42.65
CA GLY B 417 30.81 -26.42 -42.99
C GLY B 417 30.61 -26.78 -44.44
N CYS B 418 31.67 -26.81 -45.25
CA CYS B 418 31.54 -27.16 -46.65
C CYS B 418 31.21 -28.64 -46.84
N ALA B 419 31.70 -29.50 -45.95
CA ALA B 419 31.39 -30.92 -46.04
C ALA B 419 29.89 -31.16 -45.92
N LEU B 420 29.23 -30.45 -45.01
CA LEU B 420 27.79 -30.57 -44.88
C LEU B 420 27.07 -29.91 -46.06
N LEU B 421 27.70 -28.92 -46.69
CA LEU B 421 27.10 -28.28 -47.86
C LEU B 421 27.13 -29.21 -49.08
N ARG B 422 28.16 -30.05 -49.19
CA ARG B 422 28.30 -30.93 -50.35
C ARG B 422 27.27 -32.05 -50.38
N CYS B 423 26.51 -32.26 -49.31
CA CYS B 423 25.55 -33.36 -49.23
C CYS B 423 24.15 -32.98 -49.69
N ILE B 424 23.95 -31.74 -50.15
CA ILE B 424 22.63 -31.34 -50.65
C ILE B 424 22.21 -32.15 -51.87
N PRO B 425 23.07 -32.40 -52.87
CA PRO B 425 22.63 -33.25 -54.00
C PRO B 425 22.17 -34.63 -53.58
N ALA B 426 22.73 -35.18 -52.50
CA ALA B 426 22.26 -36.46 -51.99
C ALA B 426 20.79 -36.37 -51.57
N LEU B 427 20.41 -35.25 -50.95
CA LEU B 427 19.01 -35.04 -50.61
C LEU B 427 18.17 -34.78 -51.85
N ASP B 428 18.74 -34.13 -52.86
CA ASP B 428 18.02 -33.91 -54.11
C ASP B 428 17.68 -35.23 -54.79
N SER B 429 18.59 -36.21 -54.69
CA SER B 429 18.33 -37.51 -55.30
C SER B 429 17.18 -38.23 -54.62
N LEU B 430 17.04 -38.07 -53.31
CA LEU B 430 16.02 -38.79 -52.55
C LEU B 430 14.62 -38.39 -53.00
N THR B 431 13.70 -39.37 -52.96
CA THR B 431 12.30 -39.12 -53.28
C THR B 431 11.45 -39.28 -52.03
N PRO B 432 10.46 -38.43 -51.82
CA PRO B 432 9.62 -38.56 -50.62
C PRO B 432 8.54 -39.61 -50.78
N ALA B 433 8.01 -40.05 -49.64
CA ALA B 433 6.88 -40.98 -49.66
C ALA B 433 5.55 -40.24 -49.61
N ASN B 434 5.49 -39.08 -48.95
CA ASN B 434 4.29 -38.27 -48.89
C ASN B 434 4.71 -36.81 -48.69
N GLU B 435 3.73 -35.95 -48.42
CA GLU B 435 4.01 -34.52 -48.31
C GLU B 435 4.80 -34.20 -47.05
N ASP B 436 4.49 -34.87 -45.93
CA ASP B 436 5.19 -34.60 -44.68
C ASP B 436 6.66 -35.00 -44.76
N GLN B 437 6.95 -36.14 -45.38
CA GLN B 437 8.34 -36.53 -45.56
C GLN B 437 9.07 -35.57 -46.47
N LYS B 438 8.39 -35.04 -47.50
CA LYS B 438 8.99 -34.00 -48.32
C LYS B 438 9.30 -32.76 -47.50
N ILE B 439 8.39 -32.38 -46.60
CA ILE B 439 8.62 -31.23 -45.73
C ILE B 439 9.85 -31.46 -44.87
N GLY B 440 9.97 -32.66 -44.29
CA GLY B 440 11.14 -32.96 -43.47
C GLY B 440 12.43 -32.94 -44.26
N ILE B 441 12.41 -33.49 -45.49
CA ILE B 441 13.59 -33.49 -46.33
C ILE B 441 14.00 -32.06 -46.67
N GLU B 442 13.04 -31.20 -47.00
CA GLU B 442 13.36 -29.80 -47.26
C GLU B 442 13.87 -29.10 -46.01
N ILE B 443 13.35 -29.46 -44.83
CA ILE B 443 13.86 -28.89 -43.59
C ILE B 443 15.34 -29.22 -43.43
N ILE B 444 15.70 -30.48 -43.63
CA ILE B 444 17.11 -30.87 -43.51
C ILE B 444 17.95 -30.20 -44.58
N LYS B 445 17.40 -30.07 -45.80
CA LYS B 445 18.14 -29.44 -46.89
C LYS B 445 18.43 -27.97 -46.57
N ARG B 446 17.47 -27.26 -46.00
CA ARG B 446 17.69 -25.87 -45.62
C ARG B 446 18.62 -25.78 -44.41
N THR B 447 18.58 -26.76 -43.51
CA THR B 447 19.44 -26.72 -42.33
C THR B 447 20.90 -26.98 -42.69
N LEU B 448 21.15 -27.76 -43.75
CA LEU B 448 22.53 -28.11 -44.08
C LEU B 448 23.41 -26.90 -44.36
N LYS B 449 22.82 -25.75 -44.69
CA LYS B 449 23.58 -24.54 -44.98
C LYS B 449 23.89 -23.71 -43.73
N ILE B 450 23.36 -24.09 -42.58
CA ILE B 450 23.46 -23.28 -41.36
C ILE B 450 24.90 -23.14 -40.85
N PRO B 451 25.70 -24.20 -40.73
CA PRO B 451 27.04 -24.01 -40.14
C PRO B 451 27.93 -23.05 -40.90
N ALA B 452 27.99 -23.17 -42.23
CA ALA B 452 28.81 -22.26 -43.03
C ALA B 452 28.30 -20.83 -42.92
N MET B 453 26.98 -20.66 -42.94
CA MET B 453 26.41 -19.32 -42.79
C MET B 453 26.76 -18.71 -41.44
N THR B 454 26.70 -19.50 -40.36
CA THR B 454 27.07 -19.00 -39.05
C THR B 454 28.55 -18.63 -38.98
N ILE B 455 29.41 -19.47 -39.56
CA ILE B 455 30.84 -19.18 -39.56
C ILE B 455 31.12 -17.89 -40.31
N ALA B 456 30.46 -17.69 -41.45
CA ALA B 456 30.62 -16.45 -42.19
C ALA B 456 30.07 -15.26 -41.42
N LYS B 457 28.94 -15.44 -40.73
CA LYS B 457 28.33 -14.36 -39.98
C LYS B 457 29.24 -13.88 -38.85
N ASN B 458 29.86 -14.82 -38.13
CA ASN B 458 30.80 -14.43 -37.09
C ASN B 458 32.01 -13.68 -37.65
N ALA B 459 32.32 -13.88 -38.93
CA ALA B 459 33.43 -13.19 -39.57
C ALA B 459 33.08 -11.79 -40.06
N GLY B 460 31.81 -11.37 -39.91
CA GLY B 460 31.42 -10.04 -40.33
C GLY B 460 31.03 -9.91 -41.78
N VAL B 461 30.79 -11.01 -42.47
CA VAL B 461 30.39 -10.98 -43.87
C VAL B 461 28.98 -11.56 -44.00
N GLU B 462 28.43 -11.52 -45.21
CA GLU B 462 27.09 -12.05 -45.47
C GLU B 462 27.19 -13.54 -45.72
N GLY B 463 26.56 -14.33 -44.85
CA GLY B 463 26.64 -15.77 -44.96
C GLY B 463 25.97 -16.34 -46.19
N SER B 464 24.86 -15.73 -46.62
CA SER B 464 24.11 -16.26 -47.76
C SER B 464 24.95 -16.22 -49.04
N LEU B 465 25.60 -15.09 -49.29
CA LEU B 465 26.43 -14.97 -50.49
C LEU B 465 27.61 -15.94 -50.44
N ILE B 466 28.23 -16.08 -49.27
CA ILE B 466 29.36 -16.99 -49.13
C ILE B 466 28.91 -18.43 -49.41
N VAL B 467 27.76 -18.83 -48.87
CA VAL B 467 27.27 -20.19 -49.08
C VAL B 467 26.92 -20.40 -50.55
N GLU B 468 26.28 -19.41 -51.18
CA GLU B 468 25.93 -19.53 -52.59
C GLU B 468 27.18 -19.67 -53.46
N LYS B 469 28.20 -18.87 -53.18
CA LYS B 469 29.43 -18.97 -53.96
C LYS B 469 30.17 -20.27 -53.70
N ILE B 470 30.10 -20.80 -52.48
CA ILE B 470 30.69 -22.10 -52.19
C ILE B 470 29.99 -23.19 -52.98
N MET B 471 28.65 -23.15 -53.01
CA MET B 471 27.91 -24.17 -53.75
C MET B 471 28.15 -24.05 -55.25
N GLN B 472 28.27 -22.82 -55.76
CA GLN B 472 28.55 -22.64 -57.19
C GLN B 472 29.98 -23.02 -57.53
N SER B 473 30.88 -23.01 -56.54
CA SER B 473 32.29 -23.29 -56.80
C SER B 473 32.52 -24.79 -56.96
N SER B 474 33.80 -25.15 -57.12
CA SER B 474 34.17 -26.55 -57.24
C SER B 474 34.07 -27.24 -55.88
N SER B 475 34.13 -28.57 -55.92
CA SER B 475 33.98 -29.35 -54.69
C SER B 475 35.14 -29.12 -53.73
N GLU B 476 36.35 -28.90 -54.27
CA GLU B 476 37.51 -28.75 -53.40
C GLU B 476 37.60 -27.34 -52.84
N VAL B 477 36.84 -26.40 -53.40
CA VAL B 477 36.95 -24.99 -53.02
C VAL B 477 36.02 -24.71 -51.84
N GLY B 478 36.57 -24.08 -50.80
CA GLY B 478 35.79 -23.61 -49.68
C GLY B 478 36.15 -22.19 -49.31
N TYR B 479 35.60 -21.69 -48.20
CA TYR B 479 35.81 -20.31 -47.77
C TYR B 479 36.64 -20.30 -46.49
N ASP B 480 37.78 -19.60 -46.54
CA ASP B 480 38.62 -19.38 -45.37
C ASP B 480 38.18 -18.07 -44.73
N ALA B 481 37.63 -18.15 -43.51
CA ALA B 481 37.13 -16.97 -42.83
C ALA B 481 38.27 -16.13 -42.26
N MET B 482 39.33 -16.79 -41.76
CA MET B 482 40.46 -16.06 -41.21
C MET B 482 41.14 -15.21 -42.28
N ALA B 483 41.42 -15.81 -43.44
CA ALA B 483 41.91 -15.06 -44.59
C ALA B 483 40.80 -14.33 -45.33
N GLY B 484 39.56 -14.73 -45.13
CA GLY B 484 38.44 -14.08 -45.78
C GLY B 484 38.43 -14.22 -47.29
N ASP B 485 38.71 -15.41 -47.80
CA ASP B 485 38.76 -15.60 -49.25
C ASP B 485 38.48 -17.06 -49.57
N PHE B 486 38.16 -17.32 -50.84
CA PHE B 486 37.84 -18.67 -51.29
C PHE B 486 39.14 -19.36 -51.70
N VAL B 487 39.43 -20.49 -51.05
CA VAL B 487 40.68 -21.22 -51.22
C VAL B 487 40.38 -22.70 -51.39
N ASN B 488 41.44 -23.50 -51.48
CA ASN B 488 41.33 -24.95 -51.46
C ASN B 488 41.53 -25.42 -50.03
N MET B 489 40.50 -26.07 -49.47
CA MET B 489 40.48 -26.35 -48.04
C MET B 489 41.55 -27.36 -47.66
N VAL B 490 41.72 -28.42 -48.45
CA VAL B 490 42.70 -29.46 -48.11
C VAL B 490 44.11 -28.89 -48.13
N GLU B 491 44.43 -28.09 -49.16
CA GLU B 491 45.75 -27.49 -49.24
C GLU B 491 46.00 -26.52 -48.09
N LYS B 492 45.00 -25.70 -47.76
CA LYS B 492 45.16 -24.73 -46.67
C LYS B 492 45.08 -25.41 -45.31
N GLY B 493 44.54 -26.61 -45.24
CA GLY B 493 44.44 -27.34 -44.00
C GLY B 493 43.15 -27.19 -43.24
N ILE B 494 42.11 -26.63 -43.85
CA ILE B 494 40.82 -26.46 -43.19
C ILE B 494 40.06 -27.77 -43.37
N ILE B 495 40.24 -28.67 -42.42
CA ILE B 495 39.62 -30.00 -42.46
C ILE B 495 39.01 -30.31 -41.10
N ASP B 496 38.03 -31.22 -41.10
CA ASP B 496 37.33 -31.62 -39.91
C ASP B 496 37.23 -33.15 -39.85
N PRO B 497 37.21 -33.72 -38.66
CA PRO B 497 36.87 -35.15 -38.55
C PRO B 497 35.44 -35.38 -39.01
N THR B 498 35.22 -36.49 -39.73
CA THR B 498 33.88 -36.80 -40.19
C THR B 498 32.99 -37.29 -39.06
N LYS B 499 33.59 -37.90 -38.04
CA LYS B 499 32.81 -38.37 -36.89
C LYS B 499 32.15 -37.22 -36.17
N VAL B 500 32.87 -36.11 -36.00
CA VAL B 500 32.34 -34.97 -35.25
C VAL B 500 31.11 -34.40 -35.95
N VAL B 501 31.22 -34.12 -37.24
CA VAL B 501 30.11 -33.54 -37.98
C VAL B 501 28.96 -34.54 -38.06
N ARG B 502 29.28 -35.83 -38.26
CA ARG B 502 28.25 -36.85 -38.34
C ARG B 502 27.42 -36.91 -37.06
N THR B 503 28.10 -37.00 -35.91
CA THR B 503 27.37 -37.12 -34.66
C THR B 503 26.66 -35.82 -34.28
N ALA B 504 27.25 -34.67 -34.60
CA ALA B 504 26.57 -33.40 -34.34
C ALA B 504 25.26 -33.33 -35.11
N LEU B 505 25.31 -33.63 -36.42
CA LEU B 505 24.10 -33.61 -37.23
C LEU B 505 23.09 -34.62 -36.72
N LEU B 506 23.53 -35.84 -36.38
CA LEU B 506 22.59 -36.86 -35.94
C LEU B 506 21.89 -36.47 -34.65
N ASP B 507 22.66 -36.04 -33.65
CA ASP B 507 22.06 -35.67 -32.36
C ASP B 507 21.13 -34.48 -32.50
N ALA B 508 21.59 -33.43 -33.18
CA ALA B 508 20.76 -32.24 -33.35
C ALA B 508 19.47 -32.58 -34.07
N ALA B 509 19.57 -33.33 -35.16
CA ALA B 509 18.38 -33.68 -35.93
C ALA B 509 17.41 -34.52 -35.11
N GLY B 510 17.90 -35.53 -34.42
CA GLY B 510 17.02 -36.37 -33.64
C GLY B 510 16.27 -35.59 -32.58
N VAL B 511 17.00 -34.83 -31.76
CA VAL B 511 16.35 -34.13 -30.65
C VAL B 511 15.41 -33.05 -31.18
N ALA B 512 15.83 -32.28 -32.18
CA ALA B 512 14.98 -31.22 -32.70
C ALA B 512 13.73 -31.78 -33.37
N SER B 513 13.87 -32.86 -34.14
CA SER B 513 12.71 -33.46 -34.78
C SER B 513 11.74 -34.02 -33.75
N LEU B 514 12.25 -34.60 -32.66
CA LEU B 514 11.35 -35.01 -31.58
C LEU B 514 10.65 -33.81 -30.96
N LEU B 515 11.36 -32.68 -30.84
CA LEU B 515 10.77 -31.48 -30.28
C LEU B 515 9.63 -30.95 -31.15
N THR B 516 9.81 -30.98 -32.47
CA THR B 516 8.83 -30.35 -33.35
C THR B 516 7.48 -31.07 -33.35
N THR B 517 7.42 -32.29 -32.80
CA THR B 517 6.16 -33.00 -32.72
C THR B 517 5.27 -32.52 -31.57
N ALA B 518 5.66 -31.45 -30.88
CA ALA B 518 4.94 -31.02 -29.69
C ALA B 518 3.60 -30.39 -30.04
N GLU B 519 2.61 -30.63 -29.18
CA GLU B 519 1.33 -29.94 -29.24
C GLU B 519 0.89 -29.39 -27.89
N VAL B 520 1.24 -30.06 -26.79
CA VAL B 520 0.84 -29.66 -25.45
C VAL B 520 2.09 -29.67 -24.57
N VAL B 521 2.23 -28.64 -23.73
CA VAL B 521 3.36 -28.56 -22.80
C VAL B 521 2.82 -28.39 -21.39
N VAL B 522 3.27 -29.26 -20.49
CA VAL B 522 2.84 -29.25 -19.08
C VAL B 522 4.05 -28.88 -18.23
N THR B 523 3.90 -27.85 -17.40
CA THR B 523 4.96 -27.37 -16.54
C THR B 523 4.45 -27.23 -15.12
N GLU B 524 5.38 -27.11 -14.17
CA GLU B 524 4.99 -26.88 -12.79
C GLU B 524 4.69 -25.39 -12.57
N ILE B 525 3.81 -25.13 -11.61
CA ILE B 525 3.46 -23.74 -11.28
C ILE B 525 4.65 -23.08 -10.59
N PRO B 526 5.06 -21.89 -11.01
CA PRO B 526 6.24 -21.26 -10.39
C PRO B 526 5.95 -20.74 -9.00
N LYS B 527 5.97 -21.62 -8.01
CA LYS B 527 5.72 -21.23 -6.62
C LYS B 527 6.88 -20.44 -6.06
N GLY C 1 -11.32 -31.71 10.33
CA GLY C 1 -10.61 -30.71 11.10
C GLY C 1 -10.43 -29.39 10.37
N SER C 2 -9.76 -29.46 9.21
CA SER C 2 -9.52 -28.26 8.42
C SER C 2 -10.83 -27.72 7.85
N ALA C 3 -10.86 -26.40 7.65
CA ALA C 3 -12.05 -25.76 7.11
C ALA C 3 -12.36 -26.28 5.71
N LYS C 4 -13.65 -26.46 5.42
CA LYS C 4 -14.10 -27.02 4.17
C LYS C 4 -14.98 -26.02 3.42
N ASP C 5 -14.89 -26.08 2.10
CA ASP C 5 -15.76 -25.32 1.21
C ASP C 5 -16.71 -26.28 0.52
N VAL C 6 -17.99 -25.97 0.56
CA VAL C 6 -19.05 -26.84 0.05
C VAL C 6 -19.74 -26.13 -1.10
N LYS C 7 -19.83 -26.81 -2.24
CA LYS C 7 -20.48 -26.28 -3.42
C LYS C 7 -21.62 -27.19 -3.84
N PHE C 8 -22.74 -26.58 -4.25
CA PHE C 8 -23.98 -27.27 -4.51
C PHE C 8 -24.35 -27.16 -5.98
N GLY C 9 -25.08 -28.16 -6.47
CA GLY C 9 -25.74 -28.08 -7.76
C GLY C 9 -24.85 -28.00 -8.98
N ALA C 10 -25.31 -27.26 -9.99
CA ALA C 10 -24.67 -27.25 -11.30
C ALA C 10 -23.36 -26.48 -11.33
N ASP C 11 -23.08 -25.64 -10.34
CA ASP C 11 -21.82 -24.90 -10.32
C ASP C 11 -20.63 -25.84 -10.10
N ALA C 12 -20.74 -26.72 -9.10
CA ALA C 12 -19.69 -27.70 -8.86
C ALA C 12 -19.55 -28.65 -10.04
N ARG C 13 -20.67 -29.04 -10.64
CA ARG C 13 -20.63 -29.89 -11.82
C ARG C 13 -19.91 -29.19 -12.96
N ALA C 14 -20.17 -27.90 -13.16
CA ALA C 14 -19.50 -27.15 -14.22
C ALA C 14 -18.00 -27.05 -13.96
N LEU C 15 -17.60 -26.81 -12.71
CA LEU C 15 -16.17 -26.72 -12.41
C LEU C 15 -15.47 -28.07 -12.63
N MET C 16 -16.08 -29.15 -12.15
CA MET C 16 -15.50 -30.48 -12.36
C MET C 16 -15.45 -30.82 -13.84
N LEU C 17 -16.48 -30.45 -14.59
CA LEU C 17 -16.46 -30.68 -16.04
C LEU C 17 -15.38 -29.86 -16.71
N GLN C 18 -15.11 -28.64 -16.23
CA GLN C 18 -13.99 -27.87 -16.78
C GLN C 18 -12.67 -28.57 -16.54
N GLY C 19 -12.47 -29.10 -15.34
CA GLY C 19 -11.24 -29.84 -15.06
C GLY C 19 -11.10 -31.08 -15.93
N VAL C 20 -12.19 -31.84 -16.05
CA VAL C 20 -12.20 -33.05 -16.88
C VAL C 20 -11.92 -32.68 -18.33
N ASP C 21 -12.53 -31.60 -18.82
CA ASP C 21 -12.32 -31.18 -20.19
C ASP C 21 -10.88 -30.76 -20.42
N LEU C 22 -10.27 -30.06 -19.46
CA LEU C 22 -8.87 -29.69 -19.62
C LEU C 22 -7.98 -30.91 -19.72
N LEU C 23 -8.13 -31.85 -18.78
CA LEU C 23 -7.28 -33.04 -18.82
C LEU C 23 -7.51 -33.86 -20.09
N ALA C 24 -8.77 -34.03 -20.48
CA ALA C 24 -9.07 -34.83 -21.66
C ALA C 24 -8.62 -34.15 -22.95
N ASP C 25 -8.69 -32.82 -23.01
CA ASP C 25 -8.19 -32.11 -24.18
C ASP C 25 -6.68 -32.22 -24.27
N ALA C 26 -5.99 -32.19 -23.13
CA ALA C 26 -4.55 -32.42 -23.16
C ALA C 26 -4.22 -33.84 -23.63
N VAL C 27 -5.01 -34.82 -23.16
CA VAL C 27 -4.71 -36.22 -23.48
C VAL C 27 -5.04 -36.54 -24.94
N ALA C 28 -6.16 -36.02 -25.45
CA ALA C 28 -6.72 -36.47 -26.72
C ALA C 28 -5.93 -36.01 -27.93
N VAL C 29 -5.00 -35.07 -27.77
CA VAL C 29 -4.17 -34.64 -28.90
C VAL C 29 -3.16 -35.69 -29.31
N THR C 30 -3.07 -36.81 -28.58
CA THR C 30 -2.10 -37.86 -28.83
C THR C 30 -2.78 -39.16 -29.27
N MET C 31 -3.99 -39.10 -29.80
CA MET C 31 -4.76 -40.28 -30.15
C MET C 31 -4.75 -40.51 -31.65
N GLY C 32 -4.49 -41.76 -32.04
CA GLY C 32 -4.52 -42.14 -33.43
C GLY C 32 -3.15 -42.08 -34.08
N PRO C 33 -3.09 -42.43 -35.37
CA PRO C 33 -1.80 -42.37 -36.06
C PRO C 33 -1.29 -40.95 -36.27
N LYS C 34 -2.17 -40.01 -36.60
CA LYS C 34 -1.79 -38.62 -36.75
C LYS C 34 -1.96 -37.83 -35.45
N GLY C 35 -1.39 -38.32 -34.36
CA GLY C 35 -1.44 -37.63 -33.08
C GLY C 35 -0.07 -37.08 -32.72
N ARG C 36 -0.07 -35.92 -32.07
CA ARG C 36 1.15 -35.26 -31.68
C ARG C 36 1.60 -35.76 -30.30
N THR C 37 2.68 -35.20 -29.79
CA THR C 37 3.24 -35.57 -28.50
C THR C 37 3.08 -34.45 -27.50
N VAL C 38 3.37 -34.77 -26.24
CA VAL C 38 3.25 -33.84 -25.13
C VAL C 38 4.58 -33.81 -24.38
N ILE C 39 5.09 -32.60 -24.12
CA ILE C 39 6.29 -32.42 -23.31
C ILE C 39 5.87 -32.09 -21.89
N ILE C 40 6.34 -32.90 -20.94
CA ILE C 40 6.10 -32.70 -19.52
C ILE C 40 7.43 -32.34 -18.88
N GLU C 41 7.47 -31.20 -18.20
CA GLU C 41 8.69 -30.78 -17.52
C GLU C 41 9.01 -31.72 -16.36
N GLN C 42 10.25 -32.19 -16.32
CA GLN C 42 10.72 -33.05 -15.25
C GLN C 42 11.51 -32.20 -14.26
N SER C 43 11.24 -32.39 -12.97
CA SER C 43 11.84 -31.53 -11.95
C SER C 43 13.35 -31.72 -11.88
N TRP C 44 13.83 -32.95 -12.00
CA TRP C 44 15.24 -33.24 -11.75
C TRP C 44 16.11 -33.24 -13.00
N GLY C 45 15.54 -33.11 -14.19
CA GLY C 45 16.34 -33.18 -15.38
C GLY C 45 15.64 -32.72 -16.62
N SER C 46 16.00 -33.34 -17.74
CA SER C 46 15.47 -32.97 -19.04
C SER C 46 13.98 -33.29 -19.11
N PRO C 47 13.19 -32.52 -19.87
CA PRO C 47 11.77 -32.82 -20.00
C PRO C 47 11.53 -34.15 -20.70
N LYS C 48 10.32 -34.67 -20.54
CA LYS C 48 9.92 -35.96 -21.10
C LYS C 48 8.90 -35.73 -22.20
N VAL C 49 9.17 -36.30 -23.38
CA VAL C 49 8.25 -36.20 -24.50
C VAL C 49 7.54 -37.55 -24.65
N THR C 50 6.21 -37.54 -24.57
CA THR C 50 5.45 -38.78 -24.56
C THR C 50 4.20 -38.65 -25.43
N LYS C 51 3.77 -39.79 -25.97
CA LYS C 51 2.50 -39.90 -26.67
C LYS C 51 1.52 -40.81 -25.92
N ASP C 52 1.82 -41.14 -24.67
CA ASP C 52 1.00 -42.06 -23.90
C ASP C 52 -0.10 -41.30 -23.17
N GLY C 53 -1.31 -41.85 -23.20
CA GLY C 53 -2.43 -41.19 -22.55
C GLY C 53 -2.30 -41.14 -21.04
N VAL C 54 -1.90 -42.28 -20.43
CA VAL C 54 -1.83 -42.34 -18.98
C VAL C 54 -0.69 -41.47 -18.46
N THR C 55 0.44 -41.42 -19.19
CA THR C 55 1.55 -40.59 -18.77
C THR C 55 1.18 -39.11 -18.79
N VAL C 56 0.47 -38.67 -19.83
CA VAL C 56 0.02 -37.28 -19.87
C VAL C 56 -1.01 -37.01 -18.78
N ALA C 57 -1.94 -37.96 -18.56
CA ALA C 57 -3.00 -37.75 -17.57
C ALA C 57 -2.43 -37.64 -16.17
N LYS C 58 -1.52 -38.54 -15.80
CA LYS C 58 -0.98 -38.55 -14.44
C LYS C 58 -0.11 -37.35 -14.14
N SER C 59 0.33 -36.60 -15.14
CA SER C 59 1.21 -35.47 -14.95
C SER C 59 0.48 -34.14 -14.85
N ILE C 60 -0.85 -34.14 -14.86
CA ILE C 60 -1.65 -32.92 -14.84
C ILE C 60 -2.33 -32.85 -13.49
N ASP C 61 -1.99 -31.84 -12.70
CA ASP C 61 -2.62 -31.54 -11.43
C ASP C 61 -3.01 -30.07 -11.42
N LEU C 62 -4.26 -29.79 -11.08
CA LEU C 62 -4.81 -28.45 -11.17
C LEU C 62 -4.89 -27.79 -9.81
N LYS C 63 -4.77 -26.45 -9.81
CA LYS C 63 -4.82 -25.71 -8.56
C LYS C 63 -6.23 -25.64 -8.00
N ASP C 64 -7.22 -25.40 -8.86
CA ASP C 64 -8.60 -25.33 -8.41
C ASP C 64 -9.04 -26.70 -7.89
N LYS C 65 -9.71 -26.69 -6.73
CA LYS C 65 -10.01 -27.94 -6.04
C LYS C 65 -11.00 -28.79 -6.83
N TYR C 66 -12.04 -28.18 -7.39
CA TYR C 66 -13.06 -28.94 -8.09
C TYR C 66 -12.55 -29.44 -9.45
N LYS C 67 -11.86 -28.57 -10.18
CA LYS C 67 -11.21 -29.01 -11.40
C LYS C 67 -10.20 -30.11 -11.11
N ASN C 68 -9.49 -30.01 -9.98
CA ASN C 68 -8.55 -31.06 -9.61
C ASN C 68 -9.29 -32.36 -9.27
N ILE C 69 -10.48 -32.28 -8.69
CA ILE C 69 -11.26 -33.49 -8.40
C ILE C 69 -11.63 -34.18 -9.71
N GLY C 70 -12.12 -33.40 -10.68
CA GLY C 70 -12.44 -33.98 -11.99
C GLY C 70 -11.22 -34.58 -12.66
N ALA C 71 -10.10 -33.85 -12.62
CA ALA C 71 -8.86 -34.36 -13.21
C ALA C 71 -8.40 -35.64 -12.52
N LYS C 72 -8.55 -35.71 -11.20
CA LYS C 72 -8.17 -36.90 -10.46
C LYS C 72 -9.03 -38.10 -10.86
N LEU C 73 -10.33 -37.86 -11.08
CA LEU C 73 -11.19 -38.96 -11.52
C LEU C 73 -10.79 -39.44 -12.93
N VAL C 74 -10.46 -38.52 -13.83
CA VAL C 74 -10.01 -38.94 -15.15
C VAL C 74 -8.68 -39.67 -15.07
N GLN C 75 -7.80 -39.24 -14.16
CA GLN C 75 -6.55 -39.95 -13.93
C GLN C 75 -6.81 -41.35 -13.41
N ASP C 76 -7.82 -41.50 -12.55
CA ASP C 76 -8.20 -42.83 -12.08
C ASP C 76 -8.63 -43.70 -13.26
N VAL C 77 -9.42 -43.14 -14.17
CA VAL C 77 -9.84 -43.87 -15.36
C VAL C 77 -8.63 -44.35 -16.14
N ALA C 78 -7.70 -43.42 -16.42
CA ALA C 78 -6.55 -43.75 -17.25
C ALA C 78 -5.65 -44.77 -16.57
N ASN C 79 -5.43 -44.63 -15.27
CA ASN C 79 -4.56 -45.55 -14.53
C ASN C 79 -5.17 -46.95 -14.45
N ASN C 80 -6.49 -47.03 -14.23
CA ASN C 80 -7.14 -48.34 -14.22
C ASN C 80 -7.03 -49.01 -15.58
N THR C 81 -7.24 -48.25 -16.65
CA THR C 81 -7.10 -48.82 -17.99
C THR C 81 -5.67 -49.28 -18.26
N ASN C 82 -4.69 -48.49 -17.82
CA ASN C 82 -3.29 -48.87 -18.01
C ASN C 82 -2.92 -50.13 -17.23
N GLU C 83 -3.38 -50.24 -15.97
CA GLU C 83 -3.04 -51.40 -15.17
C GLU C 83 -3.74 -52.67 -15.64
N GLU C 84 -5.01 -52.59 -16.04
CA GLU C 84 -5.74 -53.78 -16.45
C GLU C 84 -5.53 -54.17 -17.90
N ALA C 85 -4.96 -53.29 -18.73
CA ALA C 85 -4.73 -53.65 -20.13
C ALA C 85 -3.30 -53.39 -20.59
N GLY C 86 -2.71 -52.27 -20.15
CA GLY C 86 -1.42 -51.83 -20.63
C GLY C 86 -1.50 -50.92 -21.84
N ASP C 87 -2.68 -50.79 -22.44
CA ASP C 87 -2.90 -49.96 -23.62
C ASP C 87 -4.34 -49.47 -23.62
N GLY C 88 -4.62 -48.47 -24.44
CA GLY C 88 -5.95 -47.93 -24.56
C GLY C 88 -6.31 -46.83 -23.58
N THR C 89 -5.33 -46.16 -22.99
CA THR C 89 -5.61 -45.16 -21.98
C THR C 89 -6.24 -43.90 -22.57
N THR C 90 -5.79 -43.49 -23.76
CA THR C 90 -6.37 -42.31 -24.39
C THR C 90 -7.83 -42.54 -24.77
N THR C 91 -8.13 -43.73 -25.29
CA THR C 91 -9.51 -44.07 -25.61
C THR C 91 -10.39 -44.04 -24.37
N ALA C 92 -9.90 -44.61 -23.27
CA ALA C 92 -10.65 -44.58 -22.02
C ALA C 92 -10.85 -43.15 -21.53
N THR C 93 -9.83 -42.30 -21.66
CA THR C 93 -9.93 -40.91 -21.22
C THR C 93 -11.01 -40.18 -22.02
N VAL C 94 -10.99 -40.32 -23.35
CA VAL C 94 -11.96 -39.59 -24.16
C VAL C 94 -13.37 -40.14 -23.93
N LEU C 95 -13.50 -41.47 -23.76
CA LEU C 95 -14.81 -42.03 -23.47
C LEU C 95 -15.33 -41.55 -22.13
N ALA C 96 -14.47 -41.49 -21.11
CA ALA C 96 -14.89 -41.00 -19.80
C ALA C 96 -15.32 -39.55 -19.86
N ARG C 97 -14.56 -38.71 -20.59
CA ARG C 97 -14.96 -37.31 -20.74
C ARG C 97 -16.30 -37.19 -21.42
N SER C 98 -16.52 -37.96 -22.49
CA SER C 98 -17.78 -37.89 -23.21
C SER C 98 -18.94 -38.31 -22.33
N ILE C 99 -18.78 -39.42 -21.60
CA ILE C 99 -19.87 -39.90 -20.74
C ILE C 99 -20.15 -38.90 -19.63
N ALA C 100 -19.09 -38.33 -19.03
CA ALA C 100 -19.30 -37.35 -17.97
C ALA C 100 -20.04 -36.13 -18.49
N LYS C 101 -19.67 -35.63 -19.68
CA LYS C 101 -20.35 -34.47 -20.23
C LYS C 101 -21.82 -34.78 -20.54
N GLU C 102 -22.08 -35.93 -21.17
CA GLU C 102 -23.44 -36.31 -21.52
C GLU C 102 -24.30 -36.44 -20.26
N GLY C 103 -23.76 -37.07 -19.21
CA GLY C 103 -24.50 -37.21 -17.99
C GLY C 103 -24.73 -35.88 -17.29
N PHE C 104 -23.74 -34.98 -17.33
CA PHE C 104 -23.88 -33.69 -16.68
C PHE C 104 -24.94 -32.84 -17.35
N GLU C 105 -25.01 -32.84 -18.68
CA GLU C 105 -25.98 -31.96 -19.32
C GLU C 105 -27.40 -32.49 -19.27
N LYS C 106 -27.59 -33.75 -18.86
CA LYS C 106 -28.91 -34.37 -18.83
C LYS C 106 -29.50 -34.43 -17.42
N ILE C 107 -28.94 -33.69 -16.47
CA ILE C 107 -29.42 -33.70 -15.09
C ILE C 107 -30.47 -32.60 -14.93
N SER C 108 -31.65 -32.99 -14.46
CA SER C 108 -32.75 -32.06 -14.21
C SER C 108 -33.28 -32.28 -12.80
N LYS C 109 -34.30 -31.50 -12.43
CA LYS C 109 -34.90 -31.63 -11.11
C LYS C 109 -35.56 -32.99 -10.94
N GLY C 110 -36.27 -33.46 -11.96
CA GLY C 110 -36.95 -34.75 -11.91
C GLY C 110 -36.13 -35.94 -12.34
N ALA C 111 -34.97 -35.71 -12.95
CA ALA C 111 -34.14 -36.81 -13.40
C ALA C 111 -33.49 -37.53 -12.21
N ASN C 112 -33.26 -38.83 -12.38
CA ASN C 112 -32.62 -39.66 -11.36
C ASN C 112 -31.28 -40.14 -11.88
N PRO C 113 -30.16 -39.50 -11.51
CA PRO C 113 -28.86 -39.93 -12.06
C PRO C 113 -28.45 -41.34 -11.67
N VAL C 114 -28.99 -41.89 -10.59
CA VAL C 114 -28.65 -43.26 -10.22
C VAL C 114 -29.21 -44.25 -11.24
N GLU C 115 -30.46 -44.04 -11.66
CA GLU C 115 -31.05 -44.91 -12.67
C GLU C 115 -30.40 -44.67 -14.03
N ILE C 116 -29.96 -43.44 -14.30
CA ILE C 116 -29.18 -43.18 -15.52
C ILE C 116 -27.88 -43.97 -15.49
N ARG C 117 -27.21 -44.01 -14.34
CA ARG C 117 -26.01 -44.81 -14.20
C ARG C 117 -26.31 -46.29 -14.41
N ARG C 118 -27.42 -46.77 -13.86
CA ARG C 118 -27.83 -48.16 -14.08
C ARG C 118 -28.00 -48.46 -15.56
N GLY C 119 -28.73 -47.59 -16.27
CA GLY C 119 -28.91 -47.78 -17.70
C GLY C 119 -27.60 -47.76 -18.45
N VAL C 120 -26.67 -46.91 -18.01
CA VAL C 120 -25.34 -46.89 -18.60
C VAL C 120 -24.65 -48.25 -18.42
N MET C 121 -24.78 -48.83 -17.23
CA MET C 121 -24.15 -50.13 -16.97
C MET C 121 -24.74 -51.21 -17.86
N LEU C 122 -26.07 -51.25 -17.98
CA LEU C 122 -26.68 -52.23 -18.90
C LEU C 122 -26.25 -52.01 -20.35
N ALA C 123 -26.19 -50.75 -20.79
CA ALA C 123 -25.76 -50.49 -22.16
C ALA C 123 -24.33 -50.94 -22.39
N VAL C 124 -23.45 -50.69 -21.41
CA VAL C 124 -22.05 -51.09 -21.55
C VAL C 124 -21.92 -52.61 -21.53
N ASP C 125 -22.71 -53.29 -20.70
CA ASP C 125 -22.70 -54.74 -20.72
C ASP C 125 -23.13 -55.28 -22.07
N ALA C 126 -24.17 -54.69 -22.67
CA ALA C 126 -24.59 -55.11 -24.00
C ALA C 126 -23.51 -54.87 -25.04
N VAL C 127 -22.84 -53.72 -24.97
CA VAL C 127 -21.77 -53.42 -25.93
C VAL C 127 -20.62 -54.40 -25.76
N ILE C 128 -20.29 -54.75 -24.51
CA ILE C 128 -19.21 -55.71 -24.26
C ILE C 128 -19.58 -57.08 -24.81
N ALA C 129 -20.84 -57.49 -24.64
CA ALA C 129 -21.29 -58.76 -25.20
C ALA C 129 -21.18 -58.74 -26.73
N GLU C 130 -21.57 -57.64 -27.36
CA GLU C 130 -21.43 -57.54 -28.81
C GLU C 130 -19.96 -57.59 -29.24
N LEU C 131 -19.09 -56.92 -28.49
CA LEU C 131 -17.66 -56.95 -28.82
C LEU C 131 -17.10 -58.36 -28.73
N LYS C 132 -17.49 -59.10 -27.69
CA LYS C 132 -17.07 -60.49 -27.59
C LYS C 132 -17.63 -61.32 -28.73
N LYS C 133 -18.86 -61.01 -29.16
CA LYS C 133 -19.44 -61.71 -30.30
C LYS C 133 -18.69 -61.41 -31.60
N GLN C 134 -18.09 -60.23 -31.70
CA GLN C 134 -17.43 -59.79 -32.93
C GLN C 134 -15.94 -60.11 -32.97
N SER C 135 -15.38 -60.74 -31.94
CA SER C 135 -13.96 -61.00 -31.89
C SER C 135 -13.59 -62.21 -32.74
N LYS C 136 -12.32 -62.25 -33.16
CA LYS C 136 -11.75 -63.37 -33.90
C LYS C 136 -10.37 -63.64 -33.33
N PRO C 137 -10.03 -64.90 -33.04
CA PRO C 137 -8.74 -65.20 -32.43
C PRO C 137 -7.57 -64.98 -33.38
N VAL C 138 -6.39 -64.80 -32.80
CA VAL C 138 -5.16 -64.64 -33.57
C VAL C 138 -4.69 -66.04 -33.96
N THR C 139 -4.53 -66.28 -35.27
CA THR C 139 -4.11 -67.58 -35.76
C THR C 139 -2.78 -67.54 -36.51
N THR C 140 -2.34 -66.37 -36.96
CA THR C 140 -1.12 -66.26 -37.75
C THR C 140 -0.17 -65.24 -37.13
N PRO C 141 1.14 -65.44 -37.27
CA PRO C 141 2.09 -64.43 -36.78
C PRO C 141 1.97 -63.08 -37.48
N GLU C 142 1.45 -63.06 -38.71
CA GLU C 142 1.24 -61.80 -39.40
C GLU C 142 0.24 -60.92 -38.67
N GLU C 143 -0.78 -61.54 -38.06
CA GLU C 143 -1.71 -60.77 -37.23
C GLU C 143 -1.01 -60.18 -36.02
N ILE C 144 -0.08 -60.92 -35.41
CA ILE C 144 0.70 -60.39 -34.30
C ILE C 144 1.52 -59.19 -34.75
N ALA C 145 2.15 -59.31 -35.93
CA ALA C 145 2.93 -58.19 -36.46
C ALA C 145 2.05 -56.98 -36.71
N GLN C 146 0.86 -57.20 -37.27
CA GLN C 146 -0.06 -56.09 -37.54
C GLN C 146 -0.50 -55.41 -36.25
N VAL C 147 -0.82 -56.21 -35.22
CA VAL C 147 -1.24 -55.64 -33.95
C VAL C 147 -0.11 -54.83 -33.32
N ALA C 148 1.10 -55.37 -33.33
CA ALA C 148 2.24 -54.65 -32.77
C ALA C 148 2.52 -53.36 -33.53
N THR C 149 2.44 -53.41 -34.86
CA THR C 149 2.66 -52.21 -35.66
C THR C 149 1.60 -51.15 -35.38
N ILE C 150 0.34 -51.57 -35.28
CA ILE C 150 -0.74 -50.62 -35.00
C ILE C 150 -0.56 -49.99 -33.63
N SER C 151 -0.19 -50.79 -32.63
CA SER C 151 -0.03 -50.29 -31.28
C SER C 151 1.28 -49.53 -31.08
N ALA C 152 2.22 -49.63 -32.03
CA ALA C 152 3.48 -48.90 -31.97
C ALA C 152 3.46 -47.67 -32.88
N ASN C 153 2.28 -47.08 -33.08
CA ASN C 153 2.10 -45.90 -33.94
C ASN C 153 2.60 -46.17 -35.36
N GLY C 154 2.24 -47.34 -35.89
CA GLY C 154 2.57 -47.66 -37.27
C GLY C 154 4.05 -47.82 -37.54
N ASP C 155 4.79 -48.43 -36.62
CA ASP C 155 6.21 -48.68 -36.83
C ASP C 155 6.40 -50.13 -37.25
N LYS C 156 6.83 -50.32 -38.50
CA LYS C 156 6.99 -51.67 -39.04
C LYS C 156 8.08 -52.44 -38.30
N GLU C 157 9.20 -51.78 -37.99
CA GLU C 157 10.33 -52.48 -37.39
C GLU C 157 10.02 -52.97 -35.98
N ILE C 158 9.25 -52.20 -35.20
CA ILE C 158 8.87 -52.65 -33.86
C ILE C 158 8.02 -53.90 -33.95
N GLY C 159 7.05 -53.91 -34.88
CA GLY C 159 6.22 -55.08 -35.06
C GLY C 159 7.02 -56.29 -35.52
N ASN C 160 7.98 -56.07 -36.43
CA ASN C 160 8.83 -57.17 -36.89
C ASN C 160 9.66 -57.73 -35.73
N ILE C 161 10.22 -56.85 -34.90
CA ILE C 161 11.03 -57.30 -33.77
C ILE C 161 10.18 -58.10 -32.79
N ILE C 162 8.97 -57.63 -32.50
CA ILE C 162 8.11 -58.32 -31.54
C ILE C 162 7.65 -59.67 -32.12
N SER C 163 7.37 -59.72 -33.42
CA SER C 163 7.03 -60.99 -34.04
C SER C 163 8.19 -61.96 -33.99
N ASP C 164 9.41 -61.48 -34.23
CA ASP C 164 10.58 -62.34 -34.12
C ASP C 164 10.75 -62.86 -32.69
N ALA C 165 10.54 -62.00 -31.71
CA ALA C 165 10.64 -62.42 -30.32
C ALA C 165 9.60 -63.49 -29.98
N MET C 166 8.36 -63.30 -30.44
CA MET C 166 7.33 -64.30 -30.21
C MET C 166 7.60 -65.61 -30.93
N LYS C 167 8.20 -65.55 -32.12
CA LYS C 167 8.61 -66.77 -32.80
C LYS C 167 9.73 -67.48 -32.05
N LYS C 168 10.68 -66.74 -31.49
CA LYS C 168 11.83 -67.35 -30.85
C LYS C 168 11.48 -67.94 -29.49
N VAL C 169 10.84 -67.15 -28.62
CA VAL C 169 10.60 -67.57 -27.24
C VAL C 169 9.19 -68.10 -27.03
N GLY C 170 8.38 -68.19 -28.08
CA GLY C 170 7.02 -68.66 -27.94
C GLY C 170 6.04 -67.51 -27.75
N ARG C 171 4.76 -67.84 -27.92
CA ARG C 171 3.71 -66.81 -27.83
C ARG C 171 3.55 -66.32 -26.40
N LYS C 172 3.73 -67.20 -25.42
CA LYS C 172 3.61 -66.84 -24.02
C LYS C 172 4.97 -66.66 -23.33
N GLY C 173 6.05 -66.55 -24.10
CA GLY C 173 7.36 -66.42 -23.51
C GLY C 173 7.57 -65.07 -22.86
N VAL C 174 8.56 -65.01 -21.97
CA VAL C 174 8.86 -63.78 -21.24
C VAL C 174 9.64 -62.84 -22.15
N ILE C 175 9.11 -61.62 -22.32
CA ILE C 175 9.72 -60.59 -23.15
C ILE C 175 9.79 -59.31 -22.34
N THR C 176 10.95 -58.65 -22.35
CA THR C 176 11.15 -57.40 -21.62
C THR C 176 11.90 -56.40 -22.49
N VAL C 177 11.80 -55.13 -22.11
CA VAL C 177 12.39 -54.02 -22.86
C VAL C 177 13.39 -53.32 -21.96
N LYS C 178 14.59 -53.11 -22.48
CA LYS C 178 15.65 -52.42 -21.76
C LYS C 178 16.30 -51.43 -22.72
N ASP C 179 16.73 -50.28 -22.20
CA ASP C 179 17.25 -49.25 -23.09
C ASP C 179 18.56 -49.69 -23.72
N GLY C 180 18.74 -49.35 -25.00
CA GLY C 180 19.92 -49.74 -25.72
C GLY C 180 20.99 -48.66 -25.75
N LYS C 181 22.22 -49.09 -25.92
CA LYS C 181 23.37 -48.20 -26.02
C LYS C 181 23.79 -47.95 -27.47
N THR C 182 23.00 -48.43 -28.43
CA THR C 182 23.31 -48.31 -29.86
C THR C 182 22.22 -47.52 -30.57
N LEU C 183 22.43 -47.30 -31.86
CA LEU C 183 21.51 -46.47 -32.64
C LEU C 183 20.23 -47.20 -33.01
N ASN C 184 20.28 -48.52 -33.13
CA ASN C 184 19.15 -49.30 -33.63
C ASN C 184 18.67 -50.28 -32.57
N ASP C 185 17.43 -50.75 -32.76
CA ASP C 185 16.84 -51.74 -31.87
C ASP C 185 17.39 -53.12 -32.18
N GLU C 186 17.58 -53.93 -31.14
CA GLU C 186 18.09 -55.28 -31.30
C GLU C 186 17.38 -56.23 -30.34
N LEU C 187 17.45 -57.52 -30.65
CA LEU C 187 16.76 -58.56 -29.90
C LEU C 187 17.77 -59.61 -29.45
N GLU C 188 17.69 -60.00 -28.18
CA GLU C 188 18.56 -61.01 -27.61
C GLU C 188 17.72 -62.09 -26.93
N ILE C 189 18.26 -63.30 -26.89
CA ILE C 189 17.60 -64.42 -26.24
C ILE C 189 18.39 -64.88 -25.02
N ALA C 378 13.10 -63.13 -23.87
CA ALA C 378 13.68 -62.23 -24.86
C ALA C 378 13.90 -60.84 -24.28
N VAL C 379 14.96 -60.18 -24.73
CA VAL C 379 15.32 -58.84 -24.28
C VAL C 379 15.39 -57.94 -25.51
N LEU C 380 14.69 -56.80 -25.45
CA LEU C 380 14.67 -55.82 -26.53
C LEU C 380 15.50 -54.61 -26.10
N LYS C 381 16.48 -54.25 -26.93
CA LYS C 381 17.27 -53.04 -26.72
C LYS C 381 16.79 -51.99 -27.69
N VAL C 382 16.42 -50.82 -27.16
CA VAL C 382 15.83 -49.75 -27.95
C VAL C 382 16.93 -48.80 -28.40
N GLY C 383 16.98 -48.53 -29.71
CA GLY C 383 17.96 -47.61 -30.25
C GLY C 383 17.53 -46.16 -30.17
N GLY C 384 18.49 -45.28 -30.39
CA GLY C 384 18.22 -43.85 -30.37
C GLY C 384 19.51 -43.09 -30.15
N THR C 385 19.36 -41.76 -30.09
CA THR C 385 20.47 -40.85 -29.90
C THR C 385 20.46 -40.16 -28.54
N SER C 386 19.28 -39.76 -28.05
CA SER C 386 19.14 -39.10 -26.76
C SER C 386 18.19 -39.90 -25.88
N ASP C 387 18.18 -39.53 -24.59
CA ASP C 387 17.35 -40.25 -23.63
C ASP C 387 15.86 -40.03 -23.90
N VAL C 388 15.49 -38.83 -24.37
CA VAL C 388 14.09 -38.56 -24.66
C VAL C 388 13.59 -39.47 -25.77
N GLU C 389 14.38 -39.63 -26.83
CA GLU C 389 13.98 -40.48 -27.95
C GLU C 389 13.82 -41.93 -27.51
N VAL C 390 14.80 -42.45 -26.75
CA VAL C 390 14.73 -43.85 -26.34
C VAL C 390 13.59 -44.05 -25.37
N ASN C 391 13.26 -43.03 -24.55
CA ASN C 391 12.13 -43.16 -23.64
C ASN C 391 10.81 -43.20 -24.39
N GLU C 392 10.65 -42.33 -25.40
CA GLU C 392 9.43 -42.36 -26.22
C GLU C 392 9.30 -43.69 -26.95
N LYS C 393 10.39 -44.16 -27.56
CA LYS C 393 10.36 -45.44 -28.26
C LYS C 393 10.11 -46.59 -27.31
N LYS C 394 10.64 -46.53 -26.10
CA LYS C 394 10.40 -47.57 -25.10
C LYS C 394 8.94 -47.60 -24.69
N ASP C 395 8.33 -46.43 -24.52
CA ASP C 395 6.90 -46.39 -24.21
C ASP C 395 6.08 -47.00 -25.33
N ARG C 396 6.40 -46.68 -26.58
CA ARG C 396 5.68 -47.28 -27.70
C ARG C 396 5.90 -48.79 -27.81
N VAL C 397 7.12 -49.27 -27.56
CA VAL C 397 7.38 -50.71 -27.61
C VAL C 397 6.65 -51.43 -26.48
N THR C 398 6.61 -50.83 -25.28
CA THR C 398 5.88 -51.43 -24.18
C THR C 398 4.38 -51.49 -24.50
N ASP C 399 3.84 -50.42 -25.10
CA ASP C 399 2.44 -50.44 -25.52
C ASP C 399 2.20 -51.55 -26.53
N ALA C 400 3.10 -51.70 -27.51
CA ALA C 400 2.95 -52.76 -28.50
C ALA C 400 2.99 -54.14 -27.89
N LEU C 401 3.92 -54.37 -26.95
CA LEU C 401 3.98 -55.67 -26.28
C LEU C 401 2.73 -55.96 -25.47
N ASN C 402 2.25 -54.98 -24.70
CA ASN C 402 1.02 -55.19 -23.92
C ASN C 402 -0.16 -55.47 -24.85
N ALA C 403 -0.26 -54.72 -25.94
CA ALA C 403 -1.37 -54.90 -26.86
C ALA C 403 -1.33 -56.28 -27.54
N THR C 404 -0.13 -56.72 -27.94
CA THR C 404 -0.05 -58.04 -28.57
C THR C 404 -0.27 -59.16 -27.57
N ARG C 405 0.13 -58.97 -26.31
CA ARG C 405 -0.20 -59.94 -25.28
C ARG C 405 -1.71 -60.03 -25.08
N ALA C 406 -2.39 -58.89 -25.04
CA ALA C 406 -3.85 -58.91 -24.94
C ALA C 406 -4.48 -59.54 -26.18
N ALA C 407 -3.91 -59.29 -27.36
CA ALA C 407 -4.47 -59.82 -28.60
C ALA C 407 -4.27 -61.32 -28.72
N VAL C 408 -3.22 -61.86 -28.11
CA VAL C 408 -3.05 -63.31 -28.11
C VAL C 408 -3.81 -63.98 -26.97
N GLU C 409 -4.05 -63.26 -25.87
CA GLU C 409 -4.86 -63.81 -24.80
C GLU C 409 -6.36 -63.72 -25.07
N GLU C 410 -6.76 -62.94 -26.06
CA GLU C 410 -8.18 -62.73 -26.36
C GLU C 410 -8.32 -62.62 -27.88
N GLY C 411 -9.47 -62.12 -28.34
CA GLY C 411 -9.74 -61.99 -29.75
C GLY C 411 -9.19 -60.72 -30.35
N ILE C 412 -9.61 -60.47 -31.60
CA ILE C 412 -9.20 -59.30 -32.36
C ILE C 412 -10.43 -58.67 -32.99
N VAL C 413 -10.54 -57.34 -32.90
CA VAL C 413 -11.61 -56.58 -33.51
C VAL C 413 -11.01 -55.54 -34.44
N LEU C 414 -11.87 -54.83 -35.16
CA LEU C 414 -11.42 -53.81 -36.09
C LEU C 414 -10.83 -52.63 -35.32
N GLY C 415 -9.91 -51.91 -35.98
CA GLY C 415 -9.28 -50.76 -35.38
C GLY C 415 -10.04 -49.48 -35.65
N GLY C 416 -9.39 -48.36 -35.34
CA GLY C 416 -9.91 -47.05 -35.64
C GLY C 416 -11.17 -46.66 -34.90
N GLY C 417 -11.57 -47.41 -33.88
CA GLY C 417 -12.82 -47.16 -33.20
C GLY C 417 -14.05 -47.69 -33.90
N CYS C 418 -13.88 -48.36 -35.05
CA CYS C 418 -15.02 -48.92 -35.77
C CYS C 418 -15.62 -50.11 -35.04
N ALA C 419 -14.80 -50.86 -34.30
CA ALA C 419 -15.32 -51.97 -33.51
C ALA C 419 -16.34 -51.48 -32.49
N LEU C 420 -16.08 -50.33 -31.89
CA LEU C 420 -17.05 -49.73 -30.97
C LEU C 420 -18.24 -49.14 -31.72
N LEU C 421 -18.04 -48.72 -32.97
CA LEU C 421 -19.14 -48.19 -33.76
C LEU C 421 -20.13 -49.27 -34.17
N ARG C 422 -19.64 -50.49 -34.39
CA ARG C 422 -20.52 -51.58 -34.85
C ARG C 422 -21.48 -52.06 -33.77
N CYS C 423 -21.33 -51.63 -32.52
CA CYS C 423 -22.16 -52.09 -31.43
C CYS C 423 -23.38 -51.22 -31.19
N ILE C 424 -23.59 -50.18 -31.99
CA ILE C 424 -24.78 -49.33 -31.83
C ILE C 424 -26.07 -50.10 -32.06
N PRO C 425 -26.19 -50.96 -33.09
CA PRO C 425 -27.43 -51.74 -33.21
C PRO C 425 -27.75 -52.61 -32.00
N ALA C 426 -26.72 -53.08 -31.29
CA ALA C 426 -26.97 -53.82 -30.06
C ALA C 426 -27.69 -52.96 -29.04
N LEU C 427 -27.30 -51.68 -28.93
CA LEU C 427 -28.02 -50.76 -28.06
C LEU C 427 -29.41 -50.45 -28.59
N ASP C 428 -29.57 -50.40 -29.91
CA ASP C 428 -30.88 -50.17 -30.49
C ASP C 428 -31.84 -51.31 -30.13
N SER C 429 -31.32 -52.53 -30.07
CA SER C 429 -32.17 -53.68 -29.72
C SER C 429 -32.69 -53.58 -28.29
N LEU C 430 -31.86 -53.09 -27.37
CA LEU C 430 -32.23 -53.05 -25.96
C LEU C 430 -33.44 -52.15 -25.72
N THR C 431 -34.27 -52.52 -24.75
CA THR C 431 -35.42 -51.72 -24.36
C THR C 431 -35.21 -51.18 -22.94
N PRO C 432 -35.55 -49.92 -22.69
CA PRO C 432 -35.34 -49.36 -21.35
C PRO C 432 -36.43 -49.78 -20.38
N ALA C 433 -36.12 -49.66 -19.09
CA ALA C 433 -37.11 -49.91 -18.06
C ALA C 433 -37.88 -48.65 -17.69
N ASN C 434 -37.23 -47.48 -17.75
CA ASN C 434 -37.88 -46.22 -17.48
C ASN C 434 -37.15 -45.13 -18.25
N GLU C 435 -37.49 -43.87 -17.97
CA GLU C 435 -36.93 -42.76 -18.73
C GLU C 435 -35.45 -42.56 -18.43
N ASP C 436 -35.04 -42.71 -17.17
CA ASP C 436 -33.64 -42.50 -16.81
C ASP C 436 -32.73 -43.55 -17.45
N GLN C 437 -33.18 -44.80 -17.49
CA GLN C 437 -32.40 -45.83 -18.16
C GLN C 437 -32.32 -45.58 -19.66
N LYS C 438 -33.39 -45.05 -20.26
CA LYS C 438 -33.33 -44.65 -21.66
C LYS C 438 -32.31 -43.53 -21.86
N ILE C 439 -32.25 -42.58 -20.93
CA ILE C 439 -31.27 -41.50 -21.01
C ILE C 439 -29.86 -42.06 -20.96
N GLY C 440 -29.63 -43.00 -20.04
CA GLY C 440 -28.31 -43.62 -19.95
C GLY C 440 -27.93 -44.40 -21.20
N ILE C 441 -28.89 -45.13 -21.76
CA ILE C 441 -28.63 -45.89 -22.98
C ILE C 441 -28.29 -44.95 -24.13
N GLU C 442 -29.01 -43.83 -24.25
CA GLU C 442 -28.69 -42.85 -25.29
C GLU C 442 -27.34 -42.19 -25.04
N ILE C 443 -26.97 -41.99 -23.77
CA ILE C 443 -25.66 -41.45 -23.46
C ILE C 443 -24.57 -42.38 -23.97
N ILE C 444 -24.71 -43.68 -23.70
CA ILE C 444 -23.72 -44.65 -24.16
C ILE C 444 -23.72 -44.73 -25.68
N LYS C 445 -24.90 -44.66 -26.30
CA LYS C 445 -24.99 -44.70 -27.76
C LYS C 445 -24.28 -43.52 -28.40
N ARG C 446 -24.43 -42.33 -27.83
CA ARG C 446 -23.73 -41.16 -28.36
C ARG C 446 -22.24 -41.23 -28.07
N THR C 447 -21.84 -41.85 -26.95
CA THR C 447 -20.43 -41.94 -26.61
C THR C 447 -19.70 -42.94 -27.50
N LEU C 448 -20.39 -43.98 -27.97
CA LEU C 448 -19.73 -45.02 -28.75
C LEU C 448 -19.06 -44.49 -30.00
N LYS C 449 -19.47 -43.34 -30.50
CA LYS C 449 -18.90 -42.75 -31.71
C LYS C 449 -17.64 -41.94 -31.43
N ILE C 450 -17.33 -41.64 -30.18
CA ILE C 450 -16.30 -40.66 -29.81
C ILE C 450 -14.90 -41.05 -30.29
N PRO C 451 -14.42 -42.29 -30.08
CA PRO C 451 -13.04 -42.59 -30.50
C PRO C 451 -12.78 -42.38 -31.98
N ALA C 452 -13.74 -42.75 -32.84
CA ALA C 452 -13.54 -42.57 -34.27
C ALA C 452 -13.48 -41.09 -34.64
N MET C 453 -14.36 -40.28 -34.07
CA MET C 453 -14.32 -38.85 -34.33
C MET C 453 -13.03 -38.23 -33.82
N THR C 454 -12.52 -38.69 -32.67
CA THR C 454 -11.26 -38.17 -32.16
C THR C 454 -10.11 -38.52 -33.09
N ILE C 455 -10.07 -39.76 -33.57
CA ILE C 455 -9.01 -40.18 -34.48
C ILE C 455 -9.07 -39.38 -35.77
N ALA C 456 -10.28 -39.17 -36.30
CA ALA C 456 -10.41 -38.37 -37.52
C ALA C 456 -10.02 -36.92 -37.27
N LYS C 457 -10.39 -36.37 -36.12
CA LYS C 457 -10.08 -34.98 -35.80
C LYS C 457 -8.58 -34.77 -35.71
N ASN C 458 -7.85 -35.70 -35.08
CA ASN C 458 -6.40 -35.59 -35.05
C ASN C 458 -5.79 -35.66 -36.44
N ALA C 459 -6.50 -36.27 -37.40
CA ALA C 459 -6.01 -36.36 -38.77
C ALA C 459 -6.32 -35.11 -39.60
N GLY C 460 -7.02 -34.13 -39.02
CA GLY C 460 -7.32 -32.92 -39.74
C GLY C 460 -8.55 -32.95 -40.61
N VAL C 461 -9.43 -33.94 -40.41
CA VAL C 461 -10.66 -34.03 -41.19
C VAL C 461 -11.85 -33.91 -40.25
N GLU C 462 -13.06 -33.93 -40.80
CA GLU C 462 -14.28 -33.81 -40.02
C GLU C 462 -14.68 -35.19 -39.52
N GLY C 463 -14.70 -35.36 -38.20
CA GLY C 463 -15.01 -36.66 -37.62
C GLY C 463 -16.44 -37.11 -37.85
N SER C 464 -17.39 -36.17 -37.85
CA SER C 464 -18.80 -36.53 -37.99
C SER C 464 -19.07 -37.19 -39.33
N LEU C 465 -18.55 -36.60 -40.42
CA LEU C 465 -18.77 -37.17 -41.74
C LEU C 465 -18.08 -38.52 -41.87
N ILE C 466 -16.88 -38.67 -41.31
CA ILE C 466 -16.17 -39.94 -41.37
C ILE C 466 -16.96 -41.02 -40.65
N VAL C 467 -17.49 -40.70 -39.46
CA VAL C 467 -18.26 -41.66 -38.69
C VAL C 467 -19.55 -42.02 -39.43
N GLU C 468 -20.22 -41.03 -40.01
CA GLU C 468 -21.45 -41.31 -40.74
C GLU C 468 -21.19 -42.21 -41.94
N LYS C 469 -20.11 -41.96 -42.68
CA LYS C 469 -19.80 -42.80 -43.83
C LYS C 469 -19.36 -44.19 -43.40
N ILE C 470 -18.69 -44.30 -42.25
CA ILE C 470 -18.32 -45.63 -41.72
C ILE C 470 -19.58 -46.41 -41.39
N MET C 471 -20.54 -45.77 -40.72
CA MET C 471 -21.76 -46.46 -40.32
C MET C 471 -22.60 -46.82 -41.54
N GLN C 472 -22.61 -45.96 -42.56
CA GLN C 472 -23.36 -46.26 -43.79
C GLN C 472 -22.66 -47.35 -44.60
N SER C 473 -21.37 -47.56 -44.38
CA SER C 473 -20.62 -48.52 -45.17
C SER C 473 -20.85 -49.94 -44.67
N SER C 474 -20.12 -50.89 -45.27
CA SER C 474 -20.21 -52.27 -44.86
C SER C 474 -19.47 -52.49 -43.54
N SER C 475 -19.72 -53.65 -42.93
CA SER C 475 -19.16 -53.94 -41.62
C SER C 475 -17.64 -54.05 -41.67
N GLU C 476 -17.11 -54.55 -42.79
CA GLU C 476 -15.66 -54.77 -42.88
C GLU C 476 -14.93 -53.48 -43.21
N VAL C 477 -15.64 -52.47 -43.68
CA VAL C 477 -15.02 -51.24 -44.17
C VAL C 477 -14.81 -50.27 -43.02
N GLY C 478 -13.60 -49.73 -42.91
CA GLY C 478 -13.29 -48.69 -41.95
C GLY C 478 -12.51 -47.56 -42.57
N TYR C 479 -12.06 -46.60 -41.76
CA TYR C 479 -11.34 -45.43 -42.23
C TYR C 479 -9.89 -45.51 -41.80
N ASP C 480 -8.98 -45.46 -42.77
CA ASP C 480 -7.54 -45.38 -42.52
C ASP C 480 -7.16 -43.90 -42.47
N ALA C 481 -6.75 -43.44 -41.29
CA ALA C 481 -6.39 -42.03 -41.12
C ALA C 481 -5.03 -41.72 -41.72
N MET C 482 -4.08 -42.66 -41.61
CA MET C 482 -2.76 -42.44 -42.18
C MET C 482 -2.84 -42.31 -43.70
N ALA C 483 -3.56 -43.21 -44.36
CA ALA C 483 -3.83 -43.08 -45.78
C ALA C 483 -4.97 -42.12 -46.06
N GLY C 484 -5.81 -41.84 -45.09
CA GLY C 484 -6.94 -40.93 -45.27
C GLY C 484 -7.98 -41.40 -46.25
N ASP C 485 -8.36 -42.68 -46.19
CA ASP C 485 -9.34 -43.20 -47.12
C ASP C 485 -10.05 -44.40 -46.50
N PHE C 486 -11.19 -44.76 -47.08
CA PHE C 486 -11.99 -45.86 -46.58
C PHE C 486 -11.50 -47.16 -47.21
N VAL C 487 -11.09 -48.11 -46.37
CA VAL C 487 -10.47 -49.35 -46.81
C VAL C 487 -11.09 -50.52 -46.05
N ASN C 488 -10.57 -51.71 -46.32
CA ASN C 488 -10.91 -52.91 -45.55
C ASN C 488 -9.84 -53.10 -44.49
N MET C 489 -10.24 -53.00 -43.22
CA MET C 489 -9.26 -52.83 -42.16
C MET C 489 -8.51 -54.12 -41.85
N VAL C 490 -9.20 -55.26 -41.95
CA VAL C 490 -8.53 -56.54 -41.70
C VAL C 490 -7.43 -56.77 -42.72
N GLU C 491 -7.71 -56.49 -44.00
CA GLU C 491 -6.69 -56.63 -45.02
C GLU C 491 -5.55 -55.62 -44.81
N LYS C 492 -5.90 -54.37 -44.48
CA LYS C 492 -4.87 -53.36 -44.27
C LYS C 492 -4.13 -53.57 -42.96
N GLY C 493 -4.70 -54.32 -42.04
CA GLY C 493 -4.06 -54.60 -40.77
C GLY C 493 -4.40 -53.65 -39.64
N ILE C 494 -5.45 -52.85 -39.78
CA ILE C 494 -5.87 -51.92 -38.73
C ILE C 494 -6.79 -52.71 -37.81
N ILE C 495 -6.21 -53.36 -36.81
CA ILE C 495 -6.94 -54.20 -35.88
C ILE C 495 -6.50 -53.87 -34.46
N ASP C 496 -7.38 -54.15 -33.50
CA ASP C 496 -7.14 -53.89 -32.09
C ASP C 496 -7.47 -55.12 -31.26
N PRO C 497 -6.78 -55.32 -30.13
CA PRO C 497 -7.22 -56.35 -29.18
C PRO C 497 -8.58 -55.99 -28.61
N THR C 498 -9.46 -56.99 -28.49
CA THR C 498 -10.78 -56.73 -27.95
C THR C 498 -10.74 -56.47 -26.45
N LYS C 499 -9.73 -57.04 -25.76
CA LYS C 499 -9.61 -56.81 -24.32
C LYS C 499 -9.34 -55.33 -24.02
N VAL C 500 -8.50 -54.69 -24.83
CA VAL C 500 -8.14 -53.29 -24.59
C VAL C 500 -9.37 -52.40 -24.68
N VAL C 501 -10.11 -52.53 -25.78
CA VAL C 501 -11.29 -51.68 -25.97
C VAL C 501 -12.36 -52.01 -24.93
N ARG C 502 -12.51 -53.30 -24.61
CA ARG C 502 -13.50 -53.71 -23.62
C ARG C 502 -13.22 -53.07 -22.26
N THR C 503 -11.97 -53.18 -21.79
CA THR C 503 -11.65 -52.64 -20.47
C THR C 503 -11.65 -51.12 -20.47
N ALA C 504 -11.22 -50.49 -21.57
CA ALA C 504 -11.28 -49.03 -21.63
C ALA C 504 -12.72 -48.55 -21.52
N LEU C 505 -13.62 -49.14 -22.30
CA LEU C 505 -15.03 -48.76 -22.23
C LEU C 505 -15.59 -49.01 -20.84
N LEU C 506 -15.30 -50.17 -20.25
CA LEU C 506 -15.86 -50.51 -18.95
C LEU C 506 -15.40 -49.53 -17.87
N ASP C 507 -14.09 -49.28 -17.80
CA ASP C 507 -13.55 -48.38 -16.78
C ASP C 507 -14.08 -46.96 -16.95
N ALA C 508 -14.02 -46.44 -18.19
CA ALA C 508 -14.48 -45.09 -18.44
C ALA C 508 -15.95 -44.95 -18.07
N ALA C 509 -16.78 -45.89 -18.53
CA ALA C 509 -18.20 -45.82 -18.27
C ALA C 509 -18.51 -45.87 -16.78
N GLY C 510 -17.89 -46.81 -16.06
CA GLY C 510 -18.15 -46.93 -14.65
C GLY C 510 -17.81 -45.66 -13.89
N VAL C 511 -16.58 -45.15 -14.09
CA VAL C 511 -16.15 -44.00 -13.31
C VAL C 511 -16.97 -42.77 -13.69
N ALA C 512 -17.19 -42.55 -14.98
CA ALA C 512 -17.94 -41.36 -15.39
C ALA C 512 -19.39 -41.42 -14.92
N SER C 513 -20.02 -42.60 -15.00
CA SER C 513 -21.39 -42.72 -14.53
C SER C 513 -21.48 -42.49 -13.03
N LEU C 514 -20.50 -42.97 -12.27
CA LEU C 514 -20.47 -42.65 -10.84
C LEU C 514 -20.31 -41.14 -10.63
N LEU C 515 -19.51 -40.50 -11.48
CA LEU C 515 -19.30 -39.06 -11.35
C LEU C 515 -20.60 -38.28 -11.59
N THR C 516 -21.39 -38.70 -12.58
CA THR C 516 -22.56 -37.91 -12.97
C THR C 516 -23.63 -37.89 -11.89
N THR C 517 -23.53 -38.76 -10.89
CA THR C 517 -24.50 -38.75 -9.79
C THR C 517 -24.25 -37.65 -8.77
N ALA C 518 -23.34 -36.73 -9.05
CA ALA C 518 -22.93 -35.73 -8.06
C ALA C 518 -24.01 -34.67 -7.87
N GLU C 519 -24.14 -34.20 -6.62
CA GLU C 519 -24.93 -33.03 -6.30
C GLU C 519 -24.21 -32.04 -5.40
N VAL C 520 -23.32 -32.50 -4.54
CA VAL C 520 -22.59 -31.67 -3.59
C VAL C 520 -21.12 -32.04 -3.65
N VAL C 521 -20.25 -31.05 -3.61
CA VAL C 521 -18.80 -31.28 -3.61
C VAL C 521 -18.19 -30.56 -2.42
N VAL C 522 -17.43 -31.28 -1.61
CA VAL C 522 -16.77 -30.75 -0.42
C VAL C 522 -15.27 -30.79 -0.65
N THR C 523 -14.61 -29.65 -0.53
CA THR C 523 -13.18 -29.54 -0.75
C THR C 523 -12.53 -28.85 0.43
N GLU C 524 -11.21 -28.97 0.53
CA GLU C 524 -10.47 -28.27 1.56
C GLU C 524 -10.26 -26.81 1.17
N ILE C 525 -10.16 -25.95 2.18
CA ILE C 525 -9.93 -24.52 1.93
C ILE C 525 -8.49 -24.33 1.46
N PRO C 526 -8.26 -23.60 0.37
CA PRO C 526 -6.89 -23.45 -0.14
C PRO C 526 -6.03 -22.54 0.73
N LYS C 527 -5.53 -23.07 1.83
CA LYS C 527 -4.67 -22.32 2.73
C LYS C 527 -3.30 -22.06 2.12
N GLY D 1 -7.18 -19.21 28.60
CA GLY D 1 -5.95 -18.52 28.26
C GLY D 1 -6.08 -17.66 27.01
N SER D 2 -6.40 -18.28 25.89
CA SER D 2 -6.54 -17.57 24.64
C SER D 2 -7.75 -16.63 24.69
N ALA D 3 -7.67 -15.53 23.93
CA ALA D 3 -8.75 -14.56 23.90
C ALA D 3 -10.02 -15.20 23.35
N LYS D 4 -11.16 -14.81 23.91
CA LYS D 4 -12.44 -15.38 23.55
C LYS D 4 -13.37 -14.31 23.01
N ASP D 5 -14.21 -14.70 22.06
CA ASP D 5 -15.28 -13.86 21.54
C ASP D 5 -16.61 -14.40 22.05
N VAL D 6 -17.43 -13.51 22.60
CA VAL D 6 -18.67 -13.87 23.26
C VAL D 6 -19.82 -13.23 22.48
N LYS D 7 -20.80 -14.04 22.10
CA LYS D 7 -21.97 -13.56 21.37
C LYS D 7 -23.24 -13.90 22.14
N PHE D 8 -24.20 -12.98 22.12
CA PHE D 8 -25.39 -13.05 22.95
C PHE D 8 -26.63 -13.13 22.07
N GLY D 9 -27.67 -13.77 22.60
CA GLY D 9 -29.00 -13.68 22.03
C GLY D 9 -29.20 -14.32 20.67
N ALA D 10 -30.03 -13.69 19.84
CA ALA D 10 -30.47 -14.30 18.59
C ALA D 10 -29.41 -14.27 17.50
N ASP D 11 -28.36 -13.45 17.65
CA ASP D 11 -27.31 -13.42 16.63
C ASP D 11 -26.52 -14.72 16.60
N ALA D 12 -26.09 -15.18 17.79
CA ALA D 12 -25.38 -16.46 17.86
C ALA D 12 -26.28 -17.60 17.44
N ARG D 13 -27.55 -17.55 17.81
CA ARG D 13 -28.50 -18.58 17.39
C ARG D 13 -28.63 -18.59 15.87
N ALA D 14 -28.69 -17.42 15.25
CA ALA D 14 -28.79 -17.35 13.79
C ALA D 14 -27.54 -17.91 13.13
N LEU D 15 -26.37 -17.60 13.67
CA LEU D 15 -25.13 -18.12 13.08
C LEU D 15 -25.06 -19.65 13.20
N MET D 16 -25.38 -20.18 14.39
CA MET D 16 -25.37 -21.63 14.56
C MET D 16 -26.43 -22.30 13.68
N LEU D 17 -27.58 -21.66 13.52
CA LEU D 17 -28.60 -22.19 12.63
C LEU D 17 -28.14 -22.18 11.18
N GLN D 18 -27.37 -21.16 10.78
CA GLN D 18 -26.81 -21.15 9.44
C GLN D 18 -25.84 -22.32 9.24
N GLY D 19 -24.99 -22.58 10.23
CA GLY D 19 -24.09 -23.72 10.12
C GLY D 19 -24.83 -25.04 10.05
N VAL D 20 -25.84 -25.20 10.92
CA VAL D 20 -26.65 -26.42 10.93
C VAL D 20 -27.36 -26.58 9.59
N ASP D 21 -27.91 -25.49 9.06
CA ASP D 21 -28.62 -25.55 7.78
C ASP D 21 -27.67 -25.93 6.66
N LEU D 22 -26.45 -25.40 6.65
CA LEU D 22 -25.49 -25.77 5.62
C LEU D 22 -25.18 -27.25 5.67
N LEU D 23 -24.84 -27.76 6.86
CA LEU D 23 -24.49 -29.18 6.97
C LEU D 23 -25.68 -30.06 6.60
N ALA D 24 -26.87 -29.72 7.08
CA ALA D 24 -28.04 -30.55 6.81
C ALA D 24 -28.47 -30.47 5.35
N ASP D 25 -28.30 -29.32 4.70
CA ASP D 25 -28.60 -29.23 3.28
C ASP D 25 -27.62 -30.06 2.46
N ALA D 26 -26.35 -30.09 2.87
CA ALA D 26 -25.40 -30.97 2.20
C ALA D 26 -25.77 -32.44 2.40
N VAL D 27 -26.20 -32.80 3.61
CA VAL D 27 -26.49 -34.21 3.91
C VAL D 27 -27.78 -34.66 3.23
N ALA D 28 -28.81 -33.81 3.22
CA ALA D 28 -30.16 -34.24 2.86
C ALA D 28 -30.34 -34.51 1.37
N VAL D 29 -29.38 -34.12 0.52
CA VAL D 29 -29.49 -34.42 -0.90
C VAL D 29 -29.27 -35.89 -1.20
N THR D 30 -28.91 -36.69 -0.19
CA THR D 30 -28.62 -38.11 -0.36
C THR D 30 -29.66 -39.00 0.31
N MET D 31 -30.86 -38.48 0.57
CA MET D 31 -31.88 -39.21 1.32
C MET D 31 -32.94 -39.76 0.39
N GLY D 32 -33.28 -41.03 0.58
CA GLY D 32 -34.32 -41.67 -0.19
C GLY D 32 -33.78 -42.41 -1.39
N PRO D 33 -34.67 -43.07 -2.13
CA PRO D 33 -34.22 -43.81 -3.32
C PRO D 33 -33.72 -42.89 -4.42
N LYS D 34 -34.38 -41.76 -4.64
CA LYS D 34 -33.93 -40.78 -5.64
C LYS D 34 -33.01 -39.73 -5.04
N GLY D 35 -31.97 -40.15 -4.34
CA GLY D 35 -30.99 -39.25 -3.76
C GLY D 35 -29.69 -39.32 -4.52
N ARG D 36 -29.02 -38.17 -4.62
CA ARG D 36 -27.76 -38.07 -5.32
C ARG D 36 -26.60 -38.37 -4.37
N THR D 37 -25.38 -38.29 -4.87
CA THR D 37 -24.19 -38.57 -4.10
C THR D 37 -23.39 -37.28 -3.88
N VAL D 38 -22.39 -37.39 -3.01
CA VAL D 38 -21.52 -36.28 -2.63
C VAL D 38 -20.08 -36.72 -2.83
N ILE D 39 -19.30 -35.86 -3.50
CA ILE D 39 -17.87 -36.08 -3.66
C ILE D 39 -17.13 -35.27 -2.61
N ILE D 40 -16.30 -35.95 -1.82
CA ILE D 40 -15.47 -35.33 -0.80
C ILE D 40 -14.02 -35.49 -1.25
N GLU D 41 -13.30 -34.37 -1.35
CA GLU D 41 -11.90 -34.44 -1.74
C GLU D 41 -11.08 -35.10 -0.65
N GLN D 42 -10.26 -36.07 -1.06
CA GLN D 42 -9.35 -36.76 -0.15
C GLN D 42 -7.97 -36.17 -0.29
N SER D 43 -7.32 -35.90 0.85
CA SER D 43 -6.03 -35.21 0.83
C SER D 43 -4.96 -36.04 0.16
N TRP D 44 -4.96 -37.35 0.38
CA TRP D 44 -3.85 -38.20 -0.05
C TRP D 44 -4.07 -38.88 -1.39
N GLY D 45 -5.29 -38.90 -1.91
CA GLY D 45 -5.54 -39.62 -3.14
C GLY D 45 -6.78 -39.17 -3.86
N SER D 46 -7.41 -40.13 -4.53
CA SER D 46 -8.59 -39.85 -5.34
C SER D 46 -9.75 -39.44 -4.43
N PRO D 47 -10.66 -38.60 -4.91
CA PRO D 47 -11.82 -38.21 -4.09
C PRO D 47 -12.73 -39.39 -3.80
N LYS D 48 -13.58 -39.21 -2.80
CA LYS D 48 -14.49 -40.26 -2.34
C LYS D 48 -15.92 -39.86 -2.68
N VAL D 49 -16.64 -40.73 -3.36
CA VAL D 49 -18.05 -40.50 -3.68
C VAL D 49 -18.90 -41.34 -2.75
N THR D 50 -19.81 -40.69 -2.03
CA THR D 50 -20.57 -41.39 -1.00
C THR D 50 -22.02 -40.89 -0.99
N LYS D 51 -22.92 -41.79 -0.61
CA LYS D 51 -24.31 -41.45 -0.33
C LYS D 51 -24.65 -41.58 1.14
N ASP D 52 -23.64 -41.69 2.00
CA ASP D 52 -23.86 -41.90 3.42
C ASP D 52 -24.00 -40.57 4.16
N GLY D 53 -25.00 -40.49 5.03
CA GLY D 53 -25.22 -39.25 5.76
C GLY D 53 -24.09 -38.93 6.72
N VAL D 54 -23.63 -39.92 7.49
CA VAL D 54 -22.61 -39.67 8.49
C VAL D 54 -21.26 -39.35 7.83
N THR D 55 -20.97 -40.01 6.70
CA THR D 55 -19.73 -39.73 5.99
C THR D 55 -19.70 -38.32 5.45
N VAL D 56 -20.82 -37.83 4.91
CA VAL D 56 -20.89 -36.45 4.44
C VAL D 56 -20.83 -35.48 5.60
N ALA D 57 -21.52 -35.79 6.70
CA ALA D 57 -21.55 -34.89 7.84
C ALA D 57 -20.18 -34.72 8.48
N LYS D 58 -19.47 -35.83 8.69
CA LYS D 58 -18.17 -35.80 9.35
C LYS D 58 -17.09 -35.11 8.52
N SER D 59 -17.34 -34.90 7.23
CA SER D 59 -16.36 -34.30 6.33
C SER D 59 -16.54 -32.81 6.14
N ILE D 60 -17.49 -32.20 6.83
CA ILE D 60 -17.79 -30.78 6.67
C ILE D 60 -17.35 -30.05 7.93
N ASP D 61 -16.36 -29.17 7.79
CA ASP D 61 -15.89 -28.32 8.87
C ASP D 61 -15.86 -26.89 8.37
N LEU D 62 -16.45 -25.97 9.13
CA LEU D 62 -16.63 -24.60 8.69
C LEU D 62 -15.62 -23.67 9.36
N LYS D 63 -15.27 -22.61 8.65
CA LYS D 63 -14.31 -21.65 9.18
C LYS D 63 -14.92 -20.80 10.29
N ASP D 64 -16.14 -20.33 10.09
CA ASP D 64 -16.81 -19.52 11.11
C ASP D 64 -17.03 -20.35 12.37
N LYS D 65 -16.70 -19.77 13.52
CA LYS D 65 -16.69 -20.52 14.77
C LYS D 65 -18.09 -20.97 15.17
N TYR D 66 -19.09 -20.09 15.04
CA TYR D 66 -20.44 -20.44 15.48
C TYR D 66 -21.11 -21.41 14.51
N LYS D 67 -20.94 -21.17 13.20
CA LYS D 67 -21.41 -22.14 12.21
C LYS D 67 -20.72 -23.48 12.41
N ASN D 68 -19.43 -23.46 12.76
CA ASN D 68 -18.73 -24.71 13.04
C ASN D 68 -19.26 -25.38 14.29
N ILE D 69 -19.70 -24.61 15.30
CA ILE D 69 -20.29 -25.21 16.48
C ILE D 69 -21.58 -25.94 16.13
N GLY D 70 -22.44 -25.28 15.33
CA GLY D 70 -23.65 -25.94 14.88
C GLY D 70 -23.37 -27.17 14.05
N ALA D 71 -22.40 -27.08 13.14
CA ALA D 71 -22.02 -28.22 12.32
C ALA D 71 -21.49 -29.37 13.17
N LYS D 72 -20.71 -29.04 14.21
CA LYS D 72 -20.19 -30.07 15.09
C LYS D 72 -21.30 -30.76 15.86
N LEU D 73 -22.31 -30.02 16.28
CA LEU D 73 -23.45 -30.64 16.96
C LEU D 73 -24.20 -31.58 16.02
N VAL D 74 -24.41 -31.16 14.77
CA VAL D 74 -25.08 -32.05 13.82
C VAL D 74 -24.21 -33.27 13.52
N GLN D 75 -22.88 -33.09 13.48
CA GLN D 75 -21.98 -34.21 13.31
C GLN D 75 -22.09 -35.18 14.49
N ASP D 76 -22.25 -34.65 15.71
CA ASP D 76 -22.48 -35.50 16.86
C ASP D 76 -23.76 -36.32 16.70
N VAL D 77 -24.82 -35.67 16.22
CA VAL D 77 -26.07 -36.39 15.96
C VAL D 77 -25.83 -37.55 15.00
N ALA D 78 -25.19 -37.25 13.86
CA ALA D 78 -24.97 -38.26 12.84
C ALA D 78 -24.09 -39.39 13.34
N ASN D 79 -23.02 -39.05 14.08
CA ASN D 79 -22.10 -40.06 14.57
C ASN D 79 -22.75 -40.96 15.62
N ASN D 80 -23.54 -40.38 16.53
CA ASN D 80 -24.26 -41.20 17.50
C ASN D 80 -25.24 -42.13 16.82
N THR D 81 -25.97 -41.63 15.81
CA THR D 81 -26.90 -42.48 15.09
C THR D 81 -26.18 -43.60 14.36
N ASN D 82 -25.02 -43.29 13.76
CA ASN D 82 -24.24 -44.31 13.08
C ASN D 82 -23.70 -45.36 14.04
N GLU D 83 -23.25 -44.94 15.22
CA GLU D 83 -22.67 -45.87 16.17
C GLU D 83 -23.71 -46.77 16.82
N GLU D 84 -24.87 -46.23 17.21
CA GLU D 84 -25.88 -47.01 17.90
C GLU D 84 -26.79 -47.80 16.97
N ALA D 85 -26.81 -47.50 15.67
CA ALA D 85 -27.67 -48.25 14.76
C ALA D 85 -26.93 -48.79 13.55
N GLY D 86 -26.02 -48.00 12.99
CA GLY D 86 -25.35 -48.31 11.75
C GLY D 86 -26.04 -47.78 10.52
N ASP D 87 -27.27 -47.27 10.67
CA ASP D 87 -28.06 -46.74 9.57
C ASP D 87 -28.98 -45.66 10.11
N GLY D 88 -29.54 -44.87 9.20
CA GLY D 88 -30.44 -43.80 9.56
C GLY D 88 -29.80 -42.48 9.89
N THR D 89 -28.56 -42.24 9.44
CA THR D 89 -27.85 -41.02 9.80
C THR D 89 -28.46 -39.80 9.11
N THR D 90 -28.87 -39.94 7.85
CA THR D 90 -29.48 -38.81 7.14
C THR D 90 -30.81 -38.41 7.77
N THR D 91 -31.61 -39.40 8.16
CA THR D 91 -32.88 -39.10 8.84
C THR D 91 -32.63 -38.38 10.15
N ALA D 92 -31.65 -38.84 10.92
CA ALA D 92 -31.31 -38.16 12.16
C ALA D 92 -30.83 -36.73 11.91
N THR D 93 -30.04 -36.53 10.86
CA THR D 93 -29.55 -35.19 10.55
C THR D 93 -30.70 -34.25 10.20
N VAL D 94 -31.62 -34.69 9.36
CA VAL D 94 -32.72 -33.82 8.96
C VAL D 94 -33.66 -33.56 10.14
N LEU D 95 -33.90 -34.59 10.96
CA LEU D 95 -34.73 -34.39 12.15
C LEU D 95 -34.09 -33.41 13.12
N ALA D 96 -32.78 -33.53 13.33
CA ALA D 96 -32.08 -32.60 14.22
C ALA D 96 -32.15 -31.18 13.69
N ARG D 97 -31.93 -31.00 12.38
CA ARG D 97 -32.02 -29.67 11.81
C ARG D 97 -33.41 -29.08 11.99
N SER D 98 -34.45 -29.88 11.74
CA SER D 98 -35.81 -29.38 11.88
C SER D 98 -36.11 -28.99 13.33
N ILE D 99 -35.73 -29.85 14.28
CA ILE D 99 -36.01 -29.55 15.68
C ILE D 99 -35.25 -28.30 16.13
N ALA D 100 -33.99 -28.17 15.70
CA ALA D 100 -33.21 -26.98 16.05
C ALA D 100 -33.85 -25.73 15.47
N LYS D 101 -34.30 -25.78 14.22
CA LYS D 101 -34.91 -24.61 13.60
C LYS D 101 -36.20 -24.20 14.31
N GLU D 102 -37.09 -25.17 14.57
CA GLU D 102 -38.34 -24.84 15.24
C GLU D 102 -38.09 -24.34 16.66
N GLY D 103 -37.12 -24.93 17.37
CA GLY D 103 -36.81 -24.45 18.70
C GLY D 103 -36.24 -23.05 18.71
N PHE D 104 -35.38 -22.75 17.73
CA PHE D 104 -34.81 -21.41 17.63
C PHE D 104 -35.89 -20.37 17.31
N GLU D 105 -36.80 -20.70 16.41
CA GLU D 105 -37.82 -19.73 16.00
C GLU D 105 -38.89 -19.48 17.06
N LYS D 106 -38.98 -20.32 18.09
CA LYS D 106 -40.01 -20.20 19.11
C LYS D 106 -39.48 -19.63 20.42
N ILE D 107 -38.30 -19.01 20.42
CA ILE D 107 -37.70 -18.47 21.63
C ILE D 107 -38.09 -17.00 21.76
N SER D 108 -38.68 -16.65 22.90
CA SER D 108 -39.09 -15.29 23.20
C SER D 108 -38.54 -14.90 24.58
N LYS D 109 -38.88 -13.69 25.01
CA LYS D 109 -38.44 -13.23 26.33
C LYS D 109 -39.07 -14.04 27.45
N GLY D 110 -40.36 -14.36 27.33
CA GLY D 110 -41.05 -15.12 28.34
C GLY D 110 -41.00 -16.62 28.19
N ALA D 111 -40.54 -17.11 27.04
CA ALA D 111 -40.45 -18.55 26.81
C ALA D 111 -39.33 -19.16 27.66
N ASN D 112 -39.53 -20.41 28.06
CA ASN D 112 -38.55 -21.15 28.83
C ASN D 112 -38.05 -22.33 28.01
N PRO D 113 -36.88 -22.23 27.37
CA PRO D 113 -36.42 -23.33 26.51
C PRO D 113 -36.15 -24.63 27.25
N VAL D 114 -35.91 -24.59 28.56
CA VAL D 114 -35.70 -25.82 29.30
C VAL D 114 -37.00 -26.63 29.38
N GLU D 115 -38.12 -25.97 29.65
CA GLU D 115 -39.40 -26.67 29.67
C GLU D 115 -39.81 -27.10 28.26
N ILE D 116 -39.43 -26.32 27.25
CA ILE D 116 -39.65 -26.74 25.87
C ILE D 116 -38.89 -28.03 25.59
N ARG D 117 -37.64 -28.11 26.05
CA ARG D 117 -36.87 -29.34 25.91
C ARG D 117 -37.52 -30.49 26.65
N ARG D 118 -38.05 -30.24 27.84
CA ARG D 118 -38.74 -31.28 28.58
C ARG D 118 -39.95 -31.80 27.81
N GLY D 119 -40.74 -30.89 27.24
CA GLY D 119 -41.87 -31.30 26.44
C GLY D 119 -41.45 -32.07 25.20
N VAL D 120 -40.31 -31.68 24.61
CA VAL D 120 -39.77 -32.41 23.46
C VAL D 120 -39.43 -33.84 23.86
N MET D 121 -38.79 -34.02 25.02
CA MET D 121 -38.46 -35.36 25.48
C MET D 121 -39.72 -36.19 25.74
N LEU D 122 -40.73 -35.58 26.36
CA LEU D 122 -41.99 -36.31 26.57
C LEU D 122 -42.62 -36.73 25.24
N ALA D 123 -42.66 -35.82 24.27
CA ALA D 123 -43.24 -36.16 22.97
C ALA D 123 -42.46 -37.27 22.28
N VAL D 124 -41.13 -37.23 22.38
CA VAL D 124 -40.30 -38.24 21.74
C VAL D 124 -40.50 -39.60 22.42
N ASP D 125 -40.63 -39.60 23.75
CA ASP D 125 -40.94 -40.85 24.44
C ASP D 125 -42.27 -41.43 23.99
N ALA D 126 -43.29 -40.56 23.84
CA ALA D 126 -44.57 -41.03 23.35
C ALA D 126 -44.47 -41.61 21.93
N VAL D 127 -43.71 -40.94 21.07
CA VAL D 127 -43.56 -41.41 19.70
C VAL D 127 -42.82 -42.74 19.66
N ILE D 128 -41.81 -42.90 20.53
CA ILE D 128 -41.06 -44.16 20.60
C ILE D 128 -41.98 -45.28 21.08
N ALA D 129 -42.83 -45.00 22.07
CA ALA D 129 -43.79 -45.99 22.52
C ALA D 129 -44.74 -46.39 21.40
N GLU D 130 -45.20 -45.41 20.61
CA GLU D 130 -46.08 -45.73 19.49
C GLU D 130 -45.36 -46.58 18.44
N LEU D 131 -44.09 -46.26 18.16
CA LEU D 131 -43.32 -47.05 17.20
C LEU D 131 -43.15 -48.48 17.67
N LYS D 132 -42.86 -48.66 18.97
CA LYS D 132 -42.78 -50.02 19.50
C LYS D 132 -44.13 -50.73 19.42
N LYS D 133 -45.22 -49.98 19.58
CA LYS D 133 -46.54 -50.59 19.45
C LYS D 133 -46.84 -50.99 18.00
N GLN D 134 -46.26 -50.29 17.03
CA GLN D 134 -46.55 -50.54 15.63
C GLN D 134 -45.59 -51.51 14.96
N SER D 135 -44.63 -52.07 15.70
CA SER D 135 -43.63 -52.94 15.11
C SER D 135 -44.19 -54.35 14.89
N LYS D 136 -43.59 -55.07 13.95
CA LYS D 136 -43.92 -56.47 13.68
C LYS D 136 -42.60 -57.22 13.47
N PRO D 137 -42.42 -58.38 14.10
CA PRO D 137 -41.15 -59.08 13.98
C PRO D 137 -40.94 -59.67 12.59
N VAL D 138 -39.67 -59.93 12.28
CA VAL D 138 -39.28 -60.56 11.01
C VAL D 138 -39.49 -62.06 11.17
N THR D 139 -40.31 -62.65 10.30
CA THR D 139 -40.61 -64.07 10.37
C THR D 139 -40.18 -64.84 9.13
N THR D 140 -39.95 -64.17 8.00
CA THR D 140 -39.61 -64.83 6.76
C THR D 140 -38.32 -64.26 6.19
N PRO D 141 -37.52 -65.07 5.49
CA PRO D 141 -36.31 -64.53 4.84
C PRO D 141 -36.61 -63.51 3.76
N GLU D 142 -37.81 -63.53 3.17
CA GLU D 142 -38.17 -62.53 2.18
C GLU D 142 -38.21 -61.14 2.80
N GLU D 143 -38.63 -61.05 4.07
CA GLU D 143 -38.57 -59.76 4.77
C GLU D 143 -37.13 -59.29 4.93
N ILE D 144 -36.22 -60.22 5.22
CA ILE D 144 -34.80 -59.86 5.32
C ILE D 144 -34.30 -59.34 3.98
N ALA D 145 -34.69 -60.01 2.89
CA ALA D 145 -34.28 -59.54 1.56
C ALA D 145 -34.84 -58.16 1.27
N GLN D 146 -36.11 -57.92 1.62
CA GLN D 146 -36.71 -56.62 1.40
C GLN D 146 -36.01 -55.53 2.19
N VAL D 147 -35.68 -55.81 3.46
CA VAL D 147 -35.00 -54.83 4.29
C VAL D 147 -33.62 -54.52 3.73
N ALA D 148 -32.87 -55.55 3.34
CA ALA D 148 -31.54 -55.33 2.77
C ALA D 148 -31.62 -54.55 1.47
N THR D 149 -32.59 -54.86 0.62
CA THR D 149 -32.75 -54.14 -0.65
C THR D 149 -33.09 -52.68 -0.39
N ILE D 150 -34.00 -52.41 0.55
CA ILE D 150 -34.39 -51.03 0.85
C ILE D 150 -33.20 -50.26 1.40
N SER D 151 -32.44 -50.87 2.30
CA SER D 151 -31.29 -50.19 2.89
C SER D 151 -30.09 -50.12 1.96
N ALA D 152 -30.09 -50.86 0.85
CA ALA D 152 -29.03 -50.81 -0.13
C ALA D 152 -29.40 -50.00 -1.35
N ASN D 153 -30.27 -49.00 -1.17
CA ASN D 153 -30.73 -48.12 -2.26
C ASN D 153 -31.39 -48.93 -3.37
N GLY D 154 -32.25 -49.87 -2.97
CA GLY D 154 -33.01 -50.64 -3.94
C GLY D 154 -32.19 -51.52 -4.83
N ASP D 155 -31.15 -52.17 -4.30
CA ASP D 155 -30.32 -53.09 -5.07
C ASP D 155 -30.77 -54.51 -4.76
N LYS D 156 -31.34 -55.19 -5.77
CA LYS D 156 -31.85 -56.53 -5.57
C LYS D 156 -30.73 -57.52 -5.26
N GLU D 157 -29.60 -57.39 -5.96
CA GLU D 157 -28.52 -58.36 -5.80
C GLU D 157 -27.91 -58.30 -4.40
N ILE D 158 -27.78 -57.10 -3.82
CA ILE D 158 -27.24 -56.99 -2.47
C ILE D 158 -28.16 -57.69 -1.47
N GLY D 159 -29.47 -57.46 -1.60
CA GLY D 159 -30.42 -58.12 -0.72
C GLY D 159 -30.40 -59.63 -0.89
N ASN D 160 -30.29 -60.10 -2.13
CA ASN D 160 -30.21 -61.54 -2.36
C ASN D 160 -28.96 -62.13 -1.73
N ILE D 161 -27.83 -61.45 -1.87
CA ILE D 161 -26.57 -61.94 -1.29
C ILE D 161 -26.67 -61.99 0.22
N ILE D 162 -27.24 -60.95 0.83
CA ILE D 162 -27.33 -60.92 2.29
C ILE D 162 -28.30 -61.99 2.79
N SER D 163 -29.39 -62.21 2.05
CA SER D 163 -30.32 -63.28 2.43
C SER D 163 -29.65 -64.64 2.31
N ASP D 164 -28.85 -64.86 1.26
CA ASP D 164 -28.11 -66.11 1.14
C ASP D 164 -27.13 -66.28 2.28
N ALA D 165 -26.44 -65.21 2.67
CA ALA D 165 -25.50 -65.30 3.79
C ALA D 165 -26.22 -65.65 5.08
N MET D 166 -27.37 -65.01 5.34
CA MET D 166 -28.13 -65.32 6.55
C MET D 166 -28.69 -66.74 6.53
N LYS D 167 -29.08 -67.24 5.35
CA LYS D 167 -29.49 -68.64 5.27
C LYS D 167 -28.34 -69.59 5.55
N LYS D 168 -27.15 -69.29 5.02
CA LYS D 168 -26.02 -70.19 5.14
C LYS D 168 -25.44 -70.22 6.55
N VAL D 169 -25.24 -69.04 7.16
CA VAL D 169 -24.56 -68.96 8.44
C VAL D 169 -25.50 -68.68 9.61
N GLY D 170 -26.80 -68.64 9.36
CA GLY D 170 -27.75 -68.34 10.41
C GLY D 170 -28.06 -66.84 10.50
N ARG D 171 -29.14 -66.54 11.22
CA ARG D 171 -29.57 -65.15 11.35
C ARG D 171 -28.58 -64.33 12.18
N LYS D 172 -27.94 -64.97 13.16
CA LYS D 172 -26.98 -64.30 14.03
C LYS D 172 -25.54 -64.62 13.67
N GLY D 173 -25.29 -65.18 12.49
CA GLY D 173 -23.94 -65.55 12.11
C GLY D 173 -23.07 -64.34 11.84
N VAL D 174 -21.75 -64.57 11.87
CA VAL D 174 -20.80 -63.50 11.63
C VAL D 174 -20.66 -63.24 10.14
N ILE D 175 -20.92 -62.00 9.73
CA ILE D 175 -20.85 -61.61 8.33
C ILE D 175 -20.02 -60.34 8.23
N THR D 176 -19.12 -60.30 7.26
CA THR D 176 -18.24 -59.15 7.06
C THR D 176 -18.11 -58.84 5.57
N VAL D 177 -17.68 -57.61 5.28
CA VAL D 177 -17.54 -57.11 3.92
C VAL D 177 -16.07 -56.83 3.66
N LYS D 178 -15.55 -57.34 2.54
CA LYS D 178 -14.17 -57.11 2.14
C LYS D 178 -14.19 -56.80 0.65
N ASP D 179 -13.29 -55.90 0.21
CA ASP D 179 -13.32 -55.48 -1.18
C ASP D 179 -12.93 -56.61 -2.10
N GLY D 180 -13.61 -56.70 -3.25
CA GLY D 180 -13.35 -57.76 -4.19
C GLY D 180 -12.39 -57.36 -5.29
N LYS D 181 -11.74 -58.37 -5.87
CA LYS D 181 -10.83 -58.17 -6.98
C LYS D 181 -11.46 -58.51 -8.33
N THR D 182 -12.77 -58.76 -8.35
CA THR D 182 -13.49 -59.14 -9.55
C THR D 182 -14.59 -58.13 -9.83
N LEU D 183 -15.29 -58.32 -10.96
CA LEU D 183 -16.30 -57.37 -11.40
C LEU D 183 -17.60 -57.49 -10.62
N ASN D 184 -17.89 -58.65 -10.04
CA ASN D 184 -19.17 -58.92 -9.41
C ASN D 184 -19.00 -59.29 -7.95
N ASP D 185 -20.08 -59.13 -7.19
CA ASP D 185 -20.10 -59.50 -5.79
C ASP D 185 -20.18 -61.02 -5.64
N GLU D 186 -19.49 -61.55 -4.63
CA GLU D 186 -19.51 -62.98 -4.38
C GLU D 186 -19.54 -63.24 -2.88
N LEU D 187 -19.95 -64.47 -2.53
CA LEU D 187 -20.14 -64.88 -1.14
C LEU D 187 -19.26 -66.08 -0.85
N GLU D 188 -18.60 -66.06 0.30
CA GLU D 188 -17.78 -67.18 0.74
C GLU D 188 -18.11 -67.53 2.18
N ILE D 189 -17.93 -68.80 2.52
CA ILE D 189 -18.18 -69.28 3.88
C ILE D 189 -16.88 -69.76 4.53
N ALA D 378 -19.50 -65.57 7.28
CA ALA D 378 -19.60 -65.31 5.85
C ALA D 378 -18.79 -64.09 5.46
N VAL D 379 -18.23 -64.10 4.25
CA VAL D 379 -17.42 -63.02 3.73
C VAL D 379 -18.01 -62.58 2.39
N LEU D 380 -18.22 -61.28 2.24
CA LEU D 380 -18.77 -60.69 1.02
C LEU D 380 -17.64 -59.98 0.28
N LYS D 381 -17.48 -60.30 -1.00
CA LYS D 381 -16.55 -59.60 -1.86
C LYS D 381 -17.34 -58.69 -2.80
N VAL D 382 -16.99 -57.41 -2.81
CA VAL D 382 -17.73 -56.39 -3.54
C VAL D 382 -17.09 -56.19 -4.91
N GLY D 383 -17.90 -56.29 -5.96
CA GLY D 383 -17.41 -56.11 -7.31
C GLY D 383 -17.34 -54.63 -7.72
N GLY D 384 -16.67 -54.40 -8.83
CA GLY D 384 -16.53 -53.05 -9.34
C GLY D 384 -15.34 -52.96 -10.28
N THR D 385 -15.14 -51.74 -10.80
CA THR D 385 -14.03 -51.46 -11.70
C THR D 385 -12.95 -50.60 -11.08
N SER D 386 -13.31 -49.56 -10.34
CA SER D 386 -12.35 -48.70 -9.67
C SER D 386 -12.63 -48.68 -8.17
N ASP D 387 -11.74 -48.03 -7.43
CA ASP D 387 -11.83 -48.04 -5.97
C ASP D 387 -13.02 -47.22 -5.49
N VAL D 388 -13.37 -46.15 -6.21
CA VAL D 388 -14.50 -45.31 -5.79
C VAL D 388 -15.80 -46.10 -5.83
N GLU D 389 -16.01 -46.86 -6.91
CA GLU D 389 -17.24 -47.65 -7.03
C GLU D 389 -17.32 -48.72 -5.95
N VAL D 390 -16.23 -49.43 -5.70
CA VAL D 390 -16.25 -50.48 -4.70
C VAL D 390 -16.42 -49.90 -3.31
N ASN D 391 -15.90 -48.69 -3.08
CA ASN D 391 -16.09 -48.05 -1.78
C ASN D 391 -17.55 -47.64 -1.58
N GLU D 392 -18.17 -47.06 -2.60
CA GLU D 392 -19.59 -46.70 -2.50
C GLU D 392 -20.45 -47.95 -2.29
N LYS D 393 -20.19 -49.00 -3.06
CA LYS D 393 -20.94 -50.24 -2.92
C LYS D 393 -20.71 -50.88 -1.57
N LYS D 394 -19.48 -50.81 -1.05
CA LYS D 394 -19.19 -51.35 0.28
C LYS D 394 -19.94 -50.58 1.36
N ASP D 395 -20.01 -49.26 1.23
CA ASP D 395 -20.79 -48.47 2.17
C ASP D 395 -22.26 -48.87 2.14
N ARG D 396 -22.83 -49.04 0.95
CA ARG D 396 -24.22 -49.48 0.87
C ARG D 396 -24.44 -50.89 1.40
N VAL D 397 -23.51 -51.82 1.16
CA VAL D 397 -23.63 -53.17 1.70
C VAL D 397 -23.53 -53.16 3.22
N THR D 398 -22.62 -52.37 3.77
CA THR D 398 -22.51 -52.25 5.22
C THR D 398 -23.79 -51.66 5.81
N ASP D 399 -24.37 -50.66 5.14
CA ASP D 399 -25.64 -50.11 5.60
C ASP D 399 -26.73 -51.18 5.59
N ALA D 400 -26.80 -51.97 4.51
CA ALA D 400 -27.81 -53.01 4.42
C ALA D 400 -27.63 -54.07 5.49
N LEU D 401 -26.39 -54.48 5.76
CA LEU D 401 -26.14 -55.47 6.80
C LEU D 401 -26.49 -54.95 8.18
N ASN D 402 -26.11 -53.70 8.49
CA ASN D 402 -26.48 -53.13 9.79
C ASN D 402 -27.99 -53.02 9.93
N ALA D 403 -28.66 -52.59 8.85
CA ALA D 403 -30.11 -52.43 8.91
C ALA D 403 -30.81 -53.77 9.08
N THR D 404 -30.35 -54.82 8.40
CA THR D 404 -30.99 -56.12 8.56
C THR D 404 -30.67 -56.74 9.91
N ARG D 405 -29.49 -56.46 10.48
CA ARG D 405 -29.21 -56.88 11.84
C ARG D 405 -30.14 -56.20 12.83
N ALA D 406 -30.39 -54.90 12.65
CA ALA D 406 -31.35 -54.22 13.49
C ALA D 406 -32.76 -54.75 13.28
N ALA D 407 -33.11 -55.10 12.04
CA ALA D 407 -34.45 -55.58 11.73
C ALA D 407 -34.70 -56.97 12.29
N VAL D 408 -33.66 -57.78 12.42
CA VAL D 408 -33.81 -59.08 13.06
C VAL D 408 -33.71 -58.96 14.59
N GLU D 409 -32.98 -57.97 15.09
CA GLU D 409 -32.90 -57.75 16.53
C GLU D 409 -34.16 -57.11 17.09
N GLU D 410 -34.97 -56.49 16.26
CA GLU D 410 -36.14 -55.74 16.70
C GLU D 410 -37.25 -55.95 15.68
N GLY D 411 -38.29 -55.11 15.73
CA GLY D 411 -39.41 -55.23 14.84
C GLY D 411 -39.19 -54.53 13.50
N ILE D 412 -40.28 -54.42 12.75
CA ILE D 412 -40.27 -53.81 11.42
C ILE D 412 -41.45 -52.85 11.33
N VAL D 413 -41.19 -51.64 10.81
CA VAL D 413 -42.22 -50.63 10.59
C VAL D 413 -42.22 -50.26 9.12
N LEU D 414 -43.18 -49.42 8.74
CA LEU D 414 -43.29 -48.98 7.36
C LEU D 414 -42.13 -48.08 6.99
N GLY D 415 -41.76 -48.10 5.70
CA GLY D 415 -40.68 -47.26 5.20
C GLY D 415 -41.16 -45.90 4.74
N GLY D 416 -40.27 -45.19 4.07
CA GLY D 416 -40.59 -43.91 3.48
C GLY D 416 -40.89 -42.80 4.47
N GLY D 417 -40.63 -43.00 5.75
CA GLY D 417 -41.00 -42.04 6.76
C GLY D 417 -42.45 -42.10 7.20
N CYS D 418 -43.22 -43.07 6.68
CA CYS D 418 -44.62 -43.20 7.06
C CYS D 418 -44.79 -43.68 8.49
N ALA D 419 -43.86 -44.51 8.97
CA ALA D 419 -43.93 -44.98 10.35
C ALA D 419 -43.87 -43.81 11.33
N LEU D 420 -43.00 -42.84 11.06
CA LEU D 420 -42.94 -41.65 11.90
C LEU D 420 -44.15 -40.76 11.71
N LEU D 421 -44.79 -40.82 10.54
CA LEU D 421 -45.99 -40.04 10.30
C LEU D 421 -47.18 -40.60 11.08
N ARG D 422 -47.23 -41.91 11.27
CA ARG D 422 -48.36 -42.54 11.95
C ARG D 422 -48.41 -42.24 13.45
N CYS D 423 -47.37 -41.63 14.01
CA CYS D 423 -47.30 -41.39 15.45
C CYS D 423 -47.83 -40.01 15.83
N ILE D 424 -48.33 -39.22 14.88
CA ILE D 424 -48.89 -37.90 15.22
C ILE D 424 -50.11 -38.02 16.12
N PRO D 425 -51.06 -38.93 15.90
CA PRO D 425 -52.18 -39.05 16.85
C PRO D 425 -51.75 -39.35 18.27
N ALA D 426 -50.64 -40.08 18.46
CA ALA D 426 -50.13 -40.30 19.80
C ALA D 426 -49.76 -38.99 20.47
N LEU D 427 -49.20 -38.05 19.70
CA LEU D 427 -48.91 -36.72 20.24
C LEU D 427 -50.19 -35.92 20.46
N ASP D 428 -51.20 -36.13 19.61
CA ASP D 428 -52.47 -35.45 19.79
C ASP D 428 -53.13 -35.87 21.10
N SER D 429 -52.97 -37.14 21.48
CA SER D 429 -53.55 -37.63 22.72
C SER D 429 -52.91 -36.97 23.94
N LEU D 430 -51.61 -36.72 23.89
CA LEU D 430 -50.88 -36.18 25.03
C LEU D 430 -51.39 -34.80 25.41
N THR D 431 -51.37 -34.51 26.71
CA THR D 431 -51.76 -33.20 27.22
C THR D 431 -50.55 -32.50 27.81
N PRO D 432 -50.39 -31.20 27.56
CA PRO D 432 -49.21 -30.49 28.11
C PRO D 432 -49.39 -30.13 29.56
N ALA D 433 -48.27 -29.83 30.23
CA ALA D 433 -48.32 -29.35 31.59
C ALA D 433 -48.34 -27.83 31.66
N ASN D 434 -47.70 -27.16 30.69
CA ASN D 434 -47.71 -25.70 30.62
C ASN D 434 -47.52 -25.30 29.15
N GLU D 435 -47.32 -24.01 28.92
CA GLU D 435 -47.23 -23.51 27.55
C GLU D 435 -45.94 -23.96 26.87
N ASP D 436 -44.83 -23.98 27.60
CA ASP D 436 -43.55 -24.37 27.00
C ASP D 436 -43.56 -25.84 26.59
N GLN D 437 -44.14 -26.71 27.41
CA GLN D 437 -44.25 -28.11 27.03
C GLN D 437 -45.16 -28.29 25.83
N LYS D 438 -46.23 -27.49 25.73
CA LYS D 438 -47.06 -27.50 24.53
C LYS D 438 -46.26 -27.09 23.31
N ILE D 439 -45.40 -26.07 23.45
CA ILE D 439 -44.55 -25.63 22.35
C ILE D 439 -43.63 -26.76 21.90
N GLY D 440 -43.02 -27.45 22.87
CA GLY D 440 -42.15 -28.57 22.53
C GLY D 440 -42.88 -29.71 21.85
N ILE D 441 -44.09 -30.02 22.34
CA ILE D 441 -44.89 -31.08 21.72
C ILE D 441 -45.25 -30.72 20.29
N GLU D 442 -45.63 -29.46 20.05
CA GLU D 442 -45.92 -29.04 18.68
C GLU D 442 -44.67 -29.04 17.81
N ILE D 443 -43.51 -28.73 18.39
CA ILE D 443 -42.25 -28.81 17.64
C ILE D 443 -42.02 -30.24 17.15
N ILE D 444 -42.19 -31.21 18.06
CA ILE D 444 -42.00 -32.61 17.67
C ILE D 444 -43.06 -33.03 16.66
N LYS D 445 -44.30 -32.58 16.84
CA LYS D 445 -45.37 -32.93 15.92
C LYS D 445 -45.09 -32.42 14.51
N ARG D 446 -44.57 -31.19 14.40
CA ARG D 446 -44.20 -30.65 13.10
C ARG D 446 -42.98 -31.34 12.52
N THR D 447 -42.05 -31.76 13.39
CA THR D 447 -40.84 -32.41 12.91
C THR D 447 -41.12 -33.82 12.39
N LEU D 448 -42.16 -34.48 12.91
CA LEU D 448 -42.44 -35.86 12.51
C LEU D 448 -42.69 -36.00 11.01
N LYS D 449 -43.07 -34.92 10.33
CA LYS D 449 -43.35 -34.95 8.91
C LYS D 449 -42.12 -34.73 8.04
N ILE D 450 -40.97 -34.44 8.64
CA ILE D 450 -39.76 -34.04 7.89
C ILE D 450 -39.21 -35.16 7.01
N PRO D 451 -39.03 -36.39 7.50
CA PRO D 451 -38.38 -37.41 6.64
C PRO D 451 -39.15 -37.70 5.35
N ALA D 452 -40.47 -37.84 5.44
CA ALA D 452 -41.26 -38.12 4.24
C ALA D 452 -41.21 -36.95 3.26
N MET D 453 -41.28 -35.72 3.78
CA MET D 453 -41.17 -34.55 2.90
C MET D 453 -39.81 -34.49 2.23
N THR D 454 -38.73 -34.82 2.95
CA THR D 454 -37.41 -34.83 2.35
C THR D 454 -37.30 -35.90 1.26
N ILE D 455 -37.83 -37.09 1.52
CA ILE D 455 -37.79 -38.16 0.54
C ILE D 455 -38.56 -37.76 -0.72
N ALA D 456 -39.73 -37.16 -0.54
CA ALA D 456 -40.50 -36.69 -1.69
C ALA D 456 -39.77 -35.58 -2.43
N LYS D 457 -39.14 -34.66 -1.69
CA LYS D 457 -38.43 -33.55 -2.31
C LYS D 457 -37.27 -34.03 -3.16
N ASN D 458 -36.52 -35.02 -2.68
CA ASN D 458 -35.45 -35.59 -3.49
C ASN D 458 -35.99 -36.27 -4.74
N ALA D 459 -37.25 -36.68 -4.73
CA ALA D 459 -37.88 -37.34 -5.88
C ALA D 459 -38.41 -36.34 -6.91
N GLY D 460 -38.30 -35.04 -6.66
CA GLY D 460 -38.77 -34.05 -7.60
C GLY D 460 -40.23 -33.70 -7.50
N VAL D 461 -40.90 -34.09 -6.42
CA VAL D 461 -42.32 -33.77 -6.24
C VAL D 461 -42.47 -32.87 -5.02
N GLU D 462 -43.71 -32.47 -4.74
CA GLU D 462 -44.01 -31.60 -3.60
C GLU D 462 -44.22 -32.46 -2.36
N GLY D 463 -43.37 -32.28 -1.35
CA GLY D 463 -43.45 -33.09 -0.16
C GLY D 463 -44.70 -32.86 0.66
N SER D 464 -45.19 -31.61 0.70
CA SER D 464 -46.35 -31.29 1.53
C SER D 464 -47.59 -32.06 1.06
N LEU D 465 -47.84 -32.06 -0.25
CA LEU D 465 -49.00 -32.76 -0.79
C LEU D 465 -48.88 -34.26 -0.57
N ILE D 466 -47.68 -34.81 -0.76
CA ILE D 466 -47.46 -36.24 -0.55
C ILE D 466 -47.74 -36.62 0.90
N VAL D 467 -47.23 -35.83 1.83
CA VAL D 467 -47.44 -36.11 3.25
C VAL D 467 -48.91 -35.98 3.62
N GLU D 468 -49.58 -34.95 3.09
CA GLU D 468 -51.01 -34.79 3.38
C GLU D 468 -51.81 -35.97 2.86
N LYS D 469 -51.53 -36.42 1.63
CA LYS D 469 -52.27 -37.54 1.09
C LYS D 469 -51.94 -38.84 1.82
N ILE D 470 -50.70 -38.99 2.30
CA ILE D 470 -50.36 -40.14 3.12
C ILE D 470 -51.17 -40.14 4.42
N MET D 471 -51.27 -38.97 5.05
CA MET D 471 -52.00 -38.89 6.32
C MET D 471 -53.49 -39.12 6.12
N GLN D 472 -54.06 -38.62 5.02
CA GLN D 472 -55.46 -38.88 4.73
C GLN D 472 -55.69 -40.32 4.31
N SER D 473 -54.65 -41.00 3.83
CA SER D 473 -54.80 -42.36 3.34
C SER D 473 -54.93 -43.35 4.51
N SER D 474 -55.04 -44.62 4.16
CA SER D 474 -55.11 -45.67 5.17
C SER D 474 -53.74 -45.89 5.80
N SER D 475 -53.75 -46.62 6.92
CA SER D 475 -52.51 -46.85 7.66
C SER D 475 -51.51 -47.66 6.86
N GLU D 476 -51.99 -48.61 6.05
CA GLU D 476 -51.08 -49.47 5.30
C GLU D 476 -50.55 -48.78 4.05
N VAL D 477 -51.19 -47.68 3.64
CA VAL D 477 -50.85 -47.02 2.39
C VAL D 477 -49.71 -46.03 2.62
N GLY D 478 -48.68 -46.12 1.78
CA GLY D 478 -47.59 -45.16 1.79
C GLY D 478 -47.23 -44.72 0.38
N TYR D 479 -46.17 -43.94 0.25
CA TYR D 479 -45.75 -43.40 -1.04
C TYR D 479 -44.44 -44.03 -1.49
N ASP D 480 -44.45 -44.63 -2.67
CA ASP D 480 -43.25 -45.18 -3.30
C ASP D 480 -42.67 -44.10 -4.20
N ALA D 481 -41.46 -43.64 -3.86
CA ALA D 481 -40.84 -42.57 -4.62
C ALA D 481 -40.26 -43.08 -5.93
N MET D 482 -39.68 -44.28 -5.93
CA MET D 482 -39.12 -44.84 -7.16
C MET D 482 -40.22 -45.06 -8.20
N ALA D 483 -41.33 -45.67 -7.80
CA ALA D 483 -42.49 -45.79 -8.67
C ALA D 483 -43.31 -44.50 -8.72
N GLY D 484 -43.13 -43.62 -7.75
CA GLY D 484 -43.85 -42.35 -7.71
C GLY D 484 -45.35 -42.50 -7.58
N ASP D 485 -45.81 -43.38 -6.71
CA ASP D 485 -47.25 -43.58 -6.57
C ASP D 485 -47.56 -44.12 -5.18
N PHE D 486 -48.83 -44.03 -4.80
CA PHE D 486 -49.27 -44.47 -3.48
C PHE D 486 -49.62 -45.94 -3.54
N VAL D 487 -48.93 -46.75 -2.74
CA VAL D 487 -49.03 -48.20 -2.77
C VAL D 487 -49.16 -48.72 -1.33
N ASN D 488 -49.18 -50.04 -1.20
CA ASN D 488 -49.13 -50.70 0.10
C ASN D 488 -47.67 -51.04 0.39
N MET D 489 -47.13 -50.46 1.47
CA MET D 489 -45.69 -50.52 1.69
C MET D 489 -45.23 -51.92 2.04
N VAL D 490 -45.99 -52.64 2.87
CA VAL D 490 -45.57 -53.99 3.27
C VAL D 490 -45.56 -54.92 2.06
N GLU D 491 -46.59 -54.83 1.21
CA GLU D 491 -46.64 -55.67 0.02
C GLU D 491 -45.51 -55.33 -0.94
N LYS D 492 -45.24 -54.03 -1.14
CA LYS D 492 -44.17 -53.62 -2.04
C LYS D 492 -42.80 -53.85 -1.43
N GLY D 493 -42.72 -53.99 -0.10
CA GLY D 493 -41.46 -54.23 0.56
C GLY D 493 -40.75 -53.00 1.10
N ILE D 494 -41.42 -51.85 1.15
CA ILE D 494 -40.82 -50.63 1.65
C ILE D 494 -40.99 -50.64 3.16
N ILE D 495 -40.02 -51.24 3.85
CA ILE D 495 -40.07 -51.40 5.30
C ILE D 495 -38.72 -50.98 5.88
N ASP D 496 -38.75 -50.58 7.16
CA ASP D 496 -37.57 -50.12 7.87
C ASP D 496 -37.48 -50.82 9.22
N PRO D 497 -36.27 -51.04 9.74
CA PRO D 497 -36.14 -51.49 11.13
C PRO D 497 -36.62 -50.40 12.08
N THR D 498 -37.37 -50.81 13.10
CA THR D 498 -37.88 -49.84 14.07
C THR D 498 -36.76 -49.30 14.95
N LYS D 499 -35.70 -50.08 15.17
CA LYS D 499 -34.59 -49.61 15.98
C LYS D 499 -33.90 -48.41 15.34
N VAL D 500 -33.73 -48.44 14.01
CA VAL D 500 -33.03 -47.37 13.32
C VAL D 500 -33.79 -46.06 13.46
N VAL D 501 -35.09 -46.07 13.16
CA VAL D 501 -35.88 -44.84 13.24
C VAL D 501 -35.99 -44.37 14.68
N ARG D 502 -36.14 -45.32 15.62
CA ARG D 502 -36.24 -44.97 17.03
C ARG D 502 -34.99 -44.24 17.51
N THR D 503 -33.81 -44.81 17.23
CA THR D 503 -32.59 -44.19 17.71
C THR D 503 -32.28 -42.90 16.97
N ALA D 504 -32.60 -42.82 15.68
CA ALA D 504 -32.40 -41.57 14.95
C ALA D 504 -33.23 -40.45 15.56
N LEU D 505 -34.52 -40.72 15.80
CA LEU D 505 -35.38 -39.71 16.40
C LEU D 505 -34.88 -39.33 17.80
N LEU D 506 -34.49 -40.32 18.60
CA LEU D 506 -34.06 -40.03 19.96
C LEU D 506 -32.80 -39.16 19.98
N ASP D 507 -31.79 -39.56 19.21
CA ASP D 507 -30.53 -38.80 19.20
C ASP D 507 -30.74 -37.39 18.67
N ALA D 508 -31.43 -37.27 17.52
CA ALA D 508 -31.67 -35.96 16.94
C ALA D 508 -32.43 -35.06 17.91
N ALA D 509 -33.50 -35.59 18.50
CA ALA D 509 -34.31 -34.79 19.40
C ALA D 509 -33.51 -34.35 20.62
N GLY D 510 -32.77 -35.27 21.24
CA GLY D 510 -32.00 -34.90 22.42
C GLY D 510 -30.99 -33.81 22.13
N VAL D 511 -30.17 -34.00 21.10
CA VAL D 511 -29.12 -33.03 20.83
C VAL D 511 -29.70 -31.69 20.41
N ALA D 512 -30.70 -31.70 19.52
CA ALA D 512 -31.28 -30.45 19.06
C ALA D 512 -31.99 -29.70 20.18
N SER D 513 -32.72 -30.42 21.04
CA SER D 513 -33.39 -29.77 22.16
C SER D 513 -32.39 -29.17 23.13
N LEU D 514 -31.27 -29.86 23.37
CA LEU D 514 -30.22 -29.26 24.18
C LEU D 514 -29.66 -28.00 23.51
N LEU D 515 -29.54 -28.03 22.18
CA LEU D 515 -29.03 -26.86 21.46
C LEU D 515 -29.95 -25.66 21.60
N THR D 516 -31.27 -25.89 21.52
CA THR D 516 -32.20 -24.76 21.49
C THR D 516 -32.21 -23.97 22.80
N THR D 517 -31.66 -24.53 23.88
CA THR D 517 -31.63 -23.82 25.14
C THR D 517 -30.52 -22.77 25.21
N ALA D 518 -29.83 -22.51 24.10
CA ALA D 518 -28.67 -21.63 24.12
C ALA D 518 -29.08 -20.16 24.25
N GLU D 519 -28.28 -19.40 24.97
CA GLU D 519 -28.39 -17.95 25.04
C GLU D 519 -27.09 -17.22 24.75
N VAL D 520 -25.95 -17.77 25.19
CA VAL D 520 -24.64 -17.17 25.00
C VAL D 520 -23.72 -18.20 24.37
N VAL D 521 -22.88 -17.77 23.43
CA VAL D 521 -21.92 -18.65 22.78
C VAL D 521 -20.54 -18.03 22.90
N VAL D 522 -19.59 -18.82 23.41
CA VAL D 522 -18.21 -18.39 23.61
C VAL D 522 -17.32 -19.20 22.67
N THR D 523 -16.53 -18.51 21.86
CA THR D 523 -15.64 -19.14 20.90
C THR D 523 -14.25 -18.56 21.05
N GLU D 524 -13.28 -19.24 20.45
CA GLU D 524 -11.90 -18.73 20.44
C GLU D 524 -11.73 -17.71 19.33
N ILE D 525 -10.82 -16.77 19.56
CA ILE D 525 -10.55 -15.74 18.55
C ILE D 525 -9.81 -16.37 17.38
N PRO D 526 -10.24 -16.12 16.13
CA PRO D 526 -9.58 -16.77 14.99
C PRO D 526 -8.21 -16.20 14.69
N LYS D 527 -7.20 -16.62 15.46
CA LYS D 527 -5.84 -16.16 15.27
C LYS D 527 -5.24 -16.72 13.99
N GLY E 1 10.63 -6.15 33.01
CA GLY E 1 11.38 -6.29 31.77
C GLY E 1 10.64 -5.77 30.56
N SER E 2 9.52 -6.42 30.23
CA SER E 2 8.72 -6.02 29.08
C SER E 2 8.10 -4.65 29.32
N ALA E 3 7.88 -3.93 28.22
CA ALA E 3 7.29 -2.60 28.30
C ALA E 3 5.88 -2.68 28.88
N LYS E 4 5.53 -1.69 29.68
CA LYS E 4 4.26 -1.66 30.38
C LYS E 4 3.45 -0.43 29.98
N ASP E 5 2.13 -0.60 29.98
CA ASP E 5 1.19 0.49 29.78
C ASP E 5 0.50 0.78 31.11
N VAL E 6 0.46 2.06 31.48
CA VAL E 6 -0.04 2.49 32.78
C VAL E 6 -1.24 3.39 32.55
N LYS E 7 -2.36 3.06 33.19
CA LYS E 7 -3.59 3.84 33.08
C LYS E 7 -4.02 4.32 34.45
N PHE E 8 -4.51 5.56 34.50
CA PHE E 8 -4.81 6.25 35.74
C PHE E 8 -6.31 6.55 35.83
N GLY E 9 -6.81 6.63 37.06
CA GLY E 9 -8.12 7.19 37.32
C GLY E 9 -9.32 6.43 36.78
N ALA E 10 -10.32 7.17 36.32
CA ALA E 10 -11.62 6.59 35.97
C ALA E 10 -11.60 5.84 34.64
N ASP E 11 -10.60 6.07 33.79
CA ASP E 11 -10.55 5.37 32.51
C ASP E 11 -10.26 3.88 32.71
N ALA E 12 -9.25 3.57 33.52
CA ALA E 12 -8.96 2.18 33.84
C ALA E 12 -10.12 1.53 34.57
N ARG E 13 -10.75 2.26 35.49
CA ARG E 13 -11.91 1.73 36.19
C ARG E 13 -13.04 1.42 35.21
N ALA E 14 -13.27 2.30 34.24
CA ALA E 14 -14.31 2.07 33.25
C ALA E 14 -14.02 0.83 32.40
N LEU E 15 -12.78 0.69 31.95
CA LEU E 15 -12.43 -0.48 31.15
C LEU E 15 -12.58 -1.78 31.95
N MET E 16 -12.10 -1.77 33.19
CA MET E 16 -12.22 -2.93 34.06
C MET E 16 -13.68 -3.27 34.36
N LEU E 17 -14.51 -2.24 34.57
CA LEU E 17 -15.93 -2.46 34.77
C LEU E 17 -16.58 -3.01 33.51
N GLN E 18 -16.12 -2.59 32.32
CA GLN E 18 -16.64 -3.16 31.10
C GLN E 18 -16.33 -4.65 31.02
N GLY E 19 -15.10 -5.04 31.36
CA GLY E 19 -14.76 -6.46 31.36
C GLY E 19 -15.59 -7.25 32.37
N VAL E 20 -15.73 -6.71 33.59
CA VAL E 20 -16.53 -7.35 34.62
C VAL E 20 -17.97 -7.49 34.16
N ASP E 21 -18.51 -6.43 33.55
CA ASP E 21 -19.88 -6.46 33.07
C ASP E 21 -20.08 -7.49 31.98
N LEU E 22 -19.11 -7.61 31.07
CA LEU E 22 -19.20 -8.63 30.02
C LEU E 22 -19.25 -10.03 30.62
N LEU E 23 -18.30 -10.33 31.51
CA LEU E 23 -18.27 -11.67 32.09
C LEU E 23 -19.53 -11.96 32.90
N ALA E 24 -19.98 -10.99 33.70
CA ALA E 24 -21.15 -11.19 34.53
C ALA E 24 -22.43 -11.29 33.70
N ASP E 25 -22.52 -10.55 32.60
CA ASP E 25 -23.68 -10.66 31.72
C ASP E 25 -23.71 -12.03 31.05
N ALA E 26 -22.54 -12.56 30.68
CA ALA E 26 -22.51 -13.91 30.14
C ALA E 26 -22.93 -14.93 31.19
N VAL E 27 -22.48 -14.75 32.43
CA VAL E 27 -22.76 -15.74 33.48
C VAL E 27 -24.21 -15.68 33.93
N ALA E 28 -24.78 -14.48 34.07
CA ALA E 28 -26.05 -14.29 34.75
C ALA E 28 -27.25 -14.79 33.96
N VAL E 29 -27.09 -15.12 32.67
CA VAL E 29 -28.21 -15.66 31.90
C VAL E 29 -28.55 -17.08 32.30
N THR E 30 -27.76 -17.70 33.17
CA THR E 30 -27.95 -19.08 33.59
C THR E 30 -28.40 -19.20 35.04
N MET E 31 -28.97 -18.13 35.60
CA MET E 31 -29.32 -18.09 37.01
C MET E 31 -30.82 -18.28 37.19
N GLY E 32 -31.19 -19.16 38.13
CA GLY E 32 -32.58 -19.39 38.45
C GLY E 32 -33.16 -20.56 37.69
N PRO E 33 -34.41 -20.90 37.98
CA PRO E 33 -35.05 -22.00 37.26
C PRO E 33 -35.26 -21.71 35.79
N LYS E 34 -35.63 -20.49 35.45
CA LYS E 34 -35.79 -20.09 34.05
C LYS E 34 -34.53 -19.48 33.46
N GLY E 35 -33.40 -20.17 33.59
CA GLY E 35 -32.14 -19.72 33.04
C GLY E 35 -31.75 -20.58 31.85
N ARG E 36 -31.13 -19.94 30.86
CA ARG E 36 -30.70 -20.63 29.66
C ARG E 36 -29.30 -21.20 29.86
N THR E 37 -28.77 -21.82 28.80
CA THR E 37 -27.45 -22.44 28.85
C THR E 37 -26.48 -21.66 27.97
N VAL E 38 -25.20 -22.02 28.08
CA VAL E 38 -24.12 -21.38 27.35
C VAL E 38 -23.33 -22.47 26.64
N ILE E 39 -23.07 -22.27 25.35
CA ILE E 39 -22.22 -23.17 24.57
C ILE E 39 -20.82 -22.58 24.49
N ILE E 40 -19.83 -23.37 24.92
CA ILE E 40 -18.43 -22.99 24.87
C ILE E 40 -17.75 -23.91 23.88
N GLU E 41 -17.10 -23.33 22.87
CA GLU E 41 -16.39 -24.13 21.89
C GLU E 41 -15.18 -24.81 22.54
N GLN E 42 -15.06 -26.12 22.32
CA GLN E 42 -13.93 -26.88 22.81
C GLN E 42 -12.93 -27.07 21.68
N SER E 43 -11.65 -26.86 21.99
CA SER E 43 -10.63 -26.89 20.95
C SER E 43 -10.48 -28.26 20.32
N TRP E 44 -10.54 -29.32 21.14
CA TRP E 44 -10.21 -30.66 20.67
C TRP E 44 -11.41 -31.46 20.20
N GLY E 45 -12.63 -30.97 20.36
CA GLY E 45 -13.78 -31.75 19.99
C GLY E 45 -15.08 -30.97 19.99
N SER E 46 -16.13 -31.67 20.38
CA SER E 46 -17.48 -31.11 20.34
C SER E 46 -17.61 -29.98 21.37
N PRO E 47 -18.45 -28.98 21.11
CA PRO E 47 -18.66 -27.91 22.10
C PRO E 47 -19.32 -28.44 23.36
N LYS E 48 -19.22 -27.65 24.43
CA LYS E 48 -19.76 -28.02 25.72
C LYS E 48 -20.91 -27.07 26.06
N VAL E 49 -22.06 -27.64 26.42
CA VAL E 49 -23.22 -26.85 26.82
C VAL E 49 -23.36 -26.94 28.33
N THR E 50 -23.34 -25.79 29.00
CA THR E 50 -23.33 -25.77 30.45
C THR E 50 -24.24 -24.68 30.99
N LYS E 51 -24.80 -24.92 32.17
CA LYS E 51 -25.54 -23.93 32.92
C LYS E 51 -24.80 -23.52 34.20
N ASP E 52 -23.53 -23.87 34.31
CA ASP E 52 -22.78 -23.61 35.52
C ASP E 52 -22.09 -22.25 35.45
N GLY E 53 -22.17 -21.50 36.55
CA GLY E 53 -21.57 -20.17 36.56
C GLY E 53 -20.06 -20.20 36.47
N VAL E 54 -19.42 -21.09 37.22
CA VAL E 54 -17.95 -21.14 37.24
C VAL E 54 -17.42 -21.65 35.89
N THR E 55 -18.12 -22.60 35.28
CA THR E 55 -17.68 -23.12 33.98
C THR E 55 -17.75 -22.05 32.91
N VAL E 56 -18.80 -21.24 32.91
CA VAL E 56 -18.91 -20.14 31.96
C VAL E 56 -17.86 -19.07 32.26
N ALA E 57 -17.65 -18.75 33.54
CA ALA E 57 -16.72 -17.70 33.90
C ALA E 57 -15.29 -18.07 33.51
N LYS E 58 -14.87 -19.30 33.80
CA LYS E 58 -13.50 -19.72 33.52
C LYS E 58 -13.20 -19.82 32.03
N SER E 59 -14.22 -19.84 31.18
CA SER E 59 -14.03 -20.01 29.75
C SER E 59 -13.97 -18.68 28.99
N ILE E 60 -14.04 -17.55 29.68
CA ILE E 60 -14.07 -16.24 29.05
C ILE E 60 -12.75 -15.55 29.34
N ASP E 61 -11.98 -15.28 28.29
CA ASP E 61 -10.74 -14.52 28.37
C ASP E 61 -10.79 -13.43 27.32
N LEU E 62 -10.50 -12.20 27.74
CA LEU E 62 -10.65 -11.04 26.87
C LEU E 62 -9.30 -10.56 26.35
N LYS E 63 -9.32 -10.00 25.14
CA LYS E 63 -8.10 -9.52 24.52
C LYS E 63 -7.60 -8.25 25.19
N ASP E 64 -8.51 -7.31 25.48
CA ASP E 64 -8.12 -6.08 26.15
C ASP E 64 -7.58 -6.38 27.54
N LYS E 65 -6.45 -5.75 27.88
CA LYS E 65 -5.75 -6.10 29.11
C LYS E 65 -6.55 -5.73 30.35
N TYR E 66 -7.17 -4.55 30.36
CA TYR E 66 -7.90 -4.10 31.54
C TYR E 66 -9.22 -4.86 31.71
N LYS E 67 -9.94 -5.05 30.60
CA LYS E 67 -11.14 -5.88 30.64
C LYS E 67 -10.78 -7.30 31.06
N ASN E 68 -9.64 -7.81 30.60
CA ASN E 68 -9.20 -9.13 31.02
C ASN E 68 -8.85 -9.16 32.50
N ILE E 69 -8.31 -8.07 33.04
CA ILE E 69 -8.03 -8.02 34.48
C ILE E 69 -9.33 -8.11 35.27
N GLY E 70 -10.34 -7.34 34.87
CA GLY E 70 -11.63 -7.43 35.53
C GLY E 70 -12.25 -8.82 35.41
N ALA E 71 -12.18 -9.40 34.22
CA ALA E 71 -12.71 -10.74 34.00
C ALA E 71 -11.97 -11.76 34.86
N LYS E 72 -10.65 -11.61 35.00
CA LYS E 72 -9.87 -12.53 35.82
C LYS E 72 -10.27 -12.42 37.29
N LEU E 73 -10.54 -11.20 37.76
CA LEU E 73 -10.98 -11.06 39.14
C LEU E 73 -12.36 -11.69 39.37
N VAL E 74 -13.27 -11.54 38.41
CA VAL E 74 -14.57 -12.21 38.54
C VAL E 74 -14.41 -13.72 38.47
N GLN E 75 -13.48 -14.20 37.65
CA GLN E 75 -13.17 -15.64 37.62
C GLN E 75 -12.63 -16.11 38.96
N ASP E 76 -11.81 -15.27 39.61
CA ASP E 76 -11.32 -15.59 40.95
C ASP E 76 -12.49 -15.73 41.91
N VAL E 77 -13.46 -14.82 41.84
CA VAL E 77 -14.65 -14.91 42.69
C VAL E 77 -15.36 -16.23 42.46
N ALA E 78 -15.63 -16.55 41.19
CA ALA E 78 -16.39 -17.75 40.86
C ALA E 78 -15.65 -19.02 41.29
N ASN E 79 -14.33 -19.06 41.05
CA ASN E 79 -13.56 -20.24 41.41
C ASN E 79 -13.49 -20.44 42.92
N ASN E 80 -13.30 -19.36 43.68
CA ASN E 80 -13.31 -19.50 45.13
C ASN E 80 -14.66 -19.98 45.64
N THR E 81 -15.75 -19.43 45.09
CA THR E 81 -17.07 -19.88 45.51
C THR E 81 -17.28 -21.35 45.16
N ASN E 82 -16.83 -21.77 43.97
CA ASN E 82 -16.96 -23.17 43.58
C ASN E 82 -16.15 -24.09 44.48
N GLU E 83 -14.93 -23.68 44.84
CA GLU E 83 -14.06 -24.55 45.62
C GLU E 83 -14.49 -24.66 47.07
N GLU E 84 -14.94 -23.56 47.68
CA GLU E 84 -15.34 -23.57 49.08
C GLU E 84 -16.77 -24.04 49.31
N ALA E 85 -17.60 -24.10 48.27
CA ALA E 85 -18.99 -24.54 48.47
C ALA E 85 -19.40 -25.66 47.51
N GLY E 86 -18.96 -25.56 46.25
CA GLY E 86 -19.40 -26.46 45.21
C GLY E 86 -20.62 -25.97 44.45
N ASP E 87 -21.27 -24.91 44.95
CA ASP E 87 -22.46 -24.35 44.33
C ASP E 87 -22.52 -22.86 44.66
N GLY E 88 -23.38 -22.14 43.94
CA GLY E 88 -23.56 -20.72 44.17
C GLY E 88 -22.63 -19.81 43.40
N THR E 89 -22.03 -20.29 42.31
CA THR E 89 -21.05 -19.49 41.59
C THR E 89 -21.70 -18.33 40.85
N THR E 90 -22.89 -18.56 40.27
CA THR E 90 -23.57 -17.48 39.55
C THR E 90 -24.00 -16.37 40.50
N THR E 91 -24.50 -16.74 41.68
CA THR E 91 -24.87 -15.73 42.67
C THR E 91 -23.65 -14.92 43.10
N ALA E 92 -22.52 -15.59 43.34
CA ALA E 92 -21.31 -14.87 43.69
C ALA E 92 -20.86 -13.95 42.57
N THR E 93 -20.98 -14.40 41.32
CA THR E 93 -20.58 -13.57 40.19
C THR E 93 -21.43 -12.31 40.10
N VAL E 94 -22.75 -12.46 40.22
CA VAL E 94 -23.62 -11.28 40.10
C VAL E 94 -23.43 -10.35 41.29
N LEU E 95 -23.24 -10.90 42.49
CA LEU E 95 -22.98 -10.07 43.66
C LEU E 95 -21.67 -9.30 43.51
N ALA E 96 -20.62 -9.96 43.02
CA ALA E 96 -19.35 -9.30 42.82
C ALA E 96 -19.47 -8.19 41.78
N ARG E 97 -20.17 -8.45 40.69
CA ARG E 97 -20.36 -7.42 39.68
C ARG E 97 -21.09 -6.21 40.25
N SER E 98 -22.16 -6.46 41.03
CA SER E 98 -22.91 -5.35 41.60
C SER E 98 -22.06 -4.54 42.57
N ILE E 99 -21.33 -5.22 43.46
CA ILE E 99 -20.50 -4.52 44.44
C ILE E 99 -19.43 -3.70 43.73
N ALA E 100 -18.80 -4.28 42.70
CA ALA E 100 -17.79 -3.55 41.95
C ALA E 100 -18.38 -2.32 41.27
N LYS E 101 -19.58 -2.46 40.70
CA LYS E 101 -20.20 -1.33 40.00
C LYS E 101 -20.51 -0.19 40.97
N GLU E 102 -21.16 -0.51 42.10
CA GLU E 102 -21.48 0.53 43.06
C GLU E 102 -20.22 1.15 43.67
N GLY E 103 -19.19 0.34 43.92
CA GLY E 103 -17.95 0.89 44.45
C GLY E 103 -17.27 1.82 43.47
N PHE E 104 -17.25 1.44 42.18
CA PHE E 104 -16.66 2.31 41.16
C PHE E 104 -17.45 3.61 41.02
N GLU E 105 -18.78 3.53 41.06
CA GLU E 105 -19.61 4.69 40.85
C GLU E 105 -19.54 5.70 42.00
N LYS E 106 -19.17 5.27 43.20
CA LYS E 106 -19.17 6.12 44.38
C LYS E 106 -17.80 6.68 44.72
N ILE E 107 -16.84 6.63 43.80
CA ILE E 107 -15.49 7.11 44.05
C ILE E 107 -15.40 8.57 43.65
N SER E 108 -14.96 9.41 44.58
CA SER E 108 -14.78 10.84 44.35
C SER E 108 -13.38 11.24 44.81
N LYS E 109 -13.07 12.53 44.67
CA LYS E 109 -11.77 13.04 45.11
C LYS E 109 -11.61 12.91 46.62
N GLY E 110 -12.64 13.26 47.38
CA GLY E 110 -12.59 13.16 48.82
C GLY E 110 -12.95 11.82 49.40
N ALA E 111 -13.48 10.92 48.59
CA ALA E 111 -13.86 9.60 49.08
C ALA E 111 -12.63 8.75 49.38
N ASN E 112 -12.77 7.86 50.37
CA ASN E 112 -11.70 6.96 50.76
C ASN E 112 -12.14 5.52 50.50
N PRO E 113 -11.74 4.91 49.38
CA PRO E 113 -12.22 3.55 49.08
C PRO E 113 -11.77 2.50 50.09
N VAL E 114 -10.70 2.74 50.84
CA VAL E 114 -10.28 1.77 51.85
C VAL E 114 -11.30 1.69 52.98
N GLU E 115 -11.77 2.85 53.45
CA GLU E 115 -12.80 2.86 54.48
C GLU E 115 -14.13 2.36 53.94
N ILE E 116 -14.41 2.59 52.66
CA ILE E 116 -15.59 2.01 52.03
C ILE E 116 -15.50 0.48 52.05
N ARG E 117 -14.32 -0.06 51.74
CA ARG E 117 -14.11 -1.50 51.82
C ARG E 117 -14.30 -2.00 53.25
N ARG E 118 -13.79 -1.25 54.23
CA ARG E 118 -13.98 -1.63 55.63
C ARG E 118 -15.47 -1.69 55.98
N GLY E 119 -16.22 -0.67 55.59
CA GLY E 119 -17.66 -0.68 55.84
C GLY E 119 -18.36 -1.83 55.15
N VAL E 120 -17.90 -2.17 53.95
CA VAL E 120 -18.45 -3.33 53.23
C VAL E 120 -18.20 -4.60 54.03
N MET E 121 -16.99 -4.75 54.58
CA MET E 121 -16.69 -5.95 55.37
C MET E 121 -17.56 -6.03 56.62
N LEU E 122 -17.74 -4.90 57.32
CA LEU E 122 -18.65 -4.91 58.48
C LEU E 122 -20.08 -5.26 58.08
N ALA E 123 -20.57 -4.69 56.99
CA ALA E 123 -21.93 -4.98 56.55
C ALA E 123 -22.08 -6.46 56.19
N VAL E 124 -21.08 -7.04 55.54
CA VAL E 124 -21.15 -8.43 55.15
C VAL E 124 -21.08 -9.34 56.38
N ASP E 125 -20.27 -8.96 57.37
CA ASP E 125 -20.25 -9.72 58.61
C ASP E 125 -21.62 -9.70 59.30
N ALA E 126 -22.26 -8.53 59.32
CA ALA E 126 -23.60 -8.45 59.91
C ALA E 126 -24.60 -9.31 59.15
N VAL E 127 -24.53 -9.28 57.81
CA VAL E 127 -25.45 -10.09 57.01
C VAL E 127 -25.21 -11.58 57.25
N ILE E 128 -23.95 -11.97 57.38
CA ILE E 128 -23.63 -13.37 57.65
C ILE E 128 -24.16 -13.79 59.02
N ALA E 129 -24.03 -12.91 60.01
CA ALA E 129 -24.59 -13.21 61.33
C ALA E 129 -26.11 -13.37 61.25
N GLU E 130 -26.78 -12.50 60.49
CA GLU E 130 -28.23 -12.64 60.33
C GLU E 130 -28.59 -13.94 59.63
N LEU E 131 -27.83 -14.32 58.60
CA LEU E 131 -28.08 -15.57 57.90
C LEU E 131 -27.94 -16.77 58.82
N LYS E 132 -26.90 -16.77 59.65
CA LYS E 132 -26.74 -17.83 60.64
C LYS E 132 -27.89 -17.83 61.64
N LYS E 133 -28.39 -16.65 62.00
CA LYS E 133 -29.53 -16.57 62.90
C LYS E 133 -30.81 -17.12 62.26
N GLN E 134 -30.92 -17.02 60.94
CA GLN E 134 -32.13 -17.42 60.23
C GLN E 134 -32.09 -18.87 59.74
N SER E 135 -31.02 -19.61 60.00
CA SER E 135 -30.89 -20.96 59.48
C SER E 135 -31.70 -21.94 60.33
N LYS E 136 -32.05 -23.07 59.70
CA LYS E 136 -32.74 -24.16 60.37
C LYS E 136 -32.12 -25.47 59.89
N PRO E 137 -31.80 -26.39 60.79
CA PRO E 137 -31.12 -27.63 60.39
C PRO E 137 -32.03 -28.55 59.59
N VAL E 138 -31.41 -29.45 58.84
CA VAL E 138 -32.13 -30.46 58.06
C VAL E 138 -32.45 -31.62 59.01
N THR E 139 -33.74 -31.95 59.13
CA THR E 139 -34.19 -32.99 60.03
C THR E 139 -34.88 -34.15 59.32
N THR E 140 -35.35 -33.95 58.09
CA THR E 140 -36.09 -34.96 57.37
C THR E 140 -35.46 -35.20 56.01
N PRO E 141 -35.55 -36.44 55.50
CA PRO E 141 -35.04 -36.71 54.14
C PRO E 141 -35.77 -35.95 53.05
N GLU E 142 -37.01 -35.54 53.30
CA GLU E 142 -37.75 -34.76 52.31
C GLU E 142 -37.08 -33.42 52.09
N GLU E 143 -36.50 -32.83 53.14
CA GLU E 143 -35.74 -31.60 52.97
C GLU E 143 -34.51 -31.83 52.09
N ILE E 144 -33.85 -32.98 52.26
CA ILE E 144 -32.72 -33.31 51.39
C ILE E 144 -33.17 -33.43 49.95
N ALA E 145 -34.32 -34.08 49.72
CA ALA E 145 -34.84 -34.20 48.36
C ALA E 145 -35.16 -32.83 47.78
N GLN E 146 -35.78 -31.95 48.58
CA GLN E 146 -36.10 -30.61 48.11
C GLN E 146 -34.84 -29.82 47.75
N VAL E 147 -33.81 -29.91 48.59
CA VAL E 147 -32.57 -29.18 48.32
C VAL E 147 -31.92 -29.71 47.05
N ALA E 148 -31.86 -31.04 46.89
CA ALA E 148 -31.26 -31.61 45.69
C ALA E 148 -32.05 -31.22 44.44
N THR E 149 -33.38 -31.25 44.52
CA THR E 149 -34.20 -30.86 43.38
C THR E 149 -33.98 -29.40 43.02
N ILE E 150 -33.94 -28.52 44.02
CA ILE E 150 -33.73 -27.10 43.76
C ILE E 150 -32.37 -26.86 43.12
N SER E 151 -31.34 -27.53 43.63
CA SER E 151 -29.99 -27.35 43.10
C SER E 151 -29.77 -28.08 41.78
N ALA E 152 -30.68 -28.97 41.38
CA ALA E 152 -30.59 -29.67 40.11
C ALA E 152 -31.53 -29.07 39.06
N ASN E 153 -31.80 -27.77 39.17
CA ASN E 153 -32.69 -27.06 38.24
C ASN E 153 -34.08 -27.69 38.21
N GLY E 154 -34.60 -28.00 39.41
CA GLY E 154 -35.94 -28.52 39.52
C GLY E 154 -36.15 -29.87 38.90
N ASP E 155 -35.19 -30.78 39.04
CA ASP E 155 -35.32 -32.14 38.51
C ASP E 155 -35.71 -33.05 39.67
N LYS E 156 -36.93 -33.60 39.61
CA LYS E 156 -37.42 -34.44 40.68
C LYS E 156 -36.63 -35.75 40.78
N GLU E 157 -36.28 -36.34 39.64
CA GLU E 157 -35.62 -37.64 39.64
C GLU E 157 -34.21 -37.55 40.23
N ILE E 158 -33.49 -36.46 39.98
CA ILE E 158 -32.15 -36.31 40.56
C ILE E 158 -32.25 -36.22 42.08
N GLY E 159 -33.20 -35.44 42.58
CA GLY E 159 -33.40 -35.35 44.01
C GLY E 159 -33.79 -36.68 44.63
N ASN E 160 -34.67 -37.42 43.95
CA ASN E 160 -35.06 -38.73 44.45
C ASN E 160 -33.86 -39.68 44.50
N ILE E 161 -33.02 -39.66 43.47
CA ILE E 161 -31.85 -40.53 43.43
C ILE E 161 -30.89 -40.17 44.56
N ILE E 162 -30.67 -38.87 44.79
CA ILE E 162 -29.74 -38.45 45.83
C ILE E 162 -30.30 -38.79 47.21
N SER E 163 -31.61 -38.65 47.40
CA SER E 163 -32.22 -39.04 48.66
C SER E 163 -32.10 -40.54 48.89
N ASP E 164 -32.30 -41.34 47.84
CA ASP E 164 -32.12 -42.78 47.97
C ASP E 164 -30.67 -43.12 48.32
N ALA E 165 -29.71 -42.43 47.71
CA ALA E 165 -28.31 -42.67 48.02
C ALA E 165 -28.00 -42.33 49.48
N MET E 166 -28.51 -41.19 49.96
CA MET E 166 -28.28 -40.82 51.35
C MET E 166 -28.98 -41.77 52.33
N LYS E 167 -30.14 -42.32 51.95
CA LYS E 167 -30.75 -43.35 52.78
C LYS E 167 -29.92 -44.63 52.80
N LYS E 168 -29.35 -45.00 51.66
CA LYS E 168 -28.62 -46.27 51.56
C LYS E 168 -27.28 -46.20 52.29
N VAL E 169 -26.46 -45.18 52.01
CA VAL E 169 -25.10 -45.14 52.53
C VAL E 169 -24.94 -44.14 53.67
N GLY E 170 -26.03 -43.60 54.19
CA GLY E 170 -25.95 -42.62 55.27
C GLY E 170 -25.81 -41.20 54.75
N ARG E 171 -26.02 -40.25 55.65
CA ARG E 171 -25.97 -38.84 55.28
C ARG E 171 -24.54 -38.43 54.92
N LYS E 172 -23.55 -38.97 55.62
CA LYS E 172 -22.15 -38.65 55.38
C LYS E 172 -21.44 -39.69 54.52
N GLY E 173 -22.18 -40.61 53.90
CA GLY E 173 -21.55 -41.64 53.11
C GLY E 173 -20.91 -41.10 51.84
N VAL E 174 -19.98 -41.89 51.30
CA VAL E 174 -19.26 -41.49 50.10
C VAL E 174 -20.15 -41.69 48.88
N ILE E 175 -20.37 -40.61 48.13
CA ILE E 175 -21.20 -40.63 46.94
C ILE E 175 -20.43 -39.97 45.80
N THR E 176 -20.43 -40.60 44.63
CA THR E 176 -19.72 -40.09 43.47
C THR E 176 -20.58 -40.28 42.22
N VAL E 177 -20.23 -39.52 41.18
CA VAL E 177 -20.99 -39.50 39.93
C VAL E 177 -20.06 -39.96 38.81
N LYS E 178 -20.54 -40.91 38.01
CA LYS E 178 -19.79 -41.42 36.86
C LYS E 178 -20.76 -41.51 35.69
N ASP E 179 -20.25 -41.28 34.48
CA ASP E 179 -21.13 -41.22 33.32
C ASP E 179 -21.70 -42.61 33.03
N GLY E 180 -22.98 -42.64 32.63
CA GLY E 180 -23.63 -43.90 32.36
C GLY E 180 -23.65 -44.25 30.89
N LYS E 181 -23.77 -45.55 30.62
CA LYS E 181 -23.85 -46.08 29.26
C LYS E 181 -25.29 -46.38 28.84
N THR E 182 -26.27 -46.00 29.65
CA THR E 182 -27.67 -46.27 29.38
C THR E 182 -28.44 -44.95 29.29
N LEU E 183 -29.73 -45.07 28.98
CA LEU E 183 -30.57 -43.90 28.75
C LEU E 183 -30.97 -43.20 30.03
N ASN E 184 -31.04 -43.92 31.15
CA ASN E 184 -31.56 -43.38 32.40
C ASN E 184 -30.50 -43.44 33.49
N ASP E 185 -30.70 -42.61 34.52
CA ASP E 185 -29.81 -42.58 35.66
C ASP E 185 -30.09 -43.77 36.57
N GLU E 186 -29.02 -44.31 37.17
CA GLU E 186 -29.17 -45.46 38.05
C GLU E 186 -28.22 -45.31 39.24
N LEU E 187 -28.52 -46.07 40.29
CA LEU E 187 -27.80 -46.01 41.56
C LEU E 187 -27.21 -47.38 41.88
N GLU E 188 -25.95 -47.40 42.29
CA GLU E 188 -25.29 -48.63 42.71
C GLU E 188 -24.62 -48.44 44.06
N ILE E 189 -24.51 -49.53 44.81
CA ILE E 189 -23.85 -49.49 46.11
C ILE E 189 -22.60 -50.36 46.09
N ALA E 378 -21.70 -45.05 47.34
CA ALA E 378 -22.74 -44.98 46.33
C ALA E 378 -22.20 -44.39 45.02
N VAL E 379 -22.61 -44.97 43.90
CA VAL E 379 -22.19 -44.56 42.58
C VAL E 379 -23.42 -44.22 41.77
N LEU E 380 -23.40 -43.04 41.13
CA LEU E 380 -24.50 -42.57 40.30
C LEU E 380 -24.08 -42.68 38.84
N LYS E 381 -24.91 -43.32 38.02
CA LYS E 381 -24.69 -43.37 36.58
C LYS E 381 -25.71 -42.45 35.91
N VAL E 382 -25.20 -41.53 35.10
CA VAL E 382 -26.02 -40.50 34.47
C VAL E 382 -26.44 -40.97 33.09
N GLY E 383 -27.76 -40.93 32.82
CA GLY E 383 -28.27 -41.34 31.53
C GLY E 383 -28.27 -40.21 30.51
N GLY E 384 -28.46 -40.59 29.26
CA GLY E 384 -28.48 -39.64 28.18
C GLY E 384 -28.25 -40.32 26.85
N THR E 385 -28.23 -39.50 25.80
CA THR E 385 -28.02 -39.98 24.44
C THR E 385 -26.69 -39.54 23.85
N SER E 386 -26.28 -38.30 24.11
CA SER E 386 -25.01 -37.78 23.61
C SER E 386 -24.15 -37.32 24.79
N ASP E 387 -22.87 -37.10 24.51
CA ASP E 387 -21.93 -36.74 25.56
C ASP E 387 -22.25 -35.36 26.14
N VAL E 388 -22.75 -34.45 25.31
CA VAL E 388 -23.09 -33.12 25.80
C VAL E 388 -24.20 -33.20 26.84
N GLU E 389 -25.23 -34.01 26.57
CA GLU E 389 -26.35 -34.14 27.50
C GLU E 389 -25.88 -34.73 28.82
N VAL E 390 -25.07 -35.79 28.77
CA VAL E 390 -24.62 -36.43 30.00
C VAL E 390 -23.67 -35.50 30.76
N ASN E 391 -22.93 -34.66 30.05
CA ASN E 391 -22.06 -33.71 30.73
C ASN E 391 -22.87 -32.63 31.45
N GLU E 392 -23.90 -32.10 30.79
CA GLU E 392 -24.77 -31.13 31.45
C GLU E 392 -25.46 -31.74 32.67
N LYS E 393 -26.01 -32.94 32.49
CA LYS E 393 -26.67 -33.61 33.61
C LYS E 393 -25.70 -33.94 34.73
N LYS E 394 -24.46 -34.31 34.40
CA LYS E 394 -23.45 -34.58 35.41
C LYS E 394 -23.11 -33.33 36.19
N ASP E 395 -23.00 -32.19 35.50
CA ASP E 395 -22.74 -30.94 36.19
C ASP E 395 -23.88 -30.60 37.15
N ARG E 396 -25.12 -30.76 36.71
CA ARG E 396 -26.25 -30.50 37.60
C ARG E 396 -26.31 -31.48 38.78
N VAL E 397 -26.01 -32.76 38.56
CA VAL E 397 -26.01 -33.73 39.66
C VAL E 397 -24.90 -33.42 40.65
N THR E 398 -23.72 -33.03 40.17
CA THR E 398 -22.63 -32.64 41.06
C THR E 398 -23.00 -31.41 41.87
N ASP E 399 -23.65 -30.44 41.24
CA ASP E 399 -24.13 -29.27 41.97
C ASP E 399 -25.13 -29.68 43.05
N ALA E 400 -26.06 -30.58 42.72
CA ALA E 400 -27.04 -31.03 43.70
C ALA E 400 -26.38 -31.76 44.86
N LEU E 401 -25.40 -32.61 44.59
CA LEU E 401 -24.70 -33.32 45.66
C LEU E 401 -23.93 -32.35 46.55
N ASN E 402 -23.21 -31.39 45.97
CA ASN E 402 -22.49 -30.42 46.78
C ASN E 402 -23.44 -29.59 47.62
N ALA E 403 -24.57 -29.17 47.04
CA ALA E 403 -25.53 -28.36 47.77
C ALA E 403 -26.16 -29.13 48.92
N THR E 404 -26.51 -30.40 48.69
CA THR E 404 -27.11 -31.17 49.78
C THR E 404 -26.08 -31.52 50.86
N ARG E 405 -24.81 -31.70 50.48
CA ARG E 405 -23.77 -31.87 51.48
C ARG E 405 -23.62 -30.62 52.34
N ALA E 406 -23.65 -29.44 51.70
CA ALA E 406 -23.61 -28.20 52.46
C ALA E 406 -24.85 -28.04 53.34
N ALA E 407 -26.01 -28.45 52.84
CA ALA E 407 -27.25 -28.30 53.59
C ALA E 407 -27.30 -29.25 54.78
N VAL E 408 -26.63 -30.40 54.68
CA VAL E 408 -26.59 -31.30 55.83
C VAL E 408 -25.45 -30.93 56.79
N GLU E 409 -24.40 -30.27 56.29
CA GLU E 409 -23.34 -29.80 57.18
C GLU E 409 -23.68 -28.50 57.87
N GLU E 410 -24.76 -27.83 57.48
CA GLU E 410 -25.12 -26.54 58.03
C GLU E 410 -26.64 -26.42 58.00
N GLY E 411 -27.16 -25.20 58.12
CA GLY E 411 -28.58 -24.97 58.16
C GLY E 411 -29.20 -24.81 56.79
N ILE E 412 -30.45 -24.37 56.78
CA ILE E 412 -31.23 -24.16 55.57
C ILE E 412 -31.92 -22.80 55.65
N VAL E 413 -31.86 -22.04 54.56
CA VAL E 413 -32.53 -20.75 54.47
C VAL E 413 -33.46 -20.78 53.27
N LEU E 414 -34.24 -19.70 53.11
CA LEU E 414 -35.19 -19.61 52.02
C LEU E 414 -34.46 -19.48 50.68
N GLY E 415 -35.09 -19.99 49.63
CA GLY E 415 -34.53 -19.91 48.29
C GLY E 415 -34.98 -18.67 47.55
N GLY E 416 -34.56 -18.59 46.28
CA GLY E 416 -34.95 -17.49 45.43
C GLY E 416 -34.27 -16.17 45.72
N GLY E 417 -33.25 -16.17 46.57
CA GLY E 417 -32.63 -14.93 47.00
C GLY E 417 -33.37 -14.20 48.09
N CYS E 418 -34.44 -14.78 48.63
CA CYS E 418 -35.19 -14.14 49.71
C CYS E 418 -34.42 -14.13 51.02
N ALA E 419 -33.59 -15.15 51.25
CA ALA E 419 -32.79 -15.19 52.47
C ALA E 419 -31.85 -14.00 52.55
N LEU E 420 -31.22 -13.64 51.43
CA LEU E 420 -30.37 -12.46 51.40
C LEU E 420 -31.18 -11.18 51.48
N LEU E 421 -32.43 -11.20 51.02
CA LEU E 421 -33.29 -10.03 51.13
C LEU E 421 -33.70 -9.76 52.58
N ARG E 422 -33.86 -10.81 53.38
CA ARG E 422 -34.34 -10.65 54.75
C ARG E 422 -33.29 -10.03 55.66
N CYS E 423 -32.05 -9.87 55.21
CA CYS E 423 -30.97 -9.34 56.05
C CYS E 423 -30.81 -7.83 55.94
N ILE E 424 -31.65 -7.15 55.15
CA ILE E 424 -31.56 -5.70 55.05
C ILE E 424 -31.81 -5.00 56.38
N PRO E 425 -32.83 -5.38 57.17
CA PRO E 425 -32.99 -4.73 58.50
C PRO E 425 -31.76 -4.84 59.39
N ALA E 426 -31.01 -5.94 59.28
CA ALA E 426 -29.78 -6.05 60.04
C ALA E 426 -28.80 -4.95 59.67
N LEU E 427 -28.73 -4.59 58.38
CA LEU E 427 -27.90 -3.48 57.96
C LEU E 427 -28.50 -2.15 58.40
N ASP E 428 -29.83 -2.05 58.43
CA ASP E 428 -30.46 -0.82 58.92
C ASP E 428 -30.13 -0.56 60.38
N SER E 429 -30.01 -1.63 61.18
CA SER E 429 -29.66 -1.47 62.58
C SER E 429 -28.25 -0.93 62.76
N LEU E 430 -27.32 -1.33 61.90
CA LEU E 430 -25.93 -0.94 62.04
C LEU E 430 -25.75 0.56 61.91
N THR E 431 -24.79 1.11 62.66
CA THR E 431 -24.46 2.52 62.60
C THR E 431 -23.06 2.70 62.02
N PRO E 432 -22.87 3.64 61.10
CA PRO E 432 -21.54 3.84 60.51
C PRO E 432 -20.60 4.59 61.44
N ALA E 433 -19.30 4.45 61.16
CA ALA E 433 -18.30 5.21 61.90
C ALA E 433 -17.98 6.53 61.21
N ASN E 434 -18.05 6.57 59.88
CA ASN E 434 -17.81 7.80 59.13
C ASN E 434 -18.59 7.71 57.82
N GLU E 435 -18.34 8.66 56.92
CA GLU E 435 -19.12 8.73 55.68
C GLU E 435 -18.79 7.58 54.75
N ASP E 436 -17.51 7.20 54.66
CA ASP E 436 -17.11 6.13 53.75
C ASP E 436 -17.69 4.78 54.19
N GLN E 437 -17.71 4.52 55.49
CA GLN E 437 -18.31 3.29 55.96
C GLN E 437 -19.81 3.27 55.71
N LYS E 438 -20.47 4.43 55.82
CA LYS E 438 -21.88 4.51 55.43
C LYS E 438 -22.06 4.20 53.96
N ILE E 439 -21.15 4.70 53.11
CA ILE E 439 -21.22 4.41 51.68
C ILE E 439 -21.09 2.91 51.44
N GLY E 440 -20.15 2.27 52.11
CA GLY E 440 -19.98 0.83 51.97
C GLY E 440 -21.19 0.04 52.44
N ILE E 441 -21.78 0.46 53.56
CA ILE E 441 -22.97 -0.21 54.07
C ILE E 441 -24.12 -0.07 53.10
N GLU E 442 -24.30 1.12 52.52
CA GLU E 442 -25.35 1.29 51.52
C GLU E 442 -25.06 0.49 50.26
N ILE E 443 -23.79 0.34 49.89
CA ILE E 443 -23.44 -0.50 48.74
C ILE E 443 -23.89 -1.93 48.98
N ILE E 444 -23.59 -2.47 50.17
CA ILE E 444 -23.99 -3.84 50.48
C ILE E 444 -25.51 -3.94 50.55
N LYS E 445 -26.16 -2.93 51.10
CA LYS E 445 -27.62 -2.95 51.20
C LYS E 445 -28.27 -2.98 49.83
N ARG E 446 -27.74 -2.20 48.89
CA ARG E 446 -28.26 -2.24 47.52
C ARG E 446 -27.92 -3.54 46.82
N THR E 447 -26.76 -4.12 47.12
CA THR E 447 -26.36 -5.36 46.47
C THR E 447 -27.20 -6.55 46.95
N LEU E 448 -27.69 -6.50 48.19
CA LEU E 448 -28.44 -7.63 48.73
C LEU E 448 -29.67 -7.98 47.90
N LYS E 449 -30.18 -7.04 47.09
CA LYS E 449 -31.36 -7.28 46.28
C LYS E 449 -31.03 -7.87 44.91
N ILE E 450 -29.75 -8.02 44.56
CA ILE E 450 -29.34 -8.43 43.22
C ILE E 450 -29.79 -9.84 42.85
N PRO E 451 -29.57 -10.87 43.69
CA PRO E 451 -29.91 -12.24 43.25
C PRO E 451 -31.39 -12.42 42.93
N ALA E 452 -32.29 -11.86 43.74
CA ALA E 452 -33.71 -12.02 43.48
C ALA E 452 -34.12 -11.31 42.20
N MET E 453 -33.59 -10.10 41.97
CA MET E 453 -33.90 -9.39 40.74
C MET E 453 -33.36 -10.13 39.53
N THR E 454 -32.18 -10.74 39.63
CA THR E 454 -31.64 -11.52 38.53
C THR E 454 -32.50 -12.74 38.23
N ILE E 455 -32.93 -13.44 39.28
CA ILE E 455 -33.79 -14.61 39.09
C ILE E 455 -35.10 -14.21 38.44
N ALA E 456 -35.70 -13.10 38.89
CA ALA E 456 -36.93 -12.63 38.27
C ALA E 456 -36.72 -12.20 36.83
N LYS E 457 -35.58 -11.54 36.55
CA LYS E 457 -35.28 -11.08 35.20
C LYS E 457 -35.14 -12.24 34.23
N ASN E 458 -34.46 -13.31 34.66
CA ASN E 458 -34.36 -14.49 33.80
C ASN E 458 -35.73 -15.12 33.55
N ALA E 459 -36.69 -14.89 34.42
CA ALA E 459 -38.05 -15.41 34.26
C ALA E 459 -38.92 -14.55 33.35
N GLY E 460 -38.40 -13.43 32.86
CA GLY E 460 -39.17 -12.59 31.97
C GLY E 460 -40.07 -11.57 32.64
N VAL E 461 -39.89 -11.33 33.93
CA VAL E 461 -40.70 -10.36 34.65
C VAL E 461 -39.82 -9.23 35.16
N GLU E 462 -40.42 -8.25 35.81
CA GLU E 462 -39.69 -7.10 36.34
C GLU E 462 -39.18 -7.44 37.74
N GLY E 463 -37.85 -7.45 37.90
CA GLY E 463 -37.26 -7.82 39.16
C GLY E 463 -37.54 -6.84 40.29
N SER E 464 -37.60 -5.54 39.98
CA SER E 464 -37.79 -4.54 41.01
C SER E 464 -39.14 -4.70 41.71
N LEU E 465 -40.21 -4.89 40.93
CA LEU E 465 -41.52 -5.06 41.52
C LEU E 465 -41.59 -6.35 42.33
N ILE E 466 -40.98 -7.42 41.84
CA ILE E 466 -40.99 -8.69 42.56
C ILE E 466 -40.27 -8.53 43.91
N VAL E 467 -39.12 -7.87 43.91
CA VAL E 467 -38.36 -7.68 45.14
C VAL E 467 -39.13 -6.79 46.11
N GLU E 468 -39.76 -5.72 45.61
CA GLU E 468 -40.54 -4.85 46.48
C GLU E 468 -41.71 -5.61 47.10
N LYS E 469 -42.41 -6.41 46.31
CA LYS E 469 -43.53 -7.19 46.84
C LYS E 469 -43.06 -8.23 47.83
N ILE E 470 -41.90 -8.84 47.61
CA ILE E 470 -41.34 -9.78 48.57
C ILE E 470 -41.03 -9.07 49.88
N MET E 471 -40.42 -7.89 49.80
CA MET E 471 -40.06 -7.17 51.02
C MET E 471 -41.29 -6.71 51.79
N GLN E 472 -42.33 -6.26 51.08
CA GLN E 472 -43.56 -5.89 51.77
C GLN E 472 -44.31 -7.11 52.29
N SER E 473 -44.01 -8.30 51.77
CA SER E 473 -44.72 -9.49 52.16
C SER E 473 -44.21 -10.01 53.51
N SER E 474 -44.76 -11.14 53.93
CA SER E 474 -44.33 -11.76 55.18
C SER E 474 -42.97 -12.44 55.00
N SER E 475 -42.36 -12.79 56.13
CA SER E 475 -41.02 -13.37 56.11
C SER E 475 -41.02 -14.74 55.43
N GLU E 476 -42.11 -15.51 55.58
CA GLU E 476 -42.14 -16.85 55.02
C GLU E 476 -42.47 -16.83 53.53
N VAL E 477 -42.98 -15.70 53.04
CA VAL E 477 -43.46 -15.63 51.65
C VAL E 477 -42.32 -15.23 50.73
N GLY E 478 -42.15 -16.00 49.65
CA GLY E 478 -41.20 -15.67 48.61
C GLY E 478 -41.83 -15.79 47.23
N TYR E 479 -41.02 -15.65 46.19
CA TYR E 479 -41.51 -15.69 44.81
C TYR E 479 -41.02 -16.95 44.11
N ASP E 480 -41.96 -17.76 43.62
CA ASP E 480 -41.65 -18.93 42.81
C ASP E 480 -41.64 -18.49 41.35
N ALA E 481 -40.45 -18.55 40.73
CA ALA E 481 -40.31 -18.12 39.34
C ALA E 481 -40.88 -19.15 38.37
N MET E 482 -40.69 -20.44 38.66
CA MET E 482 -41.22 -21.47 37.78
C MET E 482 -42.74 -21.41 37.72
N ALA E 483 -43.39 -21.29 38.87
CA ALA E 483 -44.83 -21.06 38.92
C ALA E 483 -45.20 -19.60 38.69
N GLY E 484 -44.26 -18.69 38.84
CA GLY E 484 -44.50 -17.28 38.63
C GLY E 484 -45.51 -16.67 39.59
N ASP E 485 -45.42 -17.00 40.87
CA ASP E 485 -46.37 -16.47 41.84
C ASP E 485 -45.74 -16.45 43.22
N PHE E 486 -46.35 -15.69 44.12
CA PHE E 486 -45.83 -15.55 45.47
C PHE E 486 -46.41 -16.66 46.35
N VAL E 487 -45.54 -17.48 46.91
CA VAL E 487 -45.92 -18.66 47.67
C VAL E 487 -45.14 -18.70 48.98
N ASN E 488 -45.32 -19.79 49.72
CA ASN E 488 -44.53 -20.05 50.92
C ASN E 488 -43.33 -20.91 50.52
N MET E 489 -42.12 -20.39 50.76
CA MET E 489 -40.92 -21.03 50.25
C MET E 489 -40.69 -22.39 50.88
N VAL E 490 -40.84 -22.50 52.21
CA VAL E 490 -40.57 -23.77 52.89
C VAL E 490 -41.57 -24.83 52.45
N GLU E 491 -42.85 -24.48 52.36
CA GLU E 491 -43.86 -25.45 51.96
C GLU E 491 -43.64 -25.91 50.53
N LYS E 492 -43.32 -24.98 49.62
CA LYS E 492 -43.10 -25.34 48.23
C LYS E 492 -41.76 -26.04 48.03
N GLY E 493 -40.84 -25.89 48.98
CA GLY E 493 -39.55 -26.53 48.90
C GLY E 493 -38.45 -25.72 48.27
N ILE E 494 -38.64 -24.41 48.11
CA ILE E 494 -37.62 -23.54 47.53
C ILE E 494 -36.72 -23.11 48.68
N ILE E 495 -35.70 -23.92 48.95
CA ILE E 495 -34.77 -23.67 50.04
C ILE E 495 -33.35 -23.82 49.53
N ASP E 496 -32.41 -23.15 50.22
CA ASP E 496 -31.01 -23.16 49.87
C ASP E 496 -30.17 -23.48 51.10
N PRO E 497 -29.01 -24.12 50.93
CA PRO E 497 -28.06 -24.21 52.04
C PRO E 497 -27.56 -22.82 52.43
N THR E 498 -27.42 -22.60 53.74
CA THR E 498 -26.95 -21.31 54.20
C THR E 498 -25.45 -21.14 53.95
N LYS E 499 -24.71 -22.25 53.91
CA LYS E 499 -23.28 -22.17 53.65
C LYS E 499 -23.00 -21.64 52.26
N VAL E 500 -23.79 -22.07 51.27
CA VAL E 500 -23.55 -21.65 49.88
C VAL E 500 -23.73 -20.14 49.75
N VAL E 501 -24.85 -19.62 50.24
CA VAL E 501 -25.12 -18.18 50.11
C VAL E 501 -24.13 -17.39 50.95
N ARG E 502 -23.78 -17.89 52.13
CA ARG E 502 -22.82 -17.21 53.00
C ARG E 502 -21.48 -17.06 52.32
N THR E 503 -20.94 -18.16 51.77
CA THR E 503 -19.63 -18.10 51.16
C THR E 503 -19.65 -17.33 49.85
N ALA E 504 -20.74 -17.41 49.08
CA ALA E 504 -20.84 -16.62 47.86
C ALA E 504 -20.80 -15.14 48.18
N LEU E 505 -21.60 -14.70 49.16
CA LEU E 505 -21.60 -13.30 49.55
C LEU E 505 -20.23 -12.87 50.06
N LEU E 506 -19.60 -13.70 50.90
CA LEU E 506 -18.31 -13.33 51.48
C LEU E 506 -17.25 -13.18 50.40
N ASP E 507 -17.13 -14.17 49.51
CA ASP E 507 -16.11 -14.12 48.47
C ASP E 507 -16.34 -12.94 47.53
N ALA E 508 -17.58 -12.80 47.04
CA ALA E 508 -17.87 -11.71 46.12
C ALA E 508 -17.58 -10.36 46.75
N ALA E 509 -18.03 -10.17 47.99
CA ALA E 509 -17.83 -8.89 48.67
C ALA E 509 -16.36 -8.60 48.88
N GLY E 510 -15.60 -9.57 49.37
CA GLY E 510 -14.19 -9.35 49.60
C GLY E 510 -13.46 -8.95 48.34
N VAL E 511 -13.62 -9.75 47.28
CA VAL E 511 -12.86 -9.48 46.06
C VAL E 511 -13.29 -8.16 45.43
N ALA E 512 -14.59 -7.90 45.35
CA ALA E 512 -15.06 -6.67 44.73
C ALA E 512 -14.66 -5.45 45.53
N SER E 513 -14.73 -5.53 46.86
CA SER E 513 -14.32 -4.40 47.70
C SER E 513 -12.84 -4.11 47.55
N LEU E 514 -12.01 -5.16 47.46
CA LEU E 514 -10.60 -4.93 47.17
C LEU E 514 -10.43 -4.31 45.78
N LEU E 515 -11.28 -4.71 44.83
CA LEU E 515 -11.20 -4.17 43.48
C LEU E 515 -11.49 -2.67 43.45
N THR E 516 -12.48 -2.22 44.20
CA THR E 516 -12.92 -0.84 44.09
C THR E 516 -11.89 0.16 44.61
N THR E 517 -10.85 -0.33 45.29
CA THR E 517 -9.83 0.58 45.83
C THR E 517 -8.78 0.99 44.80
N ALA E 518 -8.93 0.58 43.55
CA ALA E 518 -7.88 0.81 42.56
C ALA E 518 -7.87 2.25 42.07
N GLU E 519 -6.67 2.74 41.76
CA GLU E 519 -6.47 4.01 41.08
C GLU E 519 -5.60 3.89 39.83
N VAL E 520 -4.60 3.03 39.84
CA VAL E 520 -3.66 2.87 38.74
C VAL E 520 -3.65 1.41 38.32
N VAL E 521 -3.61 1.17 37.02
CA VAL E 521 -3.55 -0.19 36.47
C VAL E 521 -2.37 -0.29 35.53
N VAL E 522 -1.51 -1.28 35.77
CA VAL E 522 -0.31 -1.51 34.97
C VAL E 522 -0.48 -2.83 34.23
N THR E 523 -0.36 -2.80 32.91
CA THR E 523 -0.53 -3.99 32.09
C THR E 523 0.66 -4.12 31.16
N GLU E 524 0.80 -5.30 30.57
CA GLU E 524 1.85 -5.52 29.58
C GLU E 524 1.44 -4.97 28.22
N ILE E 525 2.42 -4.55 27.45
CA ILE E 525 2.15 -4.03 26.11
C ILE E 525 1.72 -5.19 25.21
N PRO E 526 0.63 -5.06 24.45
CA PRO E 526 0.16 -6.18 23.63
C PRO E 526 1.04 -6.41 22.41
N LYS E 527 2.17 -7.08 22.62
CA LYS E 527 3.10 -7.38 21.52
C LYS E 527 2.52 -8.46 20.61
N GLY F 1 28.76 -2.38 20.19
CA GLY F 1 28.49 -3.07 18.95
C GLY F 1 27.22 -2.59 18.27
N SER F 2 26.10 -2.68 18.96
CA SER F 2 24.82 -2.26 18.41
C SER F 2 24.80 -0.74 18.24
N ALA F 3 24.03 -0.29 17.25
CA ALA F 3 23.92 1.14 16.97
C ALA F 3 23.31 1.87 18.16
N LYS F 4 23.81 3.07 18.42
CA LYS F 4 23.40 3.86 19.57
C LYS F 4 22.80 5.18 19.12
N ASP F 5 21.85 5.65 19.91
CA ASP F 5 21.25 6.97 19.75
C ASP F 5 21.73 7.87 20.89
N VAL F 6 22.21 9.05 20.55
CA VAL F 6 22.82 9.96 21.51
C VAL F 6 21.98 11.23 21.54
N LYS F 7 21.57 11.64 22.74
CA LYS F 7 20.77 12.85 22.93
C LYS F 7 21.50 13.79 23.88
N PHE F 8 21.45 15.09 23.55
CA PHE F 8 22.22 16.11 24.23
C PHE F 8 21.30 17.08 24.94
N GLY F 9 21.80 17.68 26.02
CA GLY F 9 21.16 18.83 26.64
C GLY F 9 19.81 18.60 27.29
N ALA F 10 18.93 19.59 27.17
CA ALA F 10 17.68 19.59 27.91
C ALA F 10 16.62 18.66 27.33
N ASP F 11 16.79 18.19 26.09
CA ASP F 11 15.81 17.27 25.51
C ASP F 11 15.84 15.92 26.21
N ALA F 12 17.04 15.37 26.38
CA ALA F 12 17.17 14.11 27.11
C ALA F 12 16.74 14.27 28.56
N ARG F 13 17.07 15.40 29.17
CA ARG F 13 16.63 15.66 30.53
C ARG F 13 15.11 15.70 30.62
N ALA F 14 14.46 16.32 29.63
CA ALA F 14 13.00 16.39 29.64
C ALA F 14 12.38 15.01 29.48
N LEU F 15 12.92 14.19 28.58
CA LEU F 15 12.38 12.84 28.40
C LEU F 15 12.57 12.00 29.66
N MET F 16 13.75 12.06 30.27
CA MET F 16 14.02 11.33 31.49
C MET F 16 13.14 11.82 32.64
N LEU F 17 12.91 13.13 32.73
CA LEU F 17 12.01 13.65 33.73
C LEU F 17 10.57 13.20 33.48
N GLN F 18 10.17 13.07 32.22
CA GLN F 18 8.85 12.52 31.92
C GLN F 18 8.71 11.10 32.42
N GLY F 19 9.74 10.27 32.19
CA GLY F 19 9.70 8.90 32.71
C GLY F 19 9.65 8.86 34.22
N VAL F 20 10.48 9.67 34.87
CA VAL F 20 10.51 9.74 36.33
C VAL F 20 9.16 10.19 36.86
N ASP F 21 8.57 11.20 36.22
CA ASP F 21 7.27 11.71 36.64
C ASP F 21 6.18 10.66 36.49
N LEU F 22 6.22 9.90 35.39
CA LEU F 22 5.22 8.84 35.21
C LEU F 22 5.33 7.80 36.32
N LEU F 23 6.54 7.30 36.58
CA LEU F 23 6.69 6.28 37.61
C LEU F 23 6.31 6.82 38.98
N ALA F 24 6.73 8.05 39.30
CA ALA F 24 6.44 8.61 40.61
C ALA F 24 4.97 8.94 40.78
N ASP F 25 4.29 9.36 39.71
CA ASP F 25 2.85 9.59 39.79
C ASP F 25 2.10 8.30 39.99
N ALA F 26 2.56 7.21 39.36
CA ALA F 26 1.95 5.91 39.62
C ALA F 26 2.16 5.49 41.07
N VAL F 27 3.37 5.70 41.59
CA VAL F 27 3.69 5.24 42.95
C VAL F 27 2.97 6.08 44.01
N ALA F 28 2.90 7.40 43.81
CA ALA F 28 2.50 8.32 44.87
C ALA F 28 1.01 8.27 45.20
N VAL F 29 0.19 7.60 44.39
CA VAL F 29 -1.23 7.48 44.70
C VAL F 29 -1.48 6.53 45.85
N THR F 30 -0.45 5.85 46.36
CA THR F 30 -0.58 4.87 47.42
C THR F 30 0.07 5.32 48.72
N MET F 31 0.26 6.63 48.90
CA MET F 31 0.97 7.16 50.05
C MET F 31 0.00 7.73 51.07
N GLY F 32 0.23 7.38 52.34
CA GLY F 32 -0.56 7.90 53.43
C GLY F 32 -1.73 7.00 53.79
N PRO F 33 -2.50 7.41 54.80
CA PRO F 33 -3.67 6.59 55.19
C PRO F 33 -4.77 6.59 54.14
N LYS F 34 -5.02 7.73 53.51
CA LYS F 34 -6.02 7.81 52.44
C LYS F 34 -5.39 7.60 51.07
N GLY F 35 -4.65 6.51 50.88
CA GLY F 35 -4.04 6.18 49.61
C GLY F 35 -4.73 4.98 49.00
N ARG F 36 -4.82 4.98 47.68
CA ARG F 36 -5.48 3.91 46.93
C ARG F 36 -4.46 2.82 46.61
N THR F 37 -4.93 1.81 45.88
CA THR F 37 -4.10 0.68 45.50
C THR F 37 -3.86 0.67 44.00
N VAL F 38 -2.94 -0.19 43.57
CA VAL F 38 -2.55 -0.34 42.18
C VAL F 38 -2.71 -1.81 41.80
N ILE F 39 -3.36 -2.06 40.67
CA ILE F 39 -3.51 -3.41 40.14
C ILE F 39 -2.47 -3.61 39.04
N ILE F 40 -1.61 -4.61 39.21
CA ILE F 40 -0.58 -4.96 38.25
C ILE F 40 -0.95 -6.31 37.64
N GLU F 41 -1.06 -6.36 36.32
CA GLU F 41 -1.38 -7.60 35.65
C GLU F 41 -0.24 -8.60 35.79
N GLN F 42 -0.59 -9.82 36.20
CA GLN F 42 0.38 -10.90 36.32
C GLN F 42 0.28 -11.80 35.09
N SER F 43 1.44 -12.16 34.54
CA SER F 43 1.46 -12.91 33.28
C SER F 43 0.85 -14.30 33.43
N TRP F 44 1.10 -14.96 34.56
CA TRP F 44 0.73 -16.36 34.72
C TRP F 44 -0.60 -16.58 35.43
N GLY F 45 -1.17 -15.57 36.07
CA GLY F 45 -2.38 -15.78 36.82
C GLY F 45 -3.17 -14.52 37.07
N SER F 46 -3.82 -14.50 38.23
CA SER F 46 -4.70 -13.39 38.59
C SER F 46 -3.87 -12.13 38.82
N PRO F 47 -4.43 -10.94 38.58
CA PRO F 47 -3.68 -9.71 38.83
C PRO F 47 -3.38 -9.53 40.32
N LYS F 48 -2.41 -8.67 40.59
CA LYS F 48 -1.95 -8.41 41.95
C LYS F 48 -2.33 -6.98 42.35
N VAL F 49 -3.06 -6.86 43.44
CA VAL F 49 -3.43 -5.55 43.98
C VAL F 49 -2.51 -5.23 45.14
N THR F 50 -1.81 -4.09 45.04
CA THR F 50 -0.80 -3.75 46.04
C THR F 50 -0.85 -2.27 46.37
N LYS F 51 -0.46 -1.94 47.60
CA LYS F 51 -0.28 -0.56 48.04
C LYS F 51 1.19 -0.25 48.32
N ASP F 52 2.10 -1.12 47.91
CA ASP F 52 3.52 -0.96 48.21
C ASP F 52 4.20 -0.12 47.14
N GLY F 53 5.04 0.81 47.57
CA GLY F 53 5.73 1.67 46.63
C GLY F 53 6.72 0.92 45.77
N VAL F 54 7.52 0.04 46.38
CA VAL F 54 8.56 -0.67 45.64
C VAL F 54 7.94 -1.67 44.67
N THR F 55 6.84 -2.32 45.09
CA THR F 55 6.18 -3.27 44.21
C THR F 55 5.59 -2.60 42.99
N VAL F 56 5.00 -1.42 43.15
CA VAL F 56 4.48 -0.67 42.01
C VAL F 56 5.63 -0.17 41.14
N ALA F 57 6.71 0.32 41.76
CA ALA F 57 7.83 0.86 40.99
C ALA F 57 8.49 -0.20 40.14
N LYS F 58 8.77 -1.37 40.73
CA LYS F 58 9.48 -2.43 40.02
C LYS F 58 8.67 -3.05 38.89
N SER F 59 7.37 -2.80 38.84
CA SER F 59 6.50 -3.38 37.83
C SER F 59 6.27 -2.47 36.64
N ILE F 60 6.90 -1.30 36.59
CA ILE F 60 6.69 -0.33 35.54
C ILE F 60 7.96 -0.27 34.69
N ASP F 61 7.82 -0.66 33.42
CA ASP F 61 8.91 -0.57 32.44
C ASP F 61 8.37 0.13 31.20
N LEU F 62 9.10 1.14 30.74
CA LEU F 62 8.62 1.99 29.66
C LEU F 62 9.32 1.64 28.35
N LYS F 63 8.60 1.87 27.25
CA LYS F 63 9.15 1.55 25.93
C LYS F 63 10.21 2.56 25.51
N ASP F 64 9.94 3.85 25.74
CA ASP F 64 10.92 4.88 25.39
C ASP F 64 12.19 4.71 26.21
N LYS F 65 13.34 4.79 25.53
CA LYS F 65 14.60 4.44 26.18
C LYS F 65 14.96 5.43 27.28
N TYR F 66 14.75 6.72 27.05
CA TYR F 66 15.13 7.74 28.04
C TYR F 66 14.17 7.75 29.21
N LYS F 67 12.86 7.65 28.93
CA LYS F 67 11.88 7.51 29.99
C LYS F 67 12.14 6.23 30.78
N ASN F 68 12.55 5.16 30.09
CA ASN F 68 12.89 3.93 30.80
C ASN F 68 14.14 4.11 31.66
N ILE F 69 15.10 4.92 31.22
CA ILE F 69 16.28 5.18 32.04
C ILE F 69 15.87 5.88 33.34
N GLY F 70 15.03 6.92 33.21
CA GLY F 70 14.54 7.60 34.40
C GLY F 70 13.75 6.68 35.31
N ALA F 71 12.88 5.86 34.73
CA ALA F 71 12.10 4.92 35.52
C ALA F 71 13.00 3.91 36.22
N LYS F 72 14.05 3.46 35.54
CA LYS F 72 14.99 2.52 36.14
C LYS F 72 15.73 3.14 37.32
N LEU F 73 16.09 4.41 37.20
CA LEU F 73 16.75 5.08 38.33
C LEU F 73 15.81 5.23 39.51
N VAL F 74 14.54 5.56 39.27
CA VAL F 74 13.59 5.63 40.37
C VAL F 74 13.36 4.25 40.98
N GLN F 75 13.36 3.21 40.14
CA GLN F 75 13.27 1.84 40.65
C GLN F 75 14.47 1.50 41.52
N ASP F 76 15.65 1.98 41.13
CA ASP F 76 16.84 1.81 41.96
C ASP F 76 16.64 2.46 43.32
N VAL F 77 16.10 3.67 43.33
CA VAL F 77 15.82 4.36 44.60
C VAL F 77 14.90 3.51 45.47
N ALA F 78 13.79 3.07 44.89
CA ALA F 78 12.79 2.33 45.65
C ALA F 78 13.35 1.01 46.16
N ASN F 79 14.12 0.31 45.31
CA ASN F 79 14.66 -0.99 45.71
C ASN F 79 15.69 -0.86 46.81
N ASN F 80 16.57 0.15 46.73
CA ASN F 80 17.52 0.36 47.82
C ASN F 80 16.81 0.72 49.12
N THR F 81 15.78 1.57 49.04
CA THR F 81 15.05 1.92 50.24
C THR F 81 14.36 0.69 50.84
N ASN F 82 13.79 -0.16 49.99
CA ASN F 82 13.15 -1.39 50.47
C ASN F 82 14.17 -2.33 51.11
N GLU F 83 15.35 -2.47 50.50
CA GLU F 83 16.33 -3.42 51.00
C GLU F 83 16.97 -2.97 52.31
N GLU F 84 17.30 -1.68 52.43
CA GLU F 84 17.97 -1.19 53.62
C GLU F 84 17.03 -0.85 54.77
N ALA F 85 15.72 -0.76 54.52
CA ALA F 85 14.80 -0.43 55.61
C ALA F 85 13.62 -1.41 55.70
N GLY F 86 13.09 -1.82 54.56
CA GLY F 86 11.88 -2.63 54.51
C GLY F 86 10.61 -1.81 54.38
N ASP F 87 10.69 -0.49 54.57
CA ASP F 87 9.55 0.40 54.50
C ASP F 87 10.03 1.77 54.05
N GLY F 88 9.09 2.62 53.66
CA GLY F 88 9.40 3.96 53.22
C GLY F 88 9.72 4.12 51.74
N THR F 89 9.30 3.18 50.90
CA THR F 89 9.67 3.23 49.49
C THR F 89 8.91 4.33 48.75
N THR F 90 7.64 4.55 49.09
CA THR F 90 6.89 5.61 48.44
C THR F 90 7.45 6.99 48.78
N THR F 91 7.83 7.18 50.05
CA THR F 91 8.45 8.44 50.45
C THR F 91 9.76 8.66 49.70
N ALA F 92 10.58 7.62 49.59
CA ALA F 92 11.81 7.75 48.83
C ALA F 92 11.55 8.07 47.37
N THR F 93 10.52 7.45 46.78
CA THR F 93 10.20 7.71 45.38
C THR F 93 9.79 9.17 45.17
N VAL F 94 8.91 9.68 46.04
CA VAL F 94 8.45 11.06 45.86
C VAL F 94 9.58 12.04 46.13
N LEU F 95 10.43 11.76 47.13
CA LEU F 95 11.57 12.62 47.39
C LEU F 95 12.55 12.64 46.21
N ALA F 96 12.82 11.46 45.64
CA ALA F 96 13.71 11.38 44.49
C ALA F 96 13.15 12.14 43.30
N ARG F 97 11.84 12.01 43.05
CA ARG F 97 11.22 12.75 41.95
C ARG F 97 11.33 14.25 42.17
N SER F 98 11.06 14.71 43.40
CA SER F 98 11.13 16.14 43.68
C SER F 98 12.55 16.66 43.49
N ILE F 99 13.54 15.94 44.01
CA ILE F 99 14.93 16.38 43.89
C ILE F 99 15.36 16.39 42.43
N ALA F 100 14.98 15.36 41.67
CA ALA F 100 15.34 15.31 40.25
C ALA F 100 14.73 16.47 39.48
N LYS F 101 13.45 16.77 39.74
CA LYS F 101 12.80 17.89 39.06
C LYS F 101 13.46 19.21 39.42
N GLU F 102 13.72 19.42 40.72
CA GLU F 102 14.33 20.67 41.15
C GLU F 102 15.72 20.85 40.54
N GLY F 103 16.51 19.77 40.51
CA GLY F 103 17.83 19.85 39.91
C GLY F 103 17.78 20.09 38.41
N PHE F 104 16.84 19.43 37.72
CA PHE F 104 16.72 19.61 36.28
C PHE F 104 16.34 21.04 35.93
N GLU F 105 15.39 21.63 36.67
CA GLU F 105 14.94 22.97 36.33
C GLU F 105 15.95 24.07 36.69
N LYS F 106 16.97 23.75 37.49
CA LYS F 106 17.95 24.74 37.92
C LYS F 106 19.26 24.65 37.16
N ILE F 107 19.29 23.95 36.03
CA ILE F 107 20.52 23.79 35.26
C ILE F 107 20.59 24.89 34.21
N SER F 108 21.71 25.62 34.19
CA SER F 108 21.95 26.69 33.23
C SER F 108 23.33 26.49 32.61
N LYS F 109 23.71 27.43 31.74
CA LYS F 109 25.02 27.36 31.11
C LYS F 109 26.14 27.53 32.13
N GLY F 110 25.99 28.48 33.05
CA GLY F 110 26.98 28.72 34.07
C GLY F 110 26.87 27.89 35.33
N ALA F 111 25.76 27.18 35.49
CA ALA F 111 25.57 26.36 36.67
C ALA F 111 26.48 25.14 36.64
N ASN F 112 26.88 24.69 37.82
CA ASN F 112 27.73 23.51 37.96
C ASN F 112 26.96 22.43 38.71
N PRO F 113 26.37 21.46 38.02
CA PRO F 113 25.55 20.45 38.71
C PRO F 113 26.33 19.58 39.69
N VAL F 114 27.65 19.46 39.53
CA VAL F 114 28.43 18.67 40.48
C VAL F 114 28.47 19.36 41.84
N GLU F 115 28.69 20.67 41.85
CA GLU F 115 28.68 21.41 43.12
C GLU F 115 27.27 21.48 43.70
N ILE F 116 26.25 21.51 42.85
CA ILE F 116 24.87 21.43 43.32
C ILE F 116 24.64 20.09 44.02
N ARG F 117 25.16 19.01 43.44
CA ARG F 117 25.07 17.70 44.08
C ARG F 117 25.80 17.70 45.42
N ARG F 118 26.98 18.32 45.47
CA ARG F 118 27.73 18.41 46.72
C ARG F 118 26.91 19.12 47.79
N GLY F 119 26.33 20.27 47.43
CA GLY F 119 25.49 20.99 48.37
C GLY F 119 24.30 20.18 48.82
N VAL F 120 23.74 19.37 47.91
CA VAL F 120 22.65 18.48 48.27
C VAL F 120 23.11 17.48 49.32
N MET F 121 24.31 16.92 49.15
CA MET F 121 24.82 15.95 50.13
C MET F 121 25.04 16.60 51.50
N LEU F 122 25.62 17.81 51.52
CA LEU F 122 25.76 18.50 52.81
C LEU F 122 24.40 18.79 53.45
N ALA F 123 23.42 19.23 52.67
CA ALA F 123 22.10 19.51 53.23
C ALA F 123 21.47 18.24 53.78
N VAL F 124 21.63 17.12 53.08
CA VAL F 124 21.04 15.87 53.54
C VAL F 124 21.75 15.37 54.80
N ASP F 125 23.07 15.55 54.88
CA ASP F 125 23.77 15.19 56.10
C ASP F 125 23.28 16.02 57.28
N ALA F 126 23.07 17.33 57.07
CA ALA F 126 22.53 18.17 58.13
C ALA F 126 21.14 17.72 58.55
N VAL F 127 20.29 17.38 57.59
CA VAL F 127 18.93 16.93 57.92
C VAL F 127 18.98 15.61 58.68
N ILE F 128 19.89 14.71 58.30
CA ILE F 128 20.03 13.44 59.00
C ILE F 128 20.49 13.66 60.43
N ALA F 129 21.42 14.59 60.63
CA ALA F 129 21.86 14.93 61.98
C ALA F 129 20.69 15.48 62.80
N GLU F 130 19.87 16.35 62.20
CA GLU F 130 18.70 16.87 62.89
C GLU F 130 17.73 15.74 63.25
N LEU F 131 17.51 14.81 62.33
CA LEU F 131 16.60 13.69 62.58
C LEU F 131 17.11 12.83 63.74
N LYS F 132 18.41 12.54 63.76
CA LYS F 132 18.97 11.79 64.87
C LYS F 132 18.86 12.55 66.18
N LYS F 133 19.00 13.88 66.13
CA LYS F 133 18.86 14.68 67.34
C LYS F 133 17.41 14.73 67.83
N GLN F 134 16.45 14.54 66.92
CA GLN F 134 15.03 14.61 67.28
C GLN F 134 14.41 13.27 67.62
N SER F 135 15.18 12.19 67.60
CA SER F 135 14.63 10.87 67.84
C SER F 135 14.43 10.60 69.34
N LYS F 136 13.55 9.65 69.63
CA LYS F 136 13.31 9.20 71.00
C LYS F 136 13.16 7.67 70.96
N PRO F 137 13.81 6.95 71.87
CA PRO F 137 13.77 5.50 71.82
C PRO F 137 12.40 4.94 72.21
N VAL F 138 12.16 3.71 71.80
CA VAL F 138 10.92 2.99 72.14
C VAL F 138 11.11 2.40 73.53
N THR F 139 10.22 2.75 74.45
CA THR F 139 10.31 2.28 75.83
C THR F 139 9.10 1.46 76.27
N THR F 140 7.98 1.56 75.57
CA THR F 140 6.76 0.86 75.96
C THR F 140 6.23 0.03 74.81
N PRO F 141 5.57 -1.10 75.11
CA PRO F 141 4.96 -1.89 74.02
C PRO F 141 3.85 -1.17 73.29
N GLU F 142 3.21 -0.18 73.93
CA GLU F 142 2.18 0.59 73.25
C GLU F 142 2.76 1.38 72.08
N GLU F 143 4.00 1.85 72.23
CA GLU F 143 4.67 2.49 71.10
C GLU F 143 4.89 1.51 69.96
N ILE F 144 5.25 0.27 70.29
CA ILE F 144 5.39 -0.76 69.25
C ILE F 144 4.06 -0.98 68.53
N ALA F 145 2.97 -1.05 69.31
CA ALA F 145 1.64 -1.22 68.70
C ALA F 145 1.30 -0.04 67.80
N GLN F 146 1.59 1.18 68.25
CA GLN F 146 1.30 2.36 67.44
C GLN F 146 2.11 2.35 66.15
N VAL F 147 3.38 2.00 66.22
CA VAL F 147 4.23 1.96 65.03
C VAL F 147 3.72 0.90 64.05
N ALA F 148 3.39 -0.28 64.55
CA ALA F 148 2.88 -1.33 63.69
C ALA F 148 1.56 -0.94 63.05
N THR F 149 0.66 -0.30 63.81
CA THR F 149 -0.61 0.13 63.27
C THR F 149 -0.42 1.19 62.20
N ILE F 150 0.48 2.15 62.44
CA ILE F 150 0.71 3.21 61.46
C ILE F 150 1.30 2.63 60.19
N SER F 151 2.24 1.69 60.31
CA SER F 151 2.87 1.09 59.14
C SER F 151 1.99 0.05 58.47
N ALA F 152 0.90 -0.37 59.10
CA ALA F 152 -0.05 -1.32 58.52
C ALA F 152 -1.30 -0.62 58.01
N ASN F 153 -1.18 0.64 57.60
CA ASN F 153 -2.30 1.43 57.08
C ASN F 153 -3.42 1.53 58.12
N GLY F 154 -3.04 1.80 59.36
CA GLY F 154 -4.02 2.01 60.41
C GLY F 154 -4.86 0.80 60.75
N ASP F 155 -4.26 -0.39 60.78
CA ASP F 155 -4.97 -1.61 61.15
C ASP F 155 -4.64 -1.94 62.61
N LYS F 156 -5.65 -1.83 63.47
CA LYS F 156 -5.43 -2.08 64.89
C LYS F 156 -5.06 -3.53 65.16
N GLU F 157 -5.71 -4.47 64.47
CA GLU F 157 -5.48 -5.89 64.75
C GLU F 157 -4.07 -6.31 64.37
N ILE F 158 -3.51 -5.78 63.29
CA ILE F 158 -2.15 -6.13 62.90
C ILE F 158 -1.16 -5.65 63.96
N GLY F 159 -1.34 -4.42 64.43
CA GLY F 159 -0.49 -3.91 65.49
C GLY F 159 -0.61 -4.70 66.77
N ASN F 160 -1.84 -5.09 67.13
CA ASN F 160 -2.03 -5.91 68.33
C ASN F 160 -1.33 -7.26 68.18
N ILE F 161 -1.45 -7.89 67.01
CA ILE F 161 -0.81 -9.18 66.79
C ILE F 161 0.70 -9.06 66.88
N ILE F 162 1.27 -8.01 66.29
CA ILE F 162 2.72 -7.84 66.30
C ILE F 162 3.21 -7.54 67.72
N SER F 163 2.44 -6.75 68.47
CA SER F 163 2.79 -6.48 69.87
C SER F 163 2.74 -7.77 70.69
N ASP F 164 1.73 -8.60 70.46
CA ASP F 164 1.66 -9.88 71.16
C ASP F 164 2.85 -10.77 70.80
N ALA F 165 3.24 -10.77 69.53
CA ALA F 165 4.40 -11.57 69.12
C ALA F 165 5.67 -11.08 69.80
N MET F 166 5.88 -9.77 69.85
CA MET F 166 7.05 -9.22 70.53
C MET F 166 7.01 -9.45 72.03
N LYS F 167 5.83 -9.47 72.65
CA LYS F 167 5.74 -9.82 74.05
C LYS F 167 6.09 -11.29 74.29
N LYS F 168 5.63 -12.18 73.40
CA LYS F 168 5.84 -13.61 73.59
C LYS F 168 7.28 -14.02 73.33
N VAL F 169 7.86 -13.57 72.20
CA VAL F 169 9.17 -14.06 71.79
C VAL F 169 10.27 -13.05 72.00
N GLY F 170 9.97 -11.91 72.62
CA GLY F 170 10.96 -10.88 72.83
C GLY F 170 11.00 -9.86 71.71
N ARG F 171 11.66 -8.73 71.99
CA ARG F 171 11.73 -7.66 71.01
C ARG F 171 12.57 -8.06 69.80
N LYS F 172 13.63 -8.84 70.02
CA LYS F 172 14.52 -9.28 68.97
C LYS F 172 14.22 -10.70 68.50
N GLY F 173 13.09 -11.27 68.90
CA GLY F 173 12.79 -12.64 68.51
C GLY F 173 12.49 -12.77 67.03
N VAL F 174 12.59 -14.01 66.55
CA VAL F 174 12.36 -14.28 65.13
C VAL F 174 10.87 -14.31 64.85
N ILE F 175 10.42 -13.47 63.93
CA ILE F 175 9.01 -13.38 63.54
C ILE F 175 8.93 -13.44 62.02
N THR F 176 8.01 -14.25 61.50
CA THR F 176 7.82 -14.40 60.07
C THR F 176 6.34 -14.52 59.75
N VAL F 177 6.01 -14.24 58.49
CA VAL F 177 4.64 -14.20 58.01
C VAL F 177 4.44 -15.31 56.99
N LYS F 178 3.35 -16.07 57.16
CA LYS F 178 3.01 -17.14 56.24
C LYS F 178 1.51 -17.05 55.97
N ASP F 179 1.10 -17.38 54.74
CA ASP F 179 -0.30 -17.20 54.38
C ASP F 179 -1.19 -18.17 55.17
N GLY F 180 -2.34 -17.68 55.60
CA GLY F 180 -3.25 -18.51 56.37
C GLY F 180 -4.33 -19.16 55.54
N LYS F 181 -4.85 -20.27 56.07
CA LYS F 181 -5.94 -21.00 55.43
C LYS F 181 -7.30 -20.69 56.04
N THR F 182 -7.37 -19.70 56.92
CA THR F 182 -8.59 -19.33 57.62
C THR F 182 -8.95 -17.88 57.32
N LEU F 183 -10.09 -17.46 57.84
CA LEU F 183 -10.61 -16.12 57.54
C LEU F 183 -9.87 -15.02 58.32
N ASN F 184 -9.32 -15.34 59.48
CA ASN F 184 -8.74 -14.34 60.37
C ASN F 184 -7.26 -14.61 60.59
N ASP F 185 -6.55 -13.56 60.98
CA ASP F 185 -5.13 -13.67 61.30
C ASP F 185 -4.95 -14.35 62.65
N GLU F 186 -3.89 -15.15 62.77
CA GLU F 186 -3.61 -15.86 64.02
C GLU F 186 -2.11 -15.92 64.24
N LEU F 187 -1.74 -16.15 65.50
CA LEU F 187 -0.35 -16.15 65.94
C LEU F 187 -0.01 -17.50 66.55
N GLU F 188 1.14 -18.06 66.17
CA GLU F 188 1.62 -19.30 66.76
C GLU F 188 3.09 -19.17 67.12
N ILE F 189 3.52 -19.97 68.09
CA ILE F 189 4.89 -19.95 68.57
C ILE F 189 5.59 -21.26 68.26
N ALA F 378 8.15 -16.73 66.40
CA ALA F 378 6.71 -16.58 66.18
C ALA F 378 6.39 -16.61 64.68
N VAL F 379 5.24 -17.17 64.35
CA VAL F 379 4.76 -17.25 62.97
C VAL F 379 3.35 -16.67 62.93
N LEU F 380 3.05 -15.96 61.85
CA LEU F 380 1.77 -15.28 61.66
C LEU F 380 1.05 -15.91 60.48
N LYS F 381 -0.23 -16.20 60.66
CA LYS F 381 -1.08 -16.67 59.58
C LYS F 381 -2.06 -15.55 59.21
N VAL F 382 -2.08 -15.18 57.93
CA VAL F 382 -2.86 -14.05 57.46
C VAL F 382 -4.21 -14.55 56.95
N GLY F 383 -5.29 -13.94 57.46
CA GLY F 383 -6.63 -14.33 57.04
C GLY F 383 -7.06 -13.65 55.75
N GLY F 384 -8.15 -14.15 55.20
CA GLY F 384 -8.69 -13.60 53.97
C GLY F 384 -9.57 -14.61 53.28
N THR F 385 -10.10 -14.19 52.14
CA THR F 385 -10.97 -15.02 51.31
C THR F 385 -10.33 -15.50 50.03
N SER F 386 -9.62 -14.61 49.32
CA SER F 386 -8.93 -14.96 48.10
C SER F 386 -7.45 -14.62 48.21
N ASP F 387 -6.68 -15.02 47.20
CA ASP F 387 -5.24 -14.85 47.24
C ASP F 387 -4.83 -13.39 47.17
N VAL F 388 -5.60 -12.57 46.43
CA VAL F 388 -5.25 -11.16 46.30
C VAL F 388 -5.32 -10.46 47.65
N GLU F 389 -6.38 -10.72 48.42
CA GLU F 389 -6.54 -10.09 49.73
C GLU F 389 -5.44 -10.52 50.68
N VAL F 390 -5.13 -11.82 50.72
CA VAL F 390 -4.10 -12.29 51.64
C VAL F 390 -2.74 -11.77 51.22
N ASN F 391 -2.51 -11.59 49.92
CA ASN F 391 -1.24 -11.03 49.47
C ASN F 391 -1.10 -9.56 49.88
N GLU F 392 -2.17 -8.78 49.71
CA GLU F 392 -2.13 -7.38 50.14
C GLU F 392 -1.92 -7.27 51.65
N LYS F 393 -2.66 -8.07 52.41
CA LYS F 393 -2.51 -8.07 53.86
C LYS F 393 -1.14 -8.54 54.29
N LYS F 394 -0.57 -9.53 53.59
CA LYS F 394 0.78 -9.99 53.90
C LYS F 394 1.81 -8.91 53.64
N ASP F 395 1.64 -8.17 52.53
CA ASP F 395 2.54 -7.06 52.26
C ASP F 395 2.46 -6.00 53.35
N ARG F 396 1.25 -5.66 53.80
CA ARG F 396 1.13 -4.70 54.89
C ARG F 396 1.69 -5.22 56.21
N VAL F 397 1.50 -6.50 56.53
CA VAL F 397 2.07 -7.07 57.75
C VAL F 397 3.59 -7.09 57.69
N THR F 398 4.17 -7.42 56.54
CA THR F 398 5.61 -7.39 56.38
C THR F 398 6.14 -5.97 56.55
N ASP F 399 5.43 -4.99 55.97
CA ASP F 399 5.82 -3.60 56.16
C ASP F 399 5.79 -3.21 57.63
N ALA F 400 4.74 -3.62 58.34
CA ALA F 400 4.63 -3.30 59.76
C ALA F 400 5.74 -3.95 60.57
N LEU F 401 6.06 -5.21 60.29
CA LEU F 401 7.15 -5.89 60.99
C LEU F 401 8.49 -5.22 60.74
N ASN F 402 8.78 -4.88 59.48
CA ASN F 402 10.04 -4.20 59.18
C ASN F 402 10.11 -2.85 59.86
N ALA F 403 9.00 -2.10 59.84
CA ALA F 403 8.99 -0.78 60.45
C ALA F 403 9.17 -0.86 61.96
N THR F 404 8.54 -1.84 62.62
CA THR F 404 8.70 -1.93 64.06
C THR F 404 10.08 -2.47 64.43
N ARG F 405 10.69 -3.31 63.59
CA ARG F 405 12.06 -3.70 63.82
C ARG F 405 13.00 -2.51 63.71
N ALA F 406 12.78 -1.64 62.71
CA ALA F 406 13.56 -0.41 62.62
C ALA F 406 13.31 0.51 63.80
N ALA F 407 12.07 0.58 64.28
CA ALA F 407 11.72 1.46 65.38
C ALA F 407 12.31 0.97 66.70
N VAL F 408 12.51 -0.33 66.85
CA VAL F 408 13.16 -0.84 68.05
C VAL F 408 14.68 -0.83 67.92
N GLU F 409 15.21 -0.89 66.70
CA GLU F 409 16.64 -0.79 66.51
C GLU F 409 17.14 0.65 66.53
N GLU F 410 16.24 1.62 66.51
CA GLU F 410 16.63 3.03 66.46
C GLU F 410 15.55 3.83 67.20
N GLY F 411 15.51 5.14 66.96
CA GLY F 411 14.58 6.02 67.63
C GLY F 411 13.23 6.10 66.93
N ILE F 412 12.43 7.08 67.38
CA ILE F 412 11.10 7.32 66.85
C ILE F 412 10.93 8.82 66.63
N VAL F 413 10.38 9.20 65.48
CA VAL F 413 10.10 10.58 65.14
C VAL F 413 8.61 10.70 64.82
N LEU F 414 8.18 11.93 64.60
CA LEU F 414 6.78 12.20 64.29
C LEU F 414 6.43 11.65 62.91
N GLY F 415 5.17 11.27 62.74
CA GLY F 415 4.68 10.76 61.48
C GLY F 415 4.14 11.85 60.57
N GLY F 416 3.56 11.42 59.46
CA GLY F 416 2.93 12.33 58.54
C GLY F 416 3.87 13.20 57.73
N GLY F 417 5.17 12.93 57.79
CA GLY F 417 6.15 13.81 57.16
C GLY F 417 6.52 15.02 57.97
N CYS F 418 5.99 15.16 59.19
CA CYS F 418 6.31 16.31 60.03
C CYS F 418 7.75 16.27 60.52
N ALA F 419 8.30 15.08 60.75
CA ALA F 419 9.68 14.96 61.18
C ALA F 419 10.63 15.55 60.15
N LEU F 420 10.37 15.30 58.87
CA LEU F 420 11.18 15.88 57.81
C LEU F 420 10.92 17.38 57.67
N LEU F 421 9.72 17.83 58.05
CA LEU F 421 9.42 19.27 58.01
C LEU F 421 10.17 20.03 59.10
N ARG F 422 10.39 19.40 60.25
CA ARG F 422 11.04 20.08 61.37
C ARG F 422 12.52 20.36 61.13
N CYS F 423 13.12 19.80 60.08
CA CYS F 423 14.54 19.96 59.81
C CYS F 423 14.87 21.14 58.91
N ILE F 424 13.87 21.92 58.49
CA ILE F 424 14.13 23.09 57.67
C ILE F 424 14.99 24.12 58.40
N PRO F 425 14.75 24.45 59.68
CA PRO F 425 15.67 25.39 60.36
C PRO F 425 17.11 24.93 60.39
N ALA F 426 17.36 23.61 60.43
CA ALA F 426 18.72 23.11 60.35
C ALA F 426 19.38 23.53 59.03
N LEU F 427 18.62 23.45 57.94
CA LEU F 427 19.13 23.93 56.66
C LEU F 427 19.29 25.44 56.64
N ASP F 428 18.39 26.16 57.33
CA ASP F 428 18.52 27.61 57.40
C ASP F 428 19.81 28.01 58.10
N SER F 429 20.22 27.24 59.11
CA SER F 429 21.45 27.55 59.84
C SER F 429 22.68 27.40 58.95
N LEU F 430 22.69 26.41 58.06
CA LEU F 430 23.86 26.14 57.23
C LEU F 430 24.15 27.30 56.30
N THR F 431 25.44 27.51 56.04
CA THR F 431 25.89 28.53 55.11
C THR F 431 26.53 27.88 53.88
N PRO F 432 26.26 28.37 52.68
CA PRO F 432 26.83 27.75 51.48
C PRO F 432 28.27 28.17 51.26
N ALA F 433 28.98 27.39 50.43
CA ALA F 433 30.32 27.76 50.03
C ALA F 433 30.34 28.57 48.74
N ASN F 434 29.39 28.32 47.84
CA ASN F 434 29.27 29.07 46.60
C ASN F 434 27.81 29.05 46.17
N GLU F 435 27.55 29.55 44.95
CA GLU F 435 26.17 29.65 44.48
C GLU F 435 25.56 28.29 44.20
N ASP F 436 26.34 27.36 43.65
CA ASP F 436 25.80 26.04 43.32
C ASP F 436 25.43 25.28 44.59
N GLN F 437 26.25 25.36 45.63
CA GLN F 437 25.90 24.71 46.89
C GLN F 437 24.66 25.34 47.52
N LYS F 438 24.50 26.66 47.37
CA LYS F 438 23.27 27.30 47.81
C LYS F 438 22.07 26.77 47.04
N ILE F 439 22.23 26.57 45.73
CA ILE F 439 21.15 26.00 44.91
C ILE F 439 20.78 24.62 45.41
N GLY F 440 21.79 23.78 45.69
CA GLY F 440 21.51 22.45 46.19
C GLY F 440 20.82 22.46 47.55
N ILE F 441 21.26 23.36 48.44
CA ILE F 441 20.64 23.48 49.75
C ILE F 441 19.19 23.90 49.62
N GLU F 442 18.90 24.86 48.75
CA GLU F 442 17.52 25.26 48.53
C GLU F 442 16.70 24.15 47.89
N ILE F 443 17.32 23.34 47.03
CA ILE F 443 16.63 22.19 46.45
C ILE F 443 16.18 21.24 47.56
N ILE F 444 17.10 20.91 48.48
CA ILE F 444 16.76 20.01 49.57
C ILE F 444 15.71 20.65 50.49
N LYS F 445 15.83 21.96 50.72
CA LYS F 445 14.86 22.65 51.57
C LYS F 445 13.46 22.60 50.98
N ARG F 446 13.34 22.80 49.66
CA ARG F 446 12.04 22.70 49.02
C ARG F 446 11.54 21.26 48.97
N THR F 447 12.45 20.29 48.87
CA THR F 447 12.04 18.89 48.82
C THR F 447 11.54 18.39 50.16
N LEU F 448 12.08 18.91 51.26
CA LEU F 448 11.72 18.40 52.58
C LEU F 448 10.23 18.48 52.87
N LYS F 449 9.50 19.35 52.19
CA LYS F 449 8.06 19.50 52.40
C LYS F 449 7.23 18.47 51.64
N ILE F 450 7.82 17.77 50.68
CA ILE F 450 7.07 16.96 49.72
C ILE F 450 6.24 15.85 50.35
N PRO F 451 6.77 15.03 51.27
CA PRO F 451 5.95 13.93 51.81
C PRO F 451 4.66 14.40 52.48
N ALA F 452 4.70 15.51 53.22
CA ALA F 452 3.50 16.00 53.88
C ALA F 452 2.47 16.47 52.86
N MET F 453 2.90 17.19 51.83
CA MET F 453 1.97 17.61 50.79
C MET F 453 1.40 16.42 50.04
N THR F 454 2.19 15.39 49.80
CA THR F 454 1.68 14.20 49.13
C THR F 454 0.62 13.50 49.99
N ILE F 455 0.89 13.37 51.29
CA ILE F 455 -0.07 12.73 52.19
C ILE F 455 -1.36 13.53 52.24
N ALA F 456 -1.26 14.86 52.31
CA ALA F 456 -2.46 15.70 52.31
C ALA F 456 -3.20 15.60 50.97
N LYS F 457 -2.46 15.56 49.87
CA LYS F 457 -3.08 15.49 48.55
C LYS F 457 -3.86 14.21 48.37
N ASN F 458 -3.31 13.08 48.82
CA ASN F 458 -4.06 11.83 48.77
C ASN F 458 -5.31 11.87 49.62
N ALA F 459 -5.35 12.74 50.63
CA ALA F 459 -6.51 12.90 51.49
C ALA F 459 -7.57 13.82 50.89
N GLY F 460 -7.30 14.43 49.74
CA GLY F 460 -8.28 15.29 49.10
C GLY F 460 -8.27 16.73 49.56
N VAL F 461 -7.21 17.17 50.24
CA VAL F 461 -7.10 18.55 50.71
C VAL F 461 -5.90 19.22 50.04
N GLU F 462 -5.71 20.50 50.33
CA GLU F 462 -4.60 21.26 49.75
C GLU F 462 -3.35 21.05 50.61
N GLY F 463 -2.32 20.46 50.02
CA GLY F 463 -1.10 20.16 50.76
C GLY F 463 -0.34 21.39 51.20
N SER F 464 -0.35 22.45 50.40
CA SER F 464 0.43 23.65 50.72
C SER F 464 -0.07 24.30 52.01
N LEU F 465 -1.39 24.45 52.14
CA LEU F 465 -1.94 25.07 53.34
C LEU F 465 -1.69 24.20 54.57
N ILE F 466 -1.82 22.89 54.42
CA ILE F 466 -1.57 21.98 55.53
C ILE F 466 -0.12 22.09 55.99
N VAL F 467 0.81 22.12 55.05
CA VAL F 467 2.23 22.21 55.39
C VAL F 467 2.53 23.56 56.04
N GLU F 468 1.95 24.64 55.52
CA GLU F 468 2.17 25.96 56.10
C GLU F 468 1.66 26.02 57.54
N LYS F 469 0.46 25.47 57.78
CA LYS F 469 -0.09 25.48 59.12
C LYS F 469 0.70 24.57 60.06
N ILE F 470 1.24 23.46 59.55
CA ILE F 470 2.09 22.59 60.37
C ILE F 470 3.34 23.34 60.78
N MET F 471 3.98 24.04 59.83
CA MET F 471 5.21 24.77 60.16
C MET F 471 4.92 25.93 61.10
N GLN F 472 3.77 26.59 60.94
CA GLN F 472 3.40 27.68 61.84
C GLN F 472 3.02 27.16 63.21
N SER F 473 2.61 25.89 63.31
CA SER F 473 2.15 25.34 64.58
C SER F 473 3.34 24.98 65.48
N SER F 474 3.03 24.36 66.61
CA SER F 474 4.06 23.94 67.54
C SER F 474 4.76 22.69 67.02
N SER F 475 5.89 22.37 67.64
CA SER F 475 6.70 21.24 67.19
C SER F 475 5.96 19.91 67.39
N GLU F 476 5.15 19.80 68.44
CA GLU F 476 4.47 18.54 68.71
C GLU F 476 3.22 18.37 67.84
N VAL F 477 2.77 19.45 67.21
CA VAL F 477 1.51 19.43 66.48
C VAL F 477 1.75 18.98 65.04
N GLY F 478 0.96 18.01 64.59
CA GLY F 478 0.98 17.57 63.21
C GLY F 478 -0.42 17.43 62.64
N TYR F 479 -0.53 16.91 61.43
CA TYR F 479 -1.81 16.78 60.76
C TYR F 479 -2.19 15.31 60.62
N ASP F 480 -3.35 14.95 61.17
CA ASP F 480 -3.91 13.62 61.01
C ASP F 480 -4.81 13.63 59.78
N ALA F 481 -4.41 12.88 58.75
CA ALA F 481 -5.17 12.84 57.51
C ALA F 481 -6.42 11.98 57.64
N MET F 482 -6.33 10.89 58.41
CA MET F 482 -7.50 10.04 58.60
C MET F 482 -8.61 10.79 59.31
N ALA F 483 -8.29 11.48 60.40
CA ALA F 483 -9.24 12.36 61.06
C ALA F 483 -9.36 13.71 60.38
N GLY F 484 -8.39 14.08 59.55
CA GLY F 484 -8.43 15.35 58.85
C GLY F 484 -8.37 16.57 59.74
N ASP F 485 -7.50 16.56 60.75
CA ASP F 485 -7.41 17.69 61.66
C ASP F 485 -6.03 17.74 62.28
N PHE F 486 -5.69 18.89 62.85
CA PHE F 486 -4.40 19.10 63.46
C PHE F 486 -4.43 18.63 64.91
N VAL F 487 -3.56 17.68 65.24
CA VAL F 487 -3.55 17.02 66.55
C VAL F 487 -2.12 16.95 67.05
N ASN F 488 -1.95 16.29 68.20
CA ASN F 488 -0.64 15.97 68.73
C ASN F 488 -0.26 14.57 68.26
N MET F 489 0.84 14.46 67.51
CA MET F 489 1.15 13.21 66.82
C MET F 489 1.51 12.10 67.79
N VAL F 490 2.32 12.41 68.81
CA VAL F 490 2.76 11.37 69.75
C VAL F 490 1.57 10.82 70.52
N GLU F 491 0.68 11.70 70.98
CA GLU F 491 -0.50 11.25 71.72
C GLU F 491 -1.42 10.41 70.84
N LYS F 492 -1.64 10.85 69.59
CA LYS F 492 -2.50 10.10 68.70
C LYS F 492 -1.82 8.84 68.17
N GLY F 493 -0.50 8.76 68.27
CA GLY F 493 0.23 7.60 67.83
C GLY F 493 0.73 7.64 66.41
N ILE F 494 0.74 8.80 65.77
CA ILE F 494 1.23 8.94 64.40
C ILE F 494 2.73 9.16 64.50
N ILE F 495 3.48 8.06 64.52
CA ILE F 495 4.93 8.11 64.67
C ILE F 495 5.56 7.19 63.63
N ASP F 496 6.82 7.47 63.28
CA ASP F 496 7.57 6.72 62.30
C ASP F 496 8.93 6.35 62.86
N PRO F 497 9.50 5.22 62.44
CA PRO F 497 10.91 4.95 62.76
C PRO F 497 11.80 5.98 62.08
N THR F 498 12.83 6.41 62.81
CA THR F 498 13.75 7.40 62.23
C THR F 498 14.66 6.78 61.18
N LYS F 499 14.94 5.48 61.31
CA LYS F 499 15.78 4.81 60.32
C LYS F 499 15.13 4.81 58.95
N VAL F 500 13.81 4.57 58.89
CA VAL F 500 13.12 4.48 57.61
C VAL F 500 13.19 5.81 56.87
N VAL F 501 12.83 6.90 57.56
CA VAL F 501 12.83 8.21 56.91
C VAL F 501 14.26 8.64 56.59
N ARG F 502 15.22 8.33 57.47
CA ARG F 502 16.60 8.69 57.23
C ARG F 502 17.13 8.01 55.96
N THR F 503 16.93 6.70 55.84
CA THR F 503 17.45 6.00 54.68
C THR F 503 16.69 6.35 53.41
N ALA F 504 15.38 6.60 53.50
CA ALA F 504 14.63 7.03 52.33
C ALA F 504 15.17 8.35 51.80
N LEU F 505 15.35 9.32 52.70
CA LEU F 505 15.90 10.60 52.28
C LEU F 505 17.29 10.45 51.70
N LEU F 506 18.15 9.66 52.35
CA LEU F 506 19.52 9.51 51.88
C LEU F 506 19.57 8.89 50.49
N ASP F 507 18.86 7.77 50.30
CA ASP F 507 18.89 7.09 49.01
C ASP F 507 18.30 7.98 47.90
N ALA F 508 17.12 8.56 48.16
CA ALA F 508 16.50 9.39 47.15
C ALA F 508 17.39 10.56 46.78
N ALA F 509 17.95 11.24 47.79
CA ALA F 509 18.78 12.41 47.52
C ALA F 509 20.03 12.03 46.75
N GLY F 510 20.71 10.96 47.15
CA GLY F 510 21.91 10.56 46.45
C GLY F 510 21.65 10.25 44.99
N VAL F 511 20.67 9.39 44.73
CA VAL F 511 20.43 8.96 43.36
C VAL F 511 19.95 10.13 42.50
N ALA F 512 19.03 10.94 43.03
CA ALA F 512 18.52 12.06 42.25
C ALA F 512 19.60 13.10 41.99
N SER F 513 20.45 13.38 42.98
CA SER F 513 21.52 14.35 42.78
C SER F 513 22.52 13.86 41.74
N LEU F 514 22.83 12.56 41.75
CA LEU F 514 23.67 12.02 40.69
C LEU F 514 22.96 12.13 39.34
N LEU F 515 21.65 11.97 39.33
CA LEU F 515 20.88 12.06 38.09
C LEU F 515 20.95 13.46 37.49
N THR F 516 20.86 14.49 38.33
CA THR F 516 20.75 15.85 37.81
C THR F 516 22.04 16.33 37.16
N THR F 517 23.14 15.59 37.33
CA THR F 517 24.40 15.98 36.71
C THR F 517 24.50 15.58 35.24
N ALA F 518 23.49 14.91 34.69
CA ALA F 518 23.56 14.40 33.33
C ALA F 518 23.51 15.52 32.30
N GLU F 519 24.25 15.34 31.21
CA GLU F 519 24.20 16.23 30.05
C GLU F 519 23.98 15.48 28.74
N VAL F 520 24.51 14.27 28.61
CA VAL F 520 24.38 13.46 27.41
C VAL F 520 23.84 12.10 27.81
N VAL F 521 22.95 11.54 26.98
CA VAL F 521 22.35 10.24 27.23
C VAL F 521 22.52 9.37 26.00
N VAL F 522 23.07 8.17 26.20
CA VAL F 522 23.33 7.22 25.12
C VAL F 522 22.44 6.00 25.35
N THR F 523 21.64 5.66 24.35
CA THR F 523 20.73 4.52 24.44
C THR F 523 20.91 3.64 23.21
N GLU F 524 20.36 2.43 23.28
CA GLU F 524 20.39 1.53 22.13
C GLU F 524 19.27 1.85 21.17
N ILE F 525 19.51 1.58 19.89
CA ILE F 525 18.49 1.81 18.86
C ILE F 525 17.36 0.80 19.06
N PRO F 526 16.10 1.23 19.08
CA PRO F 526 15.00 0.28 19.31
C PRO F 526 14.73 -0.61 18.10
N LYS F 527 15.55 -1.65 17.95
CA LYS F 527 15.38 -2.59 16.84
C LYS F 527 14.14 -3.45 17.03
N GLY G 1 33.53 -10.71 -0.20
CA GLY G 1 32.34 -11.46 -0.55
C GLY G 1 31.08 -10.62 -0.59
N SER G 2 30.76 -9.99 0.55
CA SER G 2 29.57 -9.16 0.64
C SER G 2 29.73 -7.91 -0.21
N ALA G 3 28.60 -7.40 -0.70
CA ALA G 3 28.62 -6.21 -1.53
C ALA G 3 29.15 -5.01 -0.75
N LYS G 4 29.91 -4.17 -1.43
CA LYS G 4 30.57 -3.03 -0.80
C LYS G 4 30.11 -1.73 -1.43
N ASP G 5 30.08 -0.68 -0.61
CA ASP G 5 29.80 0.68 -1.05
C ASP G 5 31.09 1.48 -0.94
N VAL G 6 31.43 2.17 -2.02
CA VAL G 6 32.70 2.90 -2.13
C VAL G 6 32.39 4.38 -2.28
N LYS G 7 32.99 5.20 -1.43
CA LYS G 7 32.80 6.65 -1.46
C LYS G 7 34.14 7.34 -1.66
N PHE G 8 34.14 8.40 -2.46
CA PHE G 8 35.35 9.07 -2.89
C PHE G 8 35.37 10.51 -2.38
N GLY G 9 36.58 11.03 -2.18
CA GLY G 9 36.79 12.45 -1.99
C GLY G 9 36.23 13.05 -0.71
N ALA G 10 35.72 14.28 -0.82
CA ALA G 10 35.33 15.06 0.35
C ALA G 10 34.02 14.61 0.97
N ASP G 11 33.20 13.84 0.26
CA ASP G 11 31.93 13.37 0.83
C ASP G 11 32.17 12.37 1.96
N ALA G 12 33.02 11.37 1.70
CA ALA G 12 33.37 10.41 2.74
C ALA G 12 34.08 11.10 3.90
N ARG G 13 34.96 12.05 3.59
CA ARG G 13 35.63 12.80 4.65
C ARG G 13 34.63 13.57 5.49
N ALA G 14 33.63 14.17 4.86
CA ALA G 14 32.61 14.91 5.61
C ALA G 14 31.80 13.98 6.50
N LEU G 15 31.41 12.81 5.99
CA LEU G 15 30.64 11.88 6.81
C LEU G 15 31.46 11.37 8.00
N MET G 16 32.72 11.01 7.75
CA MET G 16 33.58 10.55 8.83
C MET G 16 33.83 11.65 9.85
N LEU G 17 33.99 12.90 9.37
CA LEU G 17 34.13 14.02 10.29
C LEU G 17 32.87 14.25 11.10
N GLN G 18 31.70 14.02 10.52
CA GLN G 18 30.46 14.11 11.28
C GLN G 18 30.42 13.07 12.39
N GLY G 19 30.83 11.84 12.10
CA GLY G 19 30.89 10.82 13.13
C GLY G 19 31.88 11.16 14.23
N VAL G 20 33.07 11.61 13.83
CA VAL G 20 34.09 12.02 14.81
C VAL G 20 33.58 13.16 15.66
N ASP G 21 32.93 14.14 15.04
CA ASP G 21 32.39 15.28 15.77
C ASP G 21 31.32 14.86 16.76
N LEU G 22 30.45 13.93 16.36
CA LEU G 22 29.43 13.45 17.28
C LEU G 22 30.06 12.78 18.50
N LEU G 23 30.99 11.86 18.27
CA LEU G 23 31.61 11.17 19.41
C LEU G 23 32.38 12.14 20.30
N ALA G 24 33.13 13.06 19.69
CA ALA G 24 33.93 13.99 20.48
C ALA G 24 33.05 15.00 21.22
N ASP G 25 31.93 15.42 20.63
CA ASP G 25 31.02 16.31 21.33
C ASP G 25 30.38 15.60 22.52
N ALA G 26 30.06 14.31 22.36
CA ALA G 26 29.56 13.56 23.50
C ALA G 26 30.60 13.44 24.60
N VAL G 27 31.87 13.21 24.20
CA VAL G 27 32.93 12.98 25.19
C VAL G 27 33.31 14.28 25.90
N ALA G 28 33.39 15.39 25.17
CA ALA G 28 34.00 16.61 25.67
C ALA G 28 33.17 17.34 26.71
N VAL G 29 31.91 16.96 26.91
CA VAL G 29 31.10 17.60 27.95
C VAL G 29 31.51 17.19 29.35
N THR G 30 32.43 16.22 29.48
CA THR G 30 32.86 15.69 30.76
C THR G 30 34.28 16.11 31.10
N MET G 31 34.81 17.15 30.47
CA MET G 31 36.20 17.55 30.61
C MET G 31 36.32 18.73 31.55
N GLY G 32 37.28 18.64 32.49
CA GLY G 32 37.55 19.72 33.40
C GLY G 32 36.80 19.59 34.71
N PRO G 33 37.05 20.52 35.64
CA PRO G 33 36.32 20.47 36.92
C PRO G 33 34.83 20.73 36.78
N LYS G 34 34.44 21.67 35.93
CA LYS G 34 33.03 21.96 35.68
C LYS G 34 32.48 21.16 34.51
N GLY G 35 32.66 19.85 34.52
CA GLY G 35 32.16 18.97 33.47
C GLY G 35 31.00 18.13 34.00
N ARG G 36 30.04 17.85 33.13
CA ARG G 36 28.88 17.07 33.48
C ARG G 36 29.16 15.59 33.25
N THR G 37 28.16 14.76 33.51
CA THR G 37 28.27 13.32 33.35
C THR G 37 27.39 12.85 32.20
N VAL G 38 27.59 11.58 31.83
CA VAL G 38 26.89 10.94 30.73
C VAL G 38 26.23 9.68 31.26
N ILE G 39 24.95 9.50 30.94
CA ILE G 39 24.22 8.29 31.30
C ILE G 39 24.16 7.38 30.07
N ILE G 40 24.67 6.17 30.24
CA ILE G 40 24.67 5.15 29.19
C ILE G 40 23.73 4.03 29.63
N GLU G 41 22.75 3.73 28.79
CA GLU G 41 21.81 2.66 29.09
C GLU G 41 22.53 1.32 29.08
N GLN G 42 22.32 0.54 30.14
CA GLN G 42 22.88 -0.80 30.23
C GLN G 42 21.79 -1.81 29.89
N SER G 43 22.14 -2.79 29.05
CA SER G 43 21.14 -3.73 28.55
C SER G 43 20.56 -4.59 29.67
N TRP G 44 21.41 -5.03 30.60
CA TRP G 44 21.00 -6.03 31.59
C TRP G 44 20.51 -5.42 32.90
N GLY G 45 20.63 -4.13 33.10
CA GLY G 45 20.24 -3.56 34.37
C GLY G 45 20.14 -2.05 34.36
N SER G 46 20.49 -1.46 35.50
CA SER G 46 20.35 -0.03 35.69
C SER G 46 21.35 0.71 34.80
N PRO G 47 21.03 1.92 34.35
CA PRO G 47 21.98 2.68 33.53
C PRO G 47 23.22 3.06 34.33
N LYS G 48 24.29 3.36 33.59
CA LYS G 48 25.58 3.71 34.18
C LYS G 48 25.84 5.20 33.97
N VAL G 49 26.16 5.90 35.05
CA VAL G 49 26.49 7.32 34.98
C VAL G 49 27.98 7.48 35.14
N THR G 50 28.63 8.09 34.14
CA THR G 50 30.08 8.16 34.14
C THR G 50 30.56 9.53 33.65
N LYS G 51 31.71 9.94 34.17
CA LYS G 51 32.42 11.12 33.68
C LYS G 51 33.71 10.75 32.98
N ASP G 52 33.89 9.48 32.63
CA ASP G 52 35.13 9.00 32.05
C ASP G 52 35.08 9.07 30.53
N GLY G 53 36.16 9.58 29.93
CA GLY G 53 36.16 9.78 28.49
C GLY G 53 36.11 8.49 27.69
N VAL G 54 36.92 7.51 28.07
CA VAL G 54 36.98 6.26 27.31
C VAL G 54 35.70 5.47 27.49
N THR G 55 35.11 5.53 28.69
CA THR G 55 33.85 4.83 28.93
C THR G 55 32.74 5.38 28.05
N VAL G 56 32.67 6.70 27.91
CA VAL G 56 31.67 7.31 27.02
C VAL G 56 31.98 7.00 25.57
N ALA G 57 33.27 7.05 25.19
CA ALA G 57 33.64 6.83 23.79
C ALA G 57 33.31 5.40 23.35
N LYS G 58 33.66 4.41 24.18
CA LYS G 58 33.46 3.01 23.82
C LYS G 58 31.99 2.61 23.77
N SER G 59 31.09 3.43 24.31
CA SER G 59 29.67 3.11 24.36
C SER G 59 28.88 3.71 23.21
N ILE G 60 29.54 4.40 22.28
CA ILE G 60 28.87 5.08 21.18
C ILE G 60 29.20 4.33 19.90
N ASP G 61 28.19 3.75 19.27
CA ASP G 61 28.30 3.08 17.98
C ASP G 61 27.22 3.63 17.07
N LEU G 62 27.60 4.04 15.87
CA LEU G 62 26.69 4.72 14.96
C LEU G 62 26.20 3.78 13.86
N LYS G 63 24.99 4.04 13.37
CA LYS G 63 24.42 3.21 12.33
C LYS G 63 25.07 3.47 10.98
N ASP G 64 25.31 4.73 10.65
CA ASP G 64 25.95 5.07 9.39
C ASP G 64 27.38 4.53 9.36
N LYS G 65 27.74 3.90 8.24
CA LYS G 65 29.01 3.17 8.18
C LYS G 65 30.21 4.10 8.27
N TYR G 66 30.16 5.25 7.58
CA TYR G 66 31.30 6.16 7.58
C TYR G 66 31.42 6.91 8.90
N LYS G 67 30.29 7.38 9.44
CA LYS G 67 30.29 7.96 10.77
C LYS G 67 30.77 6.95 11.80
N ASN G 68 30.37 5.69 11.63
CA ASN G 68 30.85 4.64 12.54
C ASN G 68 32.35 4.40 12.38
N ILE G 69 32.89 4.54 11.18
CA ILE G 69 34.33 4.41 10.98
C ILE G 69 35.07 5.51 11.74
N GLY G 70 34.60 6.75 11.60
CA GLY G 70 35.20 7.85 12.35
C GLY G 70 35.09 7.65 13.85
N ALA G 71 33.92 7.23 14.32
CA ALA G 71 33.72 6.97 15.73
C ALA G 71 34.64 5.86 16.23
N LYS G 72 34.82 4.82 15.41
CA LYS G 72 35.69 3.72 15.79
C LYS G 72 37.14 4.18 15.90
N LEU G 73 37.57 5.06 15.00
CA LEU G 73 38.93 5.59 15.11
C LEU G 73 39.11 6.44 16.37
N VAL G 74 38.12 7.25 16.71
CA VAL G 74 38.22 8.03 17.95
C VAL G 74 38.19 7.11 19.16
N GLN G 75 37.42 6.02 19.10
CA GLN G 75 37.43 5.03 20.16
C GLN G 75 38.80 4.39 20.29
N ASP G 76 39.46 4.13 19.16
CA ASP G 76 40.83 3.61 19.19
C ASP G 76 41.74 4.59 19.91
N VAL G 77 41.61 5.89 19.62
CA VAL G 77 42.40 6.90 20.30
C VAL G 77 42.19 6.82 21.81
N ALA G 78 40.91 6.82 22.22
CA ALA G 78 40.60 6.85 23.64
C ALA G 78 41.06 5.58 24.34
N ASN G 79 40.89 4.43 23.69
CA ASN G 79 41.29 3.16 24.31
C ASN G 79 42.80 3.05 24.44
N ASN G 80 43.55 3.49 23.43
CA ASN G 80 45.00 3.48 23.55
C ASN G 80 45.47 4.42 24.65
N THR G 81 44.87 5.60 24.74
CA THR G 81 45.25 6.53 25.81
C THR G 81 44.93 5.94 27.18
N ASN G 82 43.78 5.28 27.31
CA ASN G 82 43.42 4.64 28.59
C ASN G 82 44.38 3.51 28.93
N GLU G 83 44.76 2.70 27.95
CA GLU G 83 45.62 1.56 28.22
C GLU G 83 47.05 1.97 28.57
N GLU G 84 47.61 2.95 27.86
CA GLU G 84 49.00 3.35 28.09
C GLU G 84 49.17 4.35 29.22
N ALA G 85 48.09 4.98 29.70
CA ALA G 85 48.24 5.95 30.79
C ALA G 85 47.28 5.68 31.95
N GLY G 86 46.04 5.30 31.65
CA GLY G 86 45.00 5.18 32.63
C GLY G 86 44.19 6.44 32.83
N ASP G 87 44.65 7.57 32.29
CA ASP G 87 43.99 8.85 32.40
C ASP G 87 44.29 9.68 31.17
N GLY G 88 43.51 10.75 30.97
CA GLY G 88 43.70 11.64 29.86
C GLY G 88 42.95 11.27 28.60
N THR G 89 41.91 10.45 28.70
CA THR G 89 41.20 9.98 27.51
C THR G 89 40.40 11.09 26.86
N THR G 90 39.76 11.96 27.66
CA THR G 90 38.99 13.06 27.10
C THR G 90 39.89 14.05 26.36
N THR G 91 41.06 14.34 26.94
CA THR G 91 42.00 15.24 26.27
C THR G 91 42.48 14.64 24.96
N ALA G 92 42.77 13.34 24.94
CA ALA G 92 43.16 12.69 23.70
C ALA G 92 42.04 12.73 22.68
N THR G 93 40.80 12.53 23.12
CA THR G 93 39.67 12.57 22.20
C THR G 93 39.51 13.94 21.56
N VAL G 94 39.58 15.01 22.37
CA VAL G 94 39.39 16.34 21.82
C VAL G 94 40.57 16.73 20.92
N LEU G 95 41.79 16.34 21.30
CA LEU G 95 42.94 16.61 20.45
C LEU G 95 42.84 15.88 19.12
N ALA G 96 42.41 14.61 19.15
CA ALA G 96 42.25 13.85 17.92
C ALA G 96 41.19 14.47 17.04
N ARG G 97 40.07 14.90 17.62
CA ARG G 97 39.02 15.53 16.82
C ARG G 97 39.53 16.81 16.17
N SER G 98 40.27 17.63 16.93
CA SER G 98 40.78 18.88 16.37
C SER G 98 41.76 18.61 15.23
N ILE G 99 42.67 17.66 15.43
CA ILE G 99 43.66 17.36 14.40
C ILE G 99 42.98 16.81 13.16
N ALA G 100 41.99 15.92 13.33
CA ALA G 100 41.27 15.38 12.19
C ALA G 100 40.53 16.46 11.44
N LYS G 101 39.86 17.37 12.15
CA LYS G 101 39.13 18.45 11.51
C LYS G 101 40.07 19.36 10.71
N GLU G 102 41.19 19.76 11.34
CA GLU G 102 42.12 20.65 10.66
C GLU G 102 42.77 19.98 9.46
N GLY G 103 43.08 18.69 9.57
CA GLY G 103 43.64 17.97 8.45
C GLY G 103 42.65 17.82 7.30
N PHE G 104 41.39 17.53 7.63
CA PHE G 104 40.38 17.41 6.58
C PHE G 104 40.15 18.75 5.88
N GLU G 105 40.15 19.85 6.63
CA GLU G 105 39.89 21.16 6.05
C GLU G 105 41.01 21.65 5.15
N LYS G 106 42.24 21.18 5.34
CA LYS G 106 43.39 21.67 4.60
C LYS G 106 43.78 20.79 3.42
N ILE G 107 42.90 19.90 2.98
CA ILE G 107 43.18 19.00 1.87
C ILE G 107 42.76 19.66 0.57
N SER G 108 43.69 19.76 -0.38
CA SER G 108 43.42 20.32 -1.69
C SER G 108 43.94 19.36 -2.76
N LYS G 109 43.78 19.75 -4.03
CA LYS G 109 44.26 18.92 -5.13
C LYS G 109 45.78 18.79 -5.10
N GLY G 110 46.49 19.90 -4.86
CA GLY G 110 47.93 19.89 -4.82
C GLY G 110 48.54 19.53 -3.47
N ALA G 111 47.74 19.51 -2.41
CA ALA G 111 48.26 19.18 -1.09
C ALA G 111 48.62 17.70 -1.00
N ASN G 112 49.63 17.40 -0.19
CA ASN G 112 50.08 16.02 0.04
C ASN G 112 49.82 15.65 1.49
N PRO G 113 48.74 14.94 1.81
CA PRO G 113 48.45 14.63 3.21
C PRO G 113 49.49 13.77 3.90
N VAL G 114 50.29 13.00 3.14
CA VAL G 114 51.33 12.19 3.76
C VAL G 114 52.43 13.07 4.35
N GLU G 115 52.85 14.10 3.60
CA GLU G 115 53.83 15.03 4.13
C GLU G 115 53.25 15.89 5.24
N ILE G 116 51.95 16.17 5.19
CA ILE G 116 51.29 16.85 6.30
C ILE G 116 51.35 15.99 7.56
N ARG G 117 51.11 14.69 7.40
CA ARG G 117 51.24 13.77 8.53
C ARG G 117 52.66 13.74 9.06
N ARG G 118 53.65 13.75 8.16
CA ARG G 118 55.04 13.80 8.59
C ARG G 118 55.33 15.06 9.40
N GLY G 119 54.88 16.21 8.91
CA GLY G 119 55.07 17.45 9.65
C GLY G 119 54.38 17.42 11.00
N VAL G 120 53.20 16.80 11.07
CA VAL G 120 52.51 16.63 12.35
C VAL G 120 53.36 15.79 13.30
N MET G 121 53.98 14.73 12.78
CA MET G 121 54.82 13.88 13.63
C MET G 121 56.01 14.64 14.18
N LEU G 122 56.70 15.42 13.33
CA LEU G 122 57.81 16.22 13.84
C LEU G 122 57.35 17.26 14.85
N ALA G 123 56.21 17.91 14.60
CA ALA G 123 55.70 18.90 15.55
C ALA G 123 55.40 18.26 16.90
N VAL G 124 54.79 17.07 16.87
CA VAL G 124 54.44 16.39 18.12
C VAL G 124 55.70 15.93 18.84
N ASP G 125 56.71 15.49 18.10
CA ASP G 125 57.98 15.14 18.74
C ASP G 125 58.60 16.35 19.43
N ALA G 126 58.56 17.51 18.77
CA ALA G 126 59.09 18.72 19.38
C ALA G 126 58.30 19.10 20.63
N VAL G 127 56.98 18.99 20.58
CA VAL G 127 56.16 19.31 21.74
C VAL G 127 56.44 18.36 22.89
N ILE G 128 56.64 17.08 22.59
CA ILE G 128 56.96 16.10 23.62
C ILE G 128 58.31 16.41 24.26
N ALA G 129 59.29 16.79 23.43
CA ALA G 129 60.59 17.18 23.96
C ALA G 129 60.46 18.38 24.89
N GLU G 130 59.67 19.38 24.49
CA GLU G 130 59.46 20.54 25.35
C GLU G 130 58.77 20.15 26.66
N LEU G 131 57.78 19.25 26.59
CA LEU G 131 57.10 18.81 27.79
C LEU G 131 58.05 18.10 28.74
N LYS G 132 58.92 17.25 28.20
CA LYS G 132 59.95 16.62 29.03
C LYS G 132 60.90 17.64 29.63
N LYS G 133 61.22 18.69 28.86
CA LYS G 133 62.07 19.75 29.39
C LYS G 133 61.40 20.53 30.51
N GLN G 134 60.07 20.62 30.49
CA GLN G 134 59.33 21.42 31.45
C GLN G 134 58.85 20.62 32.67
N SER G 135 59.17 19.33 32.76
CA SER G 135 58.69 18.52 33.86
C SER G 135 59.52 18.74 35.13
N LYS G 136 58.91 18.42 36.26
CA LYS G 136 59.58 18.48 37.56
C LYS G 136 59.15 17.25 38.36
N PRO G 137 60.09 16.55 38.99
CA PRO G 137 59.74 15.31 39.70
C PRO G 137 58.94 15.59 40.97
N VAL G 138 58.23 14.55 41.43
CA VAL G 138 57.46 14.62 42.66
C VAL G 138 58.43 14.35 43.82
N THR G 139 58.51 15.30 44.75
CA THR G 139 59.42 15.18 45.89
C THR G 139 58.70 15.16 47.23
N THR G 140 57.44 15.60 47.28
CA THR G 140 56.70 15.66 48.54
C THR G 140 55.39 14.92 48.41
N PRO G 141 54.91 14.33 49.51
CA PRO G 141 53.59 13.67 49.48
C PRO G 141 52.44 14.64 49.20
N GLU G 142 52.63 15.93 49.51
CA GLU G 142 51.59 16.91 49.22
C GLU G 142 51.36 17.03 47.73
N GLU G 143 52.42 16.88 46.92
CA GLU G 143 52.25 16.86 45.47
C GLU G 143 51.43 15.65 45.04
N ILE G 144 51.65 14.50 45.68
CA ILE G 144 50.84 13.32 45.39
C ILE G 144 49.38 13.58 45.72
N ALA G 145 49.12 14.21 46.86
CA ALA G 145 47.75 14.55 47.24
C ALA G 145 47.12 15.49 46.23
N GLN G 146 47.87 16.50 45.78
CA GLN G 146 47.35 17.44 44.81
C GLN G 146 47.03 16.75 43.49
N VAL G 147 47.92 15.86 43.03
CA VAL G 147 47.68 15.16 41.77
C VAL G 147 46.44 14.27 41.89
N ALA G 148 46.31 13.53 42.99
CA ALA G 148 45.16 12.67 43.17
C ALA G 148 43.87 13.48 43.24
N THR G 149 43.90 14.62 43.94
CA THR G 149 42.71 15.47 44.04
C THR G 149 42.32 16.02 42.66
N ILE G 150 43.30 16.47 41.89
CA ILE G 150 43.02 17.02 40.57
C ILE G 150 42.44 15.94 39.67
N SER G 151 43.01 14.74 39.71
CA SER G 151 42.54 13.65 38.87
C SER G 151 41.24 13.01 39.37
N ALA G 152 40.82 13.33 40.59
CA ALA G 152 39.58 12.82 41.15
C ALA G 152 38.48 13.88 41.12
N ASN G 153 38.53 14.78 40.14
CA ASN G 153 37.55 15.86 39.99
C ASN G 153 37.48 16.73 41.25
N GLY G 154 38.66 17.07 41.77
CA GLY G 154 38.73 17.97 42.92
C GLY G 154 38.14 17.41 44.20
N ASP G 155 38.34 16.13 44.48
CA ASP G 155 37.85 15.51 45.71
C ASP G 155 39.00 15.43 46.69
N LYS G 156 38.90 16.19 47.79
CA LYS G 156 39.97 16.23 48.78
C LYS G 156 40.13 14.88 49.48
N GLU G 157 39.01 14.22 49.80
CA GLU G 157 39.09 12.97 50.56
C GLU G 157 39.75 11.86 49.75
N ILE G 158 39.51 11.79 48.45
CA ILE G 158 40.15 10.77 47.63
C ILE G 158 41.66 10.97 47.61
N GLY G 159 42.09 12.22 47.44
CA GLY G 159 43.52 12.51 47.47
C GLY G 159 44.14 12.20 48.82
N ASN G 160 43.45 12.52 49.90
CA ASN G 160 43.94 12.20 51.23
C ASN G 160 44.07 10.69 51.42
N ILE G 161 43.08 9.93 50.97
CA ILE G 161 43.12 8.47 51.11
C ILE G 161 44.28 7.89 50.30
N ILE G 162 44.48 8.39 49.09
CA ILE G 162 45.56 7.85 48.25
C ILE G 162 46.92 8.22 48.83
N SER G 163 47.04 9.44 49.38
CA SER G 163 48.29 9.82 50.03
C SER G 163 48.56 8.95 51.25
N ASP G 164 47.52 8.66 52.03
CA ASP G 164 47.69 7.77 53.18
C ASP G 164 48.13 6.37 52.73
N ALA G 165 47.53 5.87 51.64
CA ALA G 165 47.91 4.56 51.12
C ALA G 165 49.36 4.55 50.68
N MET G 166 49.79 5.59 49.96
CA MET G 166 51.19 5.66 49.53
C MET G 166 52.16 5.83 50.69
N LYS G 167 51.75 6.52 51.75
CA LYS G 167 52.58 6.58 52.95
C LYS G 167 52.67 5.22 53.62
N LYS G 168 51.57 4.46 53.66
CA LYS G 168 51.56 3.19 54.37
C LYS G 168 52.34 2.10 53.62
N VAL G 169 52.12 1.98 52.31
CA VAL G 169 52.69 0.87 51.55
C VAL G 169 53.79 1.31 50.59
N GLY G 170 54.21 2.57 50.64
CA GLY G 170 55.23 3.05 49.75
C GLY G 170 54.66 3.59 48.45
N ARG G 171 55.53 4.28 47.70
CA ARG G 171 55.10 4.87 46.43
C ARG G 171 54.79 3.79 45.40
N LYS G 172 55.57 2.72 45.38
CA LYS G 172 55.38 1.63 44.43
C LYS G 172 54.60 0.46 45.00
N GLY G 173 53.97 0.63 46.16
CA GLY G 173 53.21 -0.45 46.76
C GLY G 173 51.96 -0.78 45.96
N VAL G 174 51.47 -2.01 46.15
CA VAL G 174 50.29 -2.47 45.44
C VAL G 174 49.05 -1.87 46.06
N ILE G 175 48.27 -1.16 45.26
CA ILE G 175 47.03 -0.52 45.70
C ILE G 175 45.93 -0.89 44.72
N THR G 176 44.78 -1.31 45.25
CA THR G 176 43.63 -1.70 44.44
C THR G 176 42.35 -1.20 45.08
N VAL G 177 41.29 -1.14 44.28
CA VAL G 177 40.01 -0.57 44.68
C VAL G 177 38.94 -1.66 44.60
N LYS G 178 38.15 -1.78 45.67
CA LYS G 178 37.04 -2.72 45.72
C LYS G 178 35.83 -1.97 46.27
N ASP G 179 34.64 -2.31 45.80
CA ASP G 179 33.45 -1.55 46.20
C ASP G 179 33.16 -1.77 47.68
N GLY G 180 32.75 -0.70 48.35
CA GLY G 180 32.46 -0.77 49.77
C GLY G 180 31.01 -1.04 50.07
N LYS G 181 30.78 -1.60 51.26
CA LYS G 181 29.43 -1.88 51.75
C LYS G 181 28.95 -0.84 52.75
N THR G 182 29.70 0.25 52.92
CA THR G 182 29.37 1.30 53.88
C THR G 182 29.22 2.63 53.15
N LEU G 183 28.86 3.66 53.91
CA LEU G 183 28.56 4.97 53.33
C LEU G 183 29.82 5.74 52.94
N ASN G 184 30.94 5.47 53.60
CA ASN G 184 32.15 6.26 53.42
C ASN G 184 33.29 5.39 52.91
N ASP G 185 34.29 6.04 52.31
CA ASP G 185 35.48 5.36 51.83
C ASP G 185 36.40 5.01 53.00
N GLU G 186 37.04 3.86 52.91
CA GLU G 186 37.95 3.42 53.97
C GLU G 186 39.17 2.73 53.35
N LEU G 187 40.23 2.65 54.14
CA LEU G 187 41.52 2.12 53.72
C LEU G 187 41.90 0.93 54.59
N GLU G 188 42.34 -0.16 53.97
CA GLU G 188 42.84 -1.30 54.72
C GLU G 188 44.17 -1.75 54.15
N ILE G 189 44.98 -2.37 55.00
CA ILE G 189 46.29 -2.85 54.60
C ILE G 189 46.36 -4.37 54.66
N ALA G 378 47.63 -2.40 49.79
CA ALA G 378 46.55 -1.55 50.30
C ALA G 378 45.29 -1.72 49.46
N VAL G 379 44.14 -1.75 50.12
CA VAL G 379 42.85 -1.90 49.46
C VAL G 379 41.97 -0.73 49.89
N LEU G 380 41.17 -0.22 48.94
CA LEU G 380 40.28 0.91 49.15
C LEU G 380 38.84 0.43 49.02
N LYS G 381 38.01 0.80 49.99
CA LYS G 381 36.57 0.54 49.92
C LYS G 381 35.85 1.85 49.64
N VAL G 382 35.04 1.87 48.59
CA VAL G 382 34.38 3.08 48.13
C VAL G 382 32.98 3.15 48.73
N GLY G 383 32.67 4.29 49.38
CA GLY G 383 31.38 4.47 49.98
C GLY G 383 30.32 4.96 48.99
N GLY G 384 29.07 4.89 49.42
CA GLY G 384 27.97 5.34 48.60
C GLY G 384 26.67 4.72 49.07
N THR G 385 25.61 5.05 48.35
CA THR G 385 24.26 4.56 48.66
C THR G 385 23.75 3.56 47.63
N SER G 386 23.93 3.84 46.34
CA SER G 386 23.51 2.94 45.28
C SER G 386 24.71 2.57 44.42
N ASP G 387 24.51 1.58 43.55
CA ASP G 387 25.61 1.05 42.76
C ASP G 387 26.12 2.07 41.75
N VAL G 388 25.24 2.95 41.25
CA VAL G 388 25.67 3.95 40.29
C VAL G 388 26.69 4.90 40.92
N GLU G 389 26.41 5.34 42.15
CA GLU G 389 27.33 6.25 42.84
C GLU G 389 28.68 5.59 43.09
N VAL G 390 28.67 4.34 43.56
CA VAL G 390 29.92 3.66 43.85
C VAL G 390 30.69 3.39 42.57
N ASN G 391 29.99 3.15 41.46
CA ASN G 391 30.68 2.96 40.18
C ASN G 391 31.34 4.24 39.70
N GLU G 392 30.62 5.38 39.79
CA GLU G 392 31.21 6.66 39.40
C GLU G 392 32.41 7.00 40.27
N LYS G 393 32.26 6.84 41.59
CA LYS G 393 33.36 7.13 42.51
C LYS G 393 34.53 6.17 42.29
N LYS G 394 34.25 4.91 41.97
CA LYS G 394 35.30 3.95 41.69
C LYS G 394 36.07 4.34 40.44
N ASP G 395 35.36 4.79 39.41
CA ASP G 395 36.03 5.26 38.20
C ASP G 395 36.93 6.45 38.49
N ARG G 396 36.43 7.41 39.29
CA ARG G 396 37.27 8.55 39.65
C ARG G 396 38.47 8.16 40.51
N VAL G 397 38.30 7.23 41.45
CA VAL G 397 39.42 6.80 42.28
C VAL G 397 40.45 6.05 41.44
N THR G 398 40.01 5.22 40.50
CA THR G 398 40.94 4.53 39.60
C THR G 398 41.69 5.53 38.75
N ASP G 399 41.00 6.55 38.25
CA ASP G 399 41.67 7.61 37.49
C ASP G 399 42.73 8.30 38.34
N ALA G 400 42.38 8.63 39.59
CA ALA G 400 43.33 9.30 40.47
C ALA G 400 44.54 8.43 40.76
N LEU G 401 44.33 7.14 41.01
CA LEU G 401 45.46 6.24 41.26
C LEU G 401 46.35 6.09 40.04
N ASN G 402 45.76 5.92 38.86
CA ASN G 402 46.58 5.84 37.64
C ASN G 402 47.37 7.11 37.42
N ALA G 403 46.73 8.27 37.62
CA ALA G 403 47.41 9.55 37.40
C ALA G 403 48.53 9.75 38.40
N THR G 404 48.32 9.39 39.67
CA THR G 404 49.39 9.57 40.65
C THR G 404 50.51 8.56 40.45
N ARG G 405 50.19 7.35 39.95
CA ARG G 405 51.25 6.41 39.59
C ARG G 405 52.09 6.96 38.44
N ALA G 406 51.45 7.55 37.44
CA ALA G 406 52.20 8.18 36.35
C ALA G 406 53.00 9.37 36.85
N ALA G 407 52.45 10.14 37.79
CA ALA G 407 53.15 11.31 38.31
C ALA G 407 54.34 10.93 39.18
N VAL G 408 54.29 9.78 39.84
CA VAL G 408 55.44 9.33 40.62
C VAL G 408 56.44 8.57 39.75
N GLU G 409 56.00 8.03 38.61
CA GLU G 409 56.92 7.38 37.68
C GLU G 409 57.57 8.37 36.72
N GLU G 410 57.11 9.62 36.68
CA GLU G 410 57.60 10.60 35.74
C GLU G 410 57.51 11.97 36.41
N GLY G 411 57.57 13.03 35.60
CA GLY G 411 57.56 14.39 36.11
C GLY G 411 56.15 14.92 36.30
N ILE G 412 56.08 16.23 36.55
CA ILE G 412 54.84 16.96 36.79
C ILE G 412 54.87 18.25 35.99
N VAL G 413 53.77 18.55 35.30
CA VAL G 413 53.62 19.79 34.55
C VAL G 413 52.37 20.50 35.04
N LEU G 414 52.16 21.71 34.52
CA LEU G 414 51.01 22.51 34.91
C LEU G 414 49.72 21.88 34.40
N GLY G 415 48.64 22.11 35.14
CA GLY G 415 47.34 21.58 34.77
C GLY G 415 46.56 22.54 33.88
N GLY G 416 45.30 22.18 33.65
CA GLY G 416 44.39 23.03 32.90
C GLY G 416 44.70 23.15 31.42
N GLY G 417 45.60 22.33 30.89
CA GLY G 417 46.03 22.48 29.52
C GLY G 417 47.08 23.53 29.29
N CYS G 418 47.55 24.19 30.36
CA CYS G 418 48.57 25.22 30.21
C CYS G 418 49.92 24.64 29.83
N ALA G 419 50.22 23.42 30.28
CA ALA G 419 51.47 22.77 29.90
C ALA G 419 51.56 22.58 28.40
N LEU G 420 50.45 22.18 27.77
CA LEU G 420 50.43 22.05 26.32
C LEU G 420 50.44 23.40 25.63
N LEU G 421 49.95 24.44 26.30
CA LEU G 421 49.99 25.79 25.73
C LEU G 421 51.41 26.35 25.72
N ARG G 422 52.23 25.99 26.71
CA ARG G 422 53.58 26.53 26.81
C ARG G 422 54.52 26.00 25.73
N CYS G 423 54.11 25.00 24.96
CA CYS G 423 54.97 24.39 23.95
C CYS G 423 54.81 25.02 22.57
N ILE G 424 53.99 26.06 22.43
CA ILE G 424 53.85 26.72 21.13
C ILE G 424 55.15 27.36 20.67
N PRO G 425 55.92 28.06 21.52
CA PRO G 425 57.21 28.60 21.04
C PRO G 425 58.16 27.53 20.51
N ALA G 426 58.10 26.31 21.05
CA ALA G 426 58.90 25.23 20.50
C ALA G 426 58.55 24.95 19.04
N LEU G 427 57.26 25.01 18.72
CA LEU G 427 56.84 24.86 17.33
C LEU G 427 57.22 26.07 16.50
N ASP G 428 57.20 27.27 17.11
CA ASP G 428 57.62 28.47 16.39
C ASP G 428 59.09 28.38 15.99
N SER G 429 59.93 27.78 16.85
CA SER G 429 61.35 27.64 16.54
C SER G 429 61.56 26.72 15.34
N LEU G 430 60.76 25.67 15.22
CA LEU G 430 60.96 24.68 14.16
C LEU G 430 60.78 25.29 12.78
N THR G 431 61.55 24.79 11.82
CA THR G 431 61.44 25.24 10.43
C THR G 431 60.93 24.10 9.57
N PRO G 432 60.02 24.37 8.64
CA PRO G 432 59.48 23.29 7.79
C PRO G 432 60.43 22.93 6.67
N ALA G 433 60.22 21.74 6.11
CA ALA G 433 60.98 21.31 4.94
C ALA G 433 60.26 21.68 3.64
N ASN G 434 58.94 21.71 3.65
CA ASN G 434 58.16 22.11 2.48
C ASN G 434 56.82 22.67 2.97
N GLU G 435 55.91 22.91 2.03
CA GLU G 435 54.63 23.54 2.38
C GLU G 435 53.74 22.60 3.19
N ASP G 436 53.72 21.31 2.84
CA ASP G 436 52.87 20.37 3.55
C ASP G 436 53.31 20.19 5.00
N GLN G 437 54.62 20.12 5.23
CA GLN G 437 55.10 20.04 6.61
C GLN G 437 54.78 21.30 7.39
N LYS G 438 54.83 22.46 6.74
CA LYS G 438 54.38 23.70 7.38
C LYS G 438 52.91 23.62 7.74
N ILE G 439 52.09 23.06 6.86
CA ILE G 439 50.66 22.90 7.14
C ILE G 439 50.46 22.02 8.35
N GLY G 440 51.18 20.90 8.41
CA GLY G 440 51.08 20.01 9.56
C GLY G 440 51.52 20.67 10.87
N ILE G 441 52.61 21.43 10.81
CA ILE G 441 53.09 22.13 12.00
C ILE G 441 52.07 23.14 12.48
N GLU G 442 51.46 23.89 11.55
CA GLU G 442 50.41 24.83 11.94
C GLU G 442 49.18 24.11 12.48
N ILE G 443 48.86 22.93 11.94
CA ILE G 443 47.75 22.14 12.48
C ILE G 443 48.02 21.80 13.94
N ILE G 444 49.22 21.32 14.24
CA ILE G 444 49.54 20.97 15.62
C ILE G 444 49.56 22.21 16.51
N LYS G 445 50.07 23.33 15.98
CA LYS G 445 50.13 24.57 16.74
C LYS G 445 48.73 25.05 17.11
N ARG G 446 47.78 24.97 16.17
CA ARG G 446 46.41 25.34 16.47
C ARG G 446 45.73 24.34 17.41
N THR G 447 46.09 23.06 17.30
CA THR G 447 45.49 22.04 18.16
C THR G 447 45.97 22.17 19.60
N LEU G 448 47.18 22.68 19.81
CA LEU G 448 47.71 22.76 21.17
C LEU G 448 46.84 23.59 22.10
N LYS G 449 46.00 24.47 21.58
CA LYS G 449 45.14 25.31 22.38
C LYS G 449 43.80 24.67 22.73
N ILE G 450 43.51 23.49 22.20
CA ILE G 450 42.20 22.84 22.34
C ILE G 450 41.86 22.49 23.79
N PRO G 451 42.74 21.82 24.56
CA PRO G 451 42.31 21.39 25.91
C PRO G 451 41.93 22.53 26.82
N ALA G 452 42.70 23.63 26.82
CA ALA G 452 42.38 24.76 27.69
C ALA G 452 41.06 25.41 27.28
N MET G 453 40.83 25.56 25.97
CA MET G 453 39.57 26.13 25.51
C MET G 453 38.39 25.23 25.86
N THR G 454 38.56 23.91 25.78
CA THR G 454 37.49 22.99 26.17
C THR G 454 37.19 23.10 27.65
N ILE G 455 38.23 23.16 28.48
CA ILE G 455 38.04 23.28 29.92
C ILE G 455 37.33 24.58 30.26
N ALA G 456 37.71 25.68 29.61
CA ALA G 456 37.05 26.95 29.83
C ALA G 456 35.59 26.91 29.34
N LYS G 457 35.36 26.26 28.20
CA LYS G 457 34.00 26.18 27.66
C LYS G 457 33.07 25.41 28.58
N ASN G 458 33.55 24.31 29.15
CA ASN G 458 32.74 23.59 30.13
C ASN G 458 32.45 24.42 31.37
N ALA G 459 33.28 25.42 31.65
CA ALA G 459 33.08 26.30 32.80
C ALA G 459 32.10 27.43 32.50
N GLY G 460 31.60 27.54 31.28
CA GLY G 460 30.66 28.59 30.94
C GLY G 460 31.26 29.92 30.55
N VAL G 461 32.56 29.95 30.23
CA VAL G 461 33.21 31.19 29.83
C VAL G 461 33.74 31.03 28.41
N GLU G 462 34.32 32.09 27.87
CA GLU G 462 34.86 32.08 26.51
C GLU G 462 36.28 31.53 26.54
N GLY G 463 36.50 30.39 25.87
CA GLY G 463 37.80 29.76 25.90
C GLY G 463 38.88 30.56 25.21
N SER G 464 38.53 31.26 24.12
CA SER G 464 39.53 31.99 23.35
C SER G 464 40.19 33.08 24.18
N LEU G 465 39.38 33.86 24.89
CA LEU G 465 39.94 34.94 25.72
C LEU G 465 40.77 34.37 26.86
N ILE G 466 40.32 33.27 27.46
CA ILE G 466 41.08 32.65 28.55
C ILE G 466 42.43 32.18 28.06
N VAL G 467 42.47 31.54 26.89
CA VAL G 467 43.73 31.05 26.34
C VAL G 467 44.64 32.21 25.96
N GLU G 468 44.07 33.28 25.39
CA GLU G 468 44.87 34.44 25.03
C GLU G 468 45.50 35.08 26.26
N LYS G 469 44.72 35.22 27.34
CA LYS G 469 45.26 35.80 28.56
C LYS G 469 46.28 34.88 29.22
N ILE G 470 46.09 33.56 29.12
CA ILE G 470 47.07 32.62 29.65
C ILE G 470 48.39 32.77 28.89
N MET G 471 48.32 32.83 27.57
CA MET G 471 49.55 32.96 26.78
C MET G 471 50.21 34.31 27.01
N GLN G 472 49.42 35.37 27.19
CA GLN G 472 50.00 36.68 27.47
C GLN G 472 50.58 36.75 28.87
N SER G 473 50.13 35.88 29.78
CA SER G 473 50.55 35.93 31.17
C SER G 473 51.94 35.29 31.33
N SER G 474 52.37 35.18 32.59
CA SER G 474 53.63 34.56 32.90
C SER G 474 53.53 33.04 32.77
N SER G 475 54.69 32.39 32.77
CA SER G 475 54.73 30.95 32.57
C SER G 475 54.08 30.20 33.73
N GLU G 476 54.20 30.74 34.94
CA GLU G 476 53.67 30.04 36.12
C GLU G 476 52.17 30.26 36.27
N VAL G 477 51.62 31.25 35.56
CA VAL G 477 50.23 31.63 35.76
C VAL G 477 49.33 30.81 34.85
N GLY G 478 48.27 30.26 35.42
CA GLY G 478 47.26 29.56 34.66
C GLY G 478 45.86 29.95 35.09
N TYR G 479 44.84 29.28 34.56
CA TYR G 479 43.45 29.60 34.82
C TYR G 479 42.82 28.49 35.65
N ASP G 480 42.28 28.86 36.82
CA ASP G 480 41.52 27.94 37.65
C ASP G 480 40.05 28.08 37.27
N ALA G 481 39.48 27.00 36.71
CA ALA G 481 38.09 27.03 36.28
C ALA G 481 37.13 26.93 37.46
N MET G 482 37.49 26.13 38.48
CA MET G 482 36.64 26.00 39.65
C MET G 482 36.48 27.34 40.36
N ALA G 483 37.59 28.04 40.60
CA ALA G 483 37.55 29.39 41.14
C ALA G 483 37.27 30.43 40.08
N GLY G 484 37.46 30.09 38.81
CA GLY G 484 37.21 31.02 37.72
C GLY G 484 38.11 32.24 37.72
N ASP G 485 39.40 32.06 37.96
CA ASP G 485 40.30 33.20 38.00
C ASP G 485 41.71 32.74 37.67
N PHE G 486 42.57 33.71 37.34
CA PHE G 486 43.94 33.42 36.96
C PHE G 486 44.81 33.39 38.22
N VAL G 487 45.46 32.26 38.45
CA VAL G 487 46.24 32.01 39.66
C VAL G 487 47.58 31.39 39.29
N ASN G 488 48.35 31.05 40.30
CA ASN G 488 49.58 30.28 40.13
C ASN G 488 49.25 28.80 40.30
N MET G 489 49.49 28.03 39.24
CA MET G 489 48.95 26.66 39.21
C MET G 489 49.66 25.75 40.21
N VAL G 490 50.98 25.87 40.32
CA VAL G 490 51.72 24.99 41.23
C VAL G 490 51.31 25.26 42.68
N GLU G 491 51.17 26.53 43.06
CA GLU G 491 50.76 26.86 44.41
C GLU G 491 49.34 26.37 44.70
N LYS G 492 48.43 26.57 43.74
CA LYS G 492 47.05 26.13 43.94
C LYS G 492 46.92 24.62 43.84
N GLY G 493 47.89 23.95 43.24
CA GLY G 493 47.86 22.51 43.12
C GLY G 493 47.28 21.97 41.83
N ILE G 494 47.09 22.81 40.82
CA ILE G 494 46.54 22.37 39.54
C ILE G 494 47.73 21.88 38.71
N ILE G 495 48.04 20.59 38.86
CA ILE G 495 49.18 19.98 38.18
C ILE G 495 48.72 18.65 37.57
N ASP G 496 49.44 18.23 36.52
CA ASP G 496 49.14 17.00 35.80
C ASP G 496 50.41 16.18 35.63
N PRO G 497 50.29 14.86 35.59
CA PRO G 497 51.45 14.04 35.18
C PRO G 497 51.82 14.34 33.74
N THR G 498 53.13 14.40 33.47
CA THR G 498 53.58 14.67 32.11
C THR G 498 53.38 13.47 31.20
N LYS G 499 53.40 12.27 31.78
CA LYS G 499 53.20 11.06 30.98
C LYS G 499 51.79 11.04 30.37
N VAL G 500 50.78 11.44 31.15
CA VAL G 500 49.41 11.39 30.67
C VAL G 500 49.22 12.32 29.47
N VAL G 501 49.65 13.57 29.60
CA VAL G 501 49.48 14.52 28.51
C VAL G 501 50.33 14.13 27.31
N ARG G 502 51.54 13.63 27.57
CA ARG G 502 52.44 13.21 26.49
C ARG G 502 51.80 12.09 25.67
N THR G 503 51.32 11.04 26.34
CA THR G 503 50.75 9.92 25.59
C THR G 503 49.42 10.28 24.95
N ALA G 504 48.62 11.13 25.59
CA ALA G 504 47.38 11.56 24.96
C ALA G 504 47.66 12.31 23.67
N LEU G 505 48.59 13.26 23.71
CA LEU G 505 48.94 14.00 22.51
C LEU G 505 49.49 13.08 21.43
N LEU G 506 50.39 12.16 21.82
CA LEU G 506 51.01 11.27 20.84
C LEU G 506 49.98 10.39 20.16
N ASP G 507 49.13 9.73 20.94
CA ASP G 507 48.12 8.83 20.37
C ASP G 507 47.15 9.59 19.49
N ALA G 508 46.60 10.69 20.00
CA ALA G 508 45.64 11.47 19.23
C ALA G 508 46.25 11.94 17.92
N ALA G 509 47.46 12.49 17.98
CA ALA G 509 48.10 13.02 16.78
C ALA G 509 48.37 11.91 15.77
N GLY G 510 48.91 10.78 16.22
CA GLY G 510 49.20 9.71 15.30
C GLY G 510 47.95 9.22 14.58
N VAL G 511 46.91 8.89 15.35
CA VAL G 511 45.72 8.32 14.73
C VAL G 511 45.04 9.34 13.83
N ALA G 512 44.91 10.58 14.28
CA ALA G 512 44.22 11.59 13.48
C ALA G 512 45.01 11.91 12.21
N SER G 513 46.34 12.00 12.30
CA SER G 513 47.15 12.28 11.13
C SER G 513 47.05 11.14 10.12
N LEU G 514 47.03 9.89 10.59
CA LEU G 514 46.77 8.78 9.67
C LEU G 514 45.39 8.89 9.05
N LEU G 515 44.42 9.36 9.82
CA LEU G 515 43.06 9.51 9.32
C LEU G 515 42.99 10.53 8.18
N THR G 516 43.70 11.65 8.32
CA THR G 516 43.54 12.74 7.37
C THR G 516 44.06 12.37 5.98
N THR G 517 44.87 11.31 5.87
CA THR G 517 45.38 10.91 4.57
C THR G 517 44.36 10.18 3.71
N ALA G 518 43.09 10.14 4.13
CA ALA G 518 42.08 9.37 3.43
C ALA G 518 41.65 10.03 2.13
N GLU G 519 41.39 9.20 1.12
CA GLU G 519 40.74 9.63 -0.11
C GLU G 519 39.54 8.77 -0.49
N VAL G 520 39.60 7.47 -0.25
CA VAL G 520 38.52 6.54 -0.61
C VAL G 520 38.14 5.75 0.64
N VAL G 521 36.84 5.51 0.81
CA VAL G 521 36.34 4.73 1.94
C VAL G 521 35.46 3.62 1.42
N VAL G 522 35.74 2.39 1.85
CA VAL G 522 34.99 1.20 1.44
C VAL G 522 34.28 0.64 2.67
N THR G 523 32.97 0.48 2.57
CA THR G 523 32.17 -0.04 3.66
C THR G 523 31.30 -1.18 3.16
N GLU G 524 30.75 -1.95 4.10
CA GLU G 524 29.81 -3.00 3.73
C GLU G 524 28.42 -2.42 3.50
N ILE G 525 27.66 -3.08 2.65
CA ILE G 525 26.29 -2.63 2.36
C ILE G 525 25.40 -2.93 3.55
N PRO G 526 24.61 -1.97 4.04
CA PRO G 526 23.80 -2.22 5.24
C PRO G 526 22.61 -3.14 4.96
N LYS G 527 22.87 -4.44 4.91
CA LYS G 527 21.82 -5.43 4.67
C LYS G 527 20.88 -5.53 5.87
N GLY H 1 11.57 26.43 -20.19
CA GLY H 1 10.75 26.49 -19.00
C GLY H 1 10.58 25.14 -18.32
N SER H 2 9.99 24.19 -19.03
CA SER H 2 9.77 22.87 -18.48
C SER H 2 11.09 22.14 -18.29
N ALA H 3 11.12 21.24 -17.31
CA ALA H 3 12.32 20.47 -17.02
C ALA H 3 12.69 19.60 -18.21
N LYS H 4 13.99 19.47 -18.46
CA LYS H 4 14.50 18.74 -19.61
C LYS H 4 15.38 17.58 -19.16
N ASP H 5 15.35 16.52 -19.95
CA ASP H 5 16.22 15.37 -19.80
C ASP H 5 17.21 15.36 -20.96
N VAL H 6 18.49 15.25 -20.63
CA VAL H 6 19.56 15.32 -21.63
C VAL H 6 20.29 13.97 -21.65
N LYS H 7 20.43 13.41 -22.83
CA LYS H 7 21.11 12.13 -23.02
C LYS H 7 22.29 12.32 -23.96
N PHE H 8 23.40 11.66 -23.62
CA PHE H 8 24.68 11.86 -24.29
C PHE H 8 25.11 10.59 -25.01
N GLY H 9 25.85 10.76 -26.10
CA GLY H 9 26.55 9.66 -26.73
C GLY H 9 25.70 8.58 -27.36
N ALA H 10 26.17 7.33 -27.27
CA ALA H 10 25.58 6.22 -28.00
C ALA H 10 24.26 5.75 -27.42
N ASP H 11 23.93 6.11 -26.18
CA ASP H 11 22.65 5.69 -25.60
C ASP H 11 21.48 6.37 -26.31
N ALA H 12 21.55 7.68 -26.48
CA ALA H 12 20.51 8.41 -27.20
C ALA H 12 20.44 7.94 -28.65
N ARG H 13 21.61 7.70 -29.26
CA ARG H 13 21.62 7.19 -30.63
C ARG H 13 20.93 5.84 -30.72
N ALA H 14 21.17 4.96 -29.74
CA ALA H 14 20.53 3.65 -29.74
C ALA H 14 19.03 3.77 -29.58
N LEU H 15 18.57 4.67 -28.69
CA LEU H 15 17.13 4.84 -28.51
C LEU H 15 16.46 5.39 -29.77
N MET H 16 17.08 6.41 -30.39
CA MET H 16 16.54 6.95 -31.63
C MET H 16 16.55 5.92 -32.75
N LEU H 17 17.61 5.10 -32.81
CA LEU H 17 17.65 4.03 -33.79
C LEU H 17 16.57 2.98 -33.53
N GLN H 18 16.26 2.71 -32.27
CA GLN H 18 15.16 1.80 -31.97
C GLN H 18 13.82 2.37 -32.47
N GLY H 19 13.59 3.66 -32.26
CA GLY H 19 12.37 4.27 -32.77
C GLY H 19 12.29 4.24 -34.28
N VAL H 20 13.41 4.58 -34.94
CA VAL H 20 13.47 4.56 -36.40
C VAL H 20 13.23 3.14 -36.91
N ASP H 21 13.85 2.15 -36.27
CA ASP H 21 13.69 0.76 -36.67
C ASP H 21 12.23 0.32 -36.52
N LEU H 22 11.58 0.71 -35.43
CA LEU H 22 10.18 0.35 -35.24
C LEU H 22 9.31 0.93 -36.36
N LEU H 23 9.46 2.23 -36.62
CA LEU H 23 8.63 2.85 -37.66
C LEU H 23 8.91 2.25 -39.03
N ALA H 24 10.19 2.03 -39.35
CA ALA H 24 10.55 1.49 -40.65
C ALA H 24 10.13 0.04 -40.80
N ASP H 25 10.18 -0.75 -39.73
CA ASP H 25 9.70 -2.12 -39.80
C ASP H 25 8.19 -2.16 -40.01
N ALA H 26 7.46 -1.24 -39.38
CA ALA H 26 6.04 -1.15 -39.65
C ALA H 26 5.76 -0.76 -41.10
N VAL H 27 6.55 0.17 -41.64
CA VAL H 27 6.29 0.68 -42.99
C VAL H 27 6.68 -0.35 -44.04
N ALA H 28 7.81 -1.03 -43.85
CA ALA H 28 8.43 -1.82 -44.91
C ALA H 28 7.69 -3.10 -45.25
N VAL H 29 6.71 -3.51 -44.43
CA VAL H 29 5.93 -4.71 -44.74
C VAL H 29 4.96 -4.48 -45.89
N THR H 30 4.85 -3.24 -46.38
CA THR H 30 3.92 -2.89 -47.45
C THR H 30 4.64 -2.54 -48.75
N MET H 31 5.87 -3.00 -48.93
CA MET H 31 6.68 -2.63 -50.08
C MET H 31 6.71 -3.77 -51.10
N GLY H 32 6.54 -3.41 -52.37
CA GLY H 32 6.61 -4.37 -53.45
C GLY H 32 5.25 -4.95 -53.79
N PRO H 33 5.21 -5.79 -54.83
CA PRO H 33 3.93 -6.42 -55.19
C PRO H 33 3.40 -7.38 -54.13
N LYS H 34 4.30 -8.13 -53.48
CA LYS H 34 3.89 -9.04 -52.40
C LYS H 34 3.99 -8.39 -51.04
N GLY H 35 3.38 -7.22 -50.86
CA GLY H 35 3.37 -6.52 -49.58
C GLY H 35 1.99 -6.61 -48.96
N ARG H 36 1.96 -6.67 -47.63
CA ARG H 36 0.71 -6.75 -46.89
C ARG H 36 0.21 -5.35 -46.57
N THR H 37 -0.90 -5.28 -45.84
CA THR H 37 -1.53 -4.02 -45.46
C THR H 37 -1.37 -3.79 -43.97
N VAL H 38 -1.72 -2.58 -43.55
CA VAL H 38 -1.65 -2.15 -42.16
C VAL H 38 -3.02 -1.57 -41.77
N ILE H 39 -3.56 -2.04 -40.65
CA ILE H 39 -4.79 -1.48 -40.10
C ILE H 39 -4.44 -0.47 -39.02
N ILE H 40 -4.92 0.75 -39.18
CA ILE H 40 -4.75 1.83 -38.22
C ILE H 40 -6.10 2.14 -37.61
N GLU H 41 -6.19 2.05 -36.29
CA GLU H 41 -7.44 2.36 -35.62
C GLU H 41 -7.78 3.84 -35.76
N GLN H 42 -9.01 4.11 -36.18
CA GLN H 42 -9.51 5.47 -36.30
C GLN H 42 -10.34 5.81 -35.08
N SER H 43 -10.11 7.00 -34.52
CA SER H 43 -10.77 7.37 -33.27
C SER H 43 -12.27 7.49 -33.44
N TRP H 44 -12.73 8.06 -34.56
CA TRP H 44 -14.12 8.41 -34.72
C TRP H 44 -14.96 7.35 -35.44
N GLY H 45 -14.34 6.31 -35.98
CA GLY H 45 -15.11 5.33 -36.72
C GLY H 45 -14.37 4.05 -37.00
N SER H 46 -14.67 3.47 -38.15
CA SER H 46 -14.11 2.19 -38.54
C SER H 46 -12.61 2.33 -38.79
N PRO H 47 -11.81 1.29 -38.55
CA PRO H 47 -10.37 1.37 -38.82
C PRO H 47 -10.08 1.54 -40.31
N LYS H 48 -8.88 2.00 -40.60
CA LYS H 48 -8.43 2.25 -41.96
C LYS H 48 -7.38 1.22 -42.35
N VAL H 49 -7.58 0.55 -43.47
CA VAL H 49 -6.62 -0.41 -43.98
C VAL H 49 -5.88 0.22 -45.15
N THR H 50 -4.55 0.30 -45.05
CA THR H 50 -3.77 1.00 -46.05
C THR H 50 -2.50 0.24 -46.37
N LYS H 51 -2.03 0.40 -47.61
CA LYS H 51 -0.73 -0.09 -48.04
C LYS H 51 0.22 1.06 -48.34
N ASP H 52 -0.12 2.28 -47.91
CA ASP H 52 0.66 3.46 -48.25
C ASP H 52 1.71 3.72 -47.17
N GLY H 53 2.94 4.01 -47.61
CA GLY H 53 4.02 4.20 -46.66
C GLY H 53 3.86 5.42 -45.79
N VAL H 54 3.48 6.55 -46.38
CA VAL H 54 3.36 7.79 -45.61
C VAL H 54 2.17 7.72 -44.66
N THR H 55 1.09 7.07 -45.09
CA THR H 55 -0.07 6.92 -44.22
C THR H 55 0.25 6.09 -42.99
N VAL H 56 1.03 5.02 -43.15
CA VAL H 56 1.45 4.23 -42.01
C VAL H 56 2.43 4.99 -41.14
N ALA H 57 3.37 5.71 -41.77
CA ALA H 57 4.38 6.44 -41.00
C ALA H 57 3.77 7.53 -40.15
N LYS H 58 2.86 8.32 -40.73
CA LYS H 58 2.26 9.45 -40.02
C LYS H 58 1.36 9.02 -38.87
N SER H 59 0.95 7.75 -38.83
CA SER H 59 0.02 7.26 -37.81
C SER H 59 0.72 6.63 -36.62
N ILE H 60 2.05 6.63 -36.60
CA ILE H 60 2.83 5.99 -35.54
C ILE H 60 3.48 7.08 -34.70
N ASP H 61 3.08 7.16 -33.43
CA ASP H 61 3.67 8.07 -32.47
C ASP H 61 4.03 7.27 -31.22
N LEU H 62 5.26 7.42 -30.76
CA LEU H 62 5.79 6.60 -29.67
C LEU H 62 5.80 7.36 -28.36
N LYS H 63 5.65 6.62 -27.26
CA LYS H 63 5.63 7.25 -25.94
C LYS H 63 7.03 7.71 -25.53
N ASP H 64 8.04 6.87 -25.76
CA ASP H 64 9.40 7.24 -25.42
C ASP H 64 9.85 8.44 -26.24
N LYS H 65 10.46 9.42 -25.57
CA LYS H 65 10.76 10.69 -26.22
C LYS H 65 11.80 10.54 -27.32
N TYR H 66 12.84 9.75 -27.08
CA TYR H 66 13.91 9.61 -28.07
C TYR H 66 13.47 8.74 -29.24
N LYS H 67 12.78 7.63 -28.97
CA LYS H 67 12.18 6.85 -30.02
C LYS H 67 11.18 7.67 -30.82
N ASN H 68 10.44 8.54 -30.13
CA ASN H 68 9.51 9.43 -30.84
C ASN H 68 10.25 10.44 -31.70
N ILE H 69 11.42 10.90 -31.27
CA ILE H 69 12.22 11.82 -32.09
C ILE H 69 12.65 11.12 -33.37
N GLY H 70 13.15 9.90 -33.25
CA GLY H 70 13.52 9.14 -34.44
C GLY H 70 12.34 8.88 -35.36
N ALA H 71 11.21 8.50 -34.77
CA ALA H 71 10.00 8.26 -35.56
C ALA H 71 9.54 9.53 -36.26
N LYS H 72 9.64 10.68 -35.58
CA LYS H 72 9.26 11.95 -36.19
C LYS H 72 10.16 12.30 -37.37
N LEU H 73 11.46 12.01 -37.24
CA LEU H 73 12.36 12.26 -38.37
C LEU H 73 12.02 11.37 -39.55
N VAL H 74 11.70 10.10 -39.30
CA VAL H 74 11.32 9.22 -40.41
C VAL H 74 9.99 9.68 -41.02
N GLN H 75 9.08 10.17 -40.18
CA GLN H 75 7.83 10.74 -40.69
C GLN H 75 8.10 11.96 -41.56
N ASP H 76 9.07 12.78 -41.17
CA ASP H 76 9.47 13.92 -42.00
C ASP H 76 9.96 13.42 -43.36
N VAL H 77 10.77 12.37 -43.37
CA VAL H 77 11.25 11.80 -44.63
C VAL H 77 10.07 11.38 -45.51
N ALA H 78 9.15 10.61 -44.92
CA ALA H 78 8.02 10.08 -45.70
C ALA H 78 7.12 11.20 -46.19
N ASN H 79 6.86 12.20 -45.36
CA ASN H 79 5.97 13.29 -45.75
C ASN H 79 6.59 14.14 -46.85
N ASN H 80 7.89 14.42 -46.76
CA ASN H 80 8.54 15.18 -47.83
C ASN H 80 8.52 14.40 -49.14
N THR H 81 8.79 13.09 -49.07
CA THR H 81 8.73 12.28 -50.29
C THR H 81 7.33 12.26 -50.88
N ASN H 82 6.31 12.16 -50.02
CA ASN H 82 4.93 12.17 -50.51
C ASN H 82 4.57 13.52 -51.14
N GLU H 83 5.00 14.62 -50.53
CA GLU H 83 4.62 15.93 -51.04
C GLU H 83 5.35 16.29 -52.34
N GLU H 84 6.63 15.95 -52.46
CA GLU H 84 7.40 16.30 -53.65
C GLU H 84 7.22 15.32 -54.80
N ALA H 85 6.69 14.12 -54.55
CA ALA H 85 6.53 13.16 -55.63
C ALA H 85 5.12 12.59 -55.73
N GLY H 86 4.50 12.31 -54.59
CA GLY H 86 3.22 11.63 -54.53
C GLY H 86 3.34 10.12 -54.41
N ASP H 87 4.54 9.58 -54.60
CA ASP H 87 4.81 8.15 -54.53
C ASP H 87 6.24 7.93 -54.08
N GLY H 88 6.54 6.70 -53.66
CA GLY H 88 7.86 6.34 -53.22
C GLY H 88 8.13 6.54 -51.75
N THR H 89 7.10 6.62 -50.92
CA THR H 89 7.29 6.90 -49.50
C THR H 89 7.93 5.73 -48.76
N THR H 90 7.52 4.50 -49.10
CA THR H 90 8.11 3.32 -48.46
C THR H 90 9.59 3.18 -48.80
N THR H 91 9.93 3.43 -50.06
CA THR H 91 11.34 3.37 -50.46
C THR H 91 12.15 4.42 -49.72
N ALA H 92 11.63 5.63 -49.61
CA ALA H 92 12.33 6.67 -48.86
C ALA H 92 12.48 6.29 -47.39
N THR H 93 11.45 5.69 -46.80
CA THR H 93 11.52 5.28 -45.40
C THR H 93 12.61 4.23 -45.19
N VAL H 94 12.65 3.21 -46.05
CA VAL H 94 13.64 2.16 -45.86
C VAL H 94 15.05 2.68 -46.13
N LEU H 95 15.19 3.56 -47.13
CA LEU H 95 16.50 4.15 -47.40
C LEU H 95 16.98 5.00 -46.23
N ALA H 96 16.07 5.80 -45.66
CA ALA H 96 16.43 6.63 -44.51
C ALA H 96 16.83 5.77 -43.32
N ARG H 97 16.09 4.69 -43.07
CA ARG H 97 16.44 3.80 -41.97
C ARG H 97 17.82 3.19 -42.18
N SER H 98 18.10 2.72 -43.40
CA SER H 98 19.39 2.11 -43.68
C SER H 98 20.52 3.11 -43.50
N ILE H 99 20.37 4.32 -44.04
CA ILE H 99 21.42 5.33 -43.94
C ILE H 99 21.65 5.69 -42.48
N ALA H 100 20.57 5.87 -41.71
CA ALA H 100 20.71 6.20 -40.30
C ALA H 100 21.42 5.09 -39.54
N LYS H 101 21.09 3.82 -39.84
CA LYS H 101 21.73 2.71 -39.15
C LYS H 101 23.22 2.65 -39.43
N GLU H 102 23.60 2.72 -40.71
CA GLU H 102 25.03 2.66 -41.05
C GLU H 102 25.76 3.88 -40.50
N GLY H 103 25.14 5.05 -40.52
CA GLY H 103 25.78 6.23 -39.95
C GLY H 103 25.99 6.12 -38.46
N PHE H 104 25.00 5.57 -37.74
CA PHE H 104 25.14 5.39 -36.30
C PHE H 104 26.22 4.36 -35.98
N GLU H 105 26.28 3.27 -36.75
CA GLU H 105 27.23 2.21 -36.47
C GLU H 105 28.68 2.59 -36.77
N LYS H 106 28.90 3.62 -37.58
CA LYS H 106 30.25 4.00 -38.00
C LYS H 106 30.79 5.20 -37.24
N ILE H 107 30.19 5.55 -36.11
CA ILE H 107 30.62 6.72 -35.33
C ILE H 107 31.62 6.26 -34.28
N SER H 108 32.80 6.89 -34.28
CA SER H 108 33.85 6.62 -33.32
C SER H 108 34.34 7.93 -32.70
N LYS H 109 35.33 7.83 -31.82
CA LYS H 109 35.89 9.03 -31.20
C LYS H 109 36.56 9.93 -32.24
N GLY H 110 37.34 9.33 -33.15
CA GLY H 110 38.03 10.10 -34.17
C GLY H 110 37.24 10.39 -35.43
N ALA H 111 36.09 9.74 -35.60
CA ALA H 111 35.28 9.96 -36.78
C ALA H 111 34.63 11.34 -36.74
N ASN H 112 34.43 11.91 -37.93
CA ASN H 112 33.79 13.22 -38.07
C ASN H 112 32.47 13.05 -38.82
N PRO H 113 31.33 12.98 -38.12
CA PRO H 113 30.06 12.74 -38.82
C PRO H 113 29.66 13.84 -39.79
N VAL H 114 30.18 15.05 -39.64
CA VAL H 114 29.85 16.12 -40.58
C VAL H 114 30.48 15.83 -41.94
N GLU H 115 31.73 15.39 -41.96
CA GLU H 115 32.37 15.03 -43.22
C GLU H 115 31.77 13.75 -43.79
N ILE H 116 31.29 12.84 -42.93
CA ILE H 116 30.55 11.68 -43.41
C ILE H 116 29.27 12.11 -44.11
N ARG H 117 28.56 13.08 -43.54
CA ARG H 117 27.38 13.63 -44.17
C ARG H 117 27.72 14.28 -45.51
N ARG H 118 28.84 15.00 -45.56
CA ARG H 118 29.28 15.60 -46.82
C ARG H 118 29.52 14.53 -47.88
N GLY H 119 30.24 13.46 -47.51
CA GLY H 119 30.48 12.38 -48.45
C GLY H 119 29.21 11.72 -48.91
N VAL H 120 28.24 11.59 -47.99
CA VAL H 120 26.93 11.07 -48.36
C VAL H 120 26.26 11.96 -49.40
N MET H 121 26.36 13.29 -49.21
CA MET H 121 25.76 14.21 -50.16
C MET H 121 26.40 14.09 -51.54
N LEU H 122 27.73 14.01 -51.60
CA LEU H 122 28.39 13.81 -52.90
C LEU H 122 28.00 12.48 -53.54
N ALA H 123 27.92 11.41 -52.74
CA ALA H 123 27.54 10.12 -53.30
C ALA H 123 26.13 10.16 -53.85
N VAL H 124 25.21 10.83 -53.15
CA VAL H 124 23.83 10.91 -53.60
C VAL H 124 23.73 11.77 -54.86
N ASP H 125 24.52 12.85 -54.93
CA ASP H 125 24.54 13.64 -56.16
C ASP H 125 25.02 12.82 -57.35
N ALA H 126 26.07 11.99 -57.14
CA ALA H 126 26.54 11.14 -58.21
C ALA H 126 25.48 10.12 -58.62
N VAL H 127 24.78 9.53 -57.65
CA VAL H 127 23.75 8.55 -57.98
C VAL H 127 22.60 9.22 -58.73
N ILE H 128 22.26 10.44 -58.35
CA ILE H 128 21.20 11.17 -59.04
C ILE H 128 21.61 11.48 -60.47
N ALA H 129 22.87 11.86 -60.68
CA ALA H 129 23.37 12.09 -62.03
C ALA H 129 23.28 10.81 -62.86
N GLU H 130 23.66 9.67 -62.27
CA GLU H 130 23.55 8.40 -62.98
C GLU H 130 22.09 8.07 -63.31
N LEU H 131 21.18 8.34 -62.37
CA LEU H 131 19.76 8.10 -62.62
C LEU H 131 19.25 8.93 -63.79
N LYS H 132 19.63 10.21 -63.82
CA LYS H 132 19.24 11.06 -64.94
C LYS H 132 19.87 10.58 -66.24
N LYS H 133 21.09 10.03 -66.17
CA LYS H 133 21.73 9.51 -67.37
C LYS H 133 21.04 8.25 -67.88
N GLN H 134 20.43 7.46 -66.99
CA GLN H 134 19.83 6.19 -67.35
C GLN H 134 18.34 6.30 -67.70
N SER H 135 17.76 7.49 -67.66
CA SER H 135 16.34 7.64 -67.89
C SER H 135 16.01 7.60 -69.38
N LYS H 136 14.76 7.25 -69.68
CA LYS H 136 14.24 7.24 -71.05
C LYS H 136 12.83 7.85 -71.01
N PRO H 137 12.51 8.76 -71.92
CA PRO H 137 11.19 9.42 -71.88
C PRO H 137 10.07 8.48 -72.26
N VAL H 138 8.85 8.84 -71.85
CA VAL H 138 7.64 8.09 -72.18
C VAL H 138 7.21 8.55 -73.57
N THR H 139 7.12 7.60 -74.51
CA THR H 139 6.72 7.91 -75.88
C THR H 139 5.44 7.20 -76.31
N THR H 140 5.01 6.16 -75.60
CA THR H 140 3.81 5.42 -75.97
C THR H 140 2.84 5.38 -74.81
N PRO H 141 1.53 5.34 -75.10
CA PRO H 141 0.55 5.17 -74.00
C PRO H 141 0.67 3.84 -73.29
N GLU H 142 1.25 2.82 -73.93
CA GLU H 142 1.47 1.55 -73.26
C GLU H 142 2.41 1.70 -72.07
N GLU H 143 3.41 2.57 -72.21
CA GLU H 143 4.29 2.86 -71.07
C GLU H 143 3.52 3.51 -69.93
N ILE H 144 2.59 4.41 -70.26
CA ILE H 144 1.76 5.03 -69.24
C ILE H 144 0.92 3.96 -68.52
N ALA H 145 0.35 3.04 -69.29
CA ALA H 145 -0.43 1.96 -68.69
C ALA H 145 0.44 1.09 -67.78
N GLN H 146 1.66 0.77 -68.23
CA GLN H 146 2.56 -0.04 -67.43
C GLN H 146 2.93 0.66 -66.13
N VAL H 147 3.22 1.97 -66.21
CA VAL H 147 3.59 2.71 -65.02
C VAL H 147 2.42 2.77 -64.04
N ALA H 148 1.22 3.04 -64.54
CA ALA H 148 0.05 3.08 -63.67
C ALA H 148 -0.23 1.73 -63.03
N THR H 149 -0.09 0.64 -63.80
CA THR H 149 -0.30 -0.70 -63.26
C THR H 149 0.73 -1.02 -62.18
N ILE H 150 1.99 -0.69 -62.43
CA ILE H 150 3.03 -0.97 -61.45
C ILE H 150 2.79 -0.18 -60.17
N SER H 151 2.42 1.09 -60.30
CA SER H 151 2.19 1.93 -59.13
C SER H 151 0.86 1.64 -58.45
N ALA H 152 -0.04 0.89 -59.10
CA ALA H 152 -1.31 0.50 -58.50
C ALA H 152 -1.30 -0.94 -57.99
N ASN H 153 -0.13 -1.42 -57.59
CA ASN H 153 0.04 -2.79 -57.07
C ASN H 153 -0.41 -3.82 -58.11
N GLY H 154 0.00 -3.61 -59.35
CA GLY H 154 -0.28 -4.57 -60.40
C GLY H 154 -1.74 -4.74 -60.74
N ASP H 155 -2.50 -3.65 -60.76
CA ASP H 155 -3.91 -3.69 -61.13
C ASP H 155 -4.05 -3.26 -62.58
N LYS H 156 -4.45 -4.19 -63.44
CA LYS H 156 -4.57 -3.88 -64.87
C LYS H 156 -5.67 -2.87 -65.14
N GLU H 157 -6.80 -2.99 -64.44
CA GLU H 157 -7.93 -2.11 -64.71
C GLU H 157 -7.63 -0.66 -64.35
N ILE H 158 -6.89 -0.42 -63.26
CA ILE H 158 -6.54 0.95 -62.88
C ILE H 158 -5.66 1.58 -63.95
N GLY H 159 -4.66 0.82 -64.43
CA GLY H 159 -3.81 1.33 -65.49
C GLY H 159 -4.58 1.60 -66.76
N ASN H 160 -5.50 0.71 -67.12
CA ASN H 160 -6.32 0.92 -68.31
C ASN H 160 -7.17 2.17 -68.17
N ILE H 161 -7.78 2.38 -66.99
CA ILE H 161 -8.61 3.55 -66.77
C ILE H 161 -7.79 4.83 -66.86
N ILE H 162 -6.59 4.83 -66.27
CA ILE H 162 -5.76 6.03 -66.30
C ILE H 162 -5.26 6.31 -67.71
N SER H 163 -4.93 5.26 -68.47
CA SER H 163 -4.54 5.44 -69.87
C SER H 163 -5.69 6.01 -70.68
N ASP H 164 -6.91 5.51 -70.45
CA ASP H 164 -8.08 6.05 -71.15
C ASP H 164 -8.28 7.52 -70.79
N ALA H 165 -8.11 7.87 -69.51
CA ALA H 165 -8.26 9.26 -69.09
C ALA H 165 -7.23 10.16 -69.77
N MET H 166 -5.97 9.71 -69.84
CA MET H 166 -4.95 10.50 -70.53
C MET H 166 -5.18 10.57 -72.03
N LYS H 167 -5.75 9.54 -72.64
CA LYS H 167 -6.13 9.63 -74.04
C LYS H 167 -7.26 10.63 -74.26
N LYS H 168 -8.21 10.68 -73.33
CA LYS H 168 -9.38 11.54 -73.51
C LYS H 168 -9.08 13.00 -73.23
N VAL H 169 -8.48 13.31 -72.08
CA VAL H 169 -8.28 14.69 -71.67
C VAL H 169 -6.87 15.18 -71.92
N GLY H 170 -6.05 14.39 -72.59
CA GLY H 170 -4.67 14.77 -72.86
C GLY H 170 -3.72 14.30 -71.77
N ARG H 171 -2.42 14.36 -72.09
CA ARG H 171 -1.41 13.88 -71.16
C ARG H 171 -1.30 14.79 -69.94
N LYS H 172 -1.53 16.10 -70.13
CA LYS H 172 -1.47 17.07 -69.05
C LYS H 172 -2.85 17.49 -68.56
N GLY H 173 -3.90 16.76 -68.93
CA GLY H 173 -5.25 17.14 -68.53
C GLY H 173 -5.48 16.94 -67.05
N VAL H 174 -6.50 17.64 -66.54
CA VAL H 174 -6.83 17.56 -65.12
C VAL H 174 -7.60 16.28 -64.84
N ILE H 175 -7.09 15.48 -63.91
CA ILE H 175 -7.70 14.21 -63.53
C ILE H 175 -7.81 14.16 -62.01
N THR H 176 -8.97 13.75 -61.51
CA THR H 176 -9.21 13.67 -60.07
C THR H 176 -9.93 12.37 -59.73
N VAL H 177 -9.85 11.98 -58.47
CA VAL H 177 -10.43 10.75 -57.96
C VAL H 177 -11.52 11.09 -56.95
N LYS H 178 -12.69 10.50 -57.13
CA LYS H 178 -13.81 10.70 -56.22
C LYS H 178 -14.43 9.34 -55.94
N ASP H 179 -14.91 9.13 -54.72
CA ASP H 179 -15.42 7.81 -54.36
C ASP H 179 -16.69 7.50 -55.13
N GLY H 180 -16.82 6.24 -55.56
CA GLY H 180 -17.96 5.83 -56.33
C GLY H 180 -19.06 5.20 -55.49
N LYS H 181 -20.28 5.26 -56.02
CA LYS H 181 -21.44 4.66 -55.38
C LYS H 181 -21.81 3.32 -55.99
N THR H 182 -20.98 2.78 -56.88
CA THR H 182 -21.24 1.53 -57.57
C THR H 182 -20.12 0.53 -57.28
N LEU H 183 -20.28 -0.68 -57.81
CA LEU H 183 -19.34 -1.76 -57.52
C LEU H 183 -18.03 -1.63 -58.30
N ASN H 184 -18.06 -0.99 -59.47
CA ASN H 184 -16.92 -0.94 -60.37
C ASN H 184 -16.47 0.50 -60.58
N ASP H 185 -15.20 0.63 -60.97
CA ASP H 185 -14.64 1.94 -61.28
C ASP H 185 -15.14 2.43 -62.63
N GLU H 186 -15.35 3.74 -62.74
CA GLU H 186 -15.83 4.34 -63.98
C GLU H 186 -15.15 5.68 -64.20
N LEU H 187 -15.19 6.14 -65.45
CA LEU H 187 -14.50 7.35 -65.88
C LEU H 187 -15.50 8.30 -66.53
N GLU H 188 -15.45 9.57 -66.15
CA GLU H 188 -16.32 10.59 -66.72
C GLU H 188 -15.47 11.75 -67.21
N ILE H 189 -15.99 12.45 -68.22
CA ILE H 189 -15.31 13.62 -68.77
C ILE H 189 -16.14 14.87 -68.50
N ALA H 378 -11.03 15.01 -66.20
CA ALA H 378 -11.52 13.65 -66.04
C ALA H 378 -11.79 13.34 -64.57
N VAL H 379 -12.84 12.57 -64.31
CA VAL H 379 -13.24 12.19 -62.96
C VAL H 379 -13.27 10.67 -62.89
N LEU H 380 -12.62 10.11 -61.87
CA LEU H 380 -12.58 8.67 -61.64
C LEU H 380 -13.45 8.33 -60.45
N LYS H 381 -14.39 7.42 -60.63
CA LYS H 381 -15.21 6.91 -59.54
C LYS H 381 -14.72 5.52 -59.18
N VAL H 382 -14.41 5.32 -57.91
CA VAL H 382 -13.80 4.09 -57.41
C VAL H 382 -14.89 3.15 -56.90
N GLY H 383 -14.90 1.92 -57.42
CA GLY H 383 -15.88 0.94 -57.00
C GLY H 383 -15.48 0.22 -55.73
N GLY H 384 -16.44 -0.48 -55.15
CA GLY H 384 -16.21 -1.24 -53.94
C GLY H 384 -17.53 -1.54 -53.25
N THR H 385 -17.40 -2.20 -52.09
CA THR H 385 -18.55 -2.56 -51.27
C THR H 385 -18.64 -1.76 -49.98
N SER H 386 -17.53 -1.60 -49.26
CA SER H 386 -17.50 -0.84 -48.03
C SER H 386 -16.51 0.32 -48.17
N ASP H 387 -16.49 1.17 -47.14
CA ASP H 387 -15.66 2.37 -47.20
C ASP H 387 -14.17 2.04 -47.13
N VAL H 388 -13.82 0.97 -46.40
CA VAL H 388 -12.41 0.60 -46.27
C VAL H 388 -11.84 0.21 -47.62
N GLU H 389 -12.58 -0.59 -48.39
CA GLU H 389 -12.10 -1.04 -49.70
C GLU H 389 -11.96 0.13 -50.66
N VAL H 390 -12.96 1.02 -50.70
CA VAL H 390 -12.90 2.15 -51.61
C VAL H 390 -11.78 3.11 -51.20
N ASN H 391 -11.51 3.23 -49.89
CA ASN H 391 -10.40 4.07 -49.45
C ASN H 391 -9.05 3.49 -49.87
N GLU H 392 -8.88 2.18 -49.70
CA GLU H 392 -7.63 1.55 -50.14
C GLU H 392 -7.45 1.67 -51.64
N LYS H 393 -8.50 1.40 -52.41
CA LYS H 393 -8.42 1.52 -53.86
C LYS H 393 -8.18 2.96 -54.29
N LYS H 394 -8.78 3.93 -53.59
CA LYS H 394 -8.55 5.34 -53.90
C LYS H 394 -7.11 5.72 -53.63
N ASP H 395 -6.54 5.24 -52.53
CA ASP H 395 -5.13 5.50 -52.26
C ASP H 395 -4.24 4.94 -53.35
N ARG H 396 -4.52 3.71 -53.80
CA ARG H 396 -3.72 3.13 -54.88
C ARG H 396 -3.91 3.88 -56.21
N VAL H 397 -5.13 4.31 -56.53
CA VAL H 397 -5.37 5.08 -57.75
C VAL H 397 -4.66 6.43 -57.70
N THR H 398 -4.68 7.09 -56.55
CA THR H 398 -3.97 8.35 -56.40
C THR H 398 -2.46 8.15 -56.56
N ASP H 399 -1.94 7.05 -55.97
CA ASP H 399 -0.53 6.74 -56.16
C ASP H 399 -0.20 6.52 -57.63
N ALA H 400 -1.05 5.78 -58.34
CA ALA H 400 -0.82 5.52 -59.76
C ALA H 400 -0.86 6.80 -60.58
N LEU H 401 -1.81 7.69 -60.30
CA LEU H 401 -1.90 8.95 -61.02
C LEU H 401 -0.70 9.84 -60.75
N ASN H 402 -0.28 9.95 -59.50
CA ASN H 402 0.92 10.74 -59.19
C ASN H 402 2.15 10.17 -59.86
N ALA H 403 2.28 8.84 -59.85
CA ALA H 403 3.45 8.20 -60.45
C ALA H 403 3.47 8.39 -61.96
N THR H 404 2.31 8.27 -62.63
CA THR H 404 2.30 8.48 -64.07
C THR H 404 2.49 9.94 -64.44
N ARG H 405 2.02 10.86 -63.59
CA ARG H 405 2.32 12.27 -63.82
C ARG H 405 3.82 12.54 -63.71
N ALA H 406 4.48 11.93 -62.72
CA ALA H 406 5.93 12.05 -62.63
C ALA H 406 6.62 11.39 -63.81
N ALA H 407 6.09 10.26 -64.28
CA ALA H 407 6.71 9.53 -65.39
C ALA H 407 6.57 10.27 -66.71
N VAL H 408 5.51 11.05 -66.87
CA VAL H 408 5.40 11.89 -68.07
C VAL H 408 6.16 13.21 -67.91
N GLU H 409 6.30 13.71 -66.68
CA GLU H 409 7.07 14.92 -66.45
C GLU H 409 8.57 14.67 -66.55
N GLU H 410 9.02 13.42 -66.50
CA GLU H 410 10.44 13.09 -66.47
C GLU H 410 10.62 11.76 -67.21
N GLY H 411 11.76 11.12 -66.99
CA GLY H 411 12.09 9.89 -67.67
C GLY H 411 11.54 8.66 -66.96
N ILE H 412 12.00 7.50 -67.42
CA ILE H 412 11.58 6.21 -66.90
C ILE H 412 12.82 5.35 -66.67
N VAL H 413 12.89 4.70 -65.52
CA VAL H 413 13.98 3.79 -65.18
C VAL H 413 13.38 2.42 -64.85
N LEU H 414 14.26 1.45 -64.64
CA LEU H 414 13.83 0.09 -64.33
C LEU H 414 13.18 0.04 -62.96
N GLY H 415 12.25 -0.88 -62.79
CA GLY H 415 11.56 -1.07 -61.53
C GLY H 415 12.25 -2.09 -60.64
N GLY H 416 11.61 -2.38 -59.51
CA GLY H 416 12.10 -3.36 -58.58
C GLY H 416 13.32 -2.94 -57.78
N GLY H 417 13.70 -1.68 -57.83
CA GLY H 417 14.92 -1.22 -57.19
C GLY H 417 16.17 -1.48 -57.99
N CYS H 418 16.06 -2.00 -59.21
CA CYS H 418 17.23 -2.26 -60.04
C CYS H 418 17.87 -0.98 -60.54
N ALA H 419 17.07 0.07 -60.77
CA ALA H 419 17.61 1.34 -61.21
C ALA H 419 18.59 1.91 -60.19
N LEU H 420 18.26 1.78 -58.90
CA LEU H 420 19.17 2.22 -57.85
C LEU H 420 20.36 1.27 -57.72
N LEU H 421 20.19 0.01 -58.08
CA LEU H 421 21.31 -0.94 -58.04
C LEU H 421 22.33 -0.65 -59.13
N ARG H 422 21.88 -0.15 -60.29
CA ARG H 422 22.79 0.08 -61.41
C ARG H 422 23.74 1.25 -61.18
N CYS H 423 23.56 2.03 -60.12
CA CYS H 423 24.38 3.21 -59.87
C CYS H 423 25.57 2.95 -58.97
N ILE H 424 25.79 1.70 -58.55
CA ILE H 424 26.95 1.39 -57.72
C ILE H 424 28.26 1.66 -58.45
N PRO H 425 28.43 1.31 -59.74
CA PRO H 425 29.68 1.67 -60.43
C PRO H 425 29.96 3.17 -60.45
N ALA H 426 28.91 3.99 -60.48
CA ALA H 426 29.11 5.44 -60.40
C ALA H 426 29.78 5.83 -59.09
N LEU H 427 29.39 5.18 -57.98
CA LEU H 427 30.05 5.43 -56.72
C LEU H 427 31.45 4.83 -56.69
N ASP H 428 31.66 3.71 -57.39
CA ASP H 428 33.00 3.13 -57.46
C ASP H 428 33.96 4.07 -58.17
N SER H 429 33.47 4.80 -59.18
CA SER H 429 34.32 5.74 -59.90
C SER H 429 34.77 6.90 -59.01
N LEU H 430 33.90 7.34 -58.11
CA LEU H 430 34.21 8.50 -57.28
C LEU H 430 35.40 8.23 -56.37
N THR H 431 36.18 9.29 -56.12
CA THR H 431 37.31 9.20 -55.20
C THR H 431 37.04 10.07 -53.98
N PRO H 432 37.34 9.59 -52.78
CA PRO H 432 37.07 10.37 -51.57
C PRO H 432 38.13 11.44 -51.34
N ALA H 433 37.76 12.43 -50.53
CA ALA H 433 38.72 13.45 -50.12
C ALA H 433 39.44 13.08 -48.84
N ASN H 434 38.78 12.36 -47.94
CA ASN H 434 39.38 11.90 -46.70
C ASN H 434 38.68 10.63 -46.26
N GLU H 435 38.98 10.17 -45.05
CA GLU H 435 38.42 8.90 -44.57
C GLU H 435 36.93 9.01 -44.30
N ASP H 436 36.49 10.14 -43.73
CA ASP H 436 35.07 10.29 -43.41
C ASP H 436 34.20 10.32 -44.67
N GLN H 437 34.67 11.00 -45.73
CA GLN H 437 33.93 10.99 -46.97
C GLN H 437 33.90 9.61 -47.60
N LYS H 438 34.99 8.85 -47.46
CA LYS H 438 34.97 7.45 -47.89
C LYS H 438 33.94 6.65 -47.13
N ILE H 439 33.84 6.88 -45.82
CA ILE H 439 32.83 6.19 -45.00
C ILE H 439 31.43 6.53 -45.49
N GLY H 440 31.18 7.80 -45.77
CA GLY H 440 29.87 8.20 -46.28
C GLY H 440 29.56 7.59 -47.63
N ILE H 441 30.55 7.55 -48.53
CA ILE H 441 30.35 6.95 -49.84
C ILE H 441 30.03 5.47 -49.71
N GLU H 442 30.74 4.76 -48.83
CA GLU H 442 30.45 3.35 -48.61
C GLU H 442 29.07 3.16 -47.97
N ILE H 443 28.66 4.09 -47.11
CA ILE H 443 27.32 4.03 -46.53
C ILE H 443 26.27 4.10 -47.63
N ILE H 444 26.42 5.05 -48.56
CA ILE H 444 25.46 5.17 -49.65
C ILE H 444 25.53 3.95 -50.56
N LYS H 445 26.73 3.43 -50.80
CA LYS H 445 26.88 2.26 -51.65
C LYS H 445 26.17 1.05 -51.06
N ARG H 446 26.28 0.86 -49.74
CA ARG H 446 25.57 -0.24 -49.10
C ARG H 446 24.07 0.00 -49.06
N THR H 447 23.65 1.26 -48.94
CA THR H 447 22.23 1.56 -48.88
C THR H 447 21.54 1.37 -50.22
N LEU H 448 22.28 1.55 -51.33
CA LEU H 448 21.66 1.46 -52.65
C LEU H 448 21.03 0.10 -52.91
N LYS H 449 21.44 -0.94 -52.18
CA LYS H 449 20.89 -2.28 -52.38
C LYS H 449 19.62 -2.54 -51.56
N ILE H 450 19.24 -1.62 -50.68
CA ILE H 450 18.15 -1.86 -49.72
C ILE H 450 16.79 -2.06 -50.38
N PRO H 451 16.35 -1.21 -51.32
CA PRO H 451 14.98 -1.40 -51.86
C PRO H 451 14.77 -2.77 -52.51
N ALA H 452 15.75 -3.25 -53.28
CA ALA H 452 15.59 -4.55 -53.94
C ALA H 452 15.55 -5.67 -52.91
N MET H 453 16.40 -5.61 -51.89
CA MET H 453 16.37 -6.61 -50.83
C MET H 453 15.04 -6.59 -50.09
N THR H 454 14.49 -5.40 -49.83
CA THR H 454 13.19 -5.32 -49.16
C THR H 454 12.09 -5.92 -50.02
N ILE H 455 12.09 -5.61 -51.31
CA ILE H 455 11.07 -6.15 -52.21
C ILE H 455 11.17 -7.67 -52.27
N ALA H 456 12.38 -8.20 -52.34
CA ALA H 456 12.56 -9.66 -52.34
C ALA H 456 12.12 -10.26 -51.00
N LYS H 457 12.45 -9.59 -49.90
CA LYS H 457 12.10 -10.10 -48.57
C LYS H 457 10.59 -10.18 -48.39
N ASN H 458 9.86 -9.17 -48.84
CA ASN H 458 8.41 -9.24 -48.77
C ASN H 458 7.84 -10.36 -49.62
N ALA H 459 8.59 -10.82 -50.62
CA ALA H 459 8.16 -11.92 -51.48
C ALA H 459 8.47 -13.29 -50.89
N GLY H 460 9.12 -13.34 -49.73
CA GLY H 460 9.42 -14.61 -49.10
C GLY H 460 10.68 -15.28 -49.56
N VAL H 461 11.57 -14.56 -50.25
CA VAL H 461 12.83 -15.13 -50.71
C VAL H 461 13.98 -14.40 -50.05
N GLU H 462 15.21 -14.83 -50.34
CA GLU H 462 16.41 -14.21 -49.77
C GLU H 462 16.82 -13.03 -50.64
N GLY H 463 16.78 -11.82 -50.04
CA GLY H 463 17.09 -10.62 -50.80
C GLY H 463 18.53 -10.54 -51.24
N SER H 464 19.46 -11.03 -50.42
CA SER H 464 20.88 -10.92 -50.75
C SER H 464 21.22 -11.67 -52.03
N LEU H 465 20.74 -12.91 -52.16
CA LEU H 465 21.02 -13.69 -53.36
C LEU H 465 20.37 -13.06 -54.58
N ILE H 466 19.14 -12.54 -54.44
CA ILE H 466 18.47 -11.90 -55.56
C ILE H 466 19.25 -10.68 -56.03
N VAL H 467 19.72 -9.86 -55.09
CA VAL H 467 20.46 -8.67 -55.44
C VAL H 467 21.79 -9.04 -56.08
N GLU H 468 22.47 -10.07 -55.56
CA GLU H 468 23.73 -10.49 -56.13
C GLU H 468 23.56 -10.99 -57.55
N LYS H 469 22.50 -11.77 -57.80
CA LYS H 469 22.26 -12.26 -59.16
C LYS H 469 21.83 -11.14 -60.10
N ILE H 470 21.11 -10.14 -59.57
CA ILE H 470 20.76 -8.99 -60.39
C ILE H 470 22.01 -8.23 -60.81
N MET H 471 22.92 -8.01 -59.87
CA MET H 471 24.15 -7.29 -60.17
C MET H 471 25.05 -8.08 -61.12
N GLN H 472 25.08 -9.41 -60.96
CA GLN H 472 25.86 -10.23 -61.88
C GLN H 472 25.22 -10.31 -63.25
N SER H 473 23.91 -10.07 -63.34
CA SER H 473 23.20 -10.21 -64.61
C SER H 473 23.45 -9.00 -65.51
N SER H 474 22.75 -8.99 -66.64
CA SER H 474 22.85 -7.89 -67.57
C SER H 474 22.09 -6.67 -67.05
N SER H 475 22.34 -5.53 -67.69
CA SER H 475 21.72 -4.28 -67.23
C SER H 475 20.21 -4.30 -67.42
N GLU H 476 19.73 -4.95 -68.48
CA GLU H 476 18.30 -4.94 -68.76
C GLU H 476 17.56 -5.94 -67.89
N VAL H 477 18.28 -6.87 -67.27
CA VAL H 477 17.64 -7.96 -66.54
C VAL H 477 17.38 -7.54 -65.10
N GLY H 478 16.15 -7.75 -64.64
CA GLY H 478 15.79 -7.54 -63.25
C GLY H 478 15.01 -8.70 -62.68
N TYR H 479 14.52 -8.57 -61.46
CA TYR H 479 13.80 -9.63 -60.77
C TYR H 479 12.32 -9.26 -60.64
N ASP H 480 11.45 -10.11 -61.18
CA ASP H 480 10.01 -9.97 -61.02
C ASP H 480 9.60 -10.77 -59.78
N ALA H 481 9.12 -10.05 -58.75
CA ALA H 481 8.72 -10.71 -57.52
C ALA H 481 7.39 -11.40 -57.65
N MET H 482 6.46 -10.81 -58.42
CA MET H 482 5.15 -11.43 -58.62
C MET H 482 5.28 -12.78 -59.31
N ALA H 483 6.04 -12.84 -60.40
CA ALA H 483 6.36 -14.10 -61.05
C ALA H 483 7.49 -14.84 -60.37
N GLY H 484 8.28 -14.15 -59.56
CA GLY H 484 9.39 -14.78 -58.85
C GLY H 484 10.49 -15.30 -59.76
N ASP H 485 10.89 -14.53 -60.76
CA ASP H 485 11.92 -15.00 -61.68
C ASP H 485 12.62 -13.79 -62.29
N PHE H 486 13.79 -14.06 -62.88
CA PHE H 486 14.60 -13.01 -63.48
C PHE H 486 14.17 -12.82 -64.93
N VAL H 487 13.72 -11.62 -65.27
CA VAL H 487 13.16 -11.30 -66.56
C VAL H 487 13.77 -10.00 -67.07
N ASN H 488 13.28 -9.54 -68.22
CA ASN H 488 13.63 -8.23 -68.76
C ASN H 488 12.59 -7.22 -68.27
N MET H 489 13.04 -6.21 -67.54
CA MET H 489 12.11 -5.32 -66.85
C MET H 489 11.27 -4.51 -67.83
N VAL H 490 11.89 -3.96 -68.87
CA VAL H 490 11.17 -3.09 -69.79
C VAL H 490 10.09 -3.88 -70.53
N GLU H 491 10.42 -5.07 -71.00
CA GLU H 491 9.43 -5.87 -71.73
C GLU H 491 8.28 -6.30 -70.83
N LYS H 492 8.58 -6.71 -69.59
CA LYS H 492 7.53 -7.11 -68.67
C LYS H 492 6.74 -5.92 -68.15
N GLY H 493 7.30 -4.72 -68.25
CA GLY H 493 6.62 -3.52 -67.81
C GLY H 493 6.93 -3.06 -66.39
N ILE H 494 7.96 -3.61 -65.77
CA ILE H 494 8.34 -3.23 -64.40
C ILE H 494 9.24 -2.00 -64.54
N ILE H 495 8.61 -0.83 -64.56
CA ILE H 495 9.33 0.43 -64.71
C ILE H 495 8.83 1.41 -63.67
N ASP H 496 9.69 2.38 -63.32
CA ASP H 496 9.38 3.39 -62.34
C ASP H 496 9.71 4.78 -62.90
N PRO H 497 8.98 5.80 -62.47
CA PRO H 497 9.41 7.18 -62.78
C PRO H 497 10.75 7.47 -62.11
N THR H 498 11.63 8.17 -62.83
CA THR H 498 12.93 8.51 -62.26
C THR H 498 12.81 9.61 -61.22
N LYS H 499 11.80 10.47 -61.34
CA LYS H 499 11.61 11.53 -60.36
C LYS H 499 11.31 10.96 -58.98
N VAL H 500 10.48 9.91 -58.92
CA VAL H 500 10.08 9.34 -57.64
C VAL H 500 11.29 8.78 -56.91
N VAL H 501 12.08 7.95 -57.60
CA VAL H 501 13.25 7.34 -56.95
C VAL H 501 14.29 8.40 -56.61
N ARG H 502 14.45 9.39 -57.50
CA ARG H 502 15.42 10.45 -57.25
C ARG H 502 15.08 11.22 -55.99
N THR H 503 13.82 11.67 -55.87
CA THR H 503 13.45 12.46 -54.70
C THR H 503 13.41 11.61 -53.44
N ALA H 504 13.02 10.33 -53.54
CA ALA H 504 13.04 9.48 -52.35
C ALA H 504 14.46 9.33 -51.83
N LEU H 505 15.41 9.03 -52.72
CA LEU H 505 16.79 8.90 -52.31
C LEU H 505 17.31 10.21 -51.73
N LEU H 506 17.02 11.34 -52.38
CA LEU H 506 17.54 12.61 -51.92
C LEU H 506 17.02 12.96 -50.53
N ASP H 507 15.71 12.86 -50.33
CA ASP H 507 15.11 13.22 -49.04
C ASP H 507 15.61 12.29 -47.94
N ALA H 508 15.57 10.98 -48.19
CA ALA H 508 16.01 10.02 -47.18
C ALA H 508 17.46 10.26 -46.81
N ALA H 509 18.32 10.43 -47.81
CA ALA H 509 19.74 10.62 -47.54
C ALA H 509 19.99 11.91 -46.76
N GLY H 510 19.36 13.00 -47.16
CA GLY H 510 19.57 14.25 -46.47
C GLY H 510 19.19 14.17 -45.01
N VAL H 511 17.96 13.71 -44.74
CA VAL H 511 17.47 13.69 -43.36
C VAL H 511 18.28 12.71 -42.52
N ALA H 512 18.55 11.51 -43.05
CA ALA H 512 19.29 10.53 -42.28
C ALA H 512 20.72 10.97 -42.01
N SER H 513 21.38 11.58 -42.99
CA SER H 513 22.74 12.06 -42.80
C SER H 513 22.78 13.19 -41.77
N LEU H 514 21.78 14.06 -41.78
CA LEU H 514 21.69 15.07 -40.72
C LEU H 514 21.48 14.42 -39.36
N LEU H 515 20.70 13.34 -39.32
CA LEU H 515 20.46 12.64 -38.06
C LEU H 515 21.74 12.02 -37.51
N THR H 516 22.56 11.44 -38.37
CA THR H 516 23.74 10.69 -37.88
C THR H 516 24.75 11.59 -37.20
N THR H 517 24.66 12.91 -37.41
CA THR H 517 25.58 13.83 -36.74
C THR H 517 25.24 14.05 -35.28
N ALA H 518 24.32 13.28 -34.71
CA ALA H 518 23.86 13.51 -33.34
C ALA H 518 24.92 13.12 -32.31
N GLU H 519 25.01 13.91 -31.26
CA GLU H 519 25.77 13.57 -30.07
C GLU H 519 25.00 13.74 -28.77
N VAL H 520 24.11 14.73 -28.70
CA VAL H 520 23.34 15.04 -27.51
C VAL H 520 21.88 15.19 -27.90
N VAL H 521 20.99 14.62 -27.09
CA VAL H 521 19.55 14.72 -27.34
C VAL H 521 18.88 15.30 -26.10
N VAL H 522 18.09 16.35 -26.28
CA VAL H 522 17.39 17.04 -25.21
C VAL H 522 15.90 16.85 -25.42
N THR H 523 15.21 16.31 -24.42
CA THR H 523 13.78 16.06 -24.49
C THR H 523 13.11 16.66 -23.25
N GLU H 524 11.78 16.74 -23.29
CA GLU H 524 11.02 17.21 -22.15
C GLU H 524 10.75 16.06 -21.19
N ILE H 525 10.61 16.40 -19.92
CA ILE H 525 10.32 15.38 -18.90
C ILE H 525 8.89 14.88 -19.08
N PRO H 526 8.66 13.56 -19.11
CA PRO H 526 7.31 13.06 -19.34
C PRO H 526 6.40 13.25 -18.12
N LYS H 527 5.88 14.46 -17.97
CA LYS H 527 4.99 14.78 -16.85
C LYS H 527 3.65 14.09 -17.02
N GLY I 1 6.51 34.61 0.16
CA GLY I 1 5.28 33.91 0.50
C GLY I 1 5.43 32.41 0.54
N SER I 2 5.81 31.83 -0.60
CA SER I 2 5.99 30.38 -0.68
C SER I 2 7.17 29.93 0.16
N ALA I 3 7.09 28.69 0.65
CA ALA I 3 8.15 28.15 1.48
C ALA I 3 9.45 28.06 0.70
N LYS I 4 10.55 28.32 1.38
CA LYS I 4 11.87 28.37 0.77
C LYS I 4 12.81 27.36 1.40
N ASP I 5 13.71 26.81 0.58
CA ASP I 5 14.77 25.94 1.03
C ASP I 5 16.10 26.68 0.89
N VAL I 6 16.88 26.70 1.96
CA VAL I 6 18.13 27.45 2.02
C VAL I 6 19.27 26.46 2.19
N LYS I 7 20.27 26.56 1.31
CA LYS I 7 21.44 25.70 1.35
C LYS I 7 22.68 26.55 1.55
N PHE I 8 23.60 26.05 2.38
CA PHE I 8 24.76 26.80 2.84
C PHE I 8 26.04 26.15 2.32
N GLY I 9 27.06 26.97 2.12
CA GLY I 9 28.41 26.49 1.90
C GLY I 9 28.66 25.72 0.63
N ALA I 10 29.51 24.68 0.73
CA ALA I 10 30.00 23.98 -0.44
C ALA I 10 28.97 23.04 -1.06
N ASP I 11 27.90 22.71 -0.35
CA ASP I 11 26.89 21.83 -0.92
C ASP I 11 26.14 22.52 -2.05
N ALA I 12 25.69 23.75 -1.81
CA ALA I 12 25.02 24.51 -2.85
C ALA I 12 25.96 24.81 -4.01
N ARG I 13 27.23 25.11 -3.70
CA ARG I 13 28.20 25.33 -4.76
C ARG I 13 28.40 24.09 -5.61
N ALA I 14 28.45 22.92 -4.97
CA ALA I 14 28.60 21.67 -5.72
C ALA I 14 27.39 21.41 -6.59
N LEU I 15 26.19 21.66 -6.09
CA LEU I 15 24.99 21.44 -6.89
C LEU I 15 24.93 22.38 -8.10
N MET I 16 25.22 23.67 -7.87
CA MET I 16 25.24 24.62 -8.99
C MET I 16 26.34 24.27 -9.98
N LEU I 17 27.49 23.80 -9.49
CA LEU I 17 28.55 23.37 -10.39
C LEU I 17 28.13 22.15 -11.20
N GLN I 18 27.36 21.24 -10.61
CA GLN I 18 26.84 20.11 -11.37
C GLN I 18 25.92 20.57 -12.48
N GLY I 19 25.03 21.52 -12.18
CA GLY I 19 24.15 22.05 -13.22
C GLY I 19 24.93 22.75 -14.33
N VAL I 20 25.91 23.58 -13.95
CA VAL I 20 26.74 24.27 -14.93
C VAL I 20 27.51 23.28 -15.77
N ASP I 21 28.06 22.24 -15.14
CA ASP I 21 28.81 21.23 -15.87
C ASP I 21 27.91 20.48 -16.85
N LEU I 22 26.69 20.16 -16.45
CA LEU I 22 25.77 19.49 -17.36
C LEU I 22 25.49 20.34 -18.58
N LEU I 23 25.11 21.60 -18.37
CA LEU I 23 24.78 22.48 -19.50
C LEU I 23 26.00 22.69 -20.39
N ALA I 24 27.16 22.92 -19.79
CA ALA I 24 28.36 23.19 -20.58
C ALA I 24 28.84 21.95 -21.31
N ASP I 25 28.68 20.77 -20.73
CA ASP I 25 29.03 19.54 -21.43
C ASP I 25 28.10 19.30 -22.61
N ALA I 26 26.82 19.62 -22.46
CA ALA I 26 25.91 19.54 -23.59
C ALA I 26 26.30 20.52 -24.69
N VAL I 27 26.69 21.74 -24.30
CA VAL I 27 27.00 22.77 -25.29
C VAL I 27 28.32 22.49 -26.00
N ALA I 28 29.34 22.04 -25.26
CA ALA I 28 30.70 21.99 -25.77
C ALA I 28 30.94 20.89 -26.80
N VAL I 29 30.00 19.96 -26.97
CA VAL I 29 30.16 18.93 -28.00
C VAL I 29 29.96 19.49 -29.40
N THR I 30 29.63 20.78 -29.53
CA THR I 30 29.38 21.41 -30.82
C THR I 30 30.41 22.49 -31.15
N MET I 31 31.59 22.43 -30.54
CA MET I 31 32.61 23.47 -30.71
C MET I 31 33.69 23.01 -31.69
N GLY I 32 34.10 23.92 -32.57
CA GLY I 32 35.16 23.65 -33.49
C GLY I 32 34.67 23.07 -34.80
N PRO I 33 35.59 22.81 -35.73
CA PRO I 33 35.17 22.21 -37.01
C PRO I 33 34.70 20.78 -36.88
N LYS I 34 35.35 19.99 -36.02
CA LYS I 34 34.91 18.60 -35.77
C LYS I 34 33.96 18.50 -34.59
N GLY I 35 32.90 19.29 -34.60
CA GLY I 35 31.88 19.26 -33.56
C GLY I 35 30.60 18.64 -34.09
N ARG I 36 29.89 17.94 -33.22
CA ARG I 36 28.65 17.28 -33.59
C ARG I 36 27.47 18.22 -33.35
N THR I 37 26.27 17.73 -33.62
CA THR I 37 25.04 18.49 -33.46
C THR I 37 24.22 17.95 -32.30
N VAL I 38 23.19 18.72 -31.93
CA VAL I 38 22.30 18.40 -30.83
C VAL I 38 20.87 18.44 -31.35
N ILE I 39 20.11 17.40 -31.04
CA ILE I 39 18.68 17.35 -31.37
C ILE I 39 17.88 17.75 -30.14
N ILE I 40 17.07 18.79 -30.27
CA ILE I 40 16.18 19.26 -29.24
C ILE I 40 14.76 18.96 -29.68
N GLU I 41 14.02 18.22 -28.85
CA GLU I 41 12.64 17.90 -29.17
C GLU I 41 11.78 19.16 -29.14
N GLN I 42 11.02 19.36 -30.21
CA GLN I 42 10.10 20.47 -30.31
C GLN I 42 8.70 20.00 -29.94
N SER I 43 8.01 20.78 -29.11
CA SER I 43 6.71 20.35 -28.61
C SER I 43 5.68 20.23 -29.71
N TRP I 44 5.68 21.17 -30.66
CA TRP I 44 4.62 21.27 -31.64
C TRP I 44 4.90 20.57 -32.95
N GLY I 45 6.10 20.06 -33.16
CA GLY I 45 6.41 19.45 -34.44
C GLY I 45 7.69 18.64 -34.43
N SER I 46 8.36 18.65 -35.57
CA SER I 46 9.56 17.86 -35.76
C SER I 46 10.69 18.39 -34.87
N PRO I 47 11.61 17.54 -34.42
CA PRO I 47 12.72 18.03 -33.60
C PRO I 47 13.64 18.95 -34.39
N LYS I 48 14.44 19.72 -33.66
CA LYS I 48 15.34 20.71 -34.23
C LYS I 48 16.78 20.24 -34.02
N VAL I 49 17.55 20.17 -35.11
CA VAL I 49 18.95 19.80 -35.04
C VAL I 49 19.79 21.06 -35.19
N THR I 50 20.65 21.33 -34.21
CA THR I 50 21.39 22.57 -34.19
C THR I 50 22.82 22.34 -33.72
N LYS I 51 23.74 23.17 -34.22
CA LYS I 51 25.11 23.22 -33.75
C LYS I 51 25.40 24.53 -33.04
N ASP I 52 24.37 25.28 -32.66
CA ASP I 52 24.55 26.59 -32.06
C ASP I 52 24.61 26.48 -30.55
N GLY I 53 25.57 27.18 -29.94
CA GLY I 53 25.74 27.10 -28.50
C GLY I 53 24.56 27.70 -27.74
N VAL I 54 24.09 28.87 -28.15
CA VAL I 54 23.01 29.54 -27.43
C VAL I 54 21.71 28.77 -27.58
N THR I 55 21.47 28.20 -28.76
CA THR I 55 20.25 27.42 -28.97
C THR I 55 20.23 26.18 -28.09
N VAL I 56 21.37 25.49 -27.95
CA VAL I 56 21.44 24.35 -27.05
C VAL I 56 21.30 24.78 -25.60
N ALA I 57 21.95 25.88 -25.22
CA ALA I 57 21.92 26.33 -23.83
C ALA I 57 20.52 26.73 -23.41
N LYS I 58 19.83 27.51 -24.23
CA LYS I 58 18.50 28.02 -23.88
C LYS I 58 17.44 26.92 -23.81
N SER I 59 17.72 25.74 -24.36
CA SER I 59 16.77 24.65 -24.40
C SER I 59 16.92 23.66 -23.26
N ILE I 60 17.84 23.90 -22.34
CA ILE I 60 18.11 22.98 -21.24
C ILE I 60 17.62 23.63 -19.95
N ASP I 61 16.63 23.00 -19.32
CA ASP I 61 16.10 23.42 -18.03
C ASP I 61 16.07 22.21 -17.12
N LEU I 62 16.63 22.35 -15.92
CA LEU I 62 16.81 21.22 -15.02
C LEU I 62 15.76 21.24 -13.91
N LYS I 63 15.40 20.05 -13.44
CA LYS I 63 14.39 19.95 -12.39
C LYS I 63 14.93 20.41 -11.04
N ASP I 64 16.15 20.00 -10.70
CA ASP I 64 16.76 20.42 -9.44
C ASP I 64 16.95 21.92 -9.42
N LYS I 65 16.57 22.55 -8.30
CA LYS I 65 16.53 24.01 -8.24
C LYS I 65 17.92 24.62 -8.34
N TYR I 66 18.90 24.03 -7.66
CA TYR I 66 20.25 24.61 -7.65
C TYR I 66 20.96 24.36 -8.98
N LYS I 67 20.83 23.14 -9.50
CA LYS I 67 21.35 22.87 -10.84
C LYS I 67 20.68 23.76 -11.87
N ASN I 68 19.38 24.02 -11.70
CA ASN I 68 18.69 24.93 -12.60
C ASN I 68 19.20 26.37 -12.45
N ILE I 69 19.58 26.77 -11.25
CA ILE I 69 20.16 28.10 -11.06
C ILE I 69 21.47 28.22 -11.83
N GLY I 70 22.34 27.22 -11.69
CA GLY I 70 23.58 27.23 -12.44
C GLY I 70 23.35 27.22 -13.94
N ALA I 71 22.42 26.38 -14.40
CA ALA I 71 22.10 26.34 -15.82
C ALA I 71 21.56 27.67 -16.31
N LYS I 72 20.73 28.34 -15.50
CA LYS I 72 20.19 29.64 -15.88
C LYS I 72 21.29 30.69 -15.99
N LEU I 73 22.28 30.63 -15.09
CA LEU I 73 23.39 31.57 -15.19
C LEU I 73 24.20 31.32 -16.47
N VAL I 74 24.45 30.06 -16.81
CA VAL I 74 25.16 29.77 -18.05
C VAL I 74 24.34 30.19 -19.26
N GLN I 75 23.02 30.04 -19.18
CA GLN I 75 22.15 30.52 -20.25
C GLN I 75 22.23 32.03 -20.38
N ASP I 76 22.33 32.74 -19.25
CA ASP I 76 22.52 34.19 -19.29
C ASP I 76 23.81 34.52 -20.02
N VAL I 77 24.89 33.79 -19.72
CA VAL I 77 26.16 34.00 -20.40
C VAL I 77 25.99 33.85 -21.91
N ALA I 78 25.39 32.72 -22.32
CA ALA I 78 25.25 32.43 -23.74
C ALA I 78 24.35 33.44 -24.44
N ASN I 79 23.25 33.83 -23.80
CA ASN I 79 22.33 34.78 -24.41
C ASN I 79 22.96 36.16 -24.55
N ASN I 80 23.70 36.61 -23.53
CA ASN I 80 24.37 37.90 -23.64
C ASN I 80 25.42 37.87 -24.75
N THR I 81 26.19 36.79 -24.84
CA THR I 81 27.18 36.69 -25.92
C THR I 81 26.51 36.68 -27.28
N ASN I 82 25.38 35.96 -27.41
CA ASN I 82 24.66 35.95 -28.68
C ASN I 82 24.11 37.32 -29.04
N GLU I 83 23.58 38.05 -28.06
CA GLU I 83 22.97 39.34 -28.34
C GLU I 83 24.01 40.41 -28.68
N GLU I 84 25.13 40.45 -27.96
CA GLU I 84 26.13 41.49 -28.19
C GLU I 84 27.09 41.18 -29.32
N ALA I 85 27.15 39.93 -29.80
CA ALA I 85 28.07 39.61 -30.90
C ALA I 85 27.39 38.89 -32.06
N GLY I 86 26.47 37.97 -31.75
CA GLY I 86 25.87 37.10 -32.73
C GLY I 86 26.61 35.79 -32.92
N ASP I 87 27.82 35.67 -32.38
CA ASP I 87 28.65 34.48 -32.48
C ASP I 87 29.50 34.35 -31.22
N GLY I 88 30.09 33.17 -31.05
CA GLY I 88 30.94 32.91 -29.91
C GLY I 88 30.24 32.41 -28.67
N THR I 89 29.04 31.86 -28.81
CA THR I 89 28.27 31.43 -27.64
C THR I 89 28.88 30.20 -26.98
N THR I 90 29.34 29.24 -27.79
CA THR I 90 29.96 28.04 -27.23
C THR I 90 31.25 28.37 -26.49
N THR I 91 32.06 29.27 -27.07
CA THR I 91 33.29 29.69 -26.40
C THR I 91 32.99 30.39 -25.08
N ALA I 92 31.98 31.26 -25.07
CA ALA I 92 31.59 31.91 -23.83
C ALA I 92 31.09 30.92 -22.81
N THR I 93 30.33 29.90 -23.24
CA THR I 93 29.83 28.90 -22.32
C THR I 93 30.97 28.11 -21.69
N VAL I 94 31.94 27.67 -22.50
CA VAL I 94 33.03 26.87 -21.94
C VAL I 94 33.93 27.73 -21.05
N LEU I 95 34.15 29.00 -21.43
CA LEU I 95 34.93 29.89 -20.58
C LEU I 95 34.25 30.13 -19.25
N ALA I 96 32.92 30.35 -19.28
CA ALA I 96 32.18 30.57 -18.04
C ALA I 96 32.23 29.34 -17.14
N ARG I 97 32.08 28.15 -17.73
CA ARG I 97 32.15 26.93 -16.94
C ARG I 97 33.52 26.78 -16.30
N SER I 98 34.58 27.04 -17.06
CA SER I 98 35.93 26.91 -16.52
C SER I 98 36.16 27.90 -15.38
N ILE I 99 35.78 29.16 -15.58
CA ILE I 99 35.98 30.17 -14.55
C ILE I 99 35.20 29.82 -13.30
N ALA I 100 33.95 29.37 -13.46
CA ALA I 100 33.15 28.98 -12.31
C ALA I 100 33.78 27.81 -11.57
N LYS I 101 34.30 26.83 -12.30
CA LYS I 101 34.90 25.66 -11.66
C LYS I 101 36.14 26.06 -10.86
N GLU I 102 37.05 26.82 -11.47
CA GLU I 102 38.25 27.22 -10.73
C GLU I 102 37.92 28.13 -9.56
N GLY I 103 36.93 29.02 -9.72
CA GLY I 103 36.53 29.87 -8.61
C GLY I 103 35.94 29.08 -7.46
N PHE I 104 35.11 28.08 -7.77
CA PHE I 104 34.54 27.24 -6.73
C PHE I 104 35.61 26.43 -6.01
N GLU I 105 36.58 25.88 -6.76
CA GLU I 105 37.58 25.02 -6.15
C GLU I 105 38.61 25.77 -5.32
N LYS I 106 38.67 27.10 -5.42
CA LYS I 106 39.65 27.90 -4.71
C LYS I 106 39.06 28.66 -3.53
N ILE I 107 37.87 28.29 -3.07
CA ILE I 107 37.21 28.98 -1.97
C ILE I 107 37.57 28.28 -0.67
N SER I 108 38.12 29.05 0.28
CA SER I 108 38.49 28.56 1.60
C SER I 108 37.89 29.47 2.66
N LYS I 109 38.17 29.15 3.92
CA LYS I 109 37.68 29.97 5.03
C LYS I 109 38.28 31.37 5.00
N GLY I 110 39.59 31.47 4.75
CA GLY I 110 40.26 32.75 4.70
C GLY I 110 40.23 33.45 3.36
N ALA I 111 39.81 32.77 2.30
CA ALA I 111 39.77 33.38 0.98
C ALA I 111 38.64 34.40 0.89
N ASN I 112 38.87 35.43 0.08
CA ASN I 112 37.89 36.48 -0.16
C ASN I 112 37.45 36.45 -1.61
N PRO I 113 36.31 35.83 -1.93
CA PRO I 113 35.91 35.71 -3.35
C PRO I 113 35.64 37.04 -4.03
N VAL I 114 35.35 38.11 -3.27
CA VAL I 114 35.12 39.41 -3.89
C VAL I 114 36.42 39.95 -4.48
N GLU I 115 37.52 39.85 -3.73
CA GLU I 115 38.81 40.27 -4.26
C GLU I 115 39.28 39.34 -5.37
N ILE I 116 38.92 38.06 -5.31
CA ILE I 116 39.19 37.16 -6.42
C ILE I 116 38.47 37.62 -7.67
N ARG I 117 37.21 38.04 -7.53
CA ARG I 117 36.46 38.57 -8.65
C ARG I 117 37.11 39.85 -9.19
N ARG I 118 37.59 40.71 -8.29
CA ARG I 118 38.29 41.92 -8.72
C ARG I 118 39.54 41.59 -9.53
N GLY I 119 40.32 40.62 -9.07
CA GLY I 119 41.48 40.19 -9.82
C GLY I 119 41.11 39.58 -11.16
N VAL I 120 40.00 38.85 -11.21
CA VAL I 120 39.52 38.28 -12.46
C VAL I 120 39.18 39.39 -13.45
N MET I 121 38.48 40.43 -12.98
CA MET I 121 38.16 41.56 -13.86
C MET I 121 39.42 42.26 -14.35
N LEU I 122 40.40 42.44 -13.46
CA LEU I 122 41.67 43.05 -13.88
C LEU I 122 42.36 42.23 -14.96
N ALA I 123 42.42 40.91 -14.75
CA ALA I 123 43.07 40.04 -15.73
C ALA I 123 42.33 40.07 -17.06
N VAL I 124 41.00 40.09 -17.02
CA VAL I 124 40.21 40.12 -18.25
C VAL I 124 40.41 41.43 -18.98
N ASP I 125 40.50 42.54 -18.25
CA ASP I 125 40.79 43.83 -18.88
C ASP I 125 42.16 43.79 -19.57
N ALA I 126 43.16 43.21 -18.90
CA ALA I 126 44.48 43.09 -19.51
C ALA I 126 44.44 42.23 -20.78
N VAL I 127 43.71 41.12 -20.72
CA VAL I 127 43.61 40.24 -21.89
C VAL I 127 42.90 40.94 -23.04
N ILE I 128 41.86 41.72 -22.73
CA ILE I 128 41.14 42.46 -23.76
C ILE I 128 42.06 43.50 -24.39
N ALA I 129 42.87 44.19 -23.58
CA ALA I 129 43.82 45.14 -24.12
C ALA I 129 44.83 44.45 -25.05
N GLU I 130 45.31 43.28 -24.64
CA GLU I 130 46.23 42.53 -25.50
C GLU I 130 45.56 42.11 -26.81
N LEU I 131 44.30 41.67 -26.73
CA LEU I 131 43.57 41.27 -27.94
C LEU I 131 43.41 42.45 -28.89
N LYS I 132 43.08 43.63 -28.35
CA LYS I 132 43.00 44.82 -29.19
C LYS I 132 44.37 45.17 -29.78
N LYS I 133 45.45 44.94 -29.03
CA LYS I 133 46.78 45.19 -29.56
C LYS I 133 47.14 44.22 -30.68
N GLN I 134 46.60 43.00 -30.65
CA GLN I 134 46.94 41.98 -31.64
C GLN I 134 46.02 41.96 -32.85
N SER I 135 45.03 42.84 -32.91
CA SER I 135 44.07 42.81 -34.01
C SER I 135 44.67 43.43 -35.27
N LYS I 136 44.11 43.04 -36.41
CA LYS I 136 44.48 43.60 -37.71
C LYS I 136 43.19 43.81 -38.50
N PRO I 137 43.01 44.97 -39.12
CA PRO I 137 41.76 45.26 -39.83
C PRO I 137 41.61 44.42 -41.09
N VAL I 138 40.36 44.28 -41.54
CA VAL I 138 40.03 43.57 -42.77
C VAL I 138 40.26 44.55 -43.92
N THR I 139 41.12 44.16 -44.87
CA THR I 139 41.44 45.02 -46.01
C THR I 139 41.07 44.40 -47.35
N THR I 140 40.87 43.09 -47.42
CA THR I 140 40.58 42.41 -48.68
C THR I 140 39.31 41.60 -48.56
N PRO I 141 38.56 41.45 -49.66
CA PRO I 141 37.38 40.58 -49.62
C PRO I 141 37.69 39.13 -49.35
N GLU I 142 38.91 38.69 -49.65
CA GLU I 142 39.29 37.31 -49.37
C GLU I 142 39.28 37.05 -47.86
N GLU I 143 39.65 38.06 -47.06
CA GLU I 143 39.55 37.91 -45.61
C GLU I 143 38.09 37.77 -45.19
N ILE I 144 37.19 38.50 -45.83
CA ILE I 144 35.76 38.36 -45.54
C ILE I 144 35.29 36.95 -45.87
N ALA I 145 35.73 36.41 -47.01
CA ALA I 145 35.36 35.05 -47.38
C ALA I 145 35.90 34.05 -46.37
N GLN I 146 37.15 34.24 -45.92
CA GLN I 146 37.74 33.32 -44.94
C GLN I 146 36.99 33.37 -43.62
N VAL I 147 36.63 34.57 -43.17
CA VAL I 147 35.89 34.71 -41.91
C VAL I 147 34.53 34.04 -42.02
N ALA I 148 33.82 34.27 -43.12
CA ALA I 148 32.51 33.66 -43.30
C ALA I 148 32.61 32.14 -43.37
N THR I 149 33.62 31.63 -44.07
CA THR I 149 33.81 30.18 -44.16
C THR I 149 34.11 29.58 -42.80
N ILE I 150 34.98 30.23 -42.01
CA ILE I 150 35.32 29.73 -40.69
C ILE I 150 34.10 29.73 -39.79
N SER I 151 33.31 30.80 -39.82
CA SER I 151 32.13 30.89 -38.99
C SER I 151 30.96 30.05 -39.49
N ALA I 152 31.04 29.54 -40.72
CA ALA I 152 30.01 28.68 -41.28
C ALA I 152 30.41 27.21 -41.25
N ASN I 153 31.24 26.84 -40.28
CA ASN I 153 31.72 25.46 -40.13
C ASN I 153 32.45 24.98 -41.39
N GLY I 154 33.31 25.86 -41.92
CA GLY I 154 34.12 25.49 -43.07
C GLY I 154 33.34 25.22 -44.33
N ASP I 155 32.31 26.01 -44.61
CA ASP I 155 31.54 25.87 -45.83
C ASP I 155 32.00 26.93 -46.83
N LYS I 156 32.63 26.48 -47.92
CA LYS I 156 33.16 27.41 -48.91
C LYS I 156 32.05 28.18 -49.60
N GLU I 157 30.93 27.51 -49.93
CA GLU I 157 29.88 28.17 -50.68
C GLU I 157 29.21 29.28 -49.88
N ILE I 158 29.04 29.10 -48.57
CA ILE I 158 28.43 30.15 -47.75
C ILE I 158 29.34 31.38 -47.74
N GLY I 159 30.64 31.17 -47.56
CA GLY I 159 31.57 32.28 -47.59
C GLY I 159 31.59 32.99 -48.93
N ASN I 160 31.54 32.21 -50.02
CA ASN I 160 31.50 32.82 -51.35
C ASN I 160 30.23 33.65 -51.54
N ILE I 161 29.09 33.13 -51.09
CA ILE I 161 27.83 33.85 -51.24
C ILE I 161 27.87 35.14 -50.43
N ILE I 162 28.39 35.08 -49.20
CA ILE I 162 28.43 36.29 -48.36
C ILE I 162 29.40 37.31 -48.94
N SER I 163 30.53 36.85 -49.49
CA SER I 163 31.46 37.76 -50.13
C SER I 163 30.83 38.43 -51.35
N ASP I 164 30.08 37.65 -52.15
CA ASP I 164 29.39 38.21 -53.29
C ASP I 164 28.36 39.25 -52.84
N ALA I 165 27.62 38.96 -51.76
CA ALA I 165 26.65 39.92 -51.26
C ALA I 165 27.32 41.21 -50.80
N MET I 166 28.44 41.10 -50.07
CA MET I 166 29.16 42.29 -49.64
C MET I 166 29.76 43.07 -50.80
N LYS I 167 30.19 42.38 -51.86
CA LYS I 167 30.62 43.08 -53.06
C LYS I 167 29.48 43.82 -53.73
N LYS I 168 28.29 43.20 -53.78
CA LYS I 168 27.16 43.80 -54.49
C LYS I 168 26.58 44.99 -53.74
N VAL I 169 26.36 44.86 -52.42
CA VAL I 169 25.65 45.89 -51.67
C VAL I 169 26.55 46.66 -50.72
N GLY I 170 27.86 46.42 -50.77
CA GLY I 170 28.77 47.11 -49.88
C GLY I 170 28.97 46.37 -48.56
N ARG I 171 30.01 46.78 -47.84
CA ARG I 171 30.33 46.12 -46.57
C ARG I 171 29.23 46.34 -45.54
N LYS I 172 28.66 47.55 -45.50
CA LYS I 172 27.62 47.91 -44.54
C LYS I 172 26.21 47.74 -45.12
N GLY I 173 26.08 47.12 -46.27
CA GLY I 173 24.76 46.96 -46.87
C GLY I 173 23.88 46.01 -46.09
N VAL I 174 22.57 46.15 -46.28
CA VAL I 174 21.60 45.33 -45.56
C VAL I 174 21.53 43.96 -46.20
N ILE I 175 21.78 42.93 -45.38
CA ILE I 175 21.76 41.53 -45.84
C ILE I 175 20.90 40.73 -44.86
N THR I 176 20.01 39.91 -45.39
CA THR I 176 19.12 39.09 -44.58
C THR I 176 19.04 37.69 -45.15
N VAL I 177 18.58 36.75 -44.31
CA VAL I 177 18.49 35.34 -44.65
C VAL I 177 17.03 34.93 -44.61
N LYS I 178 16.57 34.26 -45.67
CA LYS I 178 15.22 33.75 -45.76
C LYS I 178 15.28 32.33 -46.30
N ASP I 179 14.37 31.48 -45.84
CA ASP I 179 14.41 30.08 -46.26
C ASP I 179 14.08 29.95 -47.74
N GLY I 180 14.81 29.07 -48.42
CA GLY I 180 14.60 28.88 -49.84
C GLY I 180 13.70 27.71 -50.16
N LYS I 181 13.08 27.79 -51.34
CA LYS I 181 12.20 26.73 -51.82
C LYS I 181 12.90 25.81 -52.82
N THR I 182 14.21 25.96 -52.99
CA THR I 182 15.00 25.19 -53.94
C THR I 182 16.09 24.41 -53.21
N LEU I 183 16.82 23.60 -53.96
CA LEU I 183 17.83 22.72 -53.38
C LEU I 183 19.10 23.47 -53.01
N ASN I 184 19.41 24.57 -53.68
CA ASN I 184 20.67 25.26 -53.51
C ASN I 184 20.45 26.68 -53.01
N ASP I 185 21.49 27.24 -52.40
CA ASP I 185 21.45 28.61 -51.92
C ASP I 185 21.56 29.59 -53.08
N GLU I 186 20.87 30.71 -52.98
CA GLU I 186 20.90 31.72 -54.02
C GLU I 186 20.88 33.11 -53.38
N LEU I 187 21.31 34.10 -54.17
CA LEU I 187 21.44 35.47 -53.71
C LEU I 187 20.65 36.39 -54.63
N GLU I 188 19.89 37.32 -54.04
CA GLU I 188 19.10 38.29 -54.79
C GLU I 188 19.38 39.69 -54.27
N ILE I 189 19.22 40.67 -55.16
CA ILE I 189 19.41 42.06 -54.79
C ILE I 189 18.08 42.82 -54.89
N ALA I 378 20.44 42.88 -49.81
CA ALA I 378 20.67 41.53 -50.34
C ALA I 378 19.86 40.51 -49.56
N VAL I 379 19.33 39.51 -50.27
CA VAL I 379 18.51 38.46 -49.68
C VAL I 379 19.14 37.12 -50.03
N LEU I 380 19.32 36.27 -49.02
CA LEU I 380 19.90 34.95 -49.18
C LEU I 380 18.81 33.90 -49.01
N LYS I 381 18.67 33.03 -50.00
CA LYS I 381 17.75 31.90 -49.92
C LYS I 381 18.56 30.62 -49.67
N VAL I 382 18.18 29.89 -48.62
CA VAL I 382 18.93 28.74 -48.17
C VAL I 382 18.33 27.48 -48.78
N GLY I 383 19.17 26.67 -49.43
CA GLY I 383 18.72 25.44 -50.03
C GLY I 383 18.66 24.28 -49.04
N GLY I 384 18.02 23.21 -49.48
CA GLY I 384 17.88 22.02 -48.65
C GLY I 384 16.73 21.18 -49.13
N THR I 385 16.54 20.06 -48.42
CA THR I 385 15.47 19.12 -48.72
C THR I 385 14.33 19.15 -47.72
N SER I 386 14.64 19.21 -46.42
CA SER I 386 13.63 19.28 -45.38
C SER I 386 13.87 20.51 -44.51
N ASP I 387 12.93 20.74 -43.59
CA ASP I 387 12.99 21.94 -42.77
C ASP I 387 14.16 21.92 -41.79
N VAL I 388 14.51 20.73 -41.30
CA VAL I 388 15.61 20.62 -40.34
C VAL I 388 16.92 21.06 -40.98
N GLU I 389 17.19 20.60 -42.21
CA GLU I 389 18.41 20.96 -42.89
C GLU I 389 18.48 22.46 -43.17
N VAL I 390 17.38 23.04 -43.66
CA VAL I 390 17.40 24.46 -43.97
C VAL I 390 17.51 25.28 -42.70
N ASN I 391 16.95 24.80 -41.58
CA ASN I 391 17.09 25.52 -40.32
C ASN I 391 18.54 25.49 -39.83
N GLU I 392 19.19 24.33 -39.90
CA GLU I 392 20.59 24.25 -39.51
C GLU I 392 21.47 25.13 -40.39
N LYS I 393 21.26 25.06 -41.71
CA LYS I 393 22.03 25.89 -42.62
C LYS I 393 21.76 27.36 -42.41
N LYS I 394 20.51 27.74 -42.11
CA LYS I 394 20.17 29.13 -41.83
C LYS I 394 20.88 29.61 -40.57
N ASP I 395 20.92 28.78 -39.54
CA ASP I 395 21.65 29.14 -38.33
C ASP I 395 23.12 29.37 -38.62
N ARG I 396 23.74 28.48 -39.40
CA ARG I 396 25.14 28.68 -39.76
C ARG I 396 25.36 29.92 -40.63
N VAL I 397 24.46 30.21 -41.56
CA VAL I 397 24.59 31.41 -42.40
C VAL I 397 24.44 32.67 -41.56
N THR I 398 23.49 32.67 -40.61
CA THR I 398 23.33 33.82 -39.72
C THR I 398 24.57 34.01 -38.86
N ASP I 399 25.15 32.91 -38.37
CA ASP I 399 26.39 33.00 -37.60
C ASP I 399 27.50 33.60 -38.46
N ALA I 400 27.63 33.14 -39.71
CA ALA I 400 28.67 33.66 -40.59
C ALA I 400 28.47 35.14 -40.89
N LEU I 401 27.23 35.56 -41.14
CA LEU I 401 26.96 36.97 -41.40
C LEU I 401 27.26 37.84 -40.18
N ASN I 402 26.85 37.41 -38.99
CA ASN I 402 27.16 38.17 -37.79
C ASN I 402 28.66 38.25 -37.55
N ALA I 403 29.37 37.14 -37.75
CA ALA I 403 30.81 37.14 -37.53
C ALA I 403 31.53 38.03 -38.54
N THR I 404 31.12 38.01 -39.81
CA THR I 404 31.78 38.86 -40.78
C THR I 404 31.41 40.34 -40.58
N ARG I 405 30.21 40.62 -40.09
CA ARG I 405 29.88 41.99 -39.72
C ARG I 405 30.77 42.49 -38.58
N ALA I 406 30.98 41.64 -37.57
CA ALA I 406 31.89 42.01 -36.49
C ALA I 406 33.32 42.14 -36.99
N ALA I 407 33.73 41.29 -37.94
CA ALA I 407 35.10 41.34 -38.46
C ALA I 407 35.34 42.57 -39.32
N VAL I 408 34.31 43.08 -39.98
CA VAL I 408 34.46 44.30 -40.75
C VAL I 408 34.26 45.54 -39.87
N GLU I 409 33.57 45.40 -38.74
CA GLU I 409 33.44 46.52 -37.81
C GLU I 409 34.61 46.63 -36.86
N GLU I 410 35.49 45.64 -36.82
CA GLU I 410 36.60 45.61 -35.87
C GLU I 410 37.76 44.87 -36.53
N GLY I 411 38.73 44.45 -35.73
CA GLY I 411 39.92 43.78 -36.23
C GLY I 411 39.72 42.28 -36.42
N ILE I 412 40.84 41.61 -36.69
CA ILE I 412 40.88 40.17 -36.92
C ILE I 412 42.03 39.58 -36.13
N VAL I 413 41.77 38.47 -35.43
CA VAL I 413 42.79 37.76 -34.67
C VAL I 413 42.84 36.32 -35.17
N LEU I 414 43.80 35.56 -34.65
CA LEU I 414 43.96 34.16 -35.05
C LEU I 414 42.79 33.33 -34.54
N GLY I 415 42.48 32.27 -35.27
CA GLY I 415 41.40 31.37 -34.90
C GLY I 415 41.88 30.22 -34.03
N GLY I 416 40.98 29.27 -33.80
CA GLY I 416 41.29 28.08 -33.05
C GLY I 416 41.54 28.29 -31.58
N GLY I 417 41.25 29.47 -31.05
CA GLY I 417 41.57 29.79 -29.68
C GLY I 417 43.00 30.20 -29.45
N CYS I 418 43.80 30.33 -30.51
CA CYS I 418 45.19 30.74 -30.37
C CYS I 418 45.31 32.20 -29.96
N ALA I 419 44.38 33.05 -30.41
CA ALA I 419 44.41 34.46 -30.04
C ALA I 419 44.28 34.63 -28.53
N LEU I 420 43.41 33.84 -27.90
CA LEU I 420 43.29 33.87 -26.45
C LEU I 420 44.50 33.25 -25.77
N LEU I 421 45.17 32.31 -26.44
CA LEU I 421 46.37 31.72 -25.88
C LEU I 421 47.54 32.69 -25.87
N ARG I 422 47.61 33.58 -26.86
CA ARG I 422 48.73 34.51 -26.96
C ARG I 422 48.71 35.60 -25.88
N CYS I 423 47.63 35.71 -25.11
CA CYS I 423 47.51 36.76 -24.10
C CYS I 423 47.99 36.34 -22.72
N ILE I 424 48.51 35.11 -22.58
CA ILE I 424 49.04 34.68 -21.28
C ILE I 424 50.22 35.52 -20.82
N PRO I 425 51.21 35.86 -21.67
CA PRO I 425 52.29 36.74 -21.20
C PRO I 425 51.81 38.08 -20.68
N ALA I 426 50.70 38.60 -21.21
CA ALA I 426 50.14 39.83 -20.68
C ALA I 426 49.74 39.65 -19.22
N LEU I 427 49.17 38.49 -18.88
CA LEU I 427 48.85 38.20 -17.49
C LEU I 427 50.10 37.96 -16.66
N ASP I 428 51.14 37.38 -17.28
CA ASP I 428 52.40 37.19 -16.56
C ASP I 428 53.02 38.52 -16.17
N SER I 429 52.87 39.54 -17.02
CA SER I 429 53.41 40.85 -16.71
C SER I 429 52.71 41.48 -15.52
N LEU I 430 51.41 41.25 -15.39
CA LEU I 430 50.62 41.90 -14.34
C LEU I 430 51.09 41.46 -12.96
N THR I 431 51.01 42.38 -11.99
CA THR I 431 51.35 42.08 -10.61
C THR I 431 50.10 42.15 -9.75
N PRO I 432 49.93 41.25 -8.78
CA PRO I 432 48.73 41.27 -7.94
C PRO I 432 48.85 42.29 -6.82
N ALA I 433 47.69 42.65 -6.26
CA ALA I 433 47.67 43.52 -5.10
C ALA I 433 47.66 42.71 -3.79
N ASN I 434 47.05 41.53 -3.80
CA ASN I 434 47.04 40.66 -2.64
C ASN I 434 46.91 39.22 -3.12
N GLU I 435 46.69 38.30 -2.18
CA GLU I 435 46.64 36.88 -2.52
C GLU I 435 45.39 36.54 -3.33
N ASP I 436 44.25 37.15 -2.98
CA ASP I 436 43.00 36.84 -3.69
C ASP I 436 43.06 37.31 -5.14
N GLN I 437 43.62 38.49 -5.38
CA GLN I 437 43.77 38.96 -6.75
C GLN I 437 44.74 38.08 -7.54
N LYS I 438 45.78 37.57 -6.88
CA LYS I 438 46.65 36.59 -7.52
C LYS I 438 45.89 35.33 -7.89
N ILE I 439 45.01 34.87 -6.99
CA ILE I 439 44.19 33.70 -7.28
C ILE I 439 43.31 33.93 -8.50
N GLY I 440 42.68 35.11 -8.55
CA GLY I 440 41.84 35.43 -9.71
C GLY I 440 42.63 35.51 -11.00
N ILE I 441 43.82 36.11 -10.95
CA ILE I 441 44.66 36.20 -12.14
C ILE I 441 45.06 34.81 -12.62
N GLU I 442 45.44 33.92 -11.69
CA GLU I 442 45.76 32.56 -12.08
C GLU I 442 44.55 31.82 -12.62
N ILE I 443 43.36 32.10 -12.09
CA ILE I 443 42.13 31.50 -12.61
C ILE I 443 41.95 31.88 -14.08
N ILE I 444 42.10 33.17 -14.38
CA ILE I 444 41.95 33.63 -15.76
C ILE I 444 43.05 33.04 -16.64
N LYS I 445 44.27 32.95 -16.11
CA LYS I 445 45.38 32.40 -16.87
C LYS I 445 45.14 30.93 -17.24
N ARG I 446 44.61 30.16 -16.29
CA ARG I 446 44.28 28.77 -16.59
C ARG I 446 43.08 28.65 -17.52
N THR I 447 42.14 29.59 -17.43
CA THR I 447 40.96 29.53 -18.28
C THR I 447 41.29 29.87 -19.72
N LEU I 448 42.31 30.72 -19.95
CA LEU I 448 42.62 31.15 -21.31
C LEU I 448 42.95 29.99 -22.25
N LYS I 449 43.35 28.84 -21.71
CA LYS I 449 43.68 27.67 -22.53
C LYS I 449 42.48 26.80 -22.88
N ILE I 450 41.31 27.10 -22.33
CA ILE I 450 40.13 26.24 -22.47
C ILE I 450 39.61 26.14 -23.90
N PRO I 451 39.45 27.24 -24.65
CA PRO I 451 38.86 27.08 -26.00
C PRO I 451 39.65 26.20 -26.94
N ALA I 452 40.97 26.39 -27.00
CA ALA I 452 41.80 25.55 -27.87
C ALA I 452 41.76 24.10 -27.42
N MET I 453 41.79 23.86 -26.10
CA MET I 453 41.71 22.51 -25.59
C MET I 453 40.40 21.84 -25.96
N THR I 454 39.28 22.58 -25.88
CA THR I 454 37.99 22.03 -26.26
C THR I 454 37.94 21.72 -27.76
N ILE I 455 38.47 22.63 -28.58
CA ILE I 455 38.48 22.41 -30.02
C ILE I 455 39.29 21.16 -30.36
N ALA I 456 40.44 21.00 -29.71
CA ALA I 456 41.24 19.80 -29.93
C ALA I 456 40.52 18.56 -29.44
N LYS I 457 39.84 18.66 -28.29
CA LYS I 457 39.14 17.51 -27.73
C LYS I 457 38.03 17.02 -28.65
N ASN I 458 37.28 17.95 -29.24
CA ASN I 458 36.24 17.55 -30.19
C ASN I 458 36.83 16.89 -31.43
N ALA I 459 38.09 17.15 -31.74
CA ALA I 459 38.76 16.55 -32.88
C ALA I 459 39.31 15.15 -32.60
N GLY I 460 39.18 14.68 -31.36
CA GLY I 460 39.67 13.35 -31.02
C GLY I 460 41.12 13.26 -30.65
N VAL I 461 41.77 14.39 -30.35
CA VAL I 461 43.17 14.41 -29.95
C VAL I 461 43.28 14.92 -28.53
N GLU I 462 44.49 14.92 -27.98
CA GLU I 462 44.73 15.39 -26.62
C GLU I 462 44.91 16.91 -26.65
N GLY I 463 44.01 17.62 -25.97
CA GLY I 463 44.05 19.08 -25.99
C GLY I 463 45.26 19.65 -25.30
N SER I 464 45.73 19.02 -24.21
CA SER I 464 46.84 19.56 -23.45
C SER I 464 48.12 19.62 -24.29
N LEU I 465 48.42 18.53 -25.00
CA LEU I 465 49.62 18.51 -25.84
C LEU I 465 49.52 19.53 -26.97
N ILE I 466 48.33 19.65 -27.58
CA ILE I 466 48.15 20.62 -28.66
C ILE I 466 48.37 22.03 -28.15
N VAL I 467 47.81 22.35 -26.99
CA VAL I 467 47.96 23.69 -26.43
C VAL I 467 49.42 23.96 -26.07
N GLU I 468 50.09 22.97 -25.48
CA GLU I 468 51.50 23.14 -25.13
C GLU I 468 52.36 23.37 -26.37
N LYS I 469 52.12 22.61 -27.44
CA LYS I 469 52.88 22.80 -28.66
C LYS I 469 52.56 24.13 -29.33
N ILE I 470 51.31 24.59 -29.23
CA ILE I 470 50.96 25.90 -29.77
C ILE I 470 51.71 26.99 -29.01
N MET I 471 51.75 26.90 -27.68
CA MET I 471 52.45 27.91 -26.89
C MET I 471 53.95 27.88 -27.14
N GLN I 472 54.51 26.68 -27.33
CA GLN I 472 55.94 26.58 -27.62
C GLN I 472 56.25 27.05 -29.03
N SER I 473 55.27 27.02 -29.93
CA SER I 473 55.51 27.38 -31.32
C SER I 473 55.59 28.90 -31.48
N SER I 474 55.73 29.32 -32.73
CA SER I 474 55.78 30.74 -33.05
C SER I 474 54.40 31.37 -32.93
N SER I 475 54.37 32.70 -32.90
CA SER I 475 53.11 33.42 -32.72
C SER I 475 52.16 33.19 -33.88
N GLU I 476 52.70 33.06 -35.10
CA GLU I 476 51.84 32.91 -36.27
C GLU I 476 51.33 31.48 -36.43
N VAL I 477 51.94 30.54 -35.71
CA VAL I 477 51.63 29.13 -35.89
C VAL I 477 50.47 28.74 -34.97
N GLY I 478 49.47 28.09 -35.55
CA GLY I 478 48.36 27.54 -34.78
C GLY I 478 48.06 26.11 -35.21
N TYR I 479 46.98 25.54 -34.68
CA TYR I 479 46.60 24.16 -34.95
C TYR I 479 45.32 24.11 -35.78
N ASP I 480 45.40 23.48 -36.95
CA ASP I 480 44.24 23.23 -37.79
C ASP I 480 43.66 21.87 -37.41
N ALA I 481 42.44 21.89 -36.86
CA ALA I 481 41.81 20.65 -36.41
C ALA I 481 41.28 19.84 -37.59
N MET I 482 40.75 20.52 -38.61
CA MET I 482 40.23 19.81 -39.78
C MET I 482 41.34 19.06 -40.49
N ALA I 483 42.47 19.71 -40.75
CA ALA I 483 43.64 19.04 -41.28
C ALA I 483 44.42 18.30 -40.21
N GLY I 484 44.21 18.63 -38.95
CA GLY I 484 44.90 17.96 -37.86
C GLY I 484 46.40 18.17 -37.85
N ASP I 485 46.85 19.40 -38.07
CA ASP I 485 48.29 19.66 -38.11
C ASP I 485 48.54 21.11 -37.78
N PHE I 486 49.80 21.41 -37.45
CA PHE I 486 50.19 22.77 -37.08
C PHE I 486 50.56 23.55 -38.33
N VAL I 487 49.86 24.65 -38.56
CA VAL I 487 49.99 25.44 -39.78
C VAL I 487 50.09 26.91 -39.41
N ASN I 488 50.13 27.76 -40.44
CA ASN I 488 50.05 29.20 -40.26
C ASN I 488 48.60 29.63 -40.44
N MET I 489 48.01 30.19 -39.37
CA MET I 489 46.57 30.41 -39.34
C MET I 489 46.13 31.45 -40.36
N VAL I 490 46.88 32.54 -40.48
CA VAL I 490 46.49 33.61 -41.40
C VAL I 490 46.54 33.11 -42.85
N GLU I 491 47.59 32.37 -43.20
CA GLU I 491 47.69 31.85 -44.56
C GLU I 491 46.59 30.83 -44.84
N LYS I 492 46.31 29.95 -43.88
CA LYS I 492 45.27 28.94 -44.08
C LYS I 492 43.88 29.55 -43.97
N GLY I 493 43.75 30.73 -43.36
CA GLY I 493 42.48 31.40 -43.23
C GLY I 493 41.72 31.14 -41.95
N ILE I 494 42.36 30.56 -40.94
CA ILE I 494 41.72 30.30 -39.66
C ILE I 494 41.85 31.58 -38.84
N ILE I 495 40.85 32.46 -38.97
CA ILE I 495 40.84 33.74 -38.30
C ILE I 495 39.47 33.96 -37.66
N ASP I 496 39.44 34.82 -36.65
CA ASP I 496 38.23 35.14 -35.93
C ASP I 496 38.09 36.65 -35.75
N PRO I 497 36.88 37.18 -35.70
CA PRO I 497 36.70 38.58 -35.30
C PRO I 497 37.16 38.77 -33.85
N THR I 498 37.82 39.89 -33.59
CA THR I 498 38.29 40.16 -32.24
C THR I 498 37.13 40.55 -31.33
N LYS I 499 36.08 41.14 -31.89
CA LYS I 499 34.93 41.53 -31.09
C LYS I 499 34.25 40.31 -30.48
N VAL I 500 34.13 39.23 -31.25
CA VAL I 500 33.44 38.03 -30.77
C VAL I 500 34.16 37.44 -29.57
N VAL I 501 35.47 37.23 -29.70
CA VAL I 501 36.24 36.63 -28.61
C VAL I 501 36.29 37.58 -27.42
N ARG I 502 36.42 38.88 -27.68
CA ARG I 502 36.46 39.86 -26.60
C ARG I 502 35.18 39.83 -25.78
N THR I 503 34.03 39.89 -26.44
CA THR I 503 32.77 39.92 -25.70
C THR I 503 32.46 38.57 -25.06
N ALA I 504 32.83 37.46 -25.70
CA ALA I 504 32.63 36.16 -25.07
C ALA I 504 33.41 36.07 -23.77
N LEU I 505 34.70 36.43 -23.82
CA LEU I 505 35.52 36.39 -22.62
C LEU I 505 34.96 37.32 -21.55
N LEU I 506 34.57 38.54 -21.93
CA LEU I 506 34.09 39.50 -20.95
C LEU I 506 32.82 39.01 -20.26
N ASP I 507 31.83 38.57 -21.05
CA ASP I 507 30.56 38.13 -20.47
C ASP I 507 30.76 36.90 -19.59
N ALA I 508 31.49 35.90 -20.10
CA ALA I 508 31.72 34.68 -19.33
C ALA I 508 32.43 35.00 -18.02
N ALA I 509 33.49 35.82 -18.09
CA ALA I 509 34.24 36.13 -16.88
C ALA I 509 33.39 36.88 -15.88
N GLY I 510 32.65 37.89 -16.33
CA GLY I 510 31.83 38.65 -15.40
C GLY I 510 30.82 37.79 -14.68
N VAL I 511 30.03 37.02 -15.45
CA VAL I 511 28.96 36.24 -14.82
C VAL I 511 29.54 35.15 -13.93
N ALA I 512 30.58 34.44 -14.39
CA ALA I 512 31.15 33.36 -13.60
C ALA I 512 31.79 33.90 -12.32
N SER I 513 32.51 35.02 -12.42
CA SER I 513 33.12 35.60 -11.23
C SER I 513 32.08 36.05 -10.23
N LEU I 514 30.96 36.61 -10.71
CA LEU I 514 29.87 36.93 -9.79
C LEU I 514 29.31 35.66 -9.15
N LEU I 515 29.23 34.58 -9.92
CA LEU I 515 28.73 33.32 -9.37
C LEU I 515 29.63 32.79 -8.26
N THR I 516 30.95 32.87 -8.44
CA THR I 516 31.87 32.24 -7.49
C THR I 516 31.82 32.89 -6.11
N THR I 517 31.25 34.09 -6.00
CA THR I 517 31.13 34.75 -4.71
C THR I 517 30.01 34.18 -3.84
N ALA I 518 29.37 33.09 -4.27
CA ALA I 518 28.20 32.57 -3.58
C ALA I 518 28.59 31.89 -2.26
N GLU I 519 27.73 32.05 -1.26
CA GLU I 519 27.81 31.29 -0.01
C GLU I 519 26.50 30.66 0.40
N VAL I 520 25.36 31.30 0.09
CA VAL I 520 24.05 30.81 0.46
C VAL I 520 23.16 30.84 -0.77
N VAL I 521 22.36 29.79 -0.96
CA VAL I 521 21.44 29.72 -2.08
C VAL I 521 20.04 29.46 -1.56
N VAL I 522 19.09 30.30 -1.95
CA VAL I 522 17.69 30.20 -1.53
C VAL I 522 16.86 29.86 -2.74
N THR I 523 16.08 28.78 -2.64
CA THR I 523 15.23 28.31 -3.73
C THR I 523 13.81 28.09 -3.22
N GLU I 524 12.88 27.96 -4.14
CA GLU I 524 11.51 27.64 -3.77
C GLU I 524 11.36 26.15 -3.54
N ILE I 525 10.42 25.80 -2.67
CA ILE I 525 10.15 24.38 -2.38
C ILE I 525 9.49 23.75 -3.59
N PRO I 526 9.96 22.59 -4.06
CA PRO I 526 9.37 21.99 -5.27
C PRO I 526 8.00 21.38 -5.00
N LYS I 527 6.97 22.23 -4.97
CA LYS I 527 5.61 21.76 -4.73
C LYS I 527 5.08 21.01 -5.95
N GLY J 1 -11.74 30.64 12.81
CA GLY J 1 -12.46 29.64 12.04
C GLY J 1 -11.66 28.37 11.82
N SER J 2 -10.52 28.51 11.14
CA SER J 2 -9.67 27.37 10.85
C SER J 2 -9.07 26.79 12.13
N ALA J 3 -8.81 25.49 12.10
CA ALA J 3 -8.24 24.82 13.26
C ALA J 3 -6.86 25.38 13.58
N LYS J 4 -6.58 25.51 14.88
CA LYS J 4 -5.34 26.12 15.36
C LYS J 4 -4.55 25.11 16.18
N ASP J 5 -3.23 25.23 16.09
CA ASP J 5 -2.31 24.48 16.92
C ASP J 5 -1.66 25.43 17.91
N VAL J 6 -1.68 25.05 19.18
CA VAL J 6 -1.21 25.90 20.27
C VAL J 6 -0.01 25.21 20.93
N LYS J 7 1.09 25.94 21.06
CA LYS J 7 2.30 25.43 21.67
C LYS J 7 2.68 26.31 22.85
N PHE J 8 3.12 25.67 23.93
CA PHE J 8 3.35 26.32 25.22
C PHE J 8 4.83 26.25 25.57
N GLY J 9 5.29 27.24 26.34
CA GLY J 9 6.57 27.18 26.99
C GLY J 9 7.80 27.21 26.10
N ALA J 10 8.84 26.49 26.52
CA ALA J 10 10.14 26.57 25.88
C ALA J 10 10.20 25.86 24.53
N ASP J 11 9.24 25.00 24.21
CA ASP J 11 9.25 24.31 22.92
C ASP J 11 8.99 25.29 21.78
N ALA J 12 7.95 26.12 21.93
CA ALA J 12 7.66 27.13 20.93
C ALA J 12 8.80 28.15 20.84
N ARG J 13 9.38 28.52 21.98
CA ARG J 13 10.52 29.42 21.96
C ARG J 13 11.69 28.81 21.21
N ALA J 14 11.94 27.52 21.40
CA ALA J 14 13.03 26.85 20.71
C ALA J 14 12.79 26.81 19.20
N LEU J 15 11.54 26.53 18.79
CA LEU J 15 11.23 26.50 17.36
C LEU J 15 11.38 27.87 16.72
N MET J 16 10.86 28.92 17.38
CA MET J 16 11.01 30.27 16.87
C MET J 16 12.47 30.70 16.83
N LEU J 17 13.25 30.30 17.85
CA LEU J 17 14.68 30.59 17.83
C LEU J 17 15.39 29.87 16.71
N GLN J 18 14.96 28.65 16.38
CA GLN J 18 15.54 27.94 15.23
C GLN J 18 15.25 28.69 13.94
N GLY J 19 14.02 29.18 13.76
CA GLY J 19 13.72 29.95 12.57
C GLY J 19 14.52 31.24 12.49
N VAL J 20 14.60 31.96 13.62
CA VAL J 20 15.39 33.19 13.68
C VAL J 20 16.85 32.91 13.38
N ASP J 21 17.39 31.83 13.94
CA ASP J 21 18.79 31.47 13.70
C ASP J 21 19.03 31.14 12.25
N LEU J 22 18.09 30.43 11.61
CA LEU J 22 18.26 30.12 10.19
C LEU J 22 18.30 31.39 9.36
N LEU J 23 17.33 32.28 9.56
CA LEU J 23 17.30 33.50 8.76
C LEU J 23 18.53 34.37 9.02
N ALA J 24 18.92 34.50 10.29
CA ALA J 24 20.07 35.34 10.63
C ALA J 24 21.38 34.74 10.14
N ASP J 25 21.51 33.42 10.15
CA ASP J 25 22.70 32.78 9.61
C ASP J 25 22.79 32.97 8.11
N ALA J 26 21.64 32.91 7.42
CA ALA J 26 21.65 33.22 5.99
C ALA J 26 22.05 34.67 5.73
N VAL J 27 21.55 35.59 6.56
CA VAL J 27 21.80 37.02 6.33
C VAL J 27 23.25 37.39 6.67
N ALA J 28 23.77 36.85 7.76
CA ALA J 28 25.03 37.32 8.34
C ALA J 28 26.25 36.95 7.53
N VAL J 29 26.14 36.05 6.55
CA VAL J 29 27.28 35.72 5.71
C VAL J 29 27.64 36.83 4.75
N THR J 30 26.85 37.91 4.70
CA THR J 30 27.06 39.02 3.79
C THR J 30 27.43 40.31 4.52
N MET J 31 27.95 40.20 5.74
CA MET J 31 28.25 41.37 6.57
C MET J 31 29.74 41.67 6.56
N GLY J 32 30.07 42.94 6.36
CA GLY J 32 31.45 43.39 6.40
C GLY J 32 32.08 43.43 5.03
N PRO J 33 33.35 43.84 4.98
CA PRO J 33 34.03 43.88 3.68
C PRO J 33 34.31 42.50 3.10
N LYS J 34 34.70 41.53 3.94
CA LYS J 34 34.91 40.17 3.49
C LYS J 34 33.67 39.31 3.63
N GLY J 35 32.54 39.76 3.09
CA GLY J 35 31.30 39.02 3.11
C GLY J 35 30.97 38.52 1.71
N ARG J 36 30.37 37.33 1.66
CA ARG J 36 30.00 36.71 0.40
C ARG J 36 28.60 37.17 -0.02
N THR J 37 28.12 36.63 -1.12
CA THR J 37 26.81 36.97 -1.66
C THR J 37 25.85 35.79 -1.54
N VAL J 38 24.59 36.07 -1.82
CA VAL J 38 23.52 35.08 -1.74
C VAL J 38 22.77 35.08 -3.07
N ILE J 39 22.56 33.89 -3.62
CA ILE J 39 21.75 33.74 -4.83
C ILE J 39 20.34 33.32 -4.42
N ILE J 40 19.37 34.10 -4.85
CA ILE J 40 17.95 33.83 -4.62
C ILE J 40 17.33 33.50 -5.96
N GLU J 41 16.70 32.32 -6.05
CA GLU J 41 16.03 31.94 -7.28
C GLU J 41 14.84 32.83 -7.56
N GLN J 42 14.77 33.36 -8.77
CA GLN J 42 13.65 34.18 -9.21
C GLN J 42 12.70 33.33 -10.04
N SER J 43 11.40 33.44 -9.75
CA SER J 43 10.42 32.58 -10.39
C SER J 43 10.34 32.82 -11.89
N TRP J 44 10.40 34.08 -12.31
CA TRP J 44 10.13 34.43 -13.70
C TRP J 44 11.37 34.52 -14.58
N GLY J 45 12.56 34.43 -14.02
CA GLY J 45 13.75 34.58 -14.83
C GLY J 45 15.02 34.14 -14.15
N SER J 46 16.10 34.84 -14.48
CA SER J 46 17.41 34.50 -13.97
C SER J 46 17.48 34.75 -12.46
N PRO J 47 18.28 33.99 -11.71
CA PRO J 47 18.39 34.23 -10.28
C PRO J 47 19.03 35.58 -9.99
N LYS J 48 18.87 36.02 -8.74
CA LYS J 48 19.36 37.32 -8.30
C LYS J 48 20.48 37.10 -7.29
N VAL J 49 21.63 37.72 -7.53
CA VAL J 49 22.76 37.65 -6.61
C VAL J 49 22.85 38.96 -5.85
N THR J 50 22.78 38.88 -4.52
CA THR J 50 22.70 40.09 -3.70
C THR J 50 23.58 39.95 -2.47
N LYS J 51 24.08 41.08 -1.99
CA LYS J 51 24.78 41.17 -0.71
C LYS J 51 23.99 41.99 0.31
N ASP J 52 22.72 42.28 0.03
CA ASP J 52 21.92 43.12 0.90
C ASP J 52 21.23 42.28 1.96
N GLY J 53 21.25 42.78 3.20
CA GLY J 53 20.63 42.03 4.29
C GLY J 53 19.12 41.94 4.15
N VAL J 54 18.46 43.04 3.82
CA VAL J 54 17.00 43.05 3.74
C VAL J 54 16.52 42.21 2.56
N THR J 55 17.26 42.25 1.45
CA THR J 55 16.87 41.45 0.29
C THR J 55 16.95 39.96 0.59
N VAL J 56 18.00 39.53 1.29
CA VAL J 56 18.11 38.13 1.67
C VAL J 56 17.04 37.76 2.69
N ALA J 57 16.79 38.65 3.66
CA ALA J 57 15.82 38.35 4.71
C ALA J 57 14.41 38.20 4.15
N LYS J 58 14.00 39.13 3.27
CA LYS J 58 12.65 39.12 2.74
C LYS J 58 12.37 37.95 1.81
N SER J 59 13.40 37.25 1.34
CA SER J 59 13.25 36.15 0.41
C SER J 59 13.23 34.79 1.07
N ILE J 60 13.26 34.73 2.40
CA ILE J 60 13.30 33.47 3.13
C ILE J 60 11.96 33.30 3.83
N ASP J 61 11.22 32.26 3.43
CA ASP J 61 9.97 31.88 4.06
C ASP J 61 10.03 30.40 4.38
N LEU J 62 9.70 30.04 5.62
CA LEU J 62 9.87 28.68 6.10
C LEU J 62 8.54 27.95 6.15
N LYS J 63 8.60 26.63 5.97
CA LYS J 63 7.38 25.82 5.99
C LYS J 63 6.83 25.66 7.40
N ASP J 64 7.71 25.42 8.37
CA ASP J 64 7.27 25.27 9.75
C ASP J 64 6.68 26.59 10.26
N LYS J 65 5.53 26.50 10.92
CA LYS J 65 4.79 27.69 11.29
C LYS J 65 5.54 28.54 12.31
N TYR J 66 6.14 27.90 13.32
CA TYR J 66 6.80 28.65 14.37
C TYR J 66 8.13 29.23 13.88
N LYS J 67 8.90 28.43 13.15
CA LYS J 67 10.10 28.95 12.51
C LYS J 67 9.76 30.08 11.56
N ASN J 68 8.63 29.96 10.85
CA ASN J 68 8.20 31.04 9.97
C ASN J 68 7.80 32.29 10.76
N ILE J 69 7.23 32.12 11.95
CA ILE J 69 6.91 33.27 12.78
C ILE J 69 8.18 34.01 13.18
N GLY J 70 9.18 33.26 13.64
CA GLY J 70 10.45 33.88 13.97
C GLY J 70 11.10 34.56 12.79
N ALA J 71 11.09 33.90 11.62
CA ALA J 71 11.65 34.48 10.42
C ALA J 71 10.90 35.75 10.02
N LYS J 72 9.57 35.75 10.17
CA LYS J 72 8.79 36.93 9.85
C LYS J 72 9.13 38.09 10.77
N LEU J 73 9.36 37.81 12.05
CA LEU J 73 9.76 38.88 12.96
C LEU J 73 11.13 39.45 12.59
N VAL J 74 12.08 38.58 12.21
CA VAL J 74 13.39 39.09 11.78
C VAL J 74 13.25 39.88 10.48
N GLN J 75 12.36 39.45 9.59
CA GLN J 75 12.09 40.20 8.37
C GLN J 75 11.51 41.57 8.69
N ASP J 76 10.65 41.63 9.71
CA ASP J 76 10.12 42.92 10.16
C ASP J 76 11.26 43.82 10.62
N VAL J 77 12.21 43.26 11.39
CA VAL J 77 13.36 44.04 11.83
C VAL J 77 14.11 44.60 10.64
N ALA J 78 14.44 43.73 9.68
CA ALA J 78 15.24 44.15 8.54
C ALA J 78 14.51 45.18 7.68
N ASN J 79 13.21 44.97 7.46
CA ASN J 79 12.42 45.89 6.63
C ASN J 79 12.29 47.25 7.29
N ASN J 80 12.07 47.28 8.61
CA ASN J 80 12.00 48.56 9.31
C ASN J 80 13.32 49.30 9.24
N THR J 81 14.43 48.57 9.42
CA THR J 81 15.73 49.21 9.31
C THR J 81 15.98 49.74 7.91
N ASN J 82 15.57 48.99 6.89
CA ASN J 82 15.75 49.44 5.51
C ASN J 82 14.90 50.67 5.20
N GLU J 83 13.66 50.71 5.67
CA GLU J 83 12.79 51.84 5.39
C GLU J 83 13.20 53.10 6.14
N GLU J 84 13.61 52.99 7.41
CA GLU J 84 13.97 54.16 8.19
C GLU J 84 15.41 54.62 7.99
N ALA J 85 16.27 53.81 7.38
CA ALA J 85 17.65 54.25 7.17
C ALA J 85 18.11 54.08 5.73
N GLY J 86 17.72 52.98 5.08
CA GLY J 86 18.21 52.61 3.77
C GLY J 86 19.46 51.75 3.81
N ASP J 87 20.07 51.61 4.99
CA ASP J 87 21.29 50.82 5.16
C ASP J 87 21.33 50.27 6.58
N GLY J 88 22.19 49.29 6.81
CA GLY J 88 22.35 48.69 8.12
C GLY J 88 21.42 47.54 8.43
N THR J 89 20.85 46.88 7.41
CA THR J 89 19.88 45.83 7.65
C THR J 89 20.54 44.57 8.21
N THR J 90 21.74 44.24 7.74
CA THR J 90 22.43 43.06 8.27
C THR J 90 22.81 43.24 9.74
N THR J 91 23.28 44.44 10.09
CA THR J 91 23.59 44.72 11.49
C THR J 91 22.35 44.59 12.37
N ALA J 92 21.23 45.13 11.91
CA ALA J 92 19.98 45.01 12.66
C ALA J 92 19.56 43.55 12.79
N THR J 93 19.72 42.76 11.73
CA THR J 93 19.36 41.36 11.78
C THR J 93 20.19 40.60 12.81
N VAL J 94 21.51 40.81 12.79
CA VAL J 94 22.36 40.07 13.73
C VAL J 94 22.11 40.55 15.16
N LEU J 95 21.88 41.85 15.36
CA LEU J 95 21.56 42.35 16.68
C LEU J 95 20.24 41.77 17.20
N ALA J 96 19.23 41.71 16.33
CA ALA J 96 17.95 41.15 16.73
C ALA J 96 18.08 39.67 17.09
N ARG J 97 18.84 38.92 16.29
CA ARG J 97 19.05 37.51 16.62
C ARG J 97 19.75 37.35 17.96
N SER J 98 20.79 38.15 18.21
CA SER J 98 21.50 38.05 19.47
C SER J 98 20.61 38.39 20.65
N ILE J 99 19.83 39.46 20.55
CA ILE J 99 18.96 39.85 21.65
C ILE J 99 17.89 38.80 21.89
N ALA J 100 17.32 38.25 20.81
CA ALA J 100 16.31 37.20 20.97
C ALA J 100 16.89 35.98 21.65
N LYS J 101 18.09 35.56 21.25
CA LYS J 101 18.70 34.39 21.87
C LYS J 101 19.01 34.64 23.35
N GLU J 102 19.59 35.81 23.66
CA GLU J 102 19.92 36.12 25.05
C GLU J 102 18.67 36.18 25.91
N GLY J 103 17.59 36.78 25.40
CA GLY J 103 16.36 36.82 26.16
C GLY J 103 15.72 35.47 26.33
N PHE J 104 15.80 34.62 25.29
CA PHE J 104 15.21 33.29 25.38
C PHE J 104 15.93 32.43 26.41
N GLU J 105 17.27 32.48 26.46
CA GLU J 105 17.95 31.59 27.38
C GLU J 105 17.87 32.06 28.83
N LYS J 106 17.41 33.28 29.08
CA LYS J 106 17.35 33.83 30.43
C LYS J 106 15.95 33.80 31.02
N ILE J 107 15.02 33.04 30.43
CA ILE J 107 13.65 32.96 30.92
C ILE J 107 13.54 31.82 31.91
N SER J 108 13.07 32.12 33.11
CA SER J 108 12.87 31.14 34.16
C SER J 108 11.45 31.26 34.70
N LYS J 109 11.12 30.42 35.69
CA LYS J 109 9.81 30.47 36.30
C LYS J 109 9.57 31.78 37.03
N GLY J 110 10.58 32.27 37.76
CA GLY J 110 10.46 33.51 38.49
C GLY J 110 10.83 34.76 37.74
N ALA J 111 11.45 34.62 36.56
CA ALA J 111 11.83 35.78 35.77
C ALA J 111 10.62 36.46 35.17
N ASN J 112 10.72 37.78 35.00
CA ASN J 112 9.66 38.58 34.40
C ASN J 112 10.15 39.16 33.08
N PRO J 113 9.81 38.56 31.94
CA PRO J 113 10.33 39.06 30.66
C PRO J 113 9.88 40.47 30.31
N VAL J 114 8.77 40.95 30.88
CA VAL J 114 8.34 42.31 30.60
C VAL J 114 9.32 43.32 31.21
N GLU J 115 9.75 43.09 32.45
CA GLU J 115 10.72 43.96 33.07
C GLU J 115 12.09 43.82 32.40
N ILE J 116 12.41 42.62 31.91
CA ILE J 116 13.64 42.46 31.13
C ILE J 116 13.57 43.31 29.86
N ARG J 117 12.42 43.32 29.19
CA ARG J 117 12.23 44.18 28.03
C ARG J 117 12.38 45.64 28.40
N ARG J 118 11.82 46.05 29.54
CA ARG J 118 11.97 47.42 30.00
C ARG J 118 13.44 47.78 30.20
N GLY J 119 14.18 46.90 30.87
CA GLY J 119 15.60 47.15 31.06
C GLY J 119 16.35 47.22 29.75
N VAL J 120 15.95 46.41 28.77
CA VAL J 120 16.54 46.48 27.44
C VAL J 120 16.28 47.85 26.82
N MET J 121 15.06 48.37 26.98
CA MET J 121 14.75 49.69 26.40
C MET J 121 15.58 50.78 27.05
N LEU J 122 15.72 50.76 28.39
CA LEU J 122 16.58 51.76 29.03
C LEU J 122 18.04 51.63 28.59
N ALA J 123 18.54 50.39 28.47
CA ALA J 123 19.92 50.21 28.03
C ALA J 123 20.12 50.75 26.61
N VAL J 124 19.15 50.50 25.73
CA VAL J 124 19.27 50.96 24.35
C VAL J 124 19.17 52.48 24.28
N ASP J 125 18.32 53.08 25.11
CA ASP J 125 18.27 54.54 25.17
C ASP J 125 19.60 55.12 25.63
N ALA J 126 20.23 54.50 26.63
CA ALA J 126 21.54 54.97 27.08
C ALA J 126 22.59 54.83 25.97
N VAL J 127 22.56 53.70 25.25
CA VAL J 127 23.52 53.50 24.16
C VAL J 127 23.31 54.52 23.06
N ILE J 128 22.05 54.83 22.75
CA ILE J 128 21.75 55.83 21.72
C ILE J 128 22.23 57.21 22.16
N ALA J 129 22.05 57.55 23.43
CA ALA J 129 22.56 58.82 23.94
C ALA J 129 24.08 58.87 23.82
N GLU J 130 24.76 57.78 24.15
CA GLU J 130 26.22 57.76 24.00
C GLU J 130 26.63 57.90 22.55
N LEU J 131 25.91 57.24 21.64
CA LEU J 131 26.23 57.34 20.21
C LEU J 131 26.07 58.77 19.73
N LYS J 132 25.00 59.45 20.15
CA LYS J 132 24.84 60.85 19.79
C LYS J 132 25.94 61.71 20.40
N LYS J 133 26.39 61.36 21.61
CA LYS J 133 27.50 62.10 22.21
C LYS J 133 28.81 61.88 21.44
N GLN J 134 28.96 60.74 20.79
CA GLN J 134 30.21 60.39 20.11
C GLN J 134 30.23 60.77 18.63
N SER J 135 29.17 61.39 18.12
CA SER J 135 29.10 61.71 16.71
C SER J 135 29.89 62.97 16.39
N LYS J 136 30.30 63.08 15.11
CA LYS J 136 30.98 64.26 14.60
C LYS J 136 30.39 64.57 13.23
N PRO J 137 30.05 65.83 12.96
CA PRO J 137 29.41 66.16 11.68
C PRO J 137 30.37 66.04 10.51
N VAL J 138 29.79 65.89 9.31
CA VAL J 138 30.56 65.84 8.07
C VAL J 138 30.89 67.27 7.67
N THR J 139 32.18 67.56 7.52
CA THR J 139 32.62 68.91 7.16
C THR J 139 33.36 68.97 5.83
N THR J 140 33.86 67.83 5.33
CA THR J 140 34.64 67.82 4.11
C THR J 140 34.07 66.82 3.11
N PRO J 141 34.20 67.08 1.81
CA PRO J 141 33.74 66.10 0.81
C PRO J 141 34.51 64.78 0.87
N GLU J 142 35.74 64.80 1.39
CA GLU J 142 36.49 63.56 1.53
C GLU J 142 35.80 62.60 2.49
N GLU J 143 35.17 63.14 3.54
CA GLU J 143 34.39 62.29 4.44
C GLU J 143 33.20 61.67 3.71
N ILE J 144 32.56 62.44 2.83
CA ILE J 144 31.47 61.89 2.03
C ILE J 144 31.97 60.75 1.15
N ALA J 145 33.13 60.95 0.52
CA ALA J 145 33.71 59.90 -0.31
C ALA J 145 34.02 58.66 0.51
N GLN J 146 34.58 58.85 1.71
CA GLN J 146 34.90 57.71 2.57
C GLN J 146 33.65 56.95 2.98
N VAL J 147 32.58 57.69 3.34
CA VAL J 147 31.34 57.03 3.74
C VAL J 147 30.75 56.26 2.57
N ALA J 148 30.73 56.86 1.39
CA ALA J 148 30.19 56.16 0.22
C ALA J 148 31.00 54.93 -0.13
N THR J 149 32.33 55.03 -0.04
CA THR J 149 33.18 53.89 -0.32
C THR J 149 32.95 52.77 0.68
N ILE J 150 32.85 53.12 1.97
CA ILE J 150 32.62 52.10 3.00
C ILE J 150 31.28 51.42 2.79
N SER J 151 30.24 52.20 2.48
CA SER J 151 28.91 51.63 2.28
C SER J 151 28.75 50.93 0.95
N ALA J 152 29.69 51.11 0.01
CA ALA J 152 29.66 50.44 -1.28
C ALA J 152 30.62 49.25 -1.32
N ASN J 153 30.86 48.63 -0.17
CA ASN J 153 31.76 47.48 -0.05
C ASN J 153 33.17 47.84 -0.55
N GLY J 154 33.65 49.00 -0.12
CA GLY J 154 35.01 49.41 -0.45
C GLY J 154 35.27 49.64 -1.92
N ASP J 155 34.32 50.26 -2.62
CA ASP J 155 34.50 50.58 -4.04
C ASP J 155 34.87 52.05 -4.15
N LYS J 156 36.10 52.32 -4.58
CA LYS J 156 36.57 53.70 -4.68
C LYS J 156 35.79 54.48 -5.73
N GLU J 157 35.51 53.86 -6.88
CA GLU J 157 34.87 54.59 -7.97
C GLU J 157 33.44 55.00 -7.64
N ILE J 158 32.70 54.15 -6.91
CA ILE J 158 31.35 54.52 -6.50
C ILE J 158 31.38 55.74 -5.59
N GLY J 159 32.31 55.74 -4.63
CA GLY J 159 32.44 56.88 -3.75
C GLY J 159 32.84 58.14 -4.49
N ASN J 160 33.76 58.02 -5.45
CA ASN J 160 34.15 59.16 -6.26
C ASN J 160 32.98 59.71 -7.05
N ILE J 161 32.18 58.83 -7.65
CA ILE J 161 31.03 59.26 -8.43
C ILE J 161 30.01 59.97 -7.55
N ILE J 162 29.75 59.43 -6.36
CA ILE J 162 28.78 60.04 -5.47
C ILE J 162 29.28 61.39 -4.95
N SER J 163 30.58 61.48 -4.67
CA SER J 163 31.15 62.77 -4.26
C SER J 163 31.04 63.80 -5.38
N ASP J 164 31.30 63.37 -6.63
CA ASP J 164 31.14 64.28 -7.76
C ASP J 164 29.70 64.75 -7.90
N ALA J 165 28.75 63.82 -7.72
CA ALA J 165 27.35 64.19 -7.81
C ALA J 165 26.96 65.18 -6.73
N MET J 166 27.43 64.97 -5.49
CA MET J 166 27.15 65.91 -4.41
C MET J 166 27.81 67.25 -4.63
N LYS J 167 29.00 67.28 -5.24
CA LYS J 167 29.62 68.56 -5.59
C LYS J 167 28.83 69.28 -6.67
N LYS J 168 28.32 68.55 -7.66
CA LYS J 168 27.64 69.18 -8.79
C LYS J 168 26.25 69.69 -8.41
N VAL J 169 25.44 68.85 -7.78
CA VAL J 169 24.04 69.19 -7.52
C VAL J 169 23.80 69.64 -6.09
N GLY J 170 24.85 69.78 -5.29
CA GLY J 170 24.69 70.18 -3.91
C GLY J 170 24.57 68.98 -2.97
N ARG J 171 24.72 69.27 -1.67
CA ARG J 171 24.70 68.19 -0.68
C ARG J 171 23.30 67.61 -0.53
N LYS J 172 22.27 68.43 -0.68
CA LYS J 172 20.89 68.00 -0.57
C LYS J 172 20.20 67.84 -1.93
N GLY J 173 20.97 67.82 -3.02
CA GLY J 173 20.38 67.72 -4.33
C GLY J 173 19.78 66.35 -4.59
N VAL J 174 18.89 66.30 -5.58
CA VAL J 174 18.23 65.05 -5.93
C VAL J 174 19.17 64.18 -6.75
N ILE J 175 19.40 62.95 -6.29
CA ILE J 175 20.26 61.99 -6.96
C ILE J 175 19.52 60.67 -7.08
N THR J 176 19.56 60.07 -8.27
CA THR J 176 18.89 58.81 -8.52
C THR J 176 19.80 57.88 -9.32
N VAL J 177 19.48 56.59 -9.27
CA VAL J 177 20.27 55.56 -9.92
C VAL J 177 19.41 54.85 -10.95
N LYS J 178 19.92 54.73 -12.17
CA LYS J 178 19.23 54.06 -13.25
C LYS J 178 20.24 53.13 -13.95
N ASP J 179 19.77 51.98 -14.43
CA ASP J 179 20.70 51.01 -15.00
C ASP J 179 21.31 51.55 -16.28
N GLY J 180 22.60 51.27 -16.48
CA GLY J 180 23.29 51.75 -17.65
C GLY J 180 23.37 50.72 -18.76
N LYS J 181 23.52 51.23 -19.99
CA LYS J 181 23.66 50.39 -21.17
C LYS J 181 25.11 50.24 -21.60
N THR J 182 26.05 50.71 -20.79
CA THR J 182 27.47 50.67 -21.12
C THR J 182 28.23 49.88 -20.06
N LEU J 183 29.53 49.72 -20.28
CA LEU J 183 30.35 48.89 -19.41
C LEU J 183 30.70 49.57 -18.09
N ASN J 184 30.75 50.90 -18.08
CA ASN J 184 31.21 51.65 -16.92
C ASN J 184 30.12 52.56 -16.39
N ASP J 185 30.29 52.98 -15.13
CA ASP J 185 29.36 53.90 -14.50
C ASP J 185 29.60 55.32 -14.98
N GLU J 186 28.52 56.08 -15.13
CA GLU J 186 28.63 57.46 -15.57
C GLU J 186 27.62 58.33 -14.82
N LEU J 187 27.87 59.63 -14.84
CA LEU J 187 27.08 60.60 -14.10
C LEU J 187 26.57 61.67 -15.05
N GLU J 188 25.28 62.00 -14.96
CA GLU J 188 24.66 63.03 -15.77
C GLU J 188 23.94 64.03 -14.88
N ILE J 189 23.85 65.27 -15.36
CA ILE J 189 23.14 66.32 -14.65
C ILE J 189 21.90 66.76 -15.41
N ALA J 378 20.85 64.73 -10.22
CA ALA J 378 21.89 63.89 -10.83
C ALA J 378 21.37 62.50 -11.11
N VAL J 379 21.85 61.90 -12.21
CA VAL J 379 21.47 60.55 -12.63
C VAL J 379 22.73 59.72 -12.74
N LEU J 380 22.72 58.55 -12.10
CA LEU J 380 23.84 57.62 -12.12
C LEU J 380 23.48 56.43 -13.01
N LYS J 381 24.31 56.15 -14.00
CA LYS J 381 24.15 54.99 -14.85
C LYS J 381 25.17 53.94 -14.43
N VAL J 382 24.70 52.74 -14.11
CA VAL J 382 25.54 51.67 -13.58
C VAL J 382 26.03 50.80 -14.71
N GLY J 383 27.35 50.59 -14.78
CA GLY J 383 27.93 49.76 -15.80
C GLY J 383 27.92 48.28 -15.43
N GLY J 384 28.18 47.46 -16.44
CA GLY J 384 28.21 46.02 -16.25
C GLY J 384 28.03 45.30 -17.56
N THR J 385 28.03 43.97 -17.47
CA THR J 385 27.87 43.11 -18.63
C THR J 385 26.55 42.35 -18.64
N SER J 386 26.08 41.88 -17.48
CA SER J 386 24.83 41.16 -17.37
C SER J 386 23.91 41.86 -16.39
N ASP J 387 22.65 41.43 -16.38
CA ASP J 387 21.66 42.07 -15.51
C ASP J 387 21.94 41.79 -14.04
N VAL J 388 22.46 40.61 -13.73
CA VAL J 388 22.78 40.28 -12.35
C VAL J 388 23.86 41.22 -11.80
N GLU J 389 24.90 41.47 -12.59
CA GLU J 389 25.97 42.34 -12.15
C GLU J 389 25.48 43.76 -11.93
N VAL J 390 24.69 44.29 -12.88
CA VAL J 390 24.21 45.66 -12.75
C VAL J 390 23.23 45.77 -11.59
N ASN J 391 22.47 44.70 -11.31
CA ASN J 391 21.56 44.72 -10.17
C ASN J 391 22.32 44.75 -8.85
N GLU J 392 23.36 43.92 -8.73
CA GLU J 392 24.18 43.93 -7.52
C GLU J 392 24.85 45.28 -7.32
N LYS J 393 25.44 45.83 -8.40
CA LYS J 393 26.08 47.14 -8.31
C LYS J 393 25.08 48.23 -7.99
N LYS J 394 23.86 48.14 -8.54
CA LYS J 394 22.82 49.11 -8.24
C LYS J 394 22.42 49.06 -6.78
N ASP J 395 22.31 47.85 -6.23
CA ASP J 395 22.00 47.73 -4.81
C ASP J 395 23.10 48.37 -3.95
N ARG J 396 24.36 48.11 -4.29
CA ARG J 396 25.45 48.73 -3.55
C ARG J 396 25.49 50.25 -3.70
N VAL J 397 25.21 50.77 -4.89
CA VAL J 397 25.19 52.22 -5.09
C VAL J 397 24.03 52.86 -4.32
N THR J 398 22.87 52.20 -4.31
CA THR J 398 21.75 52.72 -3.53
C THR J 398 22.07 52.72 -2.05
N ASP J 399 22.72 51.66 -1.57
CA ASP J 399 23.15 51.63 -0.17
C ASP J 399 24.10 52.78 0.13
N ALA J 400 25.06 53.02 -0.77
CA ALA J 400 26.01 54.10 -0.56
C ALA J 400 25.33 55.46 -0.54
N LEU J 401 24.38 55.69 -1.45
CA LEU J 401 23.64 56.96 -1.46
C LEU J 401 22.83 57.15 -0.19
N ASN J 402 22.11 56.11 0.25
CA ASN J 402 21.34 56.23 1.48
C ASN J 402 22.25 56.49 2.68
N ALA J 403 23.38 55.80 2.74
CA ALA J 403 24.29 55.97 3.86
C ALA J 403 24.91 57.37 3.87
N THR J 404 25.29 57.90 2.71
CA THR J 404 25.86 59.24 2.69
C THR J 404 24.79 60.30 2.96
N ARG J 405 23.55 60.07 2.56
CA ARG J 405 22.47 60.97 2.93
C ARG J 405 22.27 60.99 4.44
N ALA J 406 22.30 59.81 5.07
CA ALA J 406 22.20 59.76 6.53
C ALA J 406 23.42 60.41 7.19
N ALA J 407 24.61 60.24 6.60
CA ALA J 407 25.81 60.80 7.18
C ALA J 407 25.87 62.31 7.06
N VAL J 408 25.23 62.88 6.04
CA VAL J 408 25.16 64.33 5.94
C VAL J 408 23.99 64.90 6.74
N GLU J 409 22.92 64.12 6.94
CA GLU J 409 21.82 64.58 7.77
C GLU J 409 22.11 64.44 9.25
N GLU J 410 23.14 63.69 9.63
CA GLU J 410 23.46 63.44 11.03
C GLU J 410 24.98 63.39 11.17
N GLY J 411 25.47 62.86 12.28
CA GLY J 411 26.89 62.79 12.55
C GLY J 411 27.55 61.57 11.94
N ILE J 412 28.81 61.36 12.33
CA ILE J 412 29.62 60.24 11.86
C ILE J 412 30.29 59.59 13.07
N VAL J 413 30.25 58.26 13.11
CA VAL J 413 30.91 57.49 14.15
C VAL J 413 31.89 56.52 13.49
N LEU J 414 32.64 55.80 14.32
CA LEU J 414 33.61 54.84 13.82
C LEU J 414 32.89 53.65 13.18
N GLY J 415 33.58 53.02 12.22
CA GLY J 415 33.03 51.87 11.54
C GLY J 415 33.37 50.56 12.24
N GLY J 416 33.10 49.46 11.54
CA GLY J 416 33.47 48.15 12.00
C GLY J 416 32.75 47.66 13.24
N GLY J 417 31.70 48.36 13.68
CA GLY J 417 31.04 48.01 14.91
C GLY J 417 31.72 48.51 16.17
N CYS J 418 32.83 49.24 16.02
CA CYS J 418 33.54 49.78 17.17
C CYS J 418 32.76 50.91 17.85
N ALA J 419 31.97 51.66 17.07
CA ALA J 419 31.14 52.70 17.64
C ALA J 419 30.15 52.12 18.64
N LEU J 420 29.59 50.95 18.33
CA LEU J 420 28.71 50.27 19.27
C LEU J 420 29.49 49.66 20.42
N LEU J 421 30.76 49.32 20.20
CA LEU J 421 31.58 48.76 21.28
C LEU J 421 31.95 49.82 22.31
N ARG J 422 32.11 51.07 21.88
CA ARG J 422 32.52 52.13 22.80
C ARG J 422 31.43 52.52 23.79
N CYS J 423 30.20 52.04 23.61
CA CYS J 423 29.08 52.41 24.48
C CYS J 423 28.89 51.48 25.66
N ILE J 424 29.75 50.46 25.81
CA ILE J 424 29.62 49.56 26.96
C ILE J 424 29.82 50.28 28.28
N PRO J 425 30.81 51.17 28.45
CA PRO J 425 30.92 51.91 29.73
C PRO J 425 29.66 52.69 30.08
N ALA J 426 28.93 53.19 29.08
CA ALA J 426 27.66 53.85 29.36
C ALA J 426 26.68 52.91 30.05
N LEU J 427 26.64 51.66 29.61
CA LEU J 427 25.81 50.66 30.28
C LEU J 427 26.36 50.31 31.64
N ASP J 428 27.69 50.31 31.80
CA ASP J 428 28.28 50.05 33.10
C ASP J 428 27.88 51.13 34.11
N SER J 429 27.75 52.37 33.66
CA SER J 429 27.35 53.45 34.56
C SER J 429 25.94 53.26 35.08
N LEU J 430 25.03 52.77 34.23
CA LEU J 430 23.63 52.65 34.61
C LEU J 430 23.44 51.68 35.76
N THR J 431 22.46 51.98 36.62
CA THR J 431 22.11 51.10 37.72
C THR J 431 20.73 50.51 37.49
N PRO J 432 20.52 49.23 37.78
CA PRO J 432 19.21 48.62 37.55
C PRO J 432 18.22 48.95 38.65
N ALA J 433 16.94 48.76 38.34
CA ALA J 433 15.90 48.92 39.36
C ALA J 433 15.58 47.60 40.05
N ASN J 434 15.69 46.49 39.35
CA ASN J 434 15.47 45.17 39.95
C ASN J 434 16.30 44.16 39.16
N GLU J 435 16.07 42.87 39.45
CA GLU J 435 16.89 41.82 38.84
C GLU J 435 16.60 41.68 37.35
N ASP J 436 15.34 41.79 36.95
CA ASP J 436 14.99 41.63 35.54
C ASP J 436 15.58 42.75 34.69
N GLN J 437 15.56 43.98 35.19
CA GLN J 437 16.17 45.07 34.45
C GLN J 437 17.69 44.90 34.36
N LYS J 438 18.32 44.35 35.40
CA LYS J 438 19.73 44.01 35.31
C LYS J 438 19.97 42.96 34.23
N ILE J 439 19.09 41.97 34.15
CA ILE J 439 19.22 40.94 33.11
C ILE J 439 19.13 41.56 31.73
N GLY J 440 18.17 42.47 31.54
CA GLY J 440 18.04 43.14 30.25
C GLY J 440 19.25 43.99 29.91
N ILE J 441 19.78 44.70 30.90
CA ILE J 441 20.97 45.53 30.68
C ILE J 441 22.16 44.66 30.28
N GLU J 442 22.33 43.52 30.95
CA GLU J 442 23.41 42.61 30.58
C GLU J 442 23.19 42.00 29.21
N ILE J 443 21.93 41.75 28.83
CA ILE J 443 21.64 41.26 27.49
C ILE J 443 22.11 42.27 26.45
N ILE J 444 21.77 43.54 26.65
CA ILE J 444 22.18 44.57 25.71
C ILE J 444 23.70 44.73 25.70
N LYS J 445 24.32 44.63 26.88
CA LYS J 445 25.77 44.74 26.97
C LYS J 445 26.47 43.63 26.20
N ARG J 446 25.95 42.40 26.30
CA ARG J 446 26.53 41.30 25.54
C ARG J 446 26.24 41.43 24.06
N THR J 447 25.09 42.00 23.70
CA THR J 447 24.74 42.14 22.29
C THR J 447 25.57 43.23 21.60
N LEU J 448 26.01 44.24 22.35
CA LEU J 448 26.74 45.35 21.73
C LEU J 448 28.01 44.90 21.03
N LYS J 449 28.54 43.73 21.39
CA LYS J 449 29.77 43.21 20.78
C LYS J 449 29.53 42.44 19.50
N ILE J 450 28.27 42.15 19.16
CA ILE J 450 27.94 41.21 18.09
C ILE J 450 28.40 41.69 16.71
N PRO J 451 28.14 42.94 16.28
CA PRO J 451 28.55 43.31 14.91
C PRO J 451 30.04 43.18 14.65
N ALA J 452 30.88 43.55 15.61
CA ALA J 452 32.32 43.46 15.41
C ALA J 452 32.77 42.01 15.28
N MET J 453 32.25 41.11 16.14
CA MET J 453 32.59 39.71 16.02
C MET J 453 32.08 39.12 14.70
N THR J 454 30.91 39.54 14.25
CA THR J 454 30.40 39.06 12.96
C THR J 454 31.32 39.50 11.81
N ILE J 455 31.73 40.77 11.83
CA ILE J 455 32.61 41.27 10.78
C ILE J 455 33.95 40.54 10.80
N ALA J 456 34.50 40.30 11.99
CA ALA J 456 35.75 39.55 12.09
C ALA J 456 35.57 38.11 11.62
N LYS J 457 34.45 37.49 11.98
CA LYS J 457 34.20 36.11 11.60
C LYS J 457 34.10 35.95 10.09
N ASN J 458 33.43 36.89 9.42
CA ASN J 458 33.39 36.84 7.96
C ASN J 458 34.77 37.01 7.34
N ALA J 459 35.70 37.63 8.07
CA ALA J 459 37.07 37.80 7.60
C ALA J 459 37.96 36.58 7.84
N GLY J 460 37.44 35.55 8.49
CA GLY J 460 38.21 34.35 8.73
C GLY J 460 39.07 34.37 9.97
N VAL J 461 38.84 35.30 10.89
CA VAL J 461 39.62 35.38 12.12
C VAL J 461 38.69 35.15 13.31
N GLU J 462 39.25 35.14 14.51
CA GLU J 462 38.48 34.94 15.73
C GLU J 462 37.92 36.27 16.21
N GLY J 463 36.59 36.39 16.23
CA GLY J 463 35.96 37.63 16.60
C GLY J 463 36.18 38.03 18.04
N SER J 464 36.21 37.05 18.95
CA SER J 464 36.34 37.36 20.37
C SER J 464 37.66 38.05 20.68
N LEU J 465 38.76 37.54 20.13
CA LEU J 465 40.06 38.16 20.37
C LEU J 465 40.13 39.55 19.75
N ILE J 466 39.55 39.72 18.56
CA ILE J 466 39.55 41.02 17.90
C ILE J 466 38.78 42.03 18.75
N VAL J 467 37.62 41.64 19.26
CA VAL J 467 36.82 42.54 20.07
C VAL J 467 37.53 42.87 21.38
N GLU J 468 38.16 41.86 22.00
CA GLU J 468 38.89 42.12 23.25
C GLU J 468 40.04 43.08 23.03
N LYS J 469 40.79 42.92 21.93
CA LYS J 469 41.89 43.83 21.65
C LYS J 469 41.39 45.22 21.28
N ILE J 470 40.23 45.31 20.61
CA ILE J 470 39.65 46.62 20.32
C ILE J 470 39.28 47.34 21.61
N MET J 471 38.63 46.62 22.52
CA MET J 471 38.23 47.23 23.79
C MET J 471 39.43 47.60 24.64
N GLN J 472 40.48 46.79 24.60
CA GLN J 472 41.70 47.11 25.35
C GLN J 472 42.46 48.26 24.72
N SER J 473 42.23 48.52 23.43
CA SER J 473 42.98 49.56 22.73
C SER J 473 42.41 50.94 23.03
N SER J 474 42.95 51.94 22.34
CA SER J 474 42.49 53.31 22.50
C SER J 474 41.15 53.50 21.79
N SER J 475 40.48 54.61 22.10
CA SER J 475 39.16 54.87 21.54
C SER J 475 39.21 55.05 20.03
N GLU J 476 40.29 55.64 19.51
CA GLU J 476 40.36 55.92 18.09
C GLU J 476 40.76 54.69 17.29
N VAL J 477 41.27 53.66 17.96
CA VAL J 477 41.82 52.49 17.28
C VAL J 477 40.71 51.47 17.02
N GLY J 478 40.63 50.99 15.79
CA GLY J 478 39.71 49.93 15.44
C GLY J 478 40.38 48.86 14.59
N TYR J 479 39.61 47.88 14.11
CA TYR J 479 40.14 46.77 13.34
C TYR J 479 39.69 46.89 11.88
N ASP J 480 40.66 46.94 10.98
CA ASP J 480 40.41 46.92 9.54
C ASP J 480 40.43 45.46 9.08
N ALA J 481 39.27 44.97 8.65
CA ALA J 481 39.17 43.57 8.23
C ALA J 481 39.78 43.35 6.85
N MET J 482 39.64 44.32 5.95
CA MET J 482 40.23 44.19 4.62
C MET J 482 41.74 44.11 4.70
N ALA J 483 42.37 45.01 5.45
CA ALA J 483 43.79 44.93 5.72
C ALA J 483 44.12 43.93 6.82
N GLY J 484 43.13 43.57 7.65
CA GLY J 484 43.35 42.62 8.72
C GLY J 484 44.31 43.09 9.78
N ASP J 485 44.19 44.34 10.22
CA ASP J 485 45.12 44.87 11.22
C ASP J 485 44.44 46.00 11.98
N PHE J 486 45.01 46.33 13.13
CA PHE J 486 44.46 47.37 13.99
C PHE J 486 45.03 48.73 13.56
N VAL J 487 44.14 49.65 13.20
CA VAL J 487 44.52 50.94 12.64
C VAL J 487 43.71 52.04 13.31
N ASN J 488 43.92 53.26 12.85
CA ASN J 488 43.10 54.41 13.24
C ASN J 488 42.03 54.60 12.18
N MET J 489 40.76 54.42 12.58
CA MET J 489 39.71 54.25 11.59
C MET J 489 39.34 55.56 10.92
N VAL J 490 39.39 56.67 11.65
CA VAL J 490 39.07 57.96 11.04
C VAL J 490 40.08 58.30 9.95
N GLU J 491 41.37 58.05 10.21
CA GLU J 491 42.39 58.29 9.20
C GLU J 491 42.22 57.34 8.02
N LYS J 492 41.94 56.05 8.31
CA LYS J 492 41.78 55.08 7.24
C LYS J 492 40.45 55.26 6.50
N GLY J 493 39.50 55.95 7.12
CA GLY J 493 38.21 56.19 6.49
C GLY J 493 37.13 55.18 6.80
N ILE J 494 37.32 54.33 7.80
CA ILE J 494 36.31 53.34 8.18
C ILE J 494 35.36 54.05 9.15
N ILE J 495 34.32 54.67 8.59
CA ILE J 495 33.36 55.43 9.36
C ILE J 495 31.95 55.06 8.91
N ASP J 496 30.99 55.26 9.80
CA ASP J 496 29.60 54.94 9.56
C ASP J 496 28.71 56.11 9.94
N PRO J 497 27.58 56.29 9.27
CA PRO J 497 26.57 57.25 9.76
C PRO J 497 26.02 56.79 11.11
N THR J 498 25.87 57.75 12.03
CA THR J 498 25.34 57.41 13.34
C THR J 498 23.85 57.08 13.28
N LYS J 499 23.14 57.65 12.31
CA LYS J 499 21.71 57.37 12.18
C LYS J 499 21.48 55.90 11.84
N VAL J 500 22.32 55.33 10.97
CA VAL J 500 22.12 53.95 10.54
C VAL J 500 22.28 53.00 11.72
N VAL J 501 23.37 53.14 12.48
CA VAL J 501 23.60 52.25 13.61
C VAL J 501 22.56 52.49 14.71
N ARG J 502 22.18 53.75 14.92
CA ARG J 502 21.17 54.06 15.92
C ARG J 502 19.85 53.38 15.61
N THR J 503 19.35 53.53 14.37
CA THR J 503 18.06 52.95 14.03
C THR J 503 18.14 51.42 13.96
N ALA J 504 19.26 50.86 13.50
CA ALA J 504 19.39 49.42 13.50
C ALA J 504 19.30 48.85 14.91
N LEU J 505 20.06 49.44 15.83
CA LEU J 505 20.02 48.99 17.22
C LEU J 505 18.62 49.14 17.80
N LEU J 506 17.98 50.29 17.57
CA LEU J 506 16.66 50.54 18.14
C LEU J 506 15.63 49.53 17.64
N ASP J 507 15.56 49.35 16.32
CA ASP J 507 14.58 48.43 15.75
C ASP J 507 14.83 47.00 16.21
N ALA J 508 16.08 46.54 16.11
CA ALA J 508 16.40 45.17 16.51
C ALA J 508 16.05 44.95 17.97
N ALA J 509 16.47 45.88 18.84
CA ALA J 509 16.23 45.72 20.27
C ALA J 509 14.73 45.70 20.58
N GLY J 510 13.98 46.63 20.01
CA GLY J 510 12.55 46.67 20.27
C GLY J 510 11.86 45.38 19.89
N VAL J 511 12.06 44.95 18.63
CA VAL J 511 11.34 43.78 18.15
C VAL J 511 11.77 42.52 18.90
N ALA J 512 13.08 42.36 19.12
CA ALA J 512 13.55 41.16 19.81
C ALA J 512 13.09 41.12 21.25
N SER J 513 13.10 42.27 21.94
CA SER J 513 12.64 42.31 23.32
C SER J 513 11.15 42.01 23.40
N LEU J 514 10.37 42.50 22.45
CA LEU J 514 8.96 42.11 22.41
C LEU J 514 8.80 40.61 22.17
N LEU J 515 9.68 40.04 21.34
CA LEU J 515 9.62 38.61 21.07
C LEU J 515 9.90 37.79 22.33
N THR J 516 10.88 38.21 23.13
CA THR J 516 11.31 37.39 24.26
C THR J 516 10.24 37.26 25.34
N THR J 517 9.19 38.09 25.28
CA THR J 517 8.11 37.99 26.26
C THR J 517 7.14 36.86 25.96
N ALA J 518 7.45 36.00 25.00
CA ALA J 518 6.50 34.97 24.56
C ALA J 518 6.36 33.86 25.58
N GLU J 519 5.14 33.32 25.70
CA GLU J 519 4.88 32.10 26.44
C GLU J 519 4.03 31.10 25.66
N VAL J 520 3.14 31.56 24.80
CA VAL J 520 2.23 30.72 24.03
C VAL J 520 2.27 31.16 22.58
N VAL J 521 2.27 30.21 21.66
CA VAL J 521 2.25 30.50 20.23
C VAL J 521 1.09 29.76 19.59
N VAL J 522 0.25 30.48 18.87
CA VAL J 522 -0.92 29.92 18.19
C VAL J 522 -0.70 30.06 16.69
N THR J 523 -0.77 28.93 15.97
CA THR J 523 -0.55 28.90 14.54
C THR J 523 -1.71 28.19 13.86
N GLU J 524 -1.82 28.36 12.55
CA GLU J 524 -2.82 27.64 11.78
C GLU J 524 -2.37 26.22 11.50
N ILE J 525 -3.34 25.33 11.36
CA ILE J 525 -3.02 23.92 11.06
C ILE J 525 -2.55 23.81 9.62
N PRO J 526 -1.43 23.15 9.35
CA PRO J 526 -0.91 23.09 7.97
C PRO J 526 -1.74 22.18 7.07
N LYS J 527 -2.87 22.69 6.59
CA LYS J 527 -3.74 21.92 5.71
C LYS J 527 -3.11 21.76 4.33
N GLY K 1 -29.43 17.51 8.14
CA GLY K 1 -29.06 16.89 6.88
C GLY K 1 -27.77 16.08 6.96
N SER K 2 -26.68 16.74 7.31
CA SER K 2 -25.39 16.07 7.42
C SER K 2 -25.40 15.09 8.58
N ALA K 3 -24.60 14.04 8.44
CA ALA K 3 -24.51 13.02 9.47
C ALA K 3 -23.97 13.61 10.77
N LYS K 4 -24.51 13.15 11.89
CA LYS K 4 -24.17 13.67 13.20
C LYS K 4 -23.58 12.57 14.08
N ASP K 5 -22.65 12.98 14.94
CA ASP K 5 -22.08 12.12 15.97
C ASP K 5 -22.62 12.57 17.32
N VAL K 6 -23.12 11.62 18.10
CA VAL K 6 -23.79 11.89 19.37
C VAL K 6 -22.97 11.23 20.47
N LYS K 7 -22.63 12.01 21.49
CA LYS K 7 -21.87 11.52 22.63
C LYS K 7 -22.65 11.77 23.92
N PHE K 8 -22.58 10.80 24.83
CA PHE K 8 -23.41 10.78 26.03
C PHE K 8 -22.53 10.84 27.27
N GLY K 9 -23.08 11.40 28.34
CA GLY K 9 -22.50 11.28 29.66
C GLY K 9 -21.17 11.98 29.89
N ALA K 10 -20.31 11.35 30.69
CA ALA K 10 -19.08 11.98 31.15
C ALA K 10 -18.00 12.06 30.09
N ASP K 11 -18.11 11.30 29.01
CA ASP K 11 -17.10 11.35 27.96
C ASP K 11 -17.14 12.69 27.22
N ALA K 12 -18.34 13.12 26.82
CA ALA K 12 -18.49 14.41 26.17
C ALA K 12 -18.11 15.54 27.12
N ARG K 13 -18.47 15.41 28.39
CA ARG K 13 -18.09 16.41 29.38
C ARG K 13 -16.58 16.49 29.50
N ALA K 14 -15.90 15.35 29.51
CA ALA K 14 -14.45 15.33 29.60
C ALA K 14 -13.81 15.99 28.39
N LEU K 15 -14.34 15.70 27.20
CA LEU K 15 -13.78 16.31 25.99
C LEU K 15 -13.97 17.83 25.98
N MET K 16 -15.18 18.29 26.34
CA MET K 16 -15.42 19.72 26.39
C MET K 16 -14.58 20.39 27.47
N LEU K 17 -14.38 19.70 28.60
CA LEU K 17 -13.50 20.23 29.64
C LEU K 17 -12.06 20.31 29.17
N GLN K 18 -11.61 19.34 28.36
CA GLN K 18 -10.27 19.42 27.79
C GLN K 18 -10.14 20.64 26.88
N GLY K 19 -11.15 20.89 26.04
CA GLY K 19 -11.09 22.08 25.19
C GLY K 19 -11.08 23.37 26.00
N VAL K 20 -11.95 23.44 27.01
CA VAL K 20 -12.01 24.62 27.88
C VAL K 20 -10.68 24.81 28.59
N ASP K 21 -10.10 23.72 29.09
CA ASP K 21 -8.82 23.80 29.79
C ASP K 21 -7.72 24.28 28.86
N LEU K 22 -7.70 23.80 27.62
CA LEU K 22 -6.68 24.26 26.67
C LEU K 22 -6.81 25.77 26.43
N LEU K 23 -8.03 26.24 26.12
CA LEU K 23 -8.19 27.66 25.84
C LEU K 23 -7.87 28.50 27.06
N ALA K 24 -8.32 28.09 28.24
CA ALA K 24 -8.09 28.86 29.44
C ALA K 24 -6.62 28.85 29.86
N ASP K 25 -5.92 27.73 29.64
CA ASP K 25 -4.49 27.68 29.93
C ASP K 25 -3.72 28.60 28.99
N ALA K 26 -4.13 28.67 27.72
CA ALA K 26 -3.52 29.62 26.82
C ALA K 26 -3.78 31.06 27.26
N VAL K 27 -5.00 31.35 27.71
CA VAL K 27 -5.36 32.72 28.06
C VAL K 27 -4.70 33.15 29.37
N ALA K 28 -4.65 32.25 30.36
CA ALA K 28 -4.30 32.64 31.73
C ALA K 28 -2.82 32.96 31.91
N VAL K 29 -1.96 32.66 30.94
CA VAL K 29 -0.56 33.02 31.05
C VAL K 29 -0.32 34.52 30.90
N THR K 30 -1.37 35.28 30.59
CA THR K 30 -1.28 36.72 30.36
C THR K 30 -1.98 37.52 31.45
N MET K 31 -2.22 36.94 32.62
CA MET K 31 -2.99 37.57 33.67
C MET K 31 -2.08 38.12 34.76
N GLY K 32 -2.32 39.37 35.14
CA GLY K 32 -1.57 40.00 36.21
C GLY K 32 -0.41 40.83 35.71
N PRO K 33 0.29 41.48 36.63
CA PRO K 33 1.46 42.28 36.21
C PRO K 33 2.60 41.45 35.67
N LYS K 34 2.87 40.29 36.27
CA LYS K 34 3.90 39.38 35.78
C LYS K 34 3.35 38.35 34.81
N GLY K 35 2.63 38.78 33.79
CA GLY K 35 2.08 37.90 32.78
C GLY K 35 2.84 38.06 31.48
N ARG K 36 2.99 36.96 30.76
CA ARG K 36 3.68 36.95 29.49
C ARG K 36 2.71 37.26 28.35
N THR K 37 3.21 37.25 27.13
CA THR K 37 2.43 37.55 25.94
C THR K 37 2.25 36.30 25.09
N VAL K 38 1.38 36.41 24.10
CA VAL K 38 1.05 35.33 23.18
C VAL K 38 1.22 35.83 21.76
N ILE K 39 1.92 35.05 20.94
CA ILE K 39 2.06 35.35 19.52
C ILE K 39 1.05 34.51 18.74
N ILE K 40 0.23 35.20 17.95
CA ILE K 40 -0.76 34.57 17.09
C ILE K 40 -0.33 34.82 15.65
N GLU K 41 -0.17 33.75 14.89
CA GLU K 41 0.20 33.89 13.49
C GLU K 41 -0.92 34.55 12.70
N GLN K 42 -0.57 35.57 11.93
CA GLN K 42 -1.51 36.26 11.06
C GLN K 42 -1.33 35.74 9.64
N SER K 43 -2.46 35.44 8.99
CA SER K 43 -2.41 34.82 7.66
C SER K 43 -1.78 35.75 6.63
N TRP K 44 -2.11 37.04 6.67
CA TRP K 44 -1.73 37.95 5.61
C TRP K 44 -0.42 38.70 5.87
N GLY K 45 0.16 38.60 7.05
CA GLY K 45 1.36 39.36 7.34
C GLY K 45 2.09 38.91 8.57
N SER K 46 2.70 39.88 9.24
CA SER K 46 3.52 39.60 10.41
C SER K 46 2.64 39.10 11.56
N PRO K 47 3.17 38.25 12.43
CA PRO K 47 2.37 37.77 13.57
C PRO K 47 2.02 38.90 14.53
N LYS K 48 1.04 38.63 15.38
CA LYS K 48 0.54 39.61 16.34
C LYS K 48 0.90 39.16 17.75
N VAL K 49 1.54 40.03 18.51
CA VAL K 49 1.89 39.74 19.90
C VAL K 49 0.93 40.50 20.80
N THR K 50 0.22 39.78 21.66
CA THR K 50 -0.82 40.39 22.47
C THR K 50 -0.81 39.83 23.88
N LYS K 51 -1.22 40.66 24.84
CA LYS K 51 -1.47 40.25 26.21
C LYS K 51 -2.95 40.29 26.56
N ASP K 52 -3.82 40.41 25.56
CA ASP K 52 -5.25 40.55 25.80
C ASP K 52 -5.92 39.18 25.87
N GLY K 53 -6.78 39.00 26.87
CA GLY K 53 -7.45 37.73 27.03
C GLY K 53 -8.41 37.41 25.89
N VAL K 54 -9.22 38.39 25.48
CA VAL K 54 -10.22 38.14 24.44
C VAL K 54 -9.54 37.91 23.09
N THR K 55 -8.45 38.64 22.83
CA THR K 55 -7.73 38.45 21.57
C THR K 55 -7.13 37.06 21.48
N VAL K 56 -6.56 36.56 22.57
CA VAL K 56 -6.02 35.19 22.57
C VAL K 56 -7.15 34.18 22.46
N ALA K 57 -8.25 34.40 23.18
CA ALA K 57 -9.35 33.45 23.17
C ALA K 57 -9.98 33.32 21.79
N LYS K 58 -10.25 34.45 21.14
CA LYS K 58 -10.91 34.43 19.84
C LYS K 58 -10.05 33.84 18.74
N SER K 59 -8.75 33.68 18.97
CA SER K 59 -7.83 33.18 17.96
C SER K 59 -7.58 31.69 18.06
N ILE K 60 -8.23 31.00 18.99
CA ILE K 60 -8.00 29.57 19.22
C ILE K 60 -9.24 28.82 18.75
N ASP K 61 -9.06 27.99 17.72
CA ASP K 61 -10.10 27.11 17.20
C ASP K 61 -9.52 25.70 17.11
N LEU K 62 -10.24 24.73 17.66
CA LEU K 62 -9.75 23.37 17.78
C LEU K 62 -10.37 22.46 16.73
N LYS K 63 -9.62 21.45 16.32
CA LYS K 63 -10.11 20.52 15.32
C LYS K 63 -11.18 19.59 15.89
N ASP K 64 -10.95 19.07 17.09
CA ASP K 64 -11.93 18.19 17.72
C ASP K 64 -13.22 18.94 17.99
N LYS K 65 -14.34 18.32 17.64
CA LYS K 65 -15.63 19.01 17.66
C LYS K 65 -16.04 19.38 19.09
N TYR K 66 -15.86 18.46 20.04
CA TYR K 66 -16.30 18.73 21.41
C TYR K 66 -15.38 19.71 22.12
N LYS K 67 -14.07 19.54 21.93
CA LYS K 67 -13.12 20.53 22.45
C LYS K 67 -13.39 21.89 21.82
N ASN K 68 -13.75 21.91 20.53
CA ASN K 68 -14.08 23.18 19.89
C ASN K 68 -15.36 23.77 20.46
N ILE K 69 -16.33 22.93 20.86
CA ILE K 69 -17.54 23.45 21.48
C ILE K 69 -17.21 24.13 22.81
N GLY K 70 -16.39 23.48 23.62
CA GLY K 70 -15.96 24.10 24.87
C GLY K 70 -15.18 25.39 24.64
N ALA K 71 -14.27 25.37 23.67
CA ALA K 71 -13.51 26.57 23.35
C ALA K 71 -14.42 27.69 22.87
N LYS K 72 -15.44 27.36 22.08
CA LYS K 72 -16.38 28.36 21.60
C LYS K 72 -17.17 28.97 22.75
N LEU K 73 -17.55 28.16 23.73
CA LEU K 73 -18.25 28.70 24.89
C LEU K 73 -17.35 29.65 25.69
N VAL K 74 -16.08 29.28 25.87
CA VAL K 74 -15.17 30.18 26.58
C VAL K 74 -14.94 31.45 25.76
N GLN K 75 -14.89 31.33 24.43
CA GLN K 75 -14.79 32.51 23.58
C GLN K 75 -16.00 33.41 23.74
N ASP K 76 -17.19 32.81 23.88
CA ASP K 76 -18.39 33.60 24.15
C ASP K 76 -18.25 34.36 25.46
N VAL K 77 -17.73 33.69 26.49
CA VAL K 77 -17.51 34.36 27.77
C VAL K 77 -16.60 35.57 27.59
N ALA K 78 -15.46 35.36 26.92
CA ALA K 78 -14.47 36.43 26.77
C ALA K 78 -15.04 37.57 25.92
N ASN K 79 -15.76 37.24 24.84
CA ASN K 79 -16.30 38.27 23.97
C ASN K 79 -17.39 39.08 24.67
N ASN K 80 -18.26 38.43 25.44
CA ASN K 80 -19.27 39.17 26.18
C ASN K 80 -18.62 40.09 27.21
N THR K 81 -17.60 39.60 27.92
CA THR K 81 -16.91 40.45 28.89
C THR K 81 -16.25 41.63 28.21
N ASN K 82 -15.63 41.40 27.05
CA ASN K 82 -15.00 42.49 26.31
C ASN K 82 -16.02 43.51 25.82
N GLU K 83 -17.18 43.06 25.35
CA GLU K 83 -18.18 43.98 24.82
C GLU K 83 -18.86 44.79 25.91
N GLU K 84 -19.21 44.18 27.04
CA GLU K 84 -19.94 44.87 28.08
C GLU K 84 -19.04 45.67 29.03
N ALA K 85 -17.73 45.43 29.02
CA ALA K 85 -16.85 46.19 29.92
C ALA K 85 -15.67 46.81 29.20
N GLY K 86 -15.07 46.08 28.25
CA GLY K 86 -13.86 46.49 27.59
C GLY K 86 -12.60 45.98 28.26
N ASP K 87 -12.73 45.41 29.46
CA ASP K 87 -11.60 44.90 30.22
C ASP K 87 -12.08 43.76 31.10
N GLY K 88 -11.13 42.97 31.62
CA GLY K 88 -11.44 41.85 32.47
C GLY K 88 -11.70 40.54 31.76
N THR K 89 -11.25 40.39 30.51
CA THR K 89 -11.55 39.19 29.76
C THR K 89 -10.81 37.97 30.31
N THR K 90 -9.55 38.15 30.72
CA THR K 90 -8.79 37.03 31.27
C THR K 90 -9.39 36.54 32.58
N THR K 91 -9.82 37.47 33.44
CA THR K 91 -10.49 37.09 34.68
C THR K 91 -11.76 36.32 34.41
N ALA K 92 -12.56 36.78 33.45
CA ALA K 92 -13.77 36.05 33.08
C ALA K 92 -13.46 34.67 32.54
N THR K 93 -12.41 34.56 31.73
CA THR K 93 -12.03 33.25 31.18
C THR K 93 -11.63 32.28 32.28
N VAL K 94 -10.80 32.72 33.22
CA VAL K 94 -10.36 31.81 34.28
C VAL K 94 -11.51 31.46 35.20
N LEU K 95 -12.40 32.43 35.50
CA LEU K 95 -13.56 32.13 36.32
C LEU K 95 -14.49 31.15 35.65
N ALA K 96 -14.71 31.31 34.34
CA ALA K 96 -15.57 30.38 33.60
C ALA K 96 -14.97 28.99 33.60
N ARG K 97 -13.66 28.88 33.37
CA ARG K 97 -13.02 27.57 33.40
C ARG K 97 -13.16 26.90 34.75
N SER K 98 -12.95 27.66 35.83
CA SER K 98 -13.05 27.10 37.17
C SER K 98 -14.48 26.63 37.45
N ILE K 99 -15.47 27.46 37.13
CA ILE K 99 -16.85 27.08 37.39
C ILE K 99 -17.24 25.86 36.59
N ALA K 100 -16.83 25.81 35.32
CA ALA K 100 -17.13 24.64 34.49
C ALA K 100 -16.48 23.39 35.06
N LYS K 101 -15.23 23.48 35.52
CA LYS K 101 -14.55 22.32 36.06
C LYS K 101 -15.24 21.81 37.33
N GLU K 102 -15.54 22.71 38.28
CA GLU K 102 -16.20 22.26 39.51
C GLU K 102 -17.59 21.73 39.23
N GLY K 103 -18.32 22.33 38.28
CA GLY K 103 -19.63 21.83 37.95
C GLY K 103 -19.58 20.46 37.30
N PHE K 104 -18.60 20.24 36.44
CA PHE K 104 -18.44 18.92 35.82
C PHE K 104 -18.07 17.86 36.84
N GLU K 105 -17.19 18.19 37.77
CA GLU K 105 -16.72 17.20 38.74
C GLU K 105 -17.77 16.85 39.79
N LYS K 106 -18.83 17.64 39.93
CA LYS K 106 -19.84 17.41 40.96
C LYS K 106 -21.12 16.81 40.40
N ILE K 107 -21.10 16.23 39.20
CA ILE K 107 -22.28 15.67 38.57
C ILE K 107 -22.35 14.18 38.91
N SER K 108 -23.47 13.75 39.48
CA SER K 108 -23.71 12.35 39.82
C SER K 108 -25.06 11.94 39.26
N LYS K 109 -25.45 10.69 39.54
CA LYS K 109 -26.74 10.18 39.08
C LYS K 109 -27.89 10.93 39.75
N GLY K 110 -27.78 11.18 41.05
CA GLY K 110 -28.82 11.87 41.78
C GLY K 110 -28.73 13.38 41.80
N ALA K 111 -27.61 13.94 41.36
CA ALA K 111 -27.45 15.38 41.33
C ALA K 111 -28.33 16.00 40.25
N ASN K 112 -28.79 17.22 40.51
CA ASN K 112 -29.60 17.97 39.57
C ASN K 112 -28.83 19.21 39.12
N PRO K 113 -28.20 19.19 37.94
CA PRO K 113 -27.39 20.35 37.53
C PRO K 113 -28.19 21.63 37.33
N VAL K 114 -29.50 21.54 37.09
CA VAL K 114 -30.30 22.75 36.95
C VAL K 114 -30.41 23.49 38.27
N GLU K 115 -30.65 22.77 39.36
CA GLU K 115 -30.69 23.41 40.67
C GLU K 115 -29.31 23.87 41.11
N ILE K 116 -28.25 23.16 40.68
CA ILE K 116 -26.89 23.65 40.93
C ILE K 116 -26.68 24.97 40.22
N ARG K 117 -27.15 25.09 38.98
CA ARG K 117 -27.06 26.35 38.26
C ARG K 117 -27.85 27.46 38.97
N ARG K 118 -29.03 27.11 39.48
CA ARG K 118 -29.83 28.09 40.23
C ARG K 118 -29.07 28.59 41.46
N GLY K 119 -28.45 27.66 42.20
CA GLY K 119 -27.66 28.06 43.35
C GLY K 119 -26.46 28.90 42.96
N VAL K 120 -25.86 28.60 41.81
CA VAL K 120 -24.75 29.41 41.30
C VAL K 120 -25.22 30.83 41.03
N MET K 121 -26.38 30.98 40.40
CA MET K 121 -26.91 32.32 40.13
C MET K 121 -27.21 33.08 41.42
N LEU K 122 -27.78 32.39 42.41
CA LEU K 122 -28.02 33.04 43.70
C LEU K 122 -26.72 33.51 44.34
N ALA K 123 -25.70 32.64 44.34
CA ALA K 123 -24.42 33.00 44.94
C ALA K 123 -23.78 34.18 44.21
N VAL K 124 -23.89 34.19 42.87
CA VAL K 124 -23.31 35.29 42.09
C VAL K 124 -24.05 36.59 42.35
N ASP K 125 -25.37 36.53 42.49
CA ASP K 125 -26.12 37.73 42.85
C ASP K 125 -25.69 38.26 44.21
N ALA K 126 -25.49 37.37 45.18
CA ALA K 126 -25.01 37.79 46.50
C ALA K 126 -23.63 38.43 46.42
N VAL K 127 -22.73 37.84 45.62
CA VAL K 127 -21.39 38.39 45.49
C VAL K 127 -21.43 39.76 44.81
N ILE K 128 -22.29 39.91 43.81
CA ILE K 128 -22.43 41.19 43.13
C ILE K 128 -22.96 42.26 44.09
N ALA K 129 -23.92 41.89 44.93
CA ALA K 129 -24.42 42.82 45.94
C ALA K 129 -23.31 43.23 46.90
N GLU K 130 -22.49 42.26 47.32
CA GLU K 130 -21.37 42.58 48.20
C GLU K 130 -20.37 43.51 47.52
N LEU K 131 -20.08 43.27 46.24
CA LEU K 131 -19.15 44.14 45.51
C LEU K 131 -19.70 45.56 45.40
N LYS K 132 -21.00 45.69 45.13
CA LYS K 132 -21.60 47.02 45.12
C LYS K 132 -21.55 47.67 46.49
N LYS K 133 -21.66 46.87 47.54
CA LYS K 133 -21.55 47.41 48.90
C LYS K 133 -20.13 47.88 49.21
N GLN K 134 -19.12 47.24 48.60
CA GLN K 134 -17.73 47.54 48.90
C GLN K 134 -17.11 48.59 47.97
N SER K 135 -17.88 49.15 47.04
CA SER K 135 -17.34 50.10 46.09
C SER K 135 -17.19 51.48 46.72
N LYS K 136 -16.28 52.28 46.14
CA LYS K 136 -16.08 53.67 46.53
C LYS K 136 -15.91 54.49 45.26
N PRO K 137 -16.58 55.63 45.13
CA PRO K 137 -16.52 56.40 43.89
C PRO K 137 -15.15 57.05 43.70
N VAL K 138 -14.86 57.39 42.44
CA VAL K 138 -13.63 58.09 42.09
C VAL K 138 -13.86 59.58 42.37
N THR K 139 -13.00 60.16 43.20
CA THR K 139 -13.13 61.56 43.58
C THR K 139 -11.93 62.41 43.18
N THR K 140 -10.78 61.79 42.91
CA THR K 140 -9.57 62.53 42.59
C THR K 140 -8.97 62.05 41.27
N PRO K 141 -8.31 62.94 40.52
CA PRO K 141 -7.64 62.49 39.29
C PRO K 141 -6.53 61.50 39.53
N GLU K 142 -5.94 61.50 40.73
CA GLU K 142 -4.89 60.52 41.03
C GLU K 142 -5.45 59.11 41.02
N GLU K 143 -6.70 58.93 41.43
CA GLU K 143 -7.35 57.62 41.32
C GLU K 143 -7.50 57.22 39.86
N ILE K 144 -7.84 58.17 38.99
CA ILE K 144 -7.92 57.88 37.57
C ILE K 144 -6.56 57.44 37.03
N ALA K 145 -5.50 58.13 37.45
CA ALA K 145 -4.15 57.75 37.02
C ALA K 145 -3.80 56.35 37.51
N GLN K 146 -4.14 56.04 38.77
CA GLN K 146 -3.84 54.72 39.31
C GLN K 146 -4.59 53.63 38.55
N VAL K 147 -5.87 53.87 38.25
CA VAL K 147 -6.66 52.89 37.53
C VAL K 147 -6.09 52.67 36.13
N ALA K 148 -5.74 53.75 35.43
CA ALA K 148 -5.19 53.62 34.09
C ALA K 148 -3.84 52.89 34.12
N THR K 149 -3.01 53.20 35.11
CA THR K 149 -1.71 52.53 35.23
C THR K 149 -1.89 51.05 35.50
N ILE K 150 -2.81 50.69 36.40
CA ILE K 150 -3.05 49.29 36.72
C ILE K 150 -3.57 48.54 35.51
N SER K 151 -4.50 49.15 34.78
CA SER K 151 -5.07 48.50 33.60
C SER K 151 -4.15 48.53 32.39
N ALA K 152 -3.07 49.31 32.44
CA ALA K 152 -2.09 49.37 31.35
C ALA K 152 -0.82 48.59 31.69
N ASN K 153 -0.96 47.54 32.51
CA ASN K 153 0.16 46.70 32.93
C ASN K 153 1.25 47.53 33.62
N GLY K 154 0.81 48.40 34.52
CA GLY K 154 1.74 49.18 35.32
C GLY K 154 2.59 50.15 34.53
N ASP K 155 2.02 50.81 33.53
CA ASP K 155 2.75 51.80 32.75
C ASP K 155 2.38 53.19 33.26
N LYS K 156 3.35 53.88 33.85
CA LYS K 156 3.10 55.19 34.44
C LYS K 156 2.74 56.22 33.36
N GLU K 157 3.43 56.17 32.22
CA GLU K 157 3.22 57.18 31.19
C GLU K 157 1.83 57.09 30.57
N ILE K 158 1.30 55.88 30.39
CA ILE K 158 -0.05 55.73 29.85
C ILE K 158 -1.07 56.33 30.81
N GLY K 159 -0.92 56.04 32.10
CA GLY K 159 -1.82 56.62 33.08
C GLY K 159 -1.73 58.13 33.13
N ASN K 160 -0.52 58.67 33.05
CA ASN K 160 -0.35 60.11 33.03
C ASN K 160 -1.01 60.74 31.81
N ILE K 161 -0.84 60.12 30.64
CA ILE K 161 -1.45 60.63 29.42
C ILE K 161 -2.97 60.61 29.52
N ILE K 162 -3.53 59.52 30.04
CA ILE K 162 -4.98 59.42 30.14
C ILE K 162 -5.52 60.40 31.16
N SER K 163 -4.80 60.61 32.26
CA SER K 163 -5.20 61.62 33.23
C SER K 163 -5.16 63.02 32.63
N ASP K 164 -4.13 63.32 31.84
CA ASP K 164 -4.06 64.60 31.16
C ASP K 164 -5.23 64.77 30.19
N ALA K 165 -5.56 63.72 29.45
CA ALA K 165 -6.69 63.79 28.53
C ALA K 165 -8.00 64.05 29.27
N MET K 166 -8.22 63.35 30.39
CA MET K 166 -9.43 63.56 31.17
C MET K 166 -9.47 64.95 31.80
N LYS K 167 -8.32 65.50 32.21
CA LYS K 167 -8.30 66.87 32.69
C LYS K 167 -8.63 67.86 31.58
N LYS K 168 -8.12 67.62 30.36
CA LYS K 168 -8.29 68.58 29.28
C LYS K 168 -9.71 68.57 28.73
N VAL K 169 -10.24 67.38 28.43
CA VAL K 169 -11.53 67.27 27.74
C VAL K 169 -12.66 66.88 28.68
N GLY K 170 -12.41 66.79 29.98
CA GLY K 170 -13.43 66.37 30.92
C GLY K 170 -13.44 64.87 31.14
N ARG K 171 -14.12 64.46 32.20
CA ARG K 171 -14.18 63.04 32.54
C ARG K 171 -14.99 62.26 31.51
N LYS K 172 -16.02 62.88 30.94
CA LYS K 172 -16.88 62.24 29.96
C LYS K 172 -16.54 62.64 28.53
N GLY K 173 -15.39 63.28 28.31
CA GLY K 173 -15.03 63.73 26.98
C GLY K 173 -14.71 62.58 26.05
N VAL K 174 -14.75 62.86 24.75
CA VAL K 174 -14.46 61.84 23.75
C VAL K 174 -12.96 61.67 23.60
N ILE K 175 -12.48 60.44 23.80
CA ILE K 175 -11.06 60.12 23.72
C ILE K 175 -10.91 58.89 22.83
N THR K 176 -9.96 58.94 21.90
CA THR K 176 -9.72 57.85 20.97
C THR K 176 -8.21 57.62 20.83
N VAL K 177 -7.87 56.43 20.35
CA VAL K 177 -6.49 56.00 20.18
C VAL K 177 -6.22 55.80 18.70
N LYS K 178 -5.13 56.39 18.21
CA LYS K 178 -4.71 56.23 16.82
C LYS K 178 -3.22 55.98 16.81
N ASP K 179 -2.74 55.15 15.88
CA ASP K 179 -1.34 54.78 15.88
C ASP K 179 -0.47 55.99 15.54
N GLY K 180 0.68 56.10 16.22
CA GLY K 180 1.56 57.21 16.00
C GLY K 180 2.68 56.90 15.03
N LYS K 181 3.21 57.96 14.43
CA LYS K 181 4.32 57.86 13.50
C LYS K 181 5.65 58.24 14.14
N THR K 182 5.67 58.43 15.46
CA THR K 182 6.86 58.83 16.20
C THR K 182 7.19 57.78 17.26
N LEU K 183 8.31 58.00 17.95
CA LEU K 183 8.80 57.02 18.92
C LEU K 183 8.03 57.04 20.23
N ASN K 184 7.39 58.16 20.57
CA ASN K 184 6.76 58.34 21.87
C ASN K 184 5.28 58.66 21.72
N ASP K 185 4.54 58.41 22.79
CA ASP K 185 3.12 58.71 22.83
C ASP K 185 2.90 60.21 22.98
N GLU K 186 1.86 60.72 22.33
CA GLU K 186 1.55 62.14 22.41
C GLU K 186 0.03 62.33 22.46
N LEU K 187 -0.36 63.51 22.93
CA LEU K 187 -1.77 63.85 23.14
C LEU K 187 -2.13 65.08 22.32
N GLU K 188 -3.28 65.03 21.66
CA GLU K 188 -3.77 66.17 20.89
C GLU K 188 -5.23 66.44 21.25
N ILE K 189 -5.63 67.70 21.12
CA ILE K 189 -7.00 68.10 21.39
C ILE K 189 -7.67 68.62 20.12
N ALA K 378 -10.22 64.19 22.54
CA ALA K 378 -8.78 63.99 22.63
C ALA K 378 -8.34 62.82 21.76
N VAL K 379 -7.13 62.93 21.20
CA VAL K 379 -6.56 61.90 20.34
C VAL K 379 -5.21 61.50 20.90
N LEU K 380 -4.99 60.19 21.06
CA LEU K 380 -3.75 59.64 21.58
C LEU K 380 -2.98 59.02 20.41
N LYS K 381 -1.72 59.40 20.27
CA LYS K 381 -0.82 58.79 19.30
C LYS K 381 0.15 57.89 20.05
N VAL K 382 0.22 56.63 19.63
CA VAL K 382 1.01 55.61 20.33
C VAL K 382 2.38 55.51 19.67
N GLY K 383 3.43 55.62 20.48
CA GLY K 383 4.79 55.52 19.98
C GLY K 383 5.26 54.08 19.85
N GLY K 384 6.37 53.92 19.15
CA GLY K 384 6.95 52.60 18.95
C GLY K 384 7.88 52.62 17.75
N THR K 385 8.45 51.44 17.50
CA THR K 385 9.37 51.24 16.38
C THR K 385 8.78 50.40 15.26
N SER K 386 8.09 49.32 15.58
CA SER K 386 7.46 48.46 14.59
C SER K 386 5.96 48.36 14.87
N ASP K 387 5.25 47.74 13.93
CA ASP K 387 3.79 47.66 14.05
C ASP K 387 3.35 46.76 15.19
N VAL K 388 4.12 45.71 15.49
CA VAL K 388 3.75 44.81 16.57
C VAL K 388 3.76 45.54 17.91
N GLU K 389 4.80 46.35 18.15
CA GLU K 389 4.89 47.08 19.41
C GLU K 389 3.76 48.08 19.54
N VAL K 390 3.47 48.84 18.48
CA VAL K 390 2.42 49.84 18.57
C VAL K 390 1.06 49.17 18.71
N ASN K 391 0.89 47.98 18.13
CA ASN K 391 -0.38 47.27 18.30
C ASN K 391 -0.56 46.79 19.74
N GLU K 392 0.50 46.24 20.34
CA GLU K 392 0.42 45.81 21.73
C GLU K 392 0.16 47.00 22.66
N LYS K 393 0.89 48.10 22.44
CA LYS K 393 0.68 49.29 23.26
C LYS K 393 -0.70 49.88 23.05
N LYS K 394 -1.22 49.85 21.82
CA LYS K 394 -2.57 50.33 21.56
C LYS K 394 -3.60 49.49 22.28
N ASP K 395 -3.41 48.16 22.29
CA ASP K 395 -4.32 47.30 23.04
C ASP K 395 -4.31 47.63 24.52
N ARG K 396 -3.12 47.83 25.09
CA ARG K 396 -3.04 48.21 26.50
C ARG K 396 -3.65 49.58 26.79
N VAL K 397 -3.45 50.56 25.89
CA VAL K 397 -4.05 51.87 26.08
C VAL K 397 -5.57 51.80 25.99
N THR K 398 -6.09 51.03 25.05
CA THR K 398 -7.53 50.85 24.94
C THR K 398 -8.10 50.18 26.19
N ASP K 399 -7.38 49.19 26.71
CA ASP K 399 -7.80 48.56 27.96
C ASP K 399 -7.83 49.57 29.09
N ALA K 400 -6.79 50.40 29.20
CA ALA K 400 -6.73 51.40 30.26
C ALA K 400 -7.86 52.42 30.13
N LEU K 401 -8.16 52.88 28.91
CA LEU K 401 -9.24 53.83 28.71
C LEU K 401 -10.60 53.23 29.04
N ASN K 402 -10.85 51.99 28.61
CA ASN K 402 -12.11 51.35 28.95
C ASN K 402 -12.24 51.14 30.45
N ALA K 403 -11.15 50.75 31.11
CA ALA K 403 -11.19 50.52 32.54
C ALA K 403 -11.42 51.82 33.30
N THR K 404 -10.78 52.91 32.89
CA THR K 404 -11.00 54.17 33.59
C THR K 404 -12.39 54.75 33.31
N ARG K 405 -12.94 54.49 32.11
CA ARG K 405 -14.33 54.87 31.85
C ARG K 405 -15.28 54.10 32.75
N ALA K 406 -15.04 52.81 32.94
CA ALA K 406 -15.84 52.03 33.88
C ALA K 406 -15.65 52.52 35.31
N ALA K 407 -14.42 52.90 35.68
CA ALA K 407 -14.13 53.33 37.03
C ALA K 407 -14.76 54.68 37.34
N VAL K 408 -14.92 55.54 36.34
CA VAL K 408 -15.63 56.79 36.57
C VAL K 408 -17.14 56.61 36.46
N GLU K 409 -17.60 55.63 35.69
CA GLU K 409 -19.03 55.34 35.59
C GLU K 409 -19.56 54.62 36.82
N GLU K 410 -18.68 53.99 37.61
CA GLU K 410 -19.10 53.18 38.74
C GLU K 410 -18.07 53.38 39.86
N GLY K 411 -18.09 52.49 40.85
CA GLY K 411 -17.19 52.59 41.98
C GLY K 411 -15.83 51.97 41.71
N ILE K 412 -15.06 51.85 42.80
CA ILE K 412 -13.71 51.29 42.76
C ILE K 412 -13.57 50.29 43.89
N VAL K 413 -13.00 49.12 43.57
CA VAL K 413 -12.73 48.08 44.55
C VAL K 413 -11.24 47.76 44.53
N LEU K 414 -10.82 46.91 45.46
CA LEU K 414 -9.41 46.53 45.54
C LEU K 414 -9.01 45.69 44.33
N GLY K 415 -7.73 45.79 43.96
CA GLY K 415 -7.20 45.03 42.85
C GLY K 415 -6.67 43.68 43.26
N GLY K 416 -5.97 43.04 42.34
CA GLY K 416 -5.32 41.77 42.60
C GLY K 416 -6.25 40.61 42.85
N GLY K 417 -7.55 40.77 42.60
CA GLY K 417 -8.51 39.73 42.93
C GLY K 417 -8.94 39.72 44.38
N CYS K 418 -8.46 40.66 45.20
CA CYS K 418 -8.84 40.70 46.60
C CYS K 418 -10.29 41.11 46.80
N ALA K 419 -10.82 41.96 45.91
CA ALA K 419 -12.21 42.36 46.00
C ALA K 419 -13.15 41.16 45.89
N LEU K 420 -12.83 40.24 44.97
CA LEU K 420 -13.62 39.03 44.86
C LEU K 420 -13.38 38.07 46.03
N LEU K 421 -12.20 38.16 46.66
CA LEU K 421 -11.93 37.34 47.83
C LEU K 421 -12.73 37.80 49.05
N ARG K 422 -12.98 39.12 49.16
CA ARG K 422 -13.68 39.64 50.32
C ARG K 422 -15.16 39.28 50.35
N CYS K 423 -15.71 38.70 49.29
CA CYS K 423 -17.13 38.38 49.21
C CYS K 423 -17.44 36.97 49.68
N ILE K 424 -16.45 36.20 50.14
CA ILE K 424 -16.73 34.85 50.63
C ILE K 424 -17.63 34.86 51.87
N PRO K 425 -17.44 35.74 52.86
CA PRO K 425 -18.40 35.77 53.98
C PRO K 425 -19.83 36.01 53.57
N ALA K 426 -20.06 36.78 52.50
CA ALA K 426 -21.41 36.97 51.99
C ALA K 426 -22.02 35.64 51.57
N LEU K 427 -21.21 34.76 50.96
CA LEU K 427 -21.69 33.44 50.62
C LEU K 427 -21.86 32.56 51.86
N ASP K 428 -21.01 32.76 52.87
CA ASP K 428 -21.16 32.02 54.12
C ASP K 428 -22.50 32.35 54.80
N SER K 429 -22.93 33.61 54.69
CA SER K 429 -24.19 34.01 55.30
C SER K 429 -25.38 33.33 54.64
N LEU K 430 -25.32 33.13 53.32
CA LEU K 430 -26.44 32.58 52.58
C LEU K 430 -26.75 31.16 53.02
N THR K 431 -28.04 30.80 52.99
CA THR K 431 -28.48 29.46 53.32
C THR K 431 -29.05 28.78 52.07
N PRO K 432 -28.75 27.52 51.85
CA PRO K 432 -29.26 26.83 50.65
C PRO K 432 -30.70 26.39 50.81
N ALA K 433 -31.35 26.12 49.68
CA ALA K 433 -32.69 25.57 49.71
C ALA K 433 -32.69 24.05 49.65
N ASN K 434 -31.70 23.46 48.99
CA ASN K 434 -31.55 22.01 48.93
C ASN K 434 -30.07 21.68 48.72
N GLU K 435 -29.78 20.41 48.46
CA GLU K 435 -28.38 19.99 48.34
C GLU K 435 -27.74 20.53 47.08
N ASP K 436 -28.47 20.56 45.97
CA ASP K 436 -27.90 21.04 44.71
C ASP K 436 -27.55 22.52 44.78
N GLN K 437 -28.41 23.33 45.41
CA GLN K 437 -28.10 24.74 45.57
C GLN K 437 -26.90 24.93 46.49
N LYS K 438 -26.76 24.09 47.52
CA LYS K 438 -25.56 24.12 48.34
C LYS K 438 -24.32 23.80 47.53
N ILE K 439 -24.42 22.82 46.62
CA ILE K 439 -23.30 22.47 45.75
C ILE K 439 -22.91 23.66 44.88
N GLY K 440 -23.92 24.33 44.31
CA GLY K 440 -23.63 25.51 43.49
C GLY K 440 -23.00 26.64 44.27
N ILE K 441 -23.50 26.87 45.50
CA ILE K 441 -22.92 27.92 46.34
C ILE K 441 -21.48 27.60 46.68
N GLU K 442 -21.18 26.35 47.00
CA GLU K 442 -19.79 25.97 47.27
C GLU K 442 -18.93 26.07 46.02
N ILE K 443 -19.49 25.80 44.84
CA ILE K 443 -18.75 25.97 43.60
C ILE K 443 -18.34 27.43 43.43
N ILE K 444 -19.28 28.35 43.65
CA ILE K 444 -18.96 29.77 43.52
C ILE K 444 -17.96 30.20 44.60
N LYS K 445 -18.12 29.67 45.81
CA LYS K 445 -17.20 30.02 46.90
C LYS K 445 -15.78 29.58 46.59
N ARG K 446 -15.62 28.38 46.01
CA ARG K 446 -14.29 27.93 45.62
C ARG K 446 -13.76 28.70 44.43
N THR K 447 -14.64 29.11 43.52
CA THR K 447 -14.20 29.85 42.34
C THR K 447 -13.74 31.26 42.69
N LEU K 448 -14.29 31.85 43.75
CA LEU K 448 -13.96 33.23 44.09
C LEU K 448 -12.47 33.43 44.35
N LYS K 449 -11.73 32.37 44.68
CA LYS K 449 -10.31 32.46 44.96
C LYS K 449 -9.44 32.34 43.71
N ILE K 450 -10.03 32.06 42.55
CA ILE K 450 -9.27 31.76 41.33
C ILE K 450 -8.44 32.94 40.82
N PRO K 451 -8.99 34.15 40.70
CA PRO K 451 -8.18 35.23 40.10
C PRO K 451 -6.91 35.56 40.87
N ALA K 452 -6.99 35.63 42.20
CA ALA K 452 -5.81 35.93 43.00
C ALA K 452 -4.78 34.81 42.89
N MET K 453 -5.23 33.55 42.90
CA MET K 453 -4.31 32.44 42.74
C MET K 453 -3.63 32.47 41.38
N THR K 454 -4.37 32.81 40.32
CA THR K 454 -3.78 32.91 38.99
C THR K 454 -2.74 34.03 38.93
N ILE K 455 -3.07 35.18 39.53
CA ILE K 455 -2.13 36.30 39.52
C ILE K 455 -0.85 35.93 40.27
N ALA K 456 -0.99 35.26 41.42
CA ALA K 456 0.18 34.81 42.16
C ALA K 456 0.97 33.77 41.38
N LYS K 457 0.27 32.85 40.71
CA LYS K 457 0.94 31.80 39.94
C LYS K 457 1.77 32.38 38.81
N ASN K 458 1.23 33.38 38.10
CA ASN K 458 2.01 34.03 37.06
C ASN K 458 3.22 34.75 37.62
N ALA K 459 3.21 35.10 38.91
CA ALA K 459 4.33 35.77 39.55
C ALA K 459 5.40 34.80 40.04
N GLY K 460 5.20 33.50 39.87
CA GLY K 460 6.19 32.53 40.28
C GLY K 460 6.12 32.11 41.74
N VAL K 461 5.02 32.41 42.42
CA VAL K 461 4.87 32.03 43.82
C VAL K 461 3.69 31.07 43.95
N GLU K 462 3.44 30.59 45.17
CA GLU K 462 2.34 29.67 45.42
C GLU K 462 1.06 30.45 45.68
N GLY K 463 0.06 30.26 44.82
CA GLY K 463 -1.17 31.01 44.93
C GLY K 463 -1.97 30.68 46.19
N SER K 464 -1.96 29.42 46.61
CA SER K 464 -2.75 29.00 47.76
C SER K 464 -2.32 29.73 49.03
N LEU K 465 -1.01 29.78 49.28
CA LEU K 465 -0.50 30.45 50.46
C LEU K 465 -0.79 31.95 50.42
N ILE K 466 -0.64 32.56 49.24
CA ILE K 466 -0.90 33.99 49.10
C ILE K 466 -2.36 34.28 49.39
N VAL K 467 -3.27 33.47 48.85
CA VAL K 467 -4.70 33.68 49.08
C VAL K 467 -5.05 33.46 50.54
N GLU K 468 -4.47 32.43 51.16
CA GLU K 468 -4.75 32.19 52.57
C GLU K 468 -4.27 33.35 53.44
N LYS K 469 -3.07 33.87 53.17
CA LYS K 469 -2.58 34.99 53.96
C LYS K 469 -3.37 36.26 53.70
N ILE K 470 -3.86 36.45 52.46
CA ILE K 470 -4.74 37.57 52.18
C ILE K 470 -6.02 37.48 53.00
N MET K 471 -6.61 36.28 53.04
CA MET K 471 -7.87 36.09 53.76
C MET K 471 -7.67 36.26 55.27
N GLN K 472 -6.55 35.79 55.81
CA GLN K 472 -6.27 36.00 57.22
C GLN K 472 -5.91 37.46 57.52
N SER K 473 -5.47 38.20 56.51
CA SER K 473 -5.04 39.57 56.72
C SER K 473 -6.25 40.49 56.90
N SER K 474 -5.96 41.79 57.06
CA SER K 474 -7.01 42.77 57.19
C SER K 474 -7.67 43.04 55.83
N SER K 475 -8.82 43.71 55.87
CA SER K 475 -9.58 43.96 54.65
C SER K 475 -8.82 44.86 53.68
N GLU K 476 -8.04 45.80 54.21
CA GLU K 476 -7.34 46.74 53.35
C GLU K 476 -6.06 46.13 52.78
N VAL K 477 -5.61 45.02 53.35
CA VAL K 477 -4.33 44.44 52.98
C VAL K 477 -4.52 43.50 51.80
N GLY K 478 -3.69 43.68 50.77
CA GLY K 478 -3.65 42.77 49.64
C GLY K 478 -2.22 42.42 49.26
N TYR K 479 -2.06 41.69 48.15
CA TYR K 479 -0.75 41.23 47.72
C TYR K 479 -0.34 41.94 46.44
N ASP K 480 0.81 42.60 46.47
CA ASP K 480 1.40 43.24 45.30
C ASP K 480 2.35 42.23 44.66
N ALA K 481 2.03 41.80 43.44
CA ALA K 481 2.84 40.79 42.76
C ALA K 481 4.12 41.39 42.20
N MET K 482 4.05 42.62 41.67
CA MET K 482 5.26 43.27 41.15
C MET K 482 6.29 43.48 42.25
N ALA K 483 5.87 44.02 43.39
CA ALA K 483 6.74 44.12 44.55
C ALA K 483 6.85 42.81 45.31
N GLY K 484 5.92 41.88 45.09
CA GLY K 484 5.94 40.59 45.75
C GLY K 484 5.82 40.65 47.25
N ASP K 485 4.90 41.47 47.76
CA ASP K 485 4.76 41.60 49.21
C ASP K 485 3.35 42.06 49.55
N PHE K 486 2.98 41.90 50.81
CA PHE K 486 1.64 42.25 51.27
C PHE K 486 1.64 43.71 51.69
N VAL K 487 0.80 44.52 51.04
CA VAL K 487 0.76 45.95 51.21
C VAL K 487 -0.69 46.40 51.37
N ASN K 488 -0.89 47.71 51.46
CA ASN K 488 -2.21 48.31 51.44
C ASN K 488 -2.52 48.70 50.00
N MET K 489 -3.57 48.10 49.44
CA MET K 489 -3.80 48.21 48.00
C MET K 489 -4.23 49.62 47.60
N VAL K 490 -5.09 50.26 48.39
CA VAL K 490 -5.55 51.60 48.04
C VAL K 490 -4.39 52.59 48.07
N GLU K 491 -3.53 52.49 49.09
CA GLU K 491 -2.38 53.38 49.18
C GLU K 491 -1.41 53.14 48.03
N LYS K 492 -1.16 51.87 47.70
CA LYS K 492 -0.24 51.56 46.61
C LYS K 492 -0.87 51.82 45.25
N GLY K 493 -2.19 51.89 45.18
CA GLY K 493 -2.88 52.16 43.93
C GLY K 493 -3.36 50.94 43.18
N ILE K 494 -3.36 49.77 43.79
CA ILE K 494 -3.80 48.54 43.13
C ILE K 494 -5.31 48.48 43.31
N ILE K 495 -6.03 49.10 42.38
CA ILE K 495 -7.49 49.19 42.43
C ILE K 495 -8.05 48.80 41.07
N ASP K 496 -9.31 48.34 41.08
CA ASP K 496 -10.01 47.90 39.88
C ASP K 496 -11.39 48.54 39.82
N PRO K 497 -11.92 48.79 38.63
CA PRO K 497 -13.33 49.18 38.53
C PRO K 497 -14.23 48.03 38.96
N THR K 498 -15.27 48.37 39.72
CA THR K 498 -16.18 47.33 40.19
C THR K 498 -17.04 46.79 39.05
N LYS K 499 -17.31 47.61 38.03
CA LYS K 499 -18.10 47.15 36.90
C LYS K 499 -17.40 46.02 36.16
N VAL K 500 -16.08 46.13 35.99
CA VAL K 500 -15.33 45.12 35.24
C VAL K 500 -15.41 43.77 35.93
N VAL K 501 -15.11 43.74 37.23
CA VAL K 501 -15.13 42.48 37.96
C VAL K 501 -16.55 41.94 38.06
N ARG K 502 -17.53 42.83 38.26
CA ARG K 502 -18.91 42.41 38.34
C ARG K 502 -19.37 41.71 37.06
N THR K 503 -19.13 42.35 35.91
CA THR K 503 -19.59 41.76 34.66
C THR K 503 -18.78 40.52 34.29
N ALA K 504 -17.48 40.49 34.61
CA ALA K 504 -16.69 39.29 34.35
C ALA K 504 -17.25 38.11 35.13
N LEU K 505 -17.50 38.30 36.43
CA LEU K 505 -18.05 37.23 37.23
C LEU K 505 -19.42 36.80 36.72
N LEU K 506 -20.28 37.76 36.39
CA LEU K 506 -21.63 37.44 35.94
C LEU K 506 -21.60 36.63 34.66
N ASP K 507 -20.86 37.10 33.65
CA ASP K 507 -20.82 36.40 32.36
C ASP K 507 -20.22 35.01 32.52
N ALA K 508 -19.06 34.92 33.19
CA ALA K 508 -18.41 33.62 33.35
C ALA K 508 -19.32 32.65 34.07
N ALA K 509 -19.94 33.09 35.18
CA ALA K 509 -20.79 32.21 35.96
C ALA K 509 -22.00 31.75 35.16
N GLY K 510 -22.66 32.67 34.45
CA GLY K 510 -23.82 32.28 33.69
C GLY K 510 -23.49 31.26 32.63
N VAL K 511 -22.48 31.53 31.81
CA VAL K 511 -22.17 30.62 30.70
C VAL K 511 -21.68 29.28 31.23
N ALA K 512 -20.80 29.28 32.23
CA ALA K 512 -20.28 28.02 32.74
C ALA K 512 -21.36 27.20 33.41
N SER K 513 -22.25 27.85 34.18
CA SER K 513 -23.34 27.12 34.83
C SER K 513 -24.28 26.53 33.79
N LEU K 514 -24.56 27.25 32.71
CA LEU K 514 -25.34 26.66 31.63
C LEU K 514 -24.62 25.48 31.00
N LEU K 515 -23.31 25.56 30.88
CA LEU K 515 -22.53 24.46 30.31
C LEU K 515 -22.61 23.21 31.18
N THR K 516 -22.55 23.37 32.51
CA THR K 516 -22.46 22.20 33.39
C THR K 516 -23.73 21.35 33.36
N THR K 517 -24.83 21.90 32.84
CA THR K 517 -26.07 21.13 32.77
C THR K 517 -26.09 20.13 31.61
N ALA K 518 -24.98 19.96 30.90
CA ALA K 518 -24.96 19.13 29.71
C ALA K 518 -25.01 17.65 30.05
N GLU K 519 -25.71 16.89 29.21
CA GLU K 519 -25.70 15.43 29.26
C GLU K 519 -25.38 14.78 27.92
N VAL K 520 -25.86 15.36 26.82
CA VAL K 520 -25.65 14.83 25.48
C VAL K 520 -25.08 15.94 24.60
N VAL K 521 -24.12 15.59 23.75
CA VAL K 521 -23.52 16.54 22.82
C VAL K 521 -23.62 15.98 21.41
N VAL K 522 -24.17 16.78 20.50
CA VAL K 522 -24.35 16.41 19.11
C VAL K 522 -23.46 17.30 18.26
N THR K 523 -22.61 16.68 17.43
CA THR K 523 -21.69 17.41 16.58
C THR K 523 -21.82 16.88 15.15
N GLU K 524 -21.27 17.64 14.21
CA GLU K 524 -21.24 17.19 12.82
C GLU K 524 -20.08 16.23 12.60
N ILE K 525 -20.27 15.35 11.63
CA ILE K 525 -19.21 14.37 11.31
C ILE K 525 -18.07 15.09 10.60
N PRO K 526 -16.82 14.87 11.01
CA PRO K 526 -15.71 15.59 10.39
C PRO K 526 -15.40 15.09 8.98
N LYS K 527 -16.18 15.53 8.01
CA LYS K 527 -15.98 15.14 6.63
C LYS K 527 -14.72 15.78 6.04
N GLY L 1 -33.31 5.10 -10.25
CA GLY L 1 -32.09 5.33 -11.00
C GLY L 1 -30.85 4.83 -10.28
N SER L 2 -30.55 5.44 -9.13
CA SER L 2 -29.38 5.06 -8.36
C SER L 2 -29.53 3.65 -7.80
N ALA L 3 -28.41 2.97 -7.61
CA ALA L 3 -28.43 1.61 -7.09
C ALA L 3 -29.00 1.60 -5.67
N LYS L 4 -29.76 0.55 -5.37
CA LYS L 4 -30.45 0.44 -4.10
C LYS L 4 -29.98 -0.80 -3.35
N ASP L 5 -29.99 -0.70 -2.02
CA ASP L 5 -29.73 -1.82 -1.13
C ASP L 5 -31.04 -2.21 -0.46
N VAL L 6 -31.35 -3.50 -0.48
CA VAL L 6 -32.63 -4.01 0.00
C VAL L 6 -32.35 -4.96 1.16
N LYS L 7 -33.00 -4.71 2.30
CA LYS L 7 -32.85 -5.54 3.49
C LYS L 7 -34.19 -6.10 3.90
N PHE L 8 -34.18 -7.36 4.34
CA PHE L 8 -35.39 -8.12 4.61
C PHE L 8 -35.45 -8.51 6.08
N GLY L 9 -36.67 -8.67 6.58
CA GLY L 9 -36.90 -9.30 7.87
C GLY L 9 -36.40 -8.56 9.09
N ALA L 10 -35.90 -9.31 10.07
CA ALA L 10 -35.58 -8.76 11.38
C ALA L 10 -34.28 -7.97 11.40
N ASP L 11 -33.41 -8.13 10.39
CA ASP L 11 -32.18 -7.35 10.36
C ASP L 11 -32.45 -5.87 10.15
N ALA L 12 -33.28 -5.55 9.16
CA ALA L 12 -33.66 -4.16 8.93
C ALA L 12 -34.42 -3.60 10.12
N ARG L 13 -35.29 -4.41 10.72
CA ARG L 13 -36.01 -3.95 11.91
C ARG L 13 -35.05 -3.66 13.05
N ALA L 14 -34.03 -4.50 13.23
CA ALA L 14 -33.06 -4.27 14.29
C ALA L 14 -32.26 -2.99 14.05
N LEU L 15 -31.83 -2.76 12.81
CA LEU L 15 -31.09 -1.54 12.52
C LEU L 15 -31.94 -0.30 12.73
N MET L 16 -33.19 -0.34 12.26
CA MET L 16 -34.11 0.78 12.43
C MET L 16 -34.41 1.02 13.90
N LEU L 17 -34.57 -0.05 14.68
CA LEU L 17 -34.77 0.10 16.11
C LEU L 17 -33.54 0.67 16.79
N GLN L 18 -32.34 0.33 16.31
CA GLN L 18 -31.13 0.94 16.86
C GLN L 18 -31.12 2.44 16.61
N GLY L 19 -31.49 2.87 15.40
CA GLY L 19 -31.56 4.30 15.13
C GLY L 19 -32.60 5.00 15.99
N VAL L 20 -33.79 4.40 16.11
CA VAL L 20 -34.84 4.96 16.95
C VAL L 20 -34.39 5.04 18.39
N ASP L 21 -33.72 4.00 18.88
CA ASP L 21 -33.24 3.99 20.25
C ASP L 21 -32.20 5.06 20.48
N LEU L 22 -31.30 5.27 19.52
CA LEU L 22 -30.30 6.32 19.66
C LEU L 22 -30.96 7.69 19.77
N LEU L 23 -31.87 8.00 18.84
CA LEU L 23 -32.50 9.31 18.87
C LEU L 23 -33.32 9.49 20.15
N ALA L 24 -34.06 8.46 20.55
CA ALA L 24 -34.91 8.59 21.73
C ALA L 24 -34.08 8.66 23.02
N ASP L 25 -32.95 7.96 23.07
CA ASP L 25 -32.08 8.06 24.24
C ASP L 25 -31.47 9.46 24.33
N ALA L 26 -31.12 10.05 23.18
CA ALA L 26 -30.64 11.43 23.21
C ALA L 26 -31.75 12.38 23.68
N VAL L 27 -32.98 12.17 23.22
CA VAL L 27 -34.07 13.09 23.55
C VAL L 27 -34.50 12.94 25.00
N ALA L 28 -34.59 11.72 25.51
CA ALA L 28 -35.25 11.44 26.77
C ALA L 28 -34.48 11.91 28.00
N VAL L 29 -33.20 12.31 27.85
CA VAL L 29 -32.45 12.83 28.99
C VAL L 29 -32.92 14.22 29.40
N THR L 30 -33.82 14.83 28.64
CA THR L 30 -34.30 16.18 28.90
C THR L 30 -35.76 16.21 29.35
N MET L 31 -36.26 15.09 29.87
CA MET L 31 -37.67 14.97 30.23
C MET L 31 -37.86 15.09 31.73
N GLY L 32 -38.83 15.89 32.14
CA GLY L 32 -39.16 16.06 33.54
C GLY L 32 -38.44 17.22 34.18
N PRO L 33 -38.75 17.49 35.45
CA PRO L 33 -38.08 18.61 36.14
C PRO L 33 -36.58 18.37 36.33
N LYS L 34 -36.19 17.14 36.64
CA LYS L 34 -34.77 16.80 36.77
C LYS L 34 -34.17 16.28 35.48
N GLY L 35 -34.33 17.02 34.39
CA GLY L 35 -33.77 16.65 33.11
C GLY L 35 -32.62 17.58 32.75
N ARG L 36 -31.61 17.03 32.10
CA ARG L 36 -30.43 17.78 31.70
C ARG L 36 -30.66 18.41 30.34
N THR L 37 -29.65 19.11 29.82
CA THR L 37 -29.72 19.78 28.54
C THR L 37 -28.81 19.09 27.54
N VAL L 38 -28.95 19.49 26.27
CA VAL L 38 -28.20 18.94 25.16
C VAL L 38 -27.54 20.09 24.42
N ILE L 39 -26.25 19.97 24.14
CA ILE L 39 -25.52 20.95 23.35
C ILE L 39 -25.42 20.43 21.92
N ILE L 40 -25.89 21.23 20.97
CA ILE L 40 -25.82 20.93 19.55
C ILE L 40 -24.88 21.93 18.91
N GLU L 41 -23.84 21.43 18.23
CA GLU L 41 -22.91 22.31 17.55
C GLU L 41 -23.59 23.00 16.38
N GLN L 42 -23.43 24.32 16.32
CA GLN L 42 -23.96 25.12 15.23
C GLN L 42 -22.85 25.41 14.24
N SER L 43 -23.16 25.24 12.95
CA SER L 43 -22.12 25.36 11.92
C SER L 43 -21.56 26.77 11.84
N TRP L 44 -22.42 27.78 11.95
CA TRP L 44 -22.02 29.15 11.68
C TRP L 44 -21.58 29.92 12.91
N GLY L 45 -21.73 29.37 14.11
CA GLY L 45 -21.37 30.11 15.29
C GLY L 45 -21.33 29.28 16.55
N SER L 46 -21.75 29.90 17.64
CA SER L 46 -21.68 29.28 18.96
C SER L 46 -22.66 28.11 19.05
N PRO L 47 -22.34 27.08 19.83
CA PRO L 47 -23.28 25.97 19.99
C PRO L 47 -24.56 26.40 20.70
N LYS L 48 -25.59 25.58 20.55
CA LYS L 48 -26.91 25.85 21.12
C LYS L 48 -27.19 24.84 22.21
N VAL L 49 -27.56 25.32 23.39
CA VAL L 49 -27.93 24.46 24.52
C VAL L 49 -29.44 24.48 24.66
N THR L 50 -30.05 23.30 24.59
CA THR L 50 -31.50 23.21 24.58
C THR L 50 -31.99 22.06 25.44
N LYS L 51 -33.18 22.22 26.02
CA LYS L 51 -33.88 21.16 26.71
C LYS L 51 -35.14 20.74 25.97
N ASP L 52 -35.28 21.13 24.71
CA ASP L 52 -36.48 20.85 23.94
C ASP L 52 -36.35 19.53 23.20
N GLY L 53 -37.40 18.72 23.24
CA GLY L 53 -37.36 17.43 22.58
C GLY L 53 -37.26 17.53 21.06
N VAL L 54 -38.06 18.41 20.47
CA VAL L 54 -38.08 18.53 19.01
C VAL L 54 -36.77 19.12 18.50
N THR L 55 -36.21 20.07 19.24
CA THR L 55 -34.94 20.67 18.83
C THR L 55 -33.81 19.65 18.84
N VAL L 56 -33.77 18.79 19.86
CA VAL L 56 -32.76 17.73 19.89
C VAL L 56 -33.02 16.70 18.81
N ALA L 57 -34.29 16.33 18.59
CA ALA L 57 -34.61 15.31 17.60
C ALA L 57 -34.23 15.76 16.20
N LYS L 58 -34.58 17.00 15.83
CA LYS L 58 -34.32 17.49 14.49
C LYS L 58 -32.84 17.67 14.19
N SER L 59 -31.99 17.69 15.21
CA SER L 59 -30.56 17.92 15.03
C SER L 59 -29.75 16.64 14.91
N ILE L 60 -30.39 15.49 14.92
CA ILE L 60 -29.70 14.20 14.89
C ILE L 60 -29.97 13.56 13.54
N ASP L 61 -28.91 13.37 12.75
CA ASP L 61 -28.96 12.67 11.48
C ASP L 61 -27.86 11.62 11.47
N LEU L 62 -28.22 10.39 11.13
CA LEU L 62 -27.30 9.27 11.23
C LEU L 62 -26.76 8.88 9.85
N LYS L 63 -25.53 8.38 9.84
CA LYS L 63 -24.89 7.98 8.60
C LYS L 63 -25.52 6.70 8.04
N ASP L 64 -25.75 5.72 8.91
CA ASP L 64 -26.37 4.47 8.46
C ASP L 64 -27.78 4.73 7.94
N LYS L 65 -28.10 4.15 6.79
CA LYS L 65 -29.34 4.47 6.10
C LYS L 65 -30.57 4.00 6.90
N TYR L 66 -30.52 2.80 7.47
CA TYR L 66 -31.68 2.27 8.17
C TYR L 66 -31.87 2.96 9.52
N LYS L 67 -30.77 3.15 10.25
CA LYS L 67 -30.84 3.93 11.48
C LYS L 67 -31.33 5.34 11.19
N ASN L 68 -30.90 5.92 10.07
CA ASN L 68 -31.39 7.25 9.70
C ASN L 68 -32.87 7.23 9.36
N ILE L 69 -33.37 6.13 8.77
CA ILE L 69 -34.80 6.02 8.49
C ILE L 69 -35.60 6.03 9.79
N GLY L 70 -35.15 5.23 10.76
CA GLY L 70 -35.81 5.23 12.06
C GLY L 70 -35.75 6.58 12.75
N ALA L 71 -34.57 7.22 12.69
CA ALA L 71 -34.42 8.55 13.28
C ALA L 71 -35.32 9.56 12.60
N LYS L 72 -35.47 9.47 11.28
CA LYS L 72 -36.34 10.39 10.54
C LYS L 72 -37.79 10.19 10.94
N LEU L 73 -38.21 8.95 11.15
CA LEU L 73 -39.58 8.72 11.59
C LEU L 73 -39.83 9.28 12.99
N VAL L 74 -38.86 9.13 13.90
CA VAL L 74 -39.02 9.71 15.22
C VAL L 74 -39.02 11.23 15.14
N GLN L 75 -38.22 11.80 14.22
CA GLN L 75 -38.24 13.24 13.99
C GLN L 75 -39.60 13.68 13.48
N ASP L 76 -40.24 12.88 12.63
CA ASP L 76 -41.60 13.18 12.18
C ASP L 76 -42.55 13.21 13.36
N VAL L 77 -42.43 12.24 14.28
CA VAL L 77 -43.26 12.23 15.47
C VAL L 77 -43.09 13.52 16.24
N ALA L 78 -41.83 13.90 16.51
CA ALA L 78 -41.56 15.07 17.32
C ALA L 78 -42.05 16.34 16.63
N ASN L 79 -41.85 16.45 15.32
CA ASN L 79 -42.27 17.65 14.60
C ASN L 79 -43.79 17.77 14.54
N ASN L 80 -44.50 16.66 14.33
CA ASN L 80 -45.96 16.72 14.34
C ASN L 80 -46.47 17.13 15.71
N THR L 81 -45.89 16.57 16.78
CA THR L 81 -46.31 16.95 18.12
C THR L 81 -46.03 18.42 18.39
N ASN L 82 -44.87 18.92 17.94
CA ASN L 82 -44.53 20.32 18.13
C ASN L 82 -45.48 21.24 17.36
N GLU L 83 -45.83 20.87 16.13
CA GLU L 83 -46.65 21.74 15.31
C GLU L 83 -48.11 21.75 15.76
N GLU L 84 -48.66 20.60 16.15
CA GLU L 84 -50.06 20.53 16.55
C GLU L 84 -50.30 20.91 18.01
N ALA L 85 -49.26 20.98 18.83
CA ALA L 85 -49.46 21.36 20.23
C ALA L 85 -48.56 22.49 20.69
N GLY L 86 -47.29 22.47 20.25
CA GLY L 86 -46.30 23.40 20.74
C GLY L 86 -45.51 22.89 21.93
N ASP L 87 -45.95 21.78 22.52
CA ASP L 87 -45.30 21.19 23.69
C ASP L 87 -45.56 19.68 23.67
N GLY L 88 -44.82 18.96 24.51
CA GLY L 88 -44.98 17.53 24.62
C GLY L 88 -44.17 16.70 23.65
N THR L 89 -43.11 17.25 23.07
CA THR L 89 -42.35 16.54 22.04
C THR L 89 -41.55 15.38 22.64
N THR L 90 -40.97 15.59 23.83
CA THR L 90 -40.20 14.51 24.46
C THR L 90 -41.10 13.33 24.84
N THR L 91 -42.29 13.63 25.36
CA THR L 91 -43.23 12.56 25.69
C THR L 91 -43.63 11.78 24.44
N ALA L 92 -43.90 12.49 23.34
CA ALA L 92 -44.23 11.81 22.09
C ALA L 92 -43.06 10.97 21.60
N THR L 93 -41.84 11.47 21.73
CA THR L 93 -40.66 10.71 21.30
C THR L 93 -40.52 9.42 22.09
N VAL L 94 -40.64 9.49 23.42
CA VAL L 94 -40.46 8.29 24.23
C VAL L 94 -41.61 7.31 24.00
N LEU L 95 -42.84 7.82 23.83
CA LEU L 95 -43.97 6.95 23.54
C LEU L 95 -43.79 6.24 22.20
N ALA L 96 -43.33 6.99 21.18
CA ALA L 96 -43.12 6.39 19.87
C ALA L 96 -42.02 5.32 19.93
N ARG L 97 -40.93 5.61 20.65
CA ARG L 97 -39.87 4.60 20.79
C ARG L 97 -40.40 3.35 21.46
N SER L 98 -41.16 3.51 22.54
CA SER L 98 -41.69 2.34 23.25
C SER L 98 -42.63 1.53 22.36
N ILE L 99 -43.54 2.20 21.67
CA ILE L 99 -44.49 1.48 20.82
C ILE L 99 -43.76 0.76 19.70
N ALA L 100 -42.76 1.41 19.09
CA ALA L 100 -41.98 0.76 18.04
C ALA L 100 -41.24 -0.46 18.58
N LYS L 101 -40.67 -0.35 19.78
CA LYS L 101 -39.93 -1.47 20.35
C LYS L 101 -40.84 -2.66 20.62
N GLU L 102 -41.98 -2.43 21.27
CA GLU L 102 -42.89 -3.54 21.55
C GLU L 102 -43.47 -4.13 20.27
N GLY L 103 -43.77 -3.28 19.29
CA GLY L 103 -44.27 -3.80 18.02
C GLY L 103 -43.25 -4.64 17.29
N PHE L 104 -41.99 -4.21 17.31
CA PHE L 104 -40.93 -5.00 16.68
C PHE L 104 -40.72 -6.33 17.39
N GLU L 105 -40.76 -6.32 18.72
CA GLU L 105 -40.47 -7.53 19.48
C GLU L 105 -41.61 -8.55 19.43
N LYS L 106 -42.80 -8.17 18.98
CA LYS L 106 -43.95 -9.06 18.96
C LYS L 106 -44.28 -9.56 17.56
N ILE L 107 -43.36 -9.45 16.62
CA ILE L 107 -43.60 -9.88 15.23
C ILE L 107 -43.12 -11.31 15.07
N SER L 108 -44.02 -12.18 14.60
CA SER L 108 -43.72 -13.58 14.34
C SER L 108 -44.18 -13.94 12.94
N LYS L 109 -43.98 -15.21 12.57
CA LYS L 109 -44.40 -15.67 11.25
C LYS L 109 -45.92 -15.61 11.10
N GLY L 110 -46.66 -16.03 12.13
CA GLY L 110 -48.10 -16.00 12.08
C GLY L 110 -48.75 -14.70 12.51
N ALA L 111 -47.97 -13.78 13.08
CA ALA L 111 -48.51 -12.50 13.52
C ALA L 111 -48.87 -11.62 12.33
N ASN L 112 -49.88 -10.79 12.52
CA ASN L 112 -50.33 -9.85 11.49
C ASN L 112 -50.13 -8.42 12.00
N PRO L 113 -49.04 -7.75 11.63
CA PRO L 113 -48.81 -6.40 12.17
C PRO L 113 -49.86 -5.37 11.77
N VAL L 114 -50.61 -5.60 10.69
CA VAL L 114 -51.66 -4.66 10.32
C VAL L 114 -52.79 -4.68 11.34
N GLU L 115 -53.20 -5.88 11.76
CA GLU L 115 -54.23 -5.97 12.79
C GLU L 115 -53.71 -5.52 14.15
N ILE L 116 -52.41 -5.70 14.41
CA ILE L 116 -51.81 -5.14 15.61
C ILE L 116 -51.90 -3.62 15.60
N ARG L 117 -51.62 -3.02 14.44
CA ARG L 117 -51.77 -1.57 14.30
C ARG L 117 -53.22 -1.15 14.51
N ARG L 118 -54.16 -1.91 13.97
CA ARG L 118 -55.58 -1.60 14.19
C ARG L 118 -55.93 -1.63 15.67
N GLY L 119 -55.48 -2.67 16.38
CA GLY L 119 -55.73 -2.74 17.81
C GLY L 119 -55.08 -1.60 18.57
N VAL L 120 -53.90 -1.17 18.12
CA VAL L 120 -53.24 -0.01 18.72
C VAL L 120 -54.10 1.24 18.53
N MET L 121 -54.66 1.42 17.33
CA MET L 121 -55.51 2.58 17.09
C MET L 121 -56.75 2.56 17.97
N LEU L 122 -57.40 1.40 18.11
CA LEU L 122 -58.56 1.32 19.01
C LEU L 122 -58.17 1.61 20.46
N ALA L 123 -57.04 1.07 20.92
CA ALA L 123 -56.61 1.33 22.28
C ALA L 123 -56.33 2.81 22.50
N VAL L 124 -55.69 3.46 21.52
CA VAL L 124 -55.39 4.88 21.66
C VAL L 124 -56.65 5.72 21.64
N ASP L 125 -57.63 5.34 20.81
CA ASP L 125 -58.92 6.03 20.83
C ASP L 125 -59.59 5.92 22.20
N ALA L 126 -59.55 4.72 22.79
CA ALA L 126 -60.13 4.54 24.12
C ALA L 126 -59.40 5.39 25.16
N VAL L 127 -58.07 5.44 25.09
CA VAL L 127 -57.29 6.23 26.04
C VAL L 127 -57.60 7.72 25.87
N ILE L 128 -57.76 8.16 24.63
CA ILE L 128 -58.09 9.56 24.37
C ILE L 128 -59.48 9.89 24.93
N ALA L 129 -60.43 8.98 24.76
CA ALA L 129 -61.76 9.18 25.34
C ALA L 129 -61.68 9.28 26.86
N GLU L 130 -60.88 8.42 27.49
CA GLU L 130 -60.72 8.49 28.94
C GLU L 130 -60.07 9.81 29.37
N LEU L 131 -59.07 10.27 28.62
CA LEU L 131 -58.42 11.54 28.93
C LEU L 131 -59.40 12.70 28.84
N LYS L 132 -60.24 12.71 27.81
CA LYS L 132 -61.27 13.73 27.70
C LYS L 132 -62.26 13.63 28.86
N LYS L 133 -62.57 12.41 29.29
CA LYS L 133 -63.47 12.24 30.44
C LYS L 133 -62.84 12.74 31.73
N GLN L 134 -61.52 12.72 31.83
CA GLN L 134 -60.81 13.11 33.06
C GLN L 134 -60.39 14.57 33.08
N SER L 135 -60.69 15.34 32.04
CA SER L 135 -60.24 16.72 31.99
C SER L 135 -61.12 17.63 32.84
N LYS L 136 -60.55 18.76 33.25
CA LYS L 136 -61.26 19.79 33.99
C LYS L 136 -60.86 21.15 33.42
N PRO L 137 -61.81 22.04 33.15
CA PRO L 137 -61.47 23.32 32.53
C PRO L 137 -60.71 24.23 33.48
N VAL L 138 -59.98 25.18 32.89
CA VAL L 138 -59.25 26.19 33.64
C VAL L 138 -60.25 27.28 34.03
N THR L 139 -60.38 27.54 35.33
CA THR L 139 -61.33 28.53 35.83
C THR L 139 -60.67 29.68 36.58
N THR L 140 -59.42 29.51 37.04
CA THR L 140 -58.75 30.53 37.83
C THR L 140 -57.41 30.87 37.20
N PRO L 141 -56.95 32.12 37.35
CA PRO L 141 -55.62 32.48 36.84
C PRO L 141 -54.50 31.74 37.53
N GLU L 142 -54.73 31.26 38.77
CA GLU L 142 -53.69 30.49 39.46
C GLU L 142 -53.41 29.19 38.72
N GLU L 143 -54.44 28.58 38.12
CA GLU L 143 -54.21 27.40 37.30
C GLU L 143 -53.35 27.73 36.09
N ILE L 144 -53.57 28.90 35.49
CA ILE L 144 -52.73 29.33 34.37
C ILE L 144 -51.28 29.49 34.82
N ALA L 145 -51.09 30.10 36.00
CA ALA L 145 -49.73 30.26 36.52
C ALA L 145 -49.08 28.90 36.78
N GLN L 146 -49.84 27.96 37.34
CA GLN L 146 -49.30 26.63 37.60
C GLN L 146 -48.91 25.92 36.31
N VAL L 147 -49.76 26.02 35.29
CA VAL L 147 -49.47 25.37 34.01
C VAL L 147 -48.22 25.97 33.39
N ALA L 148 -48.13 27.31 33.39
CA ALA L 148 -46.96 27.96 32.82
C ALA L 148 -45.69 27.61 33.58
N THR L 149 -45.76 27.56 34.91
CA THR L 149 -44.60 27.19 35.72
C THR L 149 -44.16 25.76 35.43
N ILE L 150 -45.13 24.84 35.34
CA ILE L 150 -44.80 23.45 35.07
C ILE L 150 -44.16 23.30 33.70
N SER L 151 -44.71 23.99 32.70
CA SER L 151 -44.18 23.90 31.35
C SER L 151 -42.90 24.70 31.15
N ALA L 152 -42.53 25.55 32.10
CA ALA L 152 -41.29 26.33 32.05
C ALA L 152 -40.22 25.73 32.95
N ASN L 153 -40.26 24.42 33.16
CA ASN L 153 -39.30 23.70 34.01
C ASN L 153 -39.30 24.27 35.42
N GLY L 154 -40.50 24.50 35.96
CA GLY L 154 -40.63 24.95 37.33
C GLY L 154 -40.07 26.32 37.60
N ASP L 155 -40.25 27.27 36.69
CA ASP L 155 -39.79 28.64 36.88
C ASP L 155 -40.99 29.48 37.31
N LYS L 156 -40.96 29.96 38.55
CA LYS L 156 -42.07 30.75 39.09
C LYS L 156 -42.22 32.08 38.35
N GLU L 157 -41.11 32.74 38.03
CA GLU L 157 -41.19 34.06 37.43
C GLU L 157 -41.77 34.02 36.02
N ILE L 158 -41.47 32.98 35.25
CA ILE L 158 -42.05 32.85 33.91
C ILE L 158 -43.56 32.69 34.01
N GLY L 159 -44.02 31.84 34.93
CA GLY L 159 -45.46 31.68 35.11
C GLY L 159 -46.13 32.95 35.57
N ASN L 160 -45.48 33.69 36.48
CA ASN L 160 -46.03 34.96 36.93
C ASN L 160 -46.13 35.96 35.78
N ILE L 161 -45.10 36.02 34.94
CA ILE L 161 -45.12 36.94 33.80
C ILE L 161 -46.23 36.58 32.84
N ILE L 162 -46.40 35.29 32.56
CA ILE L 162 -47.43 34.86 31.61
C ILE L 162 -48.82 35.11 32.19
N SER L 163 -49.00 34.90 33.50
CA SER L 163 -50.28 35.20 34.13
C SER L 163 -50.57 36.69 34.07
N ASP L 164 -49.55 37.53 34.30
CA ASP L 164 -49.75 38.97 34.18
C ASP L 164 -50.12 39.36 32.76
N ALA L 165 -49.48 38.73 31.77
CA ALA L 165 -49.81 39.02 30.38
C ALA L 165 -51.26 38.64 30.06
N MET L 166 -51.70 37.46 30.53
CA MET L 166 -53.08 37.05 30.30
C MET L 166 -54.07 37.93 31.05
N LYS L 167 -53.71 38.44 32.23
CA LYS L 167 -54.57 39.39 32.91
C LYS L 167 -54.65 40.72 32.16
N LYS L 168 -53.55 41.14 31.53
CA LYS L 168 -53.51 42.43 30.86
C LYS L 168 -54.23 42.41 29.52
N VAL L 169 -53.85 41.49 28.63
CA VAL L 169 -54.37 41.48 27.27
C VAL L 169 -55.48 40.45 27.08
N GLY L 170 -55.97 39.84 28.14
CA GLY L 170 -57.02 38.86 28.03
C GLY L 170 -56.48 37.45 27.87
N ARG L 171 -57.38 36.48 28.06
CA ARG L 171 -56.98 35.07 27.97
C ARG L 171 -56.64 34.69 26.54
N LYS L 172 -57.31 35.28 25.55
CA LYS L 172 -57.08 34.99 24.15
C LYS L 172 -56.25 36.08 23.46
N GLY L 173 -55.62 36.96 24.23
CA GLY L 173 -54.88 38.06 23.63
C GLY L 173 -53.61 37.60 22.94
N VAL L 174 -53.11 38.45 22.06
CA VAL L 174 -51.90 38.13 21.31
C VAL L 174 -50.67 38.36 22.20
N ILE L 175 -49.87 37.31 22.38
CA ILE L 175 -48.66 37.36 23.20
C ILE L 175 -47.51 36.80 22.39
N THR L 176 -46.38 37.50 22.40
CA THR L 176 -45.19 37.08 21.67
C THR L 176 -43.96 37.27 22.53
N VAL L 177 -42.88 36.58 22.15
CA VAL L 177 -41.62 36.59 22.90
C VAL L 177 -40.53 37.13 22.00
N LYS L 178 -39.77 38.10 22.52
CA LYS L 178 -38.67 38.70 21.79
C LYS L 178 -37.48 38.79 22.75
N ASP L 179 -36.27 38.64 22.23
CA ASP L 179 -35.10 38.60 23.12
C ASP L 179 -34.86 39.96 23.75
N GLY L 180 -34.48 39.95 25.02
CA GLY L 180 -34.25 41.18 25.74
C GLY L 180 -32.79 41.61 25.76
N LYS L 181 -32.59 42.91 25.95
CA LYS L 181 -31.26 43.49 26.04
C LYS L 181 -30.85 43.75 27.48
N THR L 182 -31.63 43.28 28.45
CA THR L 182 -31.36 43.50 29.87
C THR L 182 -31.20 42.15 30.58
N LEU L 183 -30.89 42.22 31.88
CA LEU L 183 -30.60 41.02 32.65
C LEU L 183 -31.85 40.25 33.03
N ASN L 184 -33.01 40.92 33.11
CA ASN L 184 -34.23 40.31 33.62
C ASN L 184 -35.32 40.36 32.56
N ASP L 185 -36.31 39.48 32.73
CA ASP L 185 -37.47 39.44 31.85
C ASP L 185 -38.42 40.57 32.18
N GLU L 186 -39.05 41.14 31.16
CA GLU L 186 -39.98 42.23 31.35
C GLU L 186 -41.16 42.08 30.39
N LEU L 187 -42.25 42.78 30.73
CA LEU L 187 -43.51 42.69 30.00
C LEU L 187 -43.90 44.07 29.49
N GLU L 188 -44.32 44.13 28.23
CA GLU L 188 -44.80 45.37 27.63
C GLU L 188 -46.14 45.13 26.96
N ILE L 189 -46.95 46.18 26.89
CA ILE L 189 -48.26 46.12 26.25
C ILE L 189 -48.29 47.04 25.03
N ALA L 378 -49.28 41.70 23.89
CA ALA L 378 -48.25 41.66 24.92
C ALA L 378 -46.92 41.17 24.35
N VAL L 379 -45.83 41.78 24.80
CA VAL L 379 -44.48 41.45 24.34
C VAL L 379 -43.64 41.09 25.56
N LEU L 380 -42.96 39.95 25.49
CA LEU L 380 -42.10 39.47 26.56
C LEU L 380 -40.65 39.66 26.15
N LYS L 381 -39.86 40.30 27.00
CA LYS L 381 -38.43 40.42 26.78
C LYS L 381 -37.71 39.49 27.74
N VAL L 382 -36.85 38.64 27.20
CA VAL L 382 -36.18 37.59 27.98
C VAL L 382 -34.81 38.10 28.42
N GLY L 383 -34.55 38.02 29.72
CA GLY L 383 -33.27 38.45 30.26
C GLY L 383 -32.21 37.37 30.17
N GLY L 384 -30.97 37.79 30.39
CA GLY L 384 -29.85 36.88 30.35
C GLY L 384 -28.55 37.64 30.17
N THR L 385 -27.47 36.87 30.09
CA THR L 385 -26.13 37.41 29.90
C THR L 385 -25.56 37.16 28.52
N SER L 386 -25.69 35.92 28.01
CA SER L 386 -25.22 35.57 26.68
C SER L 386 -26.37 35.04 25.85
N ASP L 387 -26.11 34.84 24.57
CA ASP L 387 -27.16 34.44 23.64
C ASP L 387 -27.66 33.03 23.93
N VAL L 388 -26.79 32.15 24.41
CA VAL L 388 -27.20 30.78 24.70
C VAL L 388 -28.25 30.75 25.80
N GLU L 389 -28.03 31.53 26.86
CA GLU L 389 -28.98 31.57 27.96
C GLU L 389 -30.33 32.13 27.52
N VAL L 390 -30.32 33.22 26.75
CA VAL L 390 -31.57 33.82 26.32
C VAL L 390 -32.29 32.90 25.35
N ASN L 391 -31.54 32.11 24.56
CA ASN L 391 -32.18 31.17 23.65
C ASN L 391 -32.85 30.03 24.42
N GLU L 392 -32.16 29.49 25.43
CA GLU L 392 -32.76 28.44 26.25
C GLU L 392 -34.00 28.96 26.98
N LYS L 393 -33.90 30.15 27.58
CA LYS L 393 -35.03 30.73 28.28
C LYS L 393 -36.17 31.06 27.33
N LYS L 394 -35.86 31.50 26.10
CA LYS L 394 -36.89 31.76 25.10
C LYS L 394 -37.61 30.49 24.71
N ASP L 395 -36.86 29.39 24.55
CA ASP L 395 -37.49 28.12 24.25
C ASP L 395 -38.43 27.69 25.37
N ARG L 396 -37.99 27.82 26.62
CA ARG L 396 -38.87 27.47 27.74
C ARG L 396 -40.09 28.38 27.84
N VAL L 397 -39.93 29.68 27.60
CA VAL L 397 -41.08 30.59 27.64
C VAL L 397 -42.07 30.30 26.52
N THR L 398 -41.56 29.98 25.32
CA THR L 398 -42.44 29.60 24.22
C THR L 398 -43.19 28.32 24.54
N ASP L 399 -42.51 27.35 25.15
CA ASP L 399 -43.18 26.13 25.58
C ASP L 399 -44.27 26.44 26.58
N ALA L 400 -43.98 27.31 27.56
CA ALA L 400 -44.98 27.67 28.56
C ALA L 400 -46.18 28.36 27.94
N LEU L 401 -45.94 29.29 27.00
CA LEU L 401 -47.06 29.96 26.33
C LEU L 401 -47.91 28.99 25.52
N ASN L 402 -47.27 28.10 24.76
CA ASN L 402 -48.04 27.12 23.99
C ASN L 402 -48.84 26.21 24.91
N ALA L 403 -48.23 25.77 26.02
CA ALA L 403 -48.92 24.88 26.94
C ALA L 403 -50.09 25.57 27.61
N THR L 404 -49.94 26.84 28.00
CA THR L 404 -51.06 27.52 28.64
C THR L 404 -52.16 27.86 27.64
N ARG L 405 -51.80 28.11 26.37
CA ARG L 405 -52.81 28.28 25.34
C ARG L 405 -53.60 26.99 25.13
N ALA L 406 -52.90 25.85 25.12
CA ALA L 406 -53.60 24.57 25.03
C ALA L 406 -54.47 24.32 26.26
N ALA L 407 -53.98 24.72 27.44
CA ALA L 407 -54.71 24.49 28.68
C ALA L 407 -55.95 25.37 28.77
N VAL L 408 -55.94 26.54 28.16
CA VAL L 408 -57.13 27.37 28.14
C VAL L 408 -58.06 26.98 26.99
N GLU L 409 -57.54 26.45 25.90
CA GLU L 409 -58.38 25.98 24.81
C GLU L 409 -59.02 24.63 25.10
N GLU L 410 -58.60 23.94 26.15
CA GLU L 410 -59.08 22.60 26.46
C GLU L 410 -59.04 22.44 27.98
N GLY L 411 -59.10 21.19 28.45
CA GLY L 411 -59.12 20.90 29.86
C GLY L 411 -57.74 20.77 30.46
N ILE L 412 -57.71 20.26 31.69
CA ILE L 412 -56.48 20.07 32.46
C ILE L 412 -56.51 18.68 33.09
N VAL L 413 -55.39 17.97 32.99
CA VAL L 413 -55.23 16.66 33.59
C VAL L 413 -54.02 16.71 34.52
N LEU L 414 -53.81 15.61 35.25
CA LEU L 414 -52.71 15.52 36.19
C LEU L 414 -51.37 15.49 35.46
N GLY L 415 -50.34 16.02 36.10
CA GLY L 415 -49.00 16.02 35.54
C GLY L 415 -48.20 14.79 35.93
N GLY L 416 -46.94 14.79 35.52
CA GLY L 416 -46.03 13.72 35.84
C GLY L 416 -46.25 12.43 35.11
N GLY L 417 -47.11 12.42 34.09
CA GLY L 417 -47.48 11.20 33.42
C GLY L 417 -48.54 10.39 34.11
N CYS L 418 -49.10 10.89 35.22
CA CYS L 418 -50.14 10.17 35.94
C CYS L 418 -51.45 10.12 35.17
N ALA L 419 -51.74 11.17 34.40
CA ALA L 419 -52.96 11.19 33.60
C ALA L 419 -52.99 10.05 32.60
N LEU L 420 -51.85 9.77 31.96
CA LEU L 420 -51.78 8.64 31.05
C LEU L 420 -51.79 7.31 31.80
N LEU L 421 -51.33 7.29 33.05
CA LEU L 421 -51.38 6.08 33.85
C LEU L 421 -52.82 5.73 34.26
N ARG L 422 -53.66 6.73 34.47
CA ARG L 422 -55.02 6.50 34.93
C ARG L 422 -55.91 5.87 33.87
N CYS L 423 -55.46 5.79 32.62
CA CYS L 423 -56.28 5.28 31.52
C CYS L 423 -56.10 3.78 31.28
N ILE L 424 -55.27 3.10 32.09
CA ILE L 424 -55.10 1.66 31.93
C ILE L 424 -56.40 0.89 32.16
N PRO L 425 -57.21 1.19 33.19
CA PRO L 425 -58.50 0.47 33.32
C PRO L 425 -59.40 0.59 32.11
N ALA L 426 -59.35 1.73 31.41
CA ALA L 426 -60.12 1.87 30.18
C ALA L 426 -59.70 0.82 29.15
N LEU L 427 -58.40 0.54 29.06
CA LEU L 427 -57.92 -0.52 28.19
C LEU L 427 -58.30 -1.90 28.72
N ASP L 428 -58.33 -2.07 30.05
CA ASP L 428 -58.75 -3.34 30.62
C ASP L 428 -60.21 -3.64 30.27
N SER L 429 -61.05 -2.61 30.20
CA SER L 429 -62.45 -2.82 29.87
C SER L 429 -62.61 -3.30 28.43
N LEU L 430 -61.75 -2.83 27.53
CA LEU L 430 -61.89 -3.15 26.12
C LEU L 430 -61.69 -4.64 25.86
N THR L 431 -62.42 -5.17 24.87
CA THR L 431 -62.30 -6.56 24.48
C THR L 431 -61.71 -6.64 23.07
N PRO L 432 -60.77 -7.55 22.83
CA PRO L 432 -60.17 -7.64 21.49
C PRO L 432 -61.06 -8.40 20.52
N ALA L 433 -60.80 -8.19 19.23
CA ALA L 433 -61.50 -8.94 18.19
C ALA L 433 -60.74 -10.21 17.81
N ASN L 434 -59.42 -10.19 17.88
CA ASN L 434 -58.61 -11.37 17.60
C ASN L 434 -57.30 -11.24 18.38
N GLU L 435 -56.36 -12.14 18.09
CA GLU L 435 -55.11 -12.17 18.85
C GLU L 435 -54.23 -10.96 18.56
N ASP L 436 -54.18 -10.54 17.30
CA ASP L 436 -53.33 -9.40 16.93
C ASP L 436 -53.82 -8.11 17.57
N GLN L 437 -55.14 -7.90 17.61
CA GLN L 437 -55.67 -6.72 18.27
C GLN L 437 -55.41 -6.77 19.77
N LYS L 438 -55.46 -7.96 20.37
CA LYS L 438 -55.06 -8.11 21.77
C LYS L 438 -53.60 -7.72 21.98
N ILE L 439 -52.73 -8.13 21.04
CA ILE L 439 -51.32 -7.79 21.13
C ILE L 439 -51.14 -6.28 21.07
N GLY L 440 -51.86 -5.62 20.15
CA GLY L 440 -51.77 -4.17 20.06
C GLY L 440 -52.28 -3.47 21.30
N ILE L 441 -53.38 -3.96 21.87
CA ILE L 441 -53.92 -3.38 23.09
C ILE L 441 -52.93 -3.52 24.24
N GLU L 442 -52.30 -4.69 24.36
CA GLU L 442 -51.28 -4.86 25.40
C GLU L 442 -50.07 -3.99 25.15
N ILE L 443 -49.71 -3.76 23.88
CA ILE L 443 -48.60 -2.86 23.56
C ILE L 443 -48.90 -1.46 24.08
N ILE L 444 -50.12 -0.97 23.81
CA ILE L 444 -50.49 0.37 24.28
C ILE L 444 -50.57 0.40 25.80
N LYS L 445 -51.07 -0.67 26.41
CA LYS L 445 -51.16 -0.73 27.86
C LYS L 445 -49.78 -0.66 28.51
N ARG L 446 -48.80 -1.37 27.94
CA ARG L 446 -47.44 -1.29 28.47
C ARG L 446 -46.80 0.05 28.18
N THR L 447 -47.13 0.68 27.05
CA THR L 447 -46.53 1.97 26.71
C THR L 447 -47.07 3.08 27.60
N LEU L 448 -48.31 2.96 28.10
CA LEU L 448 -48.89 4.02 28.89
C LEU L 448 -48.08 4.35 30.14
N LYS L 449 -47.23 3.43 30.61
CA LYS L 449 -46.41 3.65 31.78
C LYS L 449 -45.08 4.32 31.48
N ILE L 450 -44.75 4.55 30.22
CA ILE L 450 -43.43 5.04 29.81
C ILE L 450 -43.12 6.44 30.33
N PRO L 451 -44.01 7.44 30.16
CA PRO L 451 -43.63 8.81 30.56
C PRO L 451 -43.30 8.94 32.05
N ALA L 452 -44.09 8.31 32.91
CA ALA L 452 -43.83 8.41 34.35
C ALA L 452 -42.52 7.73 34.72
N MET L 453 -42.23 6.57 34.14
CA MET L 453 -40.96 5.91 34.41
C MET L 453 -39.79 6.74 33.90
N THR L 454 -39.94 7.38 32.75
CA THR L 454 -38.86 8.23 32.23
C THR L 454 -38.62 9.42 33.16
N ILE L 455 -39.70 10.05 33.63
CA ILE L 455 -39.57 11.19 34.53
C ILE L 455 -38.89 10.76 35.82
N ALA L 456 -39.28 9.61 36.37
CA ALA L 456 -38.64 9.11 37.58
C ALA L 456 -37.18 8.76 37.33
N LYS L 457 -36.88 8.17 36.17
CA LYS L 457 -35.51 7.78 35.85
C LYS L 457 -34.59 8.99 35.76
N ASN L 458 -35.07 10.07 35.13
CA ASN L 458 -34.27 11.29 35.08
C ASN L 458 -34.05 11.88 36.47
N ALA L 459 -34.90 11.55 37.43
CA ALA L 459 -34.76 12.02 38.81
C ALA L 459 -33.80 11.16 39.64
N GLY L 460 -33.27 10.08 39.06
CA GLY L 460 -32.33 9.25 39.78
C GLY L 460 -32.94 8.17 40.64
N VAL L 461 -34.23 7.88 40.46
CA VAL L 461 -34.90 6.83 41.23
C VAL L 461 -35.36 5.72 40.30
N GLU L 462 -35.97 4.69 40.86
CA GLU L 462 -36.45 3.55 40.08
C GLU L 462 -37.86 3.85 39.58
N GLY L 463 -38.02 3.92 38.26
CA GLY L 463 -39.31 4.26 37.69
C GLY L 463 -40.38 3.21 37.93
N SER L 464 -40.01 1.92 37.92
CA SER L 464 -40.99 0.86 38.07
C SER L 464 -41.69 0.93 39.42
N LEU L 465 -40.92 1.11 40.50
CA LEU L 465 -41.51 1.20 41.82
C LEU L 465 -42.38 2.43 41.95
N ILE L 466 -41.94 3.56 41.39
CA ILE L 466 -42.72 4.79 41.46
C ILE L 466 -44.07 4.60 40.74
N VAL L 467 -44.04 4.00 39.56
CA VAL L 467 -45.26 3.79 38.80
C VAL L 467 -46.19 2.82 39.52
N GLU L 468 -45.63 1.74 40.10
CA GLU L 468 -46.46 0.80 40.84
C GLU L 468 -47.11 1.47 42.05
N LYS L 469 -46.35 2.28 42.78
CA LYS L 469 -46.91 2.97 43.94
C LYS L 469 -47.97 3.98 43.52
N ILE L 470 -47.77 4.66 42.39
CA ILE L 470 -48.78 5.58 41.88
C ILE L 470 -50.06 4.82 41.54
N MET L 471 -49.92 3.69 40.87
CA MET L 471 -51.10 2.92 40.47
C MET L 471 -51.85 2.38 41.69
N GLN L 472 -51.12 1.91 42.70
CA GLN L 472 -51.78 1.44 43.92
C GLN L 472 -52.35 2.60 44.73
N SER L 473 -51.89 3.83 44.49
CA SER L 473 -52.34 4.98 45.25
C SER L 473 -53.71 5.44 44.76
N SER L 474 -54.18 6.53 45.36
CA SER L 474 -55.45 7.11 44.97
C SER L 474 -55.32 7.85 43.64
N SER L 475 -56.47 8.18 43.05
CA SER L 475 -56.47 8.83 41.75
C SER L 475 -55.85 10.22 41.81
N GLU L 476 -56.04 10.93 42.92
CA GLU L 476 -55.54 12.30 43.02
C GLU L 476 -54.05 12.33 43.35
N VAL L 477 -53.50 11.20 43.80
CA VAL L 477 -52.12 11.18 44.27
C VAL L 477 -51.19 10.88 43.11
N GLY L 478 -50.14 11.69 42.98
CA GLY L 478 -49.08 11.46 42.01
C GLY L 478 -47.71 11.62 42.64
N TYR L 479 -46.67 11.57 41.83
CA TYR L 479 -45.29 11.65 42.31
C TYR L 479 -44.66 12.96 41.88
N ASP L 480 -44.20 13.74 42.85
CA ASP L 480 -43.44 14.97 42.60
C ASP L 480 -41.96 14.60 42.56
N ALA L 481 -41.35 14.74 41.38
CA ALA L 481 -39.95 14.38 41.21
C ALA L 481 -39.02 15.42 41.83
N MET L 482 -39.37 16.70 41.70
CA MET L 482 -38.54 17.75 42.28
C MET L 482 -38.47 17.63 43.79
N ALA L 483 -39.61 17.42 44.44
CA ALA L 483 -39.64 17.12 45.86
C ALA L 483 -39.34 15.67 46.17
N GLY L 484 -39.45 14.79 45.18
CA GLY L 484 -39.18 13.38 45.36
C GLY L 484 -40.10 12.68 46.34
N ASP L 485 -41.40 12.96 46.26
CA ASP L 485 -42.33 12.34 47.20
C ASP L 485 -43.72 12.28 46.57
N PHE L 486 -44.58 11.45 47.14
CA PHE L 486 -45.93 11.27 46.62
C PHE L 486 -46.85 12.31 47.26
N VAL L 487 -47.46 13.15 46.42
CA VAL L 487 -48.26 14.27 46.86
C VAL L 487 -49.58 14.29 46.09
N ASN L 488 -50.37 15.33 46.32
CA ASN L 488 -51.58 15.57 45.55
C ASN L 488 -51.23 16.50 44.39
N MET L 489 -51.45 16.03 43.16
CA MET L 489 -50.98 16.75 41.98
C MET L 489 -51.67 18.10 41.82
N VAL L 490 -53.00 18.13 41.98
CA VAL L 490 -53.74 19.37 41.77
C VAL L 490 -53.35 20.42 42.81
N GLU L 491 -53.24 20.00 44.08
CA GLU L 491 -52.88 20.94 45.13
C GLU L 491 -51.47 21.47 44.93
N LYS L 492 -50.52 20.60 44.56
CA LYS L 492 -49.15 21.06 44.37
C LYS L 492 -48.99 21.81 43.05
N GLY L 493 -49.93 21.67 42.14
CA GLY L 493 -49.89 22.37 40.87
C GLY L 493 -49.23 21.63 39.73
N ILE L 494 -49.01 20.33 39.86
CA ILE L 494 -48.39 19.53 38.80
C ILE L 494 -49.53 19.09 37.89
N ILE L 495 -49.84 19.93 36.90
CA ILE L 495 -50.92 19.67 35.96
C ILE L 495 -50.43 19.92 34.54
N ASP L 496 -51.08 19.26 33.59
CA ASP L 496 -50.74 19.36 32.18
C ASP L 496 -52.00 19.66 31.36
N PRO L 497 -51.85 20.35 30.23
CA PRO L 497 -52.97 20.44 29.29
C PRO L 497 -53.30 19.07 28.73
N THR L 498 -54.60 18.79 28.59
CA THR L 498 -55.00 17.49 28.05
C THR L 498 -54.76 17.41 26.55
N LYS L 499 -54.77 18.55 25.86
CA LYS L 499 -54.52 18.55 24.43
C LYS L 499 -53.09 18.09 24.12
N VAL L 500 -52.12 18.53 24.92
CA VAL L 500 -50.73 18.19 24.67
C VAL L 500 -50.51 16.69 24.77
N VAL L 501 -50.97 16.09 25.88
CA VAL L 501 -50.78 14.66 26.07
C VAL L 501 -51.59 13.86 25.05
N ARG L 502 -52.80 14.33 24.73
CA ARG L 502 -53.63 13.65 23.74
C ARG L 502 -52.95 13.60 22.39
N THR L 503 -52.47 14.75 21.90
CA THR L 503 -51.85 14.77 20.58
C THR L 503 -50.51 14.06 20.57
N ALA L 504 -49.75 14.13 21.66
CA ALA L 504 -48.49 13.40 21.72
C ALA L 504 -48.74 11.90 21.61
N LEU L 505 -49.68 11.38 22.40
CA LEU L 505 -50.01 9.97 22.34
C LEU L 505 -50.50 9.58 20.95
N LEU L 506 -51.38 10.39 20.36
CA LEU L 506 -51.95 10.05 19.06
C LEU L 506 -50.87 10.00 17.99
N ASP L 507 -50.04 11.03 17.91
CA ASP L 507 -49.00 11.07 16.88
C ASP L 507 -48.00 9.95 17.06
N ALA L 508 -47.49 9.77 18.28
CA ALA L 508 -46.51 8.73 18.53
C ALA L 508 -47.08 7.36 18.18
N ALA L 509 -48.31 7.08 18.64
CA ALA L 509 -48.90 5.78 18.40
C ALA L 509 -49.13 5.53 16.92
N GLY L 510 -49.66 6.51 16.21
CA GLY L 510 -49.91 6.33 14.80
C GLY L 510 -48.64 6.03 14.03
N VAL L 511 -47.61 6.87 14.21
CA VAL L 511 -46.39 6.71 13.43
C VAL L 511 -45.70 5.41 13.79
N ALA L 512 -45.60 5.09 15.09
CA ALA L 512 -44.91 3.87 15.49
C ALA L 512 -45.67 2.63 15.02
N SER L 513 -46.99 2.64 15.10
CA SER L 513 -47.77 1.50 14.65
C SER L 513 -47.61 1.29 13.15
N LEU L 514 -47.59 2.38 12.37
CA LEU L 514 -47.29 2.23 10.96
C LEU L 514 -45.88 1.70 10.74
N LEU L 515 -44.95 2.10 11.62
CA LEU L 515 -43.57 1.62 11.50
C LEU L 515 -43.47 0.11 11.71
N THR L 516 -44.20 -0.42 12.68
CA THR L 516 -44.01 -1.82 13.06
C THR L 516 -44.49 -2.79 11.98
N THR L 517 -45.21 -2.29 10.97
CA THR L 517 -45.72 -3.16 9.92
C THR L 517 -44.68 -3.48 8.85
N ALA L 518 -43.43 -3.03 9.01
CA ALA L 518 -42.44 -3.15 7.95
C ALA L 518 -41.88 -4.57 7.87
N GLU L 519 -41.56 -4.99 6.64
CA GLU L 519 -40.82 -6.21 6.38
C GLU L 519 -39.58 -6.00 5.52
N VAL L 520 -39.64 -5.09 4.56
CA VAL L 520 -38.54 -4.84 3.62
C VAL L 520 -38.20 -3.36 3.68
N VAL L 521 -36.90 -3.05 3.65
CA VAL L 521 -36.43 -1.68 3.66
C VAL L 521 -35.49 -1.48 2.47
N VAL L 522 -35.79 -0.47 1.66
CA VAL L 522 -35.01 -0.14 0.47
C VAL L 522 -34.34 1.21 0.70
N THR L 523 -33.01 1.24 0.59
CA THR L 523 -32.24 2.46 0.81
C THR L 523 -31.33 2.70 -0.39
N GLU L 524 -30.78 3.90 -0.47
CA GLU L 524 -29.82 4.22 -1.51
C GLU L 524 -28.43 3.71 -1.13
N ILE L 525 -27.64 3.37 -2.14
CA ILE L 525 -26.28 2.90 -1.89
C ILE L 525 -25.43 4.08 -1.42
N PRO L 526 -24.67 3.94 -0.33
CA PRO L 526 -23.89 5.08 0.18
C PRO L 526 -22.70 5.41 -0.69
N LYS L 527 -22.92 6.11 -1.79
CA LYS L 527 -21.85 6.50 -2.69
C LYS L 527 -20.99 7.60 -2.08
N GLY M 1 -20.41 2.77 -28.58
CA GLY M 1 -19.21 3.51 -28.26
C GLY M 1 -18.49 3.00 -27.02
N SER M 2 -19.19 3.01 -25.90
CA SER M 2 -18.62 2.54 -24.64
C SER M 2 -18.37 1.04 -24.69
N ALA M 3 -17.35 0.60 -23.94
CA ALA M 3 -17.01 -0.81 -23.90
C ALA M 3 -18.17 -1.63 -23.33
N LYS M 4 -18.38 -2.81 -23.89
CA LYS M 4 -19.49 -3.67 -23.51
C LYS M 4 -18.98 -5.00 -22.97
N ASP M 5 -19.74 -5.56 -22.03
CA ASP M 5 -19.51 -6.89 -21.50
C ASP M 5 -20.62 -7.81 -22.01
N VAL M 6 -20.21 -8.96 -22.55
CA VAL M 6 -21.13 -9.89 -23.20
C VAL M 6 -21.10 -11.20 -22.42
N LYS M 7 -22.28 -11.67 -22.03
CA LYS M 7 -22.42 -12.92 -21.29
C LYS M 7 -23.32 -13.88 -22.06
N PHE M 8 -22.93 -15.15 -22.07
CA PHE M 8 -23.57 -16.17 -22.88
C PHE M 8 -24.22 -17.22 -22.00
N GLY M 9 -25.28 -17.84 -22.53
CA GLY M 9 -25.83 -19.05 -21.94
C GLY M 9 -26.49 -18.90 -20.58
N ALA M 10 -26.31 -19.93 -19.75
CA ALA M 10 -27.05 -20.02 -18.49
C ALA M 10 -26.51 -19.13 -17.40
N ASP M 11 -25.30 -18.58 -17.54
CA ASP M 11 -24.76 -17.69 -16.53
C ASP M 11 -25.52 -16.38 -16.49
N ALA M 12 -25.72 -15.76 -17.67
CA ALA M 12 -26.51 -14.55 -17.74
C ALA M 12 -27.95 -14.79 -17.31
N ARG M 13 -28.50 -15.93 -17.69
CA ARG M 13 -29.86 -16.27 -17.26
C ARG M 13 -29.93 -16.40 -15.74
N ALA M 14 -28.91 -17.00 -15.13
CA ALA M 14 -28.91 -17.13 -13.67
C ALA M 14 -28.82 -15.78 -12.98
N LEU M 15 -27.96 -14.89 -13.50
CA LEU M 15 -27.84 -13.56 -12.89
C LEU M 15 -29.14 -12.77 -13.04
N MET M 16 -29.74 -12.81 -14.22
CA MET M 16 -31.00 -12.12 -14.45
C MET M 16 -32.12 -12.70 -13.59
N LEU M 17 -32.15 -14.02 -13.43
CA LEU M 17 -33.12 -14.64 -12.54
C LEU M 17 -32.88 -14.24 -11.09
N GLN M 18 -31.62 -14.06 -10.68
CA GLN M 18 -31.35 -13.58 -9.34
C GLN M 18 -31.91 -12.18 -9.14
N GLY M 19 -31.73 -11.30 -10.12
CA GLY M 19 -32.31 -9.96 -10.02
C GLY M 19 -33.83 -9.98 -9.97
N VAL M 20 -34.44 -10.78 -10.84
CA VAL M 20 -35.88 -10.93 -10.86
C VAL M 20 -36.39 -11.46 -9.52
N ASP M 21 -35.70 -12.46 -8.98
CA ASP M 21 -36.10 -13.05 -7.71
C ASP M 21 -35.99 -12.05 -6.58
N LEU M 22 -34.92 -11.24 -6.58
CA LEU M 22 -34.78 -10.21 -5.55
C LEU M 22 -35.95 -9.23 -5.59
N LEU M 23 -36.23 -8.69 -6.78
CA LEU M 23 -37.32 -7.70 -6.88
C LEU M 23 -38.65 -8.33 -6.52
N ALA M 24 -38.91 -9.55 -7.01
CA ALA M 24 -40.19 -10.19 -6.73
C ALA M 24 -40.34 -10.58 -5.27
N ASP M 25 -39.25 -10.99 -4.61
CA ASP M 25 -39.31 -11.29 -3.19
C ASP M 25 -39.58 -10.03 -2.38
N ALA M 26 -38.99 -8.91 -2.79
CA ALA M 26 -39.32 -7.65 -2.12
C ALA M 26 -40.79 -7.28 -2.31
N VAL M 27 -41.30 -7.47 -3.53
CA VAL M 27 -42.67 -7.06 -3.82
C VAL M 27 -43.69 -7.98 -3.14
N ALA M 28 -43.44 -9.29 -3.12
CA ALA M 28 -44.45 -10.27 -2.76
C ALA M 28 -44.78 -10.30 -1.28
N VAL M 29 -43.99 -9.64 -0.43
CA VAL M 29 -44.30 -9.60 1.00
C VAL M 29 -45.49 -8.72 1.30
N THR M 30 -46.03 -8.02 0.29
CA THR M 30 -47.14 -7.09 0.48
C THR M 30 -48.42 -7.58 -0.19
N MET M 31 -48.54 -8.88 -0.43
CA MET M 31 -49.67 -9.43 -1.17
C MET M 31 -50.66 -10.09 -0.24
N GLY M 32 -51.94 -9.79 -0.44
CA GLY M 32 -53.00 -10.39 0.34
C GLY M 32 -53.40 -9.57 1.54
N PRO M 33 -54.39 -10.06 2.30
CA PRO M 33 -54.80 -9.32 3.50
C PRO M 33 -53.76 -9.31 4.60
N LYS M 34 -53.07 -10.43 4.80
CA LYS M 34 -51.99 -10.51 5.78
C LYS M 34 -50.63 -10.20 5.17
N GLY M 35 -50.52 -9.07 4.48
CA GLY M 35 -49.26 -8.65 3.87
C GLY M 35 -48.69 -7.47 4.62
N ARG M 36 -47.37 -7.41 4.71
CA ARG M 36 -46.68 -6.35 5.41
C ARG M 36 -46.40 -5.20 4.45
N THR M 37 -45.73 -4.17 4.95
CA THR M 37 -45.40 -2.98 4.18
C THR M 37 -43.90 -2.89 3.95
N VAL M 38 -43.52 -1.97 3.06
CA VAL M 38 -42.14 -1.74 2.68
C VAL M 38 -41.82 -0.27 2.90
N ILE M 39 -40.71 0.00 3.56
CA ILE M 39 -40.23 1.37 3.77
C ILE M 39 -39.15 1.67 2.74
N ILE M 40 -39.37 2.70 1.94
CA ILE M 40 -38.43 3.14 0.92
C ILE M 40 -37.89 4.50 1.34
N GLU M 41 -36.57 4.61 1.45
CA GLU M 41 -35.96 5.87 1.82
C GLU M 41 -36.16 6.91 0.71
N GLN M 42 -36.60 8.09 1.11
CA GLN M 42 -36.78 9.20 0.18
C GLN M 42 -35.60 10.15 0.32
N SER M 43 -35.05 10.59 -0.82
CA SER M 43 -33.82 11.39 -0.79
C SER M 43 -34.04 12.74 -0.13
N TRP M 44 -35.19 13.36 -0.37
CA TRP M 44 -35.40 14.74 0.05
C TRP M 44 -36.10 14.88 1.39
N GLY M 45 -36.66 13.81 1.95
CA GLY M 45 -37.39 13.94 3.19
C GLY M 45 -37.62 12.64 3.90
N SER M 46 -38.79 12.53 4.51
CA SER M 46 -39.12 11.37 5.33
C SER M 46 -39.28 10.13 4.46
N PRO M 47 -39.01 8.94 4.99
CA PRO M 47 -39.22 7.72 4.21
C PRO M 47 -40.69 7.49 3.91
N LYS M 48 -40.94 6.64 2.91
CA LYS M 48 -42.28 6.35 2.44
C LYS M 48 -42.62 4.90 2.75
N VAL M 49 -43.70 4.68 3.49
CA VAL M 49 -44.17 3.34 3.81
C VAL M 49 -45.32 3.00 2.86
N THR M 50 -45.17 1.91 2.11
CA THR M 50 -46.16 1.57 1.09
C THR M 50 -46.42 0.07 1.08
N LYS M 51 -47.64 -0.29 0.68
CA LYS M 51 -48.00 -1.68 0.43
C LYS M 51 -48.30 -1.94 -1.05
N ASP M 52 -47.92 -1.00 -1.92
CA ASP M 52 -48.23 -1.13 -3.34
C ASP M 52 -47.12 -1.87 -4.06
N GLY M 53 -47.51 -2.79 -4.94
CA GLY M 53 -46.53 -3.57 -5.67
C GLY M 53 -45.71 -2.73 -6.64
N VAL M 54 -46.37 -1.86 -7.39
CA VAL M 54 -45.66 -1.06 -8.40
C VAL M 54 -44.74 -0.05 -7.73
N THR M 55 -45.18 0.53 -6.61
CA THR M 55 -44.35 1.49 -5.90
C THR M 55 -43.09 0.86 -5.34
N VAL M 56 -43.20 -0.36 -4.82
CA VAL M 56 -42.02 -1.07 -4.34
C VAL M 56 -41.13 -1.48 -5.51
N ALA M 57 -41.73 -1.95 -6.61
CA ALA M 57 -40.94 -2.41 -7.75
C ALA M 57 -40.14 -1.27 -8.37
N LYS M 58 -40.79 -0.12 -8.59
CA LYS M 58 -40.13 1.00 -9.26
C LYS M 58 -39.03 1.63 -8.41
N SER M 59 -38.96 1.32 -7.13
CA SER M 59 -37.98 1.91 -6.23
C SER M 59 -36.73 1.06 -6.05
N ILE M 60 -36.66 -0.08 -6.73
CA ILE M 60 -35.54 -1.02 -6.57
C ILE M 60 -34.70 -0.98 -7.85
N ASP M 61 -33.46 -0.53 -7.70
CA ASP M 61 -32.47 -0.53 -8.79
C ASP M 61 -31.20 -1.19 -8.29
N LEU M 62 -30.70 -2.15 -9.05
CA LEU M 62 -29.58 -2.97 -8.63
C LEU M 62 -28.29 -2.52 -9.31
N LYS M 63 -27.17 -2.73 -8.60
CA LYS M 63 -25.88 -2.32 -9.15
C LYS M 63 -25.41 -3.27 -10.25
N ASP M 64 -25.58 -4.58 -10.05
CA ASP M 64 -25.19 -5.55 -11.07
C ASP M 64 -26.02 -5.36 -12.32
N LYS M 65 -25.35 -5.33 -13.48
CA LYS M 65 -26.02 -4.97 -14.72
C LYS M 65 -27.07 -6.00 -15.13
N TYR M 66 -26.78 -7.28 -14.98
CA TYR M 66 -27.72 -8.31 -15.40
C TYR M 66 -28.89 -8.43 -14.43
N LYS M 67 -28.60 -8.39 -13.13
CA LYS M 67 -29.66 -8.34 -12.14
C LYS M 67 -30.52 -7.09 -12.34
N ASN M 68 -29.88 -5.97 -12.70
CA ASN M 68 -30.64 -4.76 -12.98
C ASN M 68 -31.49 -4.91 -14.23
N ILE M 69 -31.03 -5.66 -15.23
CA ILE M 69 -31.86 -5.90 -16.42
C ILE M 69 -33.10 -6.69 -16.04
N GLY M 70 -32.92 -7.74 -15.25
CA GLY M 70 -34.08 -8.51 -14.78
C GLY M 70 -35.03 -7.67 -13.95
N ALA M 71 -34.48 -6.87 -13.05
CA ALA M 71 -35.32 -5.99 -12.22
C ALA M 71 -36.06 -4.98 -13.07
N LYS M 72 -35.41 -4.45 -14.11
CA LYS M 72 -36.06 -3.49 -15.00
C LYS M 72 -37.20 -4.14 -15.75
N LEU M 73 -37.03 -5.39 -16.18
CA LEU M 73 -38.13 -6.07 -16.87
C LEU M 73 -39.31 -6.32 -15.93
N VAL M 74 -39.03 -6.70 -14.67
CA VAL M 74 -40.12 -6.87 -13.72
C VAL M 74 -40.80 -5.53 -13.43
N GLN M 75 -40.01 -4.45 -13.39
CA GLN M 75 -40.59 -3.11 -13.23
C GLN M 75 -41.48 -2.76 -14.41
N ASP M 76 -41.07 -3.16 -15.62
CA ASP M 76 -41.90 -2.97 -16.79
C ASP M 76 -43.23 -3.69 -16.62
N VAL M 77 -43.18 -4.94 -16.14
CA VAL M 77 -44.42 -5.70 -15.90
C VAL M 77 -45.33 -4.93 -14.93
N ALA M 78 -44.76 -4.52 -13.80
CA ALA M 78 -45.56 -3.86 -12.77
C ALA M 78 -46.13 -2.54 -13.26
N ASN M 79 -45.32 -1.77 -14.00
CA ASN M 79 -45.77 -0.46 -14.48
C ASN M 79 -46.88 -0.59 -15.51
N ASN M 80 -46.76 -1.55 -16.44
CA ASN M 80 -47.83 -1.77 -17.39
C ASN M 80 -49.11 -2.23 -16.70
N THR M 81 -48.99 -3.12 -15.71
CA THR M 81 -50.17 -3.56 -14.99
C THR M 81 -50.82 -2.39 -14.24
N ASN M 82 -50.01 -1.52 -13.63
CA ASN M 82 -50.55 -0.36 -12.94
C ASN M 82 -51.23 0.61 -13.92
N GLU M 83 -50.63 0.83 -15.08
CA GLU M 83 -51.19 1.80 -16.02
C GLU M 83 -52.47 1.31 -16.67
N GLU M 84 -52.54 0.04 -17.07
CA GLU M 84 -53.70 -0.48 -17.76
C GLU M 84 -54.83 -0.90 -16.83
N ALA M 85 -54.57 -1.05 -15.53
CA ALA M 85 -55.64 -1.47 -14.62
C ALA M 85 -55.77 -0.56 -13.40
N GLY M 86 -54.65 -0.11 -12.85
CA GLY M 86 -54.62 0.62 -11.60
C GLY M 86 -54.45 -0.24 -10.37
N ASP M 87 -54.61 -1.55 -10.52
CA ASP M 87 -54.48 -2.50 -9.42
C ASP M 87 -53.96 -3.82 -9.96
N GLY M 88 -53.52 -4.69 -9.06
CA GLY M 88 -53.02 -5.99 -9.43
C GLY M 88 -51.55 -6.06 -9.76
N THR M 89 -50.74 -5.10 -9.31
CA THR M 89 -49.33 -5.06 -9.68
C THR M 89 -48.54 -6.17 -8.98
N THR M 90 -48.86 -6.46 -7.72
CA THR M 90 -48.16 -7.54 -7.01
C THR M 90 -48.45 -8.89 -7.65
N THR M 91 -49.71 -9.13 -8.02
CA THR M 91 -50.05 -10.38 -8.70
C THR M 91 -49.31 -10.50 -10.02
N ALA M 92 -49.23 -9.42 -10.78
CA ALA M 92 -48.48 -9.45 -12.04
C ALA M 92 -47.00 -9.71 -11.79
N THR M 93 -46.44 -9.12 -10.74
CA THR M 93 -45.03 -9.33 -10.43
C THR M 93 -44.75 -10.79 -10.08
N VAL M 94 -45.58 -11.39 -9.23
CA VAL M 94 -45.34 -12.77 -8.84
C VAL M 94 -45.58 -13.71 -10.01
N LEU M 95 -46.58 -13.43 -10.84
CA LEU M 95 -46.81 -14.26 -12.03
C LEU M 95 -45.64 -14.17 -12.99
N ALA M 96 -45.12 -12.96 -13.21
CA ALA M 96 -43.98 -12.79 -14.09
C ALA M 96 -42.75 -13.52 -13.57
N ARG M 97 -42.50 -13.44 -12.27
CA ARG M 97 -41.37 -14.15 -11.70
C ARG M 97 -41.53 -15.65 -11.87
N SER M 98 -42.73 -16.18 -11.62
CA SER M 98 -42.95 -17.61 -11.76
C SER M 98 -42.75 -18.07 -13.20
N ILE M 99 -43.29 -17.31 -14.16
CA ILE M 99 -43.16 -17.69 -15.56
C ILE M 99 -41.70 -17.61 -16.00
N ALA M 100 -40.99 -16.57 -15.56
CA ALA M 100 -39.58 -16.43 -15.91
C ALA M 100 -38.75 -17.60 -15.37
N LYS M 101 -38.98 -17.97 -14.10
CA LYS M 101 -38.25 -19.09 -13.52
C LYS M 101 -38.57 -20.40 -14.23
N GLU M 102 -39.86 -20.63 -14.50
CA GLU M 102 -40.27 -21.86 -15.18
C GLU M 102 -39.64 -21.94 -16.57
N GLY M 103 -39.64 -20.84 -17.31
CA GLY M 103 -39.04 -20.85 -18.63
C GLY M 103 -37.53 -21.02 -18.59
N PHE M 104 -36.87 -20.38 -17.62
CA PHE M 104 -35.42 -20.50 -17.51
C PHE M 104 -35.00 -21.93 -17.18
N GLU M 105 -35.70 -22.60 -16.28
CA GLU M 105 -35.26 -23.93 -15.90
C GLU M 105 -35.58 -24.99 -16.94
N LYS M 106 -36.39 -24.67 -17.95
CA LYS M 106 -36.79 -25.63 -18.97
C LYS M 106 -36.05 -25.44 -20.29
N ILE M 107 -34.95 -24.69 -20.29
CA ILE M 107 -34.19 -24.42 -21.51
C ILE M 107 -33.10 -25.47 -21.64
N SER M 108 -33.07 -26.16 -22.79
CA SER M 108 -32.06 -27.16 -23.08
C SER M 108 -31.46 -26.87 -24.45
N LYS M 109 -30.55 -27.75 -24.88
CA LYS M 109 -29.92 -27.59 -26.19
C LYS M 109 -30.95 -27.76 -27.31
N GLY M 110 -31.82 -28.75 -27.20
CA GLY M 110 -32.83 -28.99 -28.21
C GLY M 110 -34.12 -28.23 -28.04
N ALA M 111 -34.31 -27.58 -26.90
CA ALA M 111 -35.53 -26.82 -26.67
C ALA M 111 -35.56 -25.56 -27.52
N ASN M 112 -36.77 -25.15 -27.91
CA ASN M 112 -36.97 -23.94 -28.69
C ASN M 112 -37.76 -22.93 -27.87
N PRO M 113 -37.11 -21.95 -27.24
CA PRO M 113 -37.85 -21.02 -26.38
C PRO M 113 -38.87 -20.16 -27.11
N VAL M 114 -38.73 -19.97 -28.42
CA VAL M 114 -39.71 -19.19 -29.17
C VAL M 114 -41.04 -19.94 -29.23
N GLU M 115 -40.98 -21.25 -29.51
CA GLU M 115 -42.21 -22.03 -29.53
C GLU M 115 -42.78 -22.21 -28.13
N ILE M 116 -41.92 -22.24 -27.10
CA ILE M 116 -42.41 -22.24 -25.73
C ILE M 116 -43.17 -20.95 -25.44
N ARG M 117 -42.64 -19.82 -25.90
CA ARG M 117 -43.34 -18.54 -25.75
C ARG M 117 -44.68 -18.57 -26.48
N ARG M 118 -44.70 -19.15 -27.69
CA ARG M 118 -45.96 -19.26 -28.43
C ARG M 118 -46.98 -20.06 -27.65
N GLY M 119 -46.56 -21.22 -27.12
CA GLY M 119 -47.46 -22.02 -26.30
C GLY M 119 -47.94 -21.28 -25.08
N VAL M 120 -47.07 -20.47 -24.48
CA VAL M 120 -47.47 -19.63 -23.35
C VAL M 120 -48.57 -18.66 -23.76
N MET M 121 -48.43 -18.04 -24.93
CA MET M 121 -49.46 -17.10 -25.39
C MET M 121 -50.78 -17.80 -25.64
N LEU M 122 -50.76 -18.98 -26.26
CA LEU M 122 -52.00 -19.73 -26.45
C LEU M 122 -52.64 -20.11 -25.11
N ALA M 123 -51.83 -20.56 -24.15
CA ALA M 123 -52.38 -20.92 -22.84
C ALA M 123 -52.99 -19.70 -22.16
N VAL M 124 -52.34 -18.55 -22.25
CA VAL M 124 -52.84 -17.34 -21.61
C VAL M 124 -54.13 -16.87 -22.29
N ASP M 125 -54.21 -16.99 -23.62
CA ASP M 125 -55.45 -16.67 -24.31
C ASP M 125 -56.58 -17.57 -23.85
N ALA M 126 -56.31 -18.87 -23.70
CA ALA M 126 -57.34 -19.78 -23.21
C ALA M 126 -57.77 -19.42 -21.79
N VAL M 127 -56.82 -19.07 -20.92
CA VAL M 127 -57.16 -18.71 -19.55
C VAL M 127 -57.98 -17.43 -19.53
N ILE M 128 -57.65 -16.47 -20.40
CA ILE M 128 -58.40 -15.22 -20.47
C ILE M 128 -59.83 -15.49 -20.94
N ALA M 129 -59.99 -16.39 -21.92
CA ALA M 129 -61.33 -16.77 -22.36
C ALA M 129 -62.12 -17.41 -21.22
N GLU M 130 -61.47 -18.28 -20.45
CA GLU M 130 -62.13 -18.89 -19.30
C GLU M 130 -62.54 -17.83 -18.27
N LEU M 131 -61.66 -16.86 -18.01
CA LEU M 131 -61.96 -15.81 -17.05
C LEU M 131 -63.15 -14.97 -17.52
N LYS M 132 -63.19 -14.63 -18.81
CA LYS M 132 -64.35 -13.90 -19.33
C LYS M 132 -65.62 -14.74 -19.25
N LYS M 133 -65.51 -16.05 -19.44
CA LYS M 133 -66.68 -16.91 -19.34
C LYS M 133 -67.15 -17.04 -17.89
N GLN M 134 -66.26 -16.87 -16.93
CA GLN M 134 -66.61 -17.02 -15.52
C GLN M 134 -67.01 -15.71 -14.84
N SER M 135 -67.04 -14.60 -15.56
CA SER M 135 -67.33 -13.31 -14.94
C SER M 135 -68.83 -13.14 -14.72
N LYS M 136 -69.18 -12.23 -13.81
CA LYS M 136 -70.55 -11.86 -13.54
C LYS M 136 -70.59 -10.35 -13.32
N PRO M 137 -71.53 -9.64 -13.93
CA PRO M 137 -71.55 -8.18 -13.83
C PRO M 137 -71.96 -7.72 -12.43
N VAL M 138 -71.61 -6.47 -12.12
CA VAL M 138 -71.98 -5.84 -10.86
C VAL M 138 -73.40 -5.30 -11.01
N THR M 139 -74.30 -5.73 -10.14
CA THR M 139 -75.69 -5.32 -10.19
C THR M 139 -76.16 -4.57 -8.96
N THR M 140 -75.46 -4.70 -7.84
CA THR M 140 -75.87 -4.08 -6.58
C THR M 140 -74.75 -3.22 -6.02
N PRO M 141 -75.10 -2.14 -5.32
CA PRO M 141 -74.06 -1.33 -4.67
C PRO M 141 -73.29 -2.07 -3.60
N GLU M 142 -73.88 -3.11 -3.01
CA GLU M 142 -73.16 -3.90 -2.01
C GLU M 142 -71.96 -4.61 -2.64
N GLU M 143 -72.08 -5.02 -3.90
CA GLU M 143 -70.93 -5.58 -4.60
C GLU M 143 -69.83 -4.53 -4.77
N ILE M 144 -70.22 -3.29 -5.07
CA ILE M 144 -69.24 -2.22 -5.16
C ILE M 144 -68.53 -2.03 -3.82
N ALA M 145 -69.29 -2.04 -2.72
CA ALA M 145 -68.69 -1.90 -1.41
C ALA M 145 -67.73 -3.05 -1.11
N GLN M 146 -68.13 -4.28 -1.46
CA GLN M 146 -67.26 -5.44 -1.23
C GLN M 146 -65.97 -5.33 -2.03
N VAL M 147 -66.08 -4.91 -3.30
CA VAL M 147 -64.88 -4.78 -4.14
C VAL M 147 -63.96 -3.71 -3.59
N ALA M 148 -64.52 -2.57 -3.20
CA ALA M 148 -63.69 -1.50 -2.64
C ALA M 148 -63.03 -1.92 -1.34
N THR M 149 -63.76 -2.63 -0.48
CA THR M 149 -63.20 -3.10 0.78
C THR M 149 -62.06 -4.10 0.53
N ILE M 150 -62.27 -5.03 -0.41
CA ILE M 150 -61.25 -6.02 -0.71
C ILE M 150 -60.00 -5.35 -1.27
N SER M 151 -60.18 -4.39 -2.16
CA SER M 151 -59.04 -3.70 -2.76
C SER M 151 -58.41 -2.68 -1.83
N ALA M 152 -59.06 -2.33 -0.73
CA ALA M 152 -58.51 -1.41 0.26
C ALA M 152 -57.97 -2.13 1.48
N ASN M 153 -57.50 -3.37 1.30
CA ASN M 153 -56.96 -4.19 2.38
C ASN M 153 -57.98 -4.38 3.51
N GLY M 154 -59.20 -4.71 3.12
CA GLY M 154 -60.24 -5.00 4.09
C GLY M 154 -60.63 -3.86 4.98
N ASP M 155 -60.71 -2.65 4.44
CA ASP M 155 -61.12 -1.47 5.20
C ASP M 155 -62.60 -1.19 4.89
N LYS M 156 -63.45 -1.39 5.90
CA LYS M 156 -64.89 -1.20 5.70
C LYS M 156 -65.22 0.26 5.40
N GLU M 157 -64.57 1.20 6.09
CA GLU M 157 -64.91 2.60 5.93
C GLU M 157 -64.57 3.11 4.54
N ILE M 158 -63.46 2.66 3.95
CA ILE M 158 -63.11 3.09 2.60
C ILE M 158 -64.15 2.61 1.61
N GLY M 159 -64.56 1.35 1.73
CA GLY M 159 -65.59 0.82 0.85
C GLY M 159 -66.91 1.55 1.02
N ASN M 160 -67.28 1.87 2.27
CA ASN M 160 -68.51 2.62 2.49
C ASN M 160 -68.44 4.01 1.86
N ILE M 161 -67.29 4.68 2.00
CA ILE M 161 -67.13 6.01 1.42
C ILE M 161 -67.23 5.95 -0.09
N ILE M 162 -66.59 4.96 -0.71
CA ILE M 162 -66.61 4.86 -2.17
C ILE M 162 -68.01 4.50 -2.66
N SER M 163 -68.72 3.64 -1.93
CA SER M 163 -70.10 3.34 -2.28
C SER M 163 -70.99 4.57 -2.18
N ASP M 164 -70.79 5.38 -1.13
CA ASP M 164 -71.55 6.62 -1.00
C ASP M 164 -71.24 7.56 -2.15
N ALA M 165 -69.97 7.65 -2.54
CA ALA M 165 -69.60 8.52 -3.66
C ALA M 165 -70.26 8.05 -4.95
N MET M 166 -70.25 6.74 -5.21
CA MET M 166 -70.89 6.23 -6.42
C MET M 166 -72.40 6.37 -6.38
N LYS M 167 -73.01 6.33 -5.20
CA LYS M 167 -74.43 6.62 -5.09
C LYS M 167 -74.73 8.08 -5.39
N LYS M 168 -73.87 8.99 -4.90
CA LYS M 168 -74.13 10.42 -5.05
C LYS M 168 -73.89 10.89 -6.47
N VAL M 169 -72.78 10.50 -7.09
CA VAL M 169 -72.41 11.04 -8.39
C VAL M 169 -72.55 10.02 -9.52
N GLY M 170 -73.12 8.86 -9.26
CA GLY M 170 -73.27 7.84 -10.27
C GLY M 170 -72.06 6.93 -10.37
N ARG M 171 -72.25 5.82 -11.09
CA ARG M 171 -71.17 4.85 -11.25
C ARG M 171 -70.02 5.42 -12.05
N LYS M 172 -70.31 6.20 -13.08
CA LYS M 172 -69.30 6.78 -13.95
C LYS M 172 -68.93 8.21 -13.56
N GLY M 173 -69.39 8.68 -12.40
CA GLY M 173 -69.08 10.04 -11.98
C GLY M 173 -67.61 10.23 -11.68
N VAL M 174 -67.17 11.48 -11.76
CA VAL M 174 -65.77 11.81 -11.51
C VAL M 174 -65.49 11.78 -10.01
N ILE M 175 -64.53 10.95 -9.61
CA ILE M 175 -64.14 10.81 -8.21
C ILE M 175 -62.62 10.93 -8.14
N THR M 176 -62.13 11.72 -7.18
CA THR M 176 -60.70 11.93 -7.00
C THR M 176 -60.37 12.01 -5.51
N VAL M 177 -59.11 11.77 -5.19
CA VAL M 177 -58.62 11.69 -3.82
C VAL M 177 -57.66 12.84 -3.57
N LYS M 178 -57.86 13.54 -2.45
CA LYS M 178 -56.99 14.63 -2.06
C LYS M 178 -56.71 14.47 -0.57
N ASP M 179 -55.50 14.84 -0.14
CA ASP M 179 -55.13 14.62 1.25
C ASP M 179 -55.94 15.51 2.18
N GLY M 180 -56.35 14.95 3.31
CA GLY M 180 -57.16 15.69 4.26
C GLY M 180 -56.35 16.34 5.37
N LYS M 181 -56.92 17.39 5.94
CA LYS M 181 -56.31 18.11 7.06
C LYS M 181 -56.91 17.70 8.39
N THR M 182 -57.75 16.68 8.42
CA THR M 182 -58.41 16.22 9.63
C THR M 182 -58.04 14.77 9.92
N LEU M 183 -58.54 14.27 11.05
CA LEU M 183 -58.19 12.93 11.50
C LEU M 183 -58.90 11.83 10.73
N ASN M 184 -60.08 12.11 10.18
CA ASN M 184 -60.92 11.10 9.56
C ASN M 184 -61.16 11.43 8.09
N ASP M 185 -61.51 10.40 7.33
CA ASP M 185 -61.85 10.56 5.92
C ASP M 185 -63.22 11.18 5.78
N GLU M 186 -63.39 12.02 4.77
CA GLU M 186 -64.66 12.68 4.52
C GLU M 186 -64.90 12.79 3.01
N LEU M 187 -66.17 12.99 2.66
CA LEU M 187 -66.63 13.02 1.28
C LEU M 187 -67.30 14.37 1.00
N GLU M 188 -66.95 14.99 -0.12
CA GLU M 188 -67.60 16.22 -0.54
C GLU M 188 -67.97 16.15 -2.01
N ILE M 189 -68.97 16.93 -2.39
CA ILE M 189 -69.45 16.95 -3.77
C ILE M 189 -69.22 18.32 -4.39
N ALA M 378 -67.18 14.15 -7.16
CA ALA M 378 -66.94 13.81 -5.77
C ALA M 378 -65.46 13.85 -5.45
N VAL M 379 -65.13 14.39 -4.27
CA VAL M 379 -63.76 14.48 -3.79
C VAL M 379 -63.67 13.85 -2.41
N LEU M 380 -62.55 13.18 -2.14
CA LEU M 380 -62.32 12.46 -0.90
C LEU M 380 -61.18 13.13 -0.15
N LYS M 381 -61.35 13.34 1.15
CA LYS M 381 -60.28 13.81 2.01
C LYS M 381 -59.86 12.67 2.93
N VAL M 382 -58.57 12.36 2.93
CA VAL M 382 -58.04 11.22 3.66
C VAL M 382 -57.54 11.68 5.02
N GLY M 383 -58.02 11.01 6.08
CA GLY M 383 -57.62 11.35 7.43
C GLY M 383 -56.32 10.69 7.84
N GLY M 384 -55.75 11.20 8.92
CA GLY M 384 -54.51 10.67 9.44
C GLY M 384 -53.85 11.67 10.36
N THR M 385 -52.69 11.26 10.87
CA THR M 385 -51.90 12.09 11.79
C THR M 385 -50.64 12.64 11.16
N SER M 386 -49.90 11.82 10.41
CA SER M 386 -48.68 12.26 9.74
C SER M 386 -48.81 12.00 8.25
N ASP M 387 -47.80 12.48 7.50
CA ASP M 387 -47.86 12.38 6.05
C ASP M 387 -47.70 10.95 5.57
N VAL M 388 -46.94 10.14 6.28
CA VAL M 388 -46.75 8.74 5.88
C VAL M 388 -48.07 7.99 5.92
N GLU M 389 -48.85 8.19 6.99
CA GLU M 389 -50.13 7.51 7.13
C GLU M 389 -51.09 7.93 6.02
N VAL M 390 -51.19 9.23 5.76
CA VAL M 390 -52.13 9.70 4.75
C VAL M 390 -51.68 9.25 3.36
N ASN M 391 -50.37 9.13 3.14
CA ASN M 391 -49.89 8.63 1.85
C ASN M 391 -50.25 7.17 1.66
N GLU M 392 -50.03 6.35 2.70
CA GLU M 392 -50.41 4.93 2.59
C GLU M 392 -51.91 4.77 2.39
N LYS M 393 -52.71 5.51 3.15
CA LYS M 393 -54.16 5.44 3.02
C LYS M 393 -54.61 5.95 1.66
N LYS M 394 -53.97 6.99 1.14
CA LYS M 394 -54.30 7.50 -0.19
C LYS M 394 -53.99 6.47 -1.27
N ASP M 395 -52.85 5.78 -1.13
CA ASP M 395 -52.53 4.72 -2.07
C ASP M 395 -53.59 3.62 -2.04
N ARG M 396 -54.00 3.20 -0.86
CA ARG M 396 -55.05 2.18 -0.76
C ARG M 396 -56.40 2.67 -1.30
N VAL M 397 -56.76 3.93 -1.05
CA VAL M 397 -58.01 4.47 -1.59
C VAL M 397 -57.97 4.55 -3.11
N THR M 398 -56.84 4.97 -3.67
CA THR M 398 -56.69 5.01 -5.12
C THR M 398 -56.79 3.60 -5.71
N ASP M 399 -56.18 2.62 -5.05
CA ASP M 399 -56.30 1.24 -5.51
C ASP M 399 -57.75 0.79 -5.48
N ALA M 400 -58.47 1.11 -4.40
CA ALA M 400 -59.87 0.72 -4.30
C ALA M 400 -60.71 1.39 -5.38
N LEU M 401 -60.49 2.68 -5.65
CA LEU M 401 -61.23 3.37 -6.69
C LEU M 401 -60.96 2.78 -8.07
N ASN M 402 -59.69 2.50 -8.39
CA ASN M 402 -59.37 1.91 -9.68
C ASN M 402 -59.99 0.52 -9.81
N ALA M 403 -59.93 -0.27 -8.74
CA ALA M 403 -60.48 -1.62 -8.79
C ALA M 403 -62.00 -1.59 -8.94
N THR M 404 -62.69 -0.68 -8.25
CA THR M 404 -64.14 -0.63 -8.39
C THR M 404 -64.56 -0.05 -9.74
N ARG M 405 -63.75 0.86 -10.31
CA ARG M 405 -64.02 1.31 -11.67
C ARG M 405 -63.87 0.17 -12.66
N ALA M 406 -62.84 -0.66 -12.51
CA ALA M 406 -62.69 -1.83 -13.36
C ALA M 406 -63.82 -2.82 -13.15
N ALA M 407 -64.28 -2.97 -11.91
CA ALA M 407 -65.34 -3.93 -11.61
C ALA M 407 -66.69 -3.47 -12.14
N VAL M 408 -66.91 -2.17 -12.22
CA VAL M 408 -68.15 -1.66 -12.80
C VAL M 408 -68.06 -1.56 -14.33
N GLU M 409 -66.84 -1.48 -14.88
CA GLU M 409 -66.67 -1.49 -16.32
C GLU M 409 -66.63 -2.90 -16.89
N GLU M 410 -66.53 -3.92 -16.06
CA GLU M 410 -66.39 -5.30 -16.52
C GLU M 410 -67.06 -6.20 -15.50
N GLY M 411 -66.74 -7.50 -15.54
CA GLY M 411 -67.35 -8.47 -14.66
C GLY M 411 -66.64 -8.58 -13.32
N ILE M 412 -67.04 -9.62 -12.57
CA ILE M 412 -66.49 -9.91 -11.25
C ILE M 412 -66.20 -11.40 -11.16
N VAL M 413 -65.03 -11.74 -10.63
CA VAL M 413 -64.63 -13.12 -10.41
C VAL M 413 -64.29 -13.30 -8.93
N LEU M 414 -64.02 -14.54 -8.55
CA LEU M 414 -63.68 -14.85 -7.17
C LEU M 414 -62.33 -14.26 -6.80
N GLY M 415 -62.18 -13.93 -5.52
CA GLY M 415 -60.94 -13.38 -5.02
C GLY M 415 -59.98 -14.46 -4.53
N GLY M 416 -58.88 -14.00 -3.93
CA GLY M 416 -57.91 -14.89 -3.34
C GLY M 416 -57.08 -15.68 -4.33
N GLY M 417 -57.15 -15.36 -5.61
CA GLY M 417 -56.48 -16.15 -6.63
C GLY M 417 -57.24 -17.39 -7.06
N CYS M 418 -58.45 -17.61 -6.53
CA CYS M 418 -59.24 -18.77 -6.90
C CYS M 418 -59.74 -18.70 -8.34
N ALA M 419 -60.02 -17.48 -8.82
CA ALA M 419 -60.46 -17.32 -10.21
C ALA M 419 -59.41 -17.82 -11.19
N LEU M 420 -58.14 -17.52 -10.92
CA LEU M 420 -57.06 -18.02 -11.75
C LEU M 420 -56.86 -19.52 -11.56
N LEU M 421 -57.20 -20.05 -10.39
CA LEU M 421 -57.09 -21.49 -10.15
C LEU M 421 -58.15 -22.26 -10.93
N ARG M 422 -59.33 -21.68 -11.12
CA ARG M 422 -60.42 -22.38 -11.80
C ARG M 422 -60.18 -22.57 -13.30
N CYS M 423 -59.15 -21.94 -13.86
CA CYS M 423 -58.89 -22.02 -15.30
C CYS M 423 -57.94 -23.15 -15.68
N ILE M 424 -57.49 -23.95 -14.71
CA ILE M 424 -56.60 -25.08 -15.04
C ILE M 424 -57.29 -26.09 -15.94
N PRO M 425 -58.55 -26.49 -15.72
CA PRO M 425 -59.19 -27.41 -16.67
C PRO M 425 -59.24 -26.88 -18.09
N ALA M 426 -59.36 -25.57 -18.28
CA ALA M 426 -59.30 -25.00 -19.62
C ALA M 426 -57.98 -25.31 -20.29
N LEU M 427 -56.88 -25.24 -19.54
CA LEU M 427 -55.58 -25.62 -20.08
C LEU M 427 -55.49 -27.13 -20.30
N ASP M 428 -56.14 -27.92 -19.44
CA ASP M 428 -56.15 -29.36 -19.64
C ASP M 428 -56.84 -29.74 -20.94
N SER M 429 -57.89 -28.99 -21.32
CA SER M 429 -58.60 -29.27 -22.55
C SER M 429 -57.73 -29.03 -23.77
N LEU M 430 -56.89 -28.01 -23.74
CA LEU M 430 -56.08 -27.64 -24.89
C LEU M 430 -55.09 -28.75 -25.26
N THR M 431 -54.82 -28.88 -26.56
CA THR M 431 -53.84 -29.83 -27.05
C THR M 431 -52.65 -29.09 -27.65
N PRO M 432 -51.43 -29.54 -27.41
CA PRO M 432 -50.26 -28.85 -27.95
C PRO M 432 -50.02 -29.19 -29.41
N ALA M 433 -49.25 -28.34 -30.08
CA ALA M 433 -48.84 -28.62 -31.45
C ALA M 433 -47.51 -29.36 -31.52
N ASN M 434 -46.62 -29.12 -30.55
CA ASN M 434 -45.35 -29.82 -30.47
C ASN M 434 -44.90 -29.84 -29.01
N GLU M 435 -43.67 -30.30 -28.78
CA GLU M 435 -43.18 -30.45 -27.41
C GLU M 435 -42.97 -29.10 -26.74
N ASP M 436 -42.46 -28.11 -27.47
CA ASP M 436 -42.20 -26.80 -26.88
C ASP M 436 -43.49 -26.11 -26.46
N GLN M 437 -44.53 -26.22 -27.29
CA GLN M 437 -45.81 -25.64 -26.90
C GLN M 437 -46.41 -26.36 -25.69
N LYS M 438 -46.20 -27.67 -25.60
CA LYS M 438 -46.60 -28.39 -24.39
C LYS M 438 -45.85 -27.88 -23.17
N ILE M 439 -44.56 -27.60 -23.33
CA ILE M 439 -43.76 -27.06 -22.22
C ILE M 439 -44.32 -25.71 -21.79
N GLY M 440 -44.64 -24.85 -22.76
CA GLY M 440 -45.21 -23.56 -22.41
C GLY M 440 -46.56 -23.67 -21.72
N ILE M 441 -47.41 -24.58 -22.20
CA ILE M 441 -48.71 -24.79 -21.58
C ILE M 441 -48.55 -25.27 -20.15
N GLU M 442 -47.63 -26.20 -19.91
CA GLU M 442 -47.39 -26.66 -18.55
C GLU M 442 -46.80 -25.55 -17.68
N ILE M 443 -45.98 -24.68 -18.26
CA ILE M 443 -45.45 -23.53 -17.52
C ILE M 443 -46.60 -22.65 -17.04
N ILE M 444 -47.54 -22.33 -17.93
CA ILE M 444 -48.67 -21.50 -17.55
C ILE M 444 -49.55 -22.23 -16.52
N LYS M 445 -49.72 -23.53 -16.70
CA LYS M 445 -50.53 -24.30 -15.77
C LYS M 445 -49.94 -24.30 -14.37
N ARG M 446 -48.62 -24.44 -14.26
CA ARG M 446 -47.97 -24.36 -12.96
C ARG M 446 -47.99 -22.96 -12.39
N THR M 447 -47.93 -21.94 -13.26
CA THR M 447 -47.94 -20.56 -12.78
C THR M 447 -49.30 -20.14 -12.25
N LEU M 448 -50.39 -20.70 -12.81
CA LEU M 448 -51.73 -20.25 -12.43
C LEU M 448 -52.00 -20.42 -10.93
N LYS M 449 -51.28 -21.30 -10.26
CA LYS M 449 -51.48 -21.52 -8.83
C LYS M 449 -50.78 -20.49 -7.95
N ILE M 450 -49.84 -19.73 -8.51
CA ILE M 450 -48.91 -18.91 -7.73
C ILE M 450 -49.59 -17.87 -6.83
N PRO M 451 -50.55 -17.07 -7.33
CA PRO M 451 -51.14 -16.04 -6.45
C PRO M 451 -51.77 -16.59 -5.18
N ALA M 452 -52.46 -17.73 -5.28
CA ALA M 452 -53.09 -18.31 -4.10
C ALA M 452 -52.06 -18.78 -3.08
N MET M 453 -50.99 -19.44 -3.56
CA MET M 453 -49.94 -19.85 -2.65
C MET M 453 -49.24 -18.65 -2.02
N THR M 454 -49.05 -17.57 -2.77
CA THR M 454 -48.44 -16.37 -2.21
C THR M 454 -49.32 -15.77 -1.12
N ILE M 455 -50.62 -15.68 -1.38
CA ILE M 455 -51.54 -15.13 -0.38
C ILE M 455 -51.54 -15.99 0.88
N ALA M 456 -51.56 -17.32 0.70
CA ALA M 456 -51.51 -18.22 1.86
C ALA M 456 -50.19 -18.09 2.60
N LYS M 457 -49.08 -17.96 1.87
CA LYS M 457 -47.76 -17.86 2.48
C LYS M 457 -47.64 -16.60 3.33
N ASN M 458 -48.15 -15.47 2.82
CA ASN M 458 -48.15 -14.26 3.63
C ASN M 458 -48.99 -14.40 4.89
N ALA M 459 -49.96 -15.32 4.88
CA ALA M 459 -50.79 -15.57 6.05
C ALA M 459 -50.16 -16.51 7.05
N GLY M 460 -48.98 -17.05 6.76
CA GLY M 460 -48.30 -17.93 7.68
C GLY M 460 -48.69 -19.39 7.61
N VAL M 461 -49.36 -19.80 6.53
CA VAL M 461 -49.76 -21.20 6.36
C VAL M 461 -49.07 -21.78 5.14
N GLU M 462 -49.29 -23.06 4.88
CA GLU M 462 -48.70 -23.73 3.73
C GLU M 462 -49.57 -23.51 2.50
N GLY M 463 -49.00 -22.85 1.50
CA GLY M 463 -49.76 -22.54 0.30
C GLY M 463 -50.16 -23.74 -0.52
N SER M 464 -49.30 -24.77 -0.56
CA SER M 464 -49.57 -25.93 -1.39
C SER M 464 -50.82 -26.67 -0.92
N LEU M 465 -50.94 -26.89 0.39
CA LEU M 465 -52.11 -27.59 0.91
C LEU M 465 -53.38 -26.77 0.71
N ILE M 466 -53.29 -25.45 0.89
CA ILE M 466 -54.45 -24.59 0.69
C ILE M 466 -54.91 -24.66 -0.76
N VAL M 467 -53.96 -24.59 -1.69
CA VAL M 467 -54.31 -24.64 -3.12
C VAL M 467 -54.90 -26.00 -3.47
N GLU M 468 -54.32 -27.08 -2.95
CA GLU M 468 -54.85 -28.41 -3.23
C GLU M 468 -56.27 -28.56 -2.71
N LYS M 469 -56.53 -28.08 -1.49
CA LYS M 469 -57.88 -28.18 -0.95
C LYS M 469 -58.86 -27.28 -1.68
N ILE M 470 -58.39 -26.12 -2.17
CA ILE M 470 -59.26 -25.26 -2.98
C ILE M 470 -59.64 -25.96 -4.27
N MET M 471 -58.67 -26.59 -4.94
CA MET M 471 -58.96 -27.27 -6.19
C MET M 471 -59.85 -28.49 -5.96
N GLN M 472 -59.65 -29.19 -4.84
CA GLN M 472 -60.50 -30.34 -4.53
C GLN M 472 -61.90 -29.90 -4.11
N SER M 473 -62.05 -28.67 -3.64
CA SER M 473 -63.34 -28.19 -3.16
C SER M 473 -64.26 -27.83 -4.33
N SER M 474 -65.42 -27.27 -3.98
CA SER M 474 -66.37 -26.84 -4.99
C SER M 474 -65.92 -25.54 -5.63
N SER M 475 -66.56 -25.18 -6.75
CA SER M 475 -66.17 -23.99 -7.49
C SER M 475 -66.41 -22.72 -6.69
N GLU M 476 -67.47 -22.69 -5.89
CA GLU M 476 -67.80 -21.49 -5.14
C GLU M 476 -66.93 -21.34 -3.90
N VAL M 477 -66.25 -22.40 -3.50
CA VAL M 477 -65.52 -22.41 -2.24
C VAL M 477 -64.11 -21.88 -2.47
N GLY M 478 -63.69 -20.93 -1.63
CA GLY M 478 -62.33 -20.43 -1.64
C GLY M 478 -61.77 -20.33 -0.23
N TYR M 479 -60.58 -19.76 -0.10
CA TYR M 479 -59.90 -19.65 1.19
C TYR M 479 -59.84 -18.19 1.63
N ASP M 480 -60.39 -17.92 2.82
CA ASP M 480 -60.29 -16.61 3.44
C ASP M 480 -59.06 -16.61 4.33
N ALA M 481 -58.07 -15.78 3.96
CA ALA M 481 -56.83 -15.73 4.72
C ALA M 481 -57.00 -14.93 6.00
N MET M 482 -57.81 -13.88 5.97
CA MET M 482 -58.04 -13.09 7.18
C MET M 482 -58.71 -13.93 8.26
N ALA M 483 -59.77 -14.65 7.90
CA ALA M 483 -60.38 -15.60 8.81
C ALA M 483 -59.63 -16.93 8.87
N GLY M 484 -58.80 -17.21 7.88
CA GLY M 484 -58.04 -18.45 7.86
C GLY M 484 -58.88 -19.69 7.75
N ASP M 485 -59.88 -19.69 6.87
CA ASP M 485 -60.74 -20.87 6.74
C ASP M 485 -61.36 -20.88 5.36
N PHE M 486 -61.88 -22.04 4.97
CA PHE M 486 -62.49 -22.21 3.66
C PHE M 486 -63.96 -21.82 3.73
N VAL M 487 -64.33 -20.84 2.91
CA VAL M 487 -65.67 -20.25 2.93
C VAL M 487 -66.18 -20.13 1.51
N ASN M 488 -67.35 -19.51 1.37
CA ASN M 488 -67.91 -19.16 0.07
C ASN M 488 -67.51 -17.73 -0.24
N MET M 489 -66.77 -17.54 -1.34
CA MET M 489 -66.14 -16.24 -1.59
C MET M 489 -67.16 -15.16 -1.91
N VAL M 490 -68.17 -15.47 -2.73
CA VAL M 490 -69.16 -14.47 -3.10
C VAL M 490 -69.96 -14.01 -1.89
N GLU M 491 -70.36 -14.96 -1.04
CA GLU M 491 -71.12 -14.60 0.16
C GLU M 491 -70.27 -13.76 1.11
N LYS M 492 -69.01 -14.15 1.31
CA LYS M 492 -68.14 -13.40 2.21
C LYS M 492 -67.69 -12.09 1.59
N GLY M 493 -67.79 -11.94 0.27
CA GLY M 493 -67.41 -10.74 -0.41
C GLY M 493 -65.99 -10.68 -0.92
N ILE M 494 -65.29 -11.81 -0.98
CA ILE M 494 -63.92 -11.87 -1.48
C ILE M 494 -64.02 -12.02 -2.98
N ILE M 495 -64.10 -10.88 -3.69
CA ILE M 495 -64.25 -10.86 -5.13
C ILE M 495 -63.25 -9.88 -5.72
N ASP M 496 -62.91 -10.09 -6.98
CA ASP M 496 -61.96 -9.26 -7.71
C ASP M 496 -62.54 -8.85 -9.06
N PRO M 497 -62.17 -7.68 -9.57
CA PRO M 497 -62.50 -7.35 -10.96
C PRO M 497 -61.80 -8.31 -11.91
N THR M 498 -62.50 -8.73 -12.96
CA THR M 498 -61.89 -9.64 -13.92
C THR M 498 -60.87 -8.92 -14.80
N LYS M 499 -61.05 -7.63 -15.02
CA LYS M 499 -60.10 -6.87 -15.83
C LYS M 499 -58.73 -6.83 -15.18
N VAL M 500 -58.68 -6.66 -13.86
CA VAL M 500 -57.40 -6.54 -13.17
C VAL M 500 -56.60 -7.84 -13.30
N VAL M 501 -57.24 -8.97 -12.99
CA VAL M 501 -56.52 -10.25 -13.06
C VAL M 501 -56.18 -10.58 -14.50
N ARG M 502 -57.09 -10.28 -15.43
CA ARG M 502 -56.83 -10.55 -16.84
C ARG M 502 -55.61 -9.81 -17.34
N THR M 503 -55.54 -8.50 -17.08
CA THR M 503 -54.42 -7.71 -17.58
C THR M 503 -53.13 -8.04 -16.83
N ALA M 504 -53.21 -8.36 -15.54
CA ALA M 504 -52.01 -8.76 -14.82
C ALA M 504 -51.42 -10.03 -15.42
N LEU M 505 -52.27 -11.03 -15.64
CA LEU M 505 -51.79 -12.28 -16.25
C LEU M 505 -51.23 -12.02 -17.64
N LEU M 506 -51.93 -11.22 -18.45
CA LEU M 506 -51.47 -10.99 -19.82
C LEU M 506 -50.11 -10.30 -19.85
N ASP M 507 -49.97 -9.21 -19.08
CA ASP M 507 -48.71 -8.47 -19.09
C ASP M 507 -47.57 -9.32 -18.55
N ALA M 508 -47.78 -9.97 -17.40
CA ALA M 508 -46.73 -10.80 -16.82
C ALA M 508 -46.32 -11.90 -17.78
N ALA M 509 -47.29 -12.59 -18.38
CA ALA M 509 -46.98 -13.69 -19.28
C ALA M 509 -46.23 -13.21 -20.50
N GLY M 510 -46.68 -12.13 -21.12
CA GLY M 510 -46.01 -11.63 -22.30
C GLY M 510 -44.57 -11.27 -22.04
N VAL M 511 -44.34 -10.45 -21.00
CA VAL M 511 -42.99 -9.97 -20.74
C VAL M 511 -42.08 -11.12 -20.32
N ALA M 512 -42.56 -12.01 -19.44
CA ALA M 512 -41.73 -13.10 -18.97
C ALA M 512 -41.42 -14.09 -20.10
N SER M 513 -42.41 -14.38 -20.95
CA SER M 513 -42.17 -15.28 -22.07
C SER M 513 -41.16 -14.70 -23.04
N LEU M 514 -41.23 -13.40 -23.31
CA LEU M 514 -40.19 -12.77 -24.11
C LEU M 514 -38.83 -12.86 -23.42
N LEU M 515 -38.83 -12.75 -22.09
CA LEU M 515 -37.59 -12.82 -21.32
C LEU M 515 -36.93 -14.19 -21.46
N THR M 516 -37.73 -15.27 -21.41
CA THR M 516 -37.14 -16.61 -21.37
C THR M 516 -36.46 -17.00 -22.67
N THR M 517 -36.67 -16.21 -23.74
CA THR M 517 -36.04 -16.53 -25.02
C THR M 517 -34.59 -16.06 -25.11
N ALA M 518 -34.08 -15.41 -24.07
CA ALA M 518 -32.74 -14.82 -24.13
C ALA M 518 -31.66 -15.90 -24.13
N GLU M 519 -30.58 -15.63 -24.86
CA GLU M 519 -29.39 -16.46 -24.85
C GLU M 519 -28.11 -15.68 -24.60
N VAL M 520 -28.03 -14.43 -25.07
CA VAL M 520 -26.87 -13.58 -24.91
C VAL M 520 -27.32 -12.26 -24.30
N VAL M 521 -26.52 -11.71 -23.39
CA VAL M 521 -26.84 -10.45 -22.73
C VAL M 521 -25.65 -9.52 -22.87
N VAL M 522 -25.90 -8.31 -23.36
CA VAL M 522 -24.87 -7.29 -23.57
C VAL M 522 -25.16 -6.12 -22.63
N THR M 523 -24.17 -5.78 -21.81
CA THR M 523 -24.30 -4.68 -20.85
C THR M 523 -23.13 -3.73 -21.00
N GLU M 524 -23.23 -2.57 -20.38
CA GLU M 524 -22.14 -1.62 -20.39
C GLU M 524 -21.15 -1.93 -19.26
N ILE M 525 -19.89 -1.60 -19.51
CA ILE M 525 -18.84 -1.82 -18.50
C ILE M 525 -19.08 -0.88 -17.32
N PRO M 526 -19.08 -1.37 -16.08
CA PRO M 526 -19.35 -0.48 -14.95
C PRO M 526 -18.19 0.45 -14.64
N LYS M 527 -18.08 1.53 -15.40
CA LYS M 527 -17.02 2.51 -15.20
C LYS M 527 -17.24 3.30 -13.92
N GLY N 1 -0.45 12.25 -32.99
CA GLY N 1 -0.13 12.96 -31.77
C GLY N 1 -0.06 12.06 -30.55
N SER N 2 -1.16 11.37 -30.25
CA SER N 2 -1.21 10.48 -29.11
C SER N 2 -0.30 9.28 -29.33
N ALA N 3 0.21 8.73 -28.23
CA ALA N 3 1.10 7.58 -28.30
C ALA N 3 0.38 6.38 -28.88
N LYS N 4 1.10 5.61 -29.70
CA LYS N 4 0.52 4.48 -30.41
C LYS N 4 1.21 3.18 -30.01
N ASP N 5 0.44 2.11 -30.01
CA ASP N 5 0.94 0.75 -29.81
C ASP N 5 0.86 0.01 -31.12
N VAL N 6 1.98 -0.62 -31.51
CA VAL N 6 2.10 -1.28 -32.80
C VAL N 6 2.33 -2.76 -32.56
N LYS N 7 1.51 -3.60 -33.19
CA LYS N 7 1.61 -5.05 -33.07
C LYS N 7 1.84 -5.66 -34.46
N PHE N 8 2.68 -6.68 -34.50
CA PHE N 8 3.14 -7.28 -35.75
C PHE N 8 2.69 -8.73 -35.83
N GLY N 9 2.51 -9.21 -37.07
CA GLY N 9 2.39 -10.63 -37.33
C GLY N 9 1.14 -11.30 -36.79
N ALA N 10 1.31 -12.55 -36.34
CA ALA N 10 0.19 -13.40 -35.99
C ALA N 10 -0.46 -13.05 -34.66
N ASP N 11 0.23 -12.28 -33.80
CA ASP N 11 -0.36 -11.91 -32.52
C ASP N 11 -1.54 -10.95 -32.71
N ALA N 12 -1.33 -9.90 -33.51
CA ALA N 12 -2.41 -8.97 -33.81
C ALA N 12 -3.54 -9.68 -34.55
N ARG N 13 -3.19 -10.57 -35.47
CA ARG N 13 -4.22 -11.34 -36.18
C ARG N 13 -5.03 -12.18 -35.21
N ALA N 14 -4.36 -12.80 -34.24
CA ALA N 14 -5.06 -13.62 -33.25
C ALA N 14 -6.00 -12.78 -32.39
N LEU N 15 -5.54 -11.61 -31.95
CA LEU N 15 -6.39 -10.74 -31.14
C LEU N 15 -7.60 -10.26 -31.93
N MET N 16 -7.39 -9.83 -33.16
CA MET N 16 -8.49 -9.38 -34.02
C MET N 16 -9.46 -10.52 -34.31
N LEU N 17 -8.94 -11.73 -34.52
CA LEU N 17 -9.79 -12.89 -34.72
C LEU N 17 -10.59 -13.21 -33.47
N GLN N 18 -10.01 -13.01 -32.29
CA GLN N 18 -10.76 -13.20 -31.06
C GLN N 18 -11.92 -12.21 -30.97
N GLY N 19 -11.68 -10.95 -31.32
CA GLY N 19 -12.76 -9.98 -31.32
C GLY N 19 -13.85 -10.32 -32.33
N VAL N 20 -13.44 -10.70 -33.54
CA VAL N 20 -14.39 -11.10 -34.57
C VAL N 20 -15.19 -12.31 -34.12
N ASP N 21 -14.53 -13.29 -33.50
CA ASP N 21 -15.20 -14.49 -33.03
C ASP N 21 -16.20 -14.16 -31.93
N LEU N 22 -15.84 -13.25 -31.03
CA LEU N 22 -16.78 -12.86 -29.97
C LEU N 22 -18.03 -12.23 -30.57
N LEU N 23 -17.85 -11.24 -31.47
CA LEU N 23 -19.01 -10.58 -32.04
C LEU N 23 -19.87 -11.56 -32.85
N ALA N 24 -19.22 -12.41 -33.65
CA ALA N 24 -19.97 -13.35 -34.49
C ALA N 24 -20.66 -14.42 -33.66
N ASP N 25 -20.05 -14.86 -32.56
CA ASP N 25 -20.70 -15.83 -31.69
C ASP N 25 -21.91 -15.21 -31.01
N ALA N 26 -21.82 -13.93 -30.63
CA ALA N 26 -22.99 -13.25 -30.09
C ALA N 26 -24.10 -13.13 -31.14
N VAL N 27 -23.72 -12.82 -32.39
CA VAL N 27 -24.72 -12.60 -33.43
C VAL N 27 -25.37 -13.91 -33.87
N ALA N 28 -24.58 -14.98 -33.99
CA ALA N 28 -25.03 -16.20 -34.67
C ALA N 28 -26.04 -17.01 -33.87
N VAL N 29 -26.25 -16.70 -32.59
CA VAL N 29 -27.25 -17.42 -31.81
C VAL N 29 -28.66 -17.05 -32.20
N THR N 30 -28.84 -16.06 -33.06
CA THR N 30 -30.15 -15.57 -33.47
C THR N 30 -30.49 -15.92 -34.92
N MET N 31 -29.81 -16.91 -35.49
CA MET N 31 -29.95 -17.25 -36.90
C MET N 31 -30.83 -18.48 -37.09
N GLY N 32 -31.77 -18.38 -38.02
CA GLY N 32 -32.64 -19.49 -38.34
C GLY N 32 -33.94 -19.46 -37.58
N PRO N 33 -34.82 -20.42 -37.87
CA PRO N 33 -36.11 -20.45 -37.14
C PRO N 33 -35.95 -20.78 -35.66
N LYS N 34 -35.05 -21.71 -35.32
CA LYS N 34 -34.79 -22.04 -33.92
C LYS N 34 -33.65 -21.21 -33.34
N GLY N 35 -33.72 -19.89 -33.47
CA GLY N 35 -32.71 -19.00 -32.92
C GLY N 35 -33.27 -18.24 -31.73
N ARG N 36 -32.41 -17.97 -30.76
CA ARG N 36 -32.79 -17.25 -29.55
C ARG N 36 -32.63 -15.75 -29.77
N THR N 37 -32.92 -14.99 -28.73
CA THR N 37 -32.83 -13.54 -28.77
C THR N 37 -31.70 -13.04 -27.88
N VAL N 38 -31.39 -11.76 -28.02
CA VAL N 38 -30.32 -11.11 -27.29
C VAL N 38 -30.90 -9.90 -26.56
N ILE N 39 -30.58 -9.77 -25.28
CA ILE N 39 -30.99 -8.61 -24.49
C ILE N 39 -29.82 -7.64 -24.41
N ILE N 40 -30.02 -6.41 -24.85
CA ILE N 40 -29.04 -5.35 -24.81
C ILE N 40 -29.52 -4.31 -23.82
N GLU N 41 -28.68 -4.01 -22.83
CA GLU N 41 -29.04 -3.00 -21.84
C GLU N 41 -29.09 -1.62 -22.48
N GLN N 42 -30.18 -0.90 -22.24
CA GLN N 42 -30.34 0.46 -22.73
C GLN N 42 -30.04 1.43 -21.60
N SER N 43 -29.25 2.46 -21.91
CA SER N 43 -28.79 3.38 -20.86
C SER N 43 -29.95 4.15 -20.25
N TRP N 44 -30.90 4.59 -21.06
CA TRP N 44 -31.93 5.52 -20.60
C TRP N 44 -33.21 4.84 -20.14
N GLY N 45 -33.35 3.54 -20.32
CA GLY N 45 -34.59 2.90 -19.95
C GLY N 45 -34.51 1.39 -19.91
N SER N 46 -35.63 0.77 -20.28
CA SER N 46 -35.74 -0.68 -20.22
C SER N 46 -34.83 -1.32 -21.26
N PRO N 47 -34.31 -2.53 -21.01
CA PRO N 47 -33.47 -3.20 -22.01
C PRO N 47 -34.25 -3.56 -23.26
N LYS N 48 -33.51 -3.80 -24.33
CA LYS N 48 -34.08 -4.12 -25.64
C LYS N 48 -33.81 -5.58 -25.96
N VAL N 49 -34.86 -6.32 -26.31
CA VAL N 49 -34.73 -7.72 -26.70
C VAL N 49 -34.88 -7.80 -28.22
N THR N 50 -33.87 -8.34 -28.89
CA THR N 50 -33.86 -8.34 -30.35
C THR N 50 -33.32 -9.65 -30.89
N LYS N 51 -33.82 -10.04 -32.05
CA LYS N 51 -33.29 -11.16 -32.82
C LYS N 51 -32.61 -10.69 -34.10
N ASP N 52 -32.31 -9.40 -34.21
CA ASP N 52 -31.76 -8.84 -35.43
C ASP N 52 -30.23 -8.84 -35.38
N GLY N 53 -29.62 -9.28 -36.47
CA GLY N 53 -28.17 -9.42 -36.51
C GLY N 53 -27.44 -8.10 -36.39
N VAL N 54 -27.86 -7.09 -37.17
CA VAL N 54 -27.16 -5.81 -37.17
C VAL N 54 -27.38 -5.08 -35.84
N THR N 55 -28.57 -5.23 -35.25
CA THR N 55 -28.83 -4.60 -33.96
C THR N 55 -27.93 -5.17 -32.87
N VAL N 56 -27.72 -6.48 -32.87
CA VAL N 56 -26.81 -7.09 -31.90
C VAL N 56 -25.37 -6.69 -32.21
N ALA N 57 -24.98 -6.67 -33.48
CA ALA N 57 -23.60 -6.36 -33.85
C ALA N 57 -23.24 -4.93 -33.46
N LYS N 58 -24.10 -3.97 -33.77
CA LYS N 58 -23.81 -2.56 -33.51
C LYS N 58 -23.77 -2.23 -32.03
N SER N 59 -24.27 -3.11 -31.17
CA SER N 59 -24.33 -2.86 -29.73
C SER N 59 -23.15 -3.43 -28.98
N ILE N 60 -22.19 -4.06 -29.67
CA ILE N 60 -21.06 -4.70 -29.02
C ILE N 60 -19.82 -3.89 -29.32
N ASP N 61 -19.21 -3.33 -28.28
CA ASP N 61 -17.95 -2.60 -28.37
C ASP N 61 -17.02 -3.16 -27.31
N LEU N 62 -15.80 -3.49 -27.72
CA LEU N 62 -14.86 -4.17 -26.84
C LEU N 62 -13.80 -3.20 -26.32
N LYS N 63 -13.29 -3.50 -25.12
CA LYS N 63 -12.28 -2.64 -24.51
C LYS N 63 -10.93 -2.81 -25.18
N ASP N 64 -10.54 -4.06 -25.47
CA ASP N 64 -9.26 -4.29 -26.13
C ASP N 64 -9.27 -3.69 -27.53
N LYS N 65 -8.19 -2.99 -27.86
CA LYS N 65 -8.16 -2.20 -29.10
C LYS N 65 -8.22 -3.08 -30.34
N TYR N 66 -7.48 -4.19 -30.34
CA TYR N 66 -7.43 -5.05 -31.53
C TYR N 66 -8.72 -5.85 -31.68
N LYS N 67 -9.23 -6.39 -30.58
CA LYS N 67 -10.53 -7.04 -30.60
C LYS N 67 -11.61 -6.05 -31.02
N ASN N 68 -11.50 -4.80 -30.57
CA ASN N 68 -12.46 -3.78 -31.00
C ASN N 68 -12.32 -3.47 -32.48
N ILE N 69 -11.11 -3.53 -33.03
CA ILE N 69 -10.93 -3.32 -34.47
C ILE N 69 -11.64 -4.42 -35.25
N GLY N 70 -11.44 -5.67 -34.84
CA GLY N 70 -12.14 -6.77 -35.49
C GLY N 70 -13.65 -6.65 -35.37
N ALA N 71 -14.12 -6.30 -34.17
CA ALA N 71 -15.55 -6.13 -33.97
C ALA N 71 -16.11 -5.00 -34.82
N LYS N 72 -15.35 -3.91 -34.96
CA LYS N 72 -15.78 -2.78 -35.79
C LYS N 72 -15.88 -3.19 -37.25
N LEU N 73 -14.94 -4.00 -37.72
CA LEU N 73 -15.02 -4.48 -39.11
C LEU N 73 -16.24 -5.37 -39.32
N VAL N 74 -16.54 -6.25 -38.37
CA VAL N 74 -17.74 -7.08 -38.50
C VAL N 74 -18.99 -6.22 -38.43
N GLN N 75 -18.98 -5.17 -37.61
CA GLN N 75 -20.09 -4.23 -37.57
C GLN N 75 -20.25 -3.53 -38.91
N ASP N 76 -19.13 -3.19 -39.56
CA ASP N 76 -19.19 -2.60 -40.90
C ASP N 76 -19.88 -3.58 -41.85
N VAL N 77 -19.52 -4.86 -41.78
CA VAL N 77 -20.16 -5.87 -42.63
C VAL N 77 -21.67 -5.87 -42.40
N ALA N 78 -22.07 -5.95 -41.13
CA ALA N 78 -23.49 -6.06 -40.81
C ALA N 78 -24.25 -4.80 -41.21
N ASN N 79 -23.66 -3.63 -40.98
CA ASN N 79 -24.33 -2.38 -41.32
C ASN N 79 -24.48 -2.20 -42.82
N ASN N 80 -23.45 -2.56 -43.59
CA ASN N 80 -23.57 -2.48 -45.05
C ASN N 80 -24.63 -3.44 -45.56
N THR N 81 -24.67 -4.66 -45.01
CA THR N 81 -25.69 -5.61 -45.43
C THR N 81 -27.09 -5.11 -45.09
N ASN N 82 -27.25 -4.51 -43.90
CA ASN N 82 -28.54 -3.95 -43.51
C ASN N 82 -28.95 -2.79 -44.42
N GLU N 83 -28.00 -1.92 -44.76
CA GLU N 83 -28.33 -0.74 -45.57
C GLU N 83 -28.66 -1.11 -47.01
N GLU N 84 -27.92 -2.03 -47.62
CA GLU N 84 -28.13 -2.37 -49.02
C GLU N 84 -29.23 -3.42 -49.24
N ALA N 85 -29.66 -4.12 -48.19
CA ALA N 85 -30.71 -5.12 -48.38
C ALA N 85 -31.88 -4.96 -47.42
N GLY N 86 -31.59 -4.62 -46.15
CA GLY N 86 -32.57 -4.59 -45.10
C GLY N 86 -32.71 -5.89 -44.35
N ASP N 87 -32.12 -6.97 -44.86
CA ASP N 87 -32.18 -8.29 -44.26
C ASP N 87 -30.91 -9.06 -44.60
N GLY N 88 -30.67 -10.14 -43.87
CA GLY N 88 -29.51 -10.97 -44.11
C GLY N 88 -28.26 -10.58 -43.35
N THR N 89 -28.39 -9.80 -42.26
CA THR N 89 -27.21 -9.33 -41.55
C THR N 89 -26.50 -10.45 -40.80
N THR N 90 -27.27 -11.36 -40.20
CA THR N 90 -26.65 -12.48 -39.49
C THR N 90 -25.88 -13.39 -40.44
N THR N 91 -26.44 -13.67 -41.62
CA THR N 91 -25.74 -14.47 -42.60
C THR N 91 -24.45 -13.80 -43.04
N ALA N 92 -24.50 -12.49 -43.28
CA ALA N 92 -23.29 -11.77 -43.65
C ALA N 92 -22.27 -11.81 -42.53
N THR N 93 -22.70 -11.68 -41.28
CA THR N 93 -21.78 -11.74 -40.15
C THR N 93 -21.08 -13.09 -40.06
N VAL N 94 -21.83 -14.18 -40.17
CA VAL N 94 -21.22 -15.49 -40.05
C VAL N 94 -20.31 -15.78 -41.25
N LEU N 95 -20.72 -15.36 -42.45
CA LEU N 95 -19.87 -15.53 -43.62
C LEU N 95 -18.56 -14.75 -43.48
N ALA N 96 -18.66 -13.51 -43.00
CA ALA N 96 -17.46 -12.70 -42.80
C ALA N 96 -16.54 -13.32 -41.76
N ARG N 97 -17.10 -13.82 -40.67
CA ARG N 97 -16.27 -14.48 -39.66
C ARG N 97 -15.57 -15.69 -40.23
N SER N 98 -16.29 -16.52 -41.00
CA SER N 98 -15.67 -17.71 -41.57
C SER N 98 -14.56 -17.34 -42.55
N ILE N 99 -14.80 -16.36 -43.41
CA ILE N 99 -13.79 -15.96 -44.39
C ILE N 99 -12.56 -15.39 -43.68
N ALA N 100 -12.78 -14.56 -42.65
CA ALA N 100 -11.66 -14.00 -41.91
C ALA N 100 -10.85 -15.08 -41.22
N LYS N 101 -11.53 -16.06 -40.60
CA LYS N 101 -10.82 -17.13 -39.92
C LYS N 101 -10.00 -17.95 -40.90
N GLU N 102 -10.60 -18.34 -42.03
CA GLU N 102 -9.89 -19.16 -43.01
C GLU N 102 -8.73 -18.39 -43.63
N GLY N 103 -8.90 -17.10 -43.88
CA GLY N 103 -7.81 -16.30 -44.41
C GLY N 103 -6.67 -16.14 -43.42
N PHE N 104 -7.00 -15.92 -42.14
CA PHE N 104 -5.96 -15.81 -41.12
C PHE N 104 -5.20 -17.11 -40.96
N GLU N 105 -5.90 -18.25 -41.01
CA GLU N 105 -5.25 -19.54 -40.81
C GLU N 105 -4.33 -19.95 -41.96
N LYS N 106 -4.55 -19.42 -43.15
CA LYS N 106 -3.80 -19.83 -44.34
C LYS N 106 -2.66 -18.88 -44.69
N ILE N 107 -2.26 -18.01 -43.77
CA ILE N 107 -1.19 -17.04 -44.02
C ILE N 107 0.14 -17.66 -43.62
N SER N 108 1.09 -17.67 -44.55
CA SER N 108 2.43 -18.18 -44.32
C SER N 108 3.45 -17.15 -44.80
N LYS N 109 4.73 -17.49 -44.66
CA LYS N 109 5.79 -16.59 -45.11
C LYS N 109 5.75 -16.40 -46.62
N GLY N 110 5.55 -17.48 -47.38
CA GLY N 110 5.50 -17.40 -48.81
C GLY N 110 4.14 -17.08 -49.41
N ALA N 111 3.09 -17.14 -48.60
CA ALA N 111 1.75 -16.85 -49.10
C ALA N 111 1.59 -15.36 -49.39
N ASN N 112 0.76 -15.06 -50.39
CA ASN N 112 0.47 -13.67 -50.77
C ASN N 112 -1.00 -13.38 -50.50
N PRO N 113 -1.34 -12.73 -49.38
CA PRO N 113 -2.75 -12.50 -49.06
C PRO N 113 -3.49 -11.63 -50.07
N VAL N 114 -2.78 -10.79 -50.83
CA VAL N 114 -3.45 -9.96 -51.83
C VAL N 114 -3.99 -10.82 -52.96
N GLU N 115 -3.20 -11.78 -53.44
CA GLU N 115 -3.69 -12.69 -54.47
C GLU N 115 -4.75 -13.63 -53.92
N ILE N 116 -4.68 -13.96 -52.63
CA ILE N 116 -5.76 -14.73 -52.01
C ILE N 116 -7.05 -13.92 -52.02
N ARG N 117 -6.96 -12.62 -51.72
CA ARG N 117 -8.13 -11.75 -51.80
C ARG N 117 -8.67 -11.69 -53.23
N ARG N 118 -7.77 -11.62 -54.21
CA ARG N 118 -8.21 -11.62 -55.60
C ARG N 118 -8.96 -12.90 -55.94
N GLY N 119 -8.42 -14.04 -55.54
CA GLY N 119 -9.09 -15.31 -55.79
C GLY N 119 -10.44 -15.39 -55.11
N VAL N 120 -10.54 -14.83 -53.89
CA VAL N 120 -11.81 -14.74 -53.19
C VAL N 120 -12.80 -13.91 -54.00
N MET N 121 -12.33 -12.80 -54.57
CA MET N 121 -13.22 -11.94 -55.36
C MET N 121 -13.75 -12.68 -56.59
N LEU N 122 -12.87 -13.38 -57.32
CA LEU N 122 -13.35 -14.15 -58.47
C LEU N 122 -14.31 -15.26 -58.05
N ALA N 123 -14.02 -15.95 -56.94
CA ALA N 123 -14.92 -17.00 -56.48
C ALA N 123 -16.29 -16.44 -56.14
N VAL N 124 -16.32 -15.28 -55.48
CA VAL N 124 -17.59 -14.67 -55.09
C VAL N 124 -18.35 -14.19 -56.32
N ASP N 125 -17.63 -13.66 -57.32
CA ASP N 125 -18.29 -13.29 -58.57
C ASP N 125 -18.93 -14.49 -59.24
N ALA N 126 -18.22 -15.62 -59.26
CA ALA N 126 -18.78 -16.84 -59.85
C ALA N 126 -20.01 -17.31 -59.08
N VAL N 127 -19.94 -17.26 -57.74
CA VAL N 127 -21.09 -17.68 -56.94
C VAL N 127 -22.29 -16.77 -57.18
N ILE N 128 -22.04 -15.47 -57.31
CA ILE N 128 -23.12 -14.52 -57.58
C ILE N 128 -23.74 -14.79 -58.94
N ALA N 129 -22.91 -15.09 -59.95
CA ALA N 129 -23.43 -15.44 -61.26
C ALA N 129 -24.29 -16.70 -61.19
N GLU N 130 -23.85 -17.71 -60.43
CA GLU N 130 -24.65 -18.91 -60.28
C GLU N 130 -25.97 -18.62 -59.57
N LEU N 131 -25.94 -17.76 -58.54
CA LEU N 131 -27.16 -17.41 -57.84
C LEU N 131 -28.15 -16.71 -58.76
N LYS N 132 -27.66 -15.79 -59.59
CA LYS N 132 -28.52 -15.15 -60.57
C LYS N 132 -29.06 -16.16 -61.58
N LYS N 133 -28.26 -17.16 -61.94
CA LYS N 133 -28.74 -18.20 -62.85
C LYS N 133 -29.82 -19.05 -62.20
N GLN N 134 -29.80 -19.20 -60.88
CA GLN N 134 -30.72 -20.08 -60.18
C GLN N 134 -31.97 -19.37 -59.66
N SER N 135 -32.11 -18.08 -59.92
CA SER N 135 -33.25 -17.32 -59.40
C SER N 135 -34.50 -17.57 -60.24
N LYS N 136 -35.66 -17.36 -59.60
CA LYS N 136 -36.95 -17.43 -60.28
C LYS N 136 -37.80 -16.26 -59.79
N PRO N 137 -38.47 -15.55 -60.69
CA PRO N 137 -39.23 -14.36 -60.28
C PRO N 137 -40.48 -14.73 -59.50
N VAL N 138 -40.98 -13.75 -58.75
CA VAL N 138 -42.21 -13.91 -57.97
C VAL N 138 -43.38 -13.65 -58.92
N THR N 139 -44.26 -14.64 -59.05
CA THR N 139 -45.41 -14.52 -59.94
C THR N 139 -46.75 -14.61 -59.22
N THR N 140 -46.77 -15.10 -57.97
CA THR N 140 -48.02 -15.25 -57.24
C THR N 140 -47.94 -14.57 -55.89
N PRO N 141 -49.06 -14.05 -55.37
CA PRO N 141 -49.06 -13.47 -54.03
C PRO N 141 -48.73 -14.47 -52.93
N GLU N 142 -48.97 -15.76 -53.18
CA GLU N 142 -48.64 -16.77 -52.18
C GLU N 142 -47.13 -16.84 -51.97
N GLU N 143 -46.35 -16.60 -53.01
CA GLU N 143 -44.90 -16.52 -52.85
C GLU N 143 -44.52 -15.32 -51.98
N ILE N 144 -45.21 -14.20 -52.14
CA ILE N 144 -44.97 -13.05 -51.28
C ILE N 144 -45.28 -13.38 -49.82
N ALA N 145 -46.40 -14.08 -49.60
CA ALA N 145 -46.74 -14.50 -48.24
C ALA N 145 -45.69 -15.42 -47.66
N GLN N 146 -45.20 -16.37 -48.46
CA GLN N 146 -44.17 -17.29 -47.99
C GLN N 146 -42.89 -16.56 -47.64
N VAL N 147 -42.48 -15.61 -48.49
CA VAL N 147 -41.26 -14.86 -48.23
C VAL N 147 -41.40 -14.03 -46.95
N ALA N 148 -42.54 -13.36 -46.78
CA ALA N 148 -42.76 -12.56 -45.58
C ALA N 148 -42.78 -13.43 -44.33
N THR N 149 -43.43 -14.60 -44.41
CA THR N 149 -43.47 -15.50 -43.26
C THR N 149 -42.08 -16.01 -42.91
N ILE N 150 -41.28 -16.38 -43.92
CA ILE N 150 -39.94 -16.87 -43.66
C ILE N 150 -39.08 -15.78 -43.04
N SER N 151 -39.19 -14.55 -43.54
CA SER N 151 -38.39 -13.45 -43.02
C SER N 151 -38.92 -12.91 -41.70
N ALA N 152 -40.12 -13.30 -41.29
CA ALA N 152 -40.69 -12.87 -40.02
C ALA N 152 -40.62 -13.97 -38.97
N ASN N 153 -39.60 -14.84 -39.06
CA ASN N 153 -39.40 -15.95 -38.14
C ASN N 153 -40.61 -16.88 -38.11
N GLY N 154 -41.13 -17.19 -39.30
CA GLY N 154 -42.23 -18.13 -39.41
C GLY N 154 -43.52 -17.66 -38.78
N ASP N 155 -43.86 -16.39 -38.94
CA ASP N 155 -45.12 -15.86 -38.41
C ASP N 155 -46.12 -15.76 -39.54
N LYS N 156 -47.18 -16.58 -39.48
CA LYS N 156 -48.16 -16.61 -40.55
C LYS N 156 -48.93 -15.29 -40.64
N GLU N 157 -49.28 -14.70 -39.49
CA GLU N 157 -50.09 -13.49 -39.50
C GLU N 157 -49.35 -12.31 -40.13
N ILE N 158 -48.04 -12.19 -39.88
CA ILE N 158 -47.27 -11.10 -40.47
C ILE N 158 -47.25 -11.23 -41.99
N GLY N 159 -47.02 -12.45 -42.48
CA GLY N 159 -47.05 -12.67 -43.91
C GLY N 159 -48.40 -12.40 -44.53
N ASN N 160 -49.48 -12.80 -43.84
CA ASN N 160 -50.82 -12.52 -44.33
C ASN N 160 -51.09 -11.03 -44.39
N ILE N 161 -50.67 -10.29 -43.36
CA ILE N 161 -50.88 -8.84 -43.33
C ILE N 161 -50.11 -8.17 -44.45
N ILE N 162 -48.86 -8.59 -44.68
CA ILE N 162 -48.05 -7.97 -45.72
C ILE N 162 -48.61 -8.31 -47.10
N SER N 163 -49.10 -9.53 -47.30
CA SER N 163 -49.74 -9.88 -48.56
C SER N 163 -51.01 -9.06 -48.78
N ASP N 164 -51.80 -8.85 -47.73
CA ASP N 164 -52.98 -8.01 -47.86
C ASP N 164 -52.61 -6.58 -48.22
N ALA N 165 -51.55 -6.06 -47.60
CA ALA N 165 -51.10 -4.71 -47.92
C ALA N 165 -50.65 -4.60 -49.37
N MET N 166 -49.88 -5.59 -49.85
CA MET N 166 -49.45 -5.57 -51.25
C MET N 166 -50.61 -5.74 -52.22
N LYS N 167 -51.63 -6.51 -51.86
CA LYS N 167 -52.82 -6.57 -52.69
C LYS N 167 -53.56 -5.24 -52.72
N LYS N 168 -53.63 -4.56 -51.58
CA LYS N 168 -54.40 -3.31 -51.50
C LYS N 168 -53.71 -2.16 -52.23
N VAL N 169 -52.40 -1.98 -52.01
CA VAL N 169 -51.70 -0.81 -52.52
C VAL N 169 -50.74 -1.14 -53.65
N GLY N 170 -50.73 -2.38 -54.13
CA GLY N 170 -49.82 -2.77 -55.18
C GLY N 170 -48.49 -3.27 -54.65
N ARG N 171 -47.72 -3.90 -55.55
CA ARG N 171 -46.42 -4.45 -55.15
C ARG N 171 -45.44 -3.35 -54.78
N LYS N 172 -45.47 -2.23 -55.52
CA LYS N 172 -44.57 -1.12 -55.28
C LYS N 172 -45.19 -0.02 -54.42
N GLY N 173 -46.33 -0.27 -53.81
CA GLY N 173 -46.98 0.75 -52.99
C GLY N 173 -46.20 1.05 -51.73
N VAL N 174 -46.45 2.24 -51.17
CA VAL N 174 -45.76 2.68 -49.98
C VAL N 174 -46.35 1.98 -48.75
N ILE N 175 -45.50 1.27 -48.01
CA ILE N 175 -45.90 0.56 -46.80
C ILE N 175 -44.93 0.93 -45.69
N THR N 176 -45.47 1.25 -44.51
CA THR N 176 -44.65 1.63 -43.36
C THR N 176 -45.24 1.02 -42.09
N VAL N 177 -44.40 0.96 -41.06
CA VAL N 177 -44.74 0.30 -39.81
C VAL N 177 -44.76 1.33 -38.69
N LYS N 178 -45.81 1.33 -37.89
CA LYS N 178 -45.95 2.22 -36.76
C LYS N 178 -46.46 1.41 -35.58
N ASP N 179 -46.01 1.74 -34.37
CA ASP N 179 -46.38 0.93 -33.21
C ASP N 179 -47.87 1.08 -32.90
N GLY N 180 -48.50 -0.04 -32.54
CA GLY N 180 -49.91 -0.02 -32.27
C GLY N 180 -50.23 0.14 -30.80
N LYS N 181 -51.43 0.65 -30.53
CA LYS N 181 -51.93 0.83 -29.17
C LYS N 181 -52.88 -0.27 -28.74
N THR N 182 -53.01 -1.33 -29.54
CA THR N 182 -53.92 -2.43 -29.26
C THR N 182 -53.14 -3.74 -29.17
N LEU N 183 -53.85 -4.81 -28.85
CA LEU N 183 -53.21 -6.11 -28.62
C LEU N 183 -52.79 -6.79 -29.91
N ASN N 184 -53.46 -6.52 -31.02
CA ASN N 184 -53.24 -7.25 -32.26
C ASN N 184 -52.77 -6.30 -33.36
N ASP N 185 -52.14 -6.88 -34.38
CA ASP N 185 -51.69 -6.12 -35.53
C ASP N 185 -52.88 -5.78 -36.44
N GLU N 186 -52.84 -4.60 -37.03
CA GLU N 186 -53.90 -4.16 -37.93
C GLU N 186 -53.30 -3.39 -39.10
N LEU N 187 -54.08 -3.29 -40.17
CA LEU N 187 -53.64 -2.66 -41.42
C LEU N 187 -54.64 -1.58 -41.81
N GLU N 188 -54.12 -0.39 -42.13
CA GLU N 188 -54.95 0.71 -42.60
C GLU N 188 -54.40 1.26 -43.91
N ILE N 189 -55.29 1.85 -44.70
CA ILE N 189 -54.92 2.43 -45.98
C ILE N 189 -55.06 3.94 -45.95
N ALA N 378 -50.09 2.29 -47.33
CA ALA N 378 -50.56 1.37 -46.29
C ALA N 378 -49.71 1.53 -45.03
N VAL N 379 -50.37 1.48 -43.87
CA VAL N 379 -49.70 1.59 -42.58
C VAL N 379 -50.07 0.36 -41.74
N LEU N 380 -49.09 -0.14 -41.00
CA LEU N 380 -49.24 -1.33 -40.16
C LEU N 380 -49.10 -0.91 -38.70
N LYS N 381 -50.05 -1.33 -37.87
CA LYS N 381 -49.99 -1.13 -36.43
C LYS N 381 -49.66 -2.47 -35.78
N VAL N 382 -48.59 -2.48 -34.97
CA VAL N 382 -48.09 -3.70 -34.36
C VAL N 382 -48.69 -3.87 -32.98
N GLY N 383 -49.28 -5.04 -32.73
CA GLY N 383 -49.88 -5.32 -31.44
C GLY N 383 -48.88 -5.82 -30.42
N GLY N 384 -49.31 -5.83 -29.17
CA GLY N 384 -48.48 -6.30 -28.08
C GLY N 384 -48.97 -5.75 -26.76
N THR N 385 -48.24 -6.13 -25.70
CA THR N 385 -48.55 -5.69 -24.35
C THR N 385 -47.53 -4.73 -23.77
N SER N 386 -46.25 -4.94 -24.04
CA SER N 386 -45.18 -4.08 -23.55
C SER N 386 -44.38 -3.52 -24.72
N ASP N 387 -43.55 -2.54 -24.42
CA ASP N 387 -42.77 -1.89 -25.47
C ASP N 387 -41.71 -2.82 -26.04
N VAL N 388 -41.15 -3.71 -25.21
CA VAL N 388 -40.14 -4.64 -25.70
C VAL N 388 -40.75 -5.58 -26.74
N GLU N 389 -41.95 -6.09 -26.46
CA GLU N 389 -42.60 -7.00 -27.40
C GLU N 389 -42.91 -6.31 -28.72
N VAL N 390 -43.46 -5.10 -28.66
CA VAL N 390 -43.81 -4.40 -29.90
C VAL N 390 -42.56 -4.01 -30.66
N ASN N 391 -41.46 -3.73 -29.96
CA ASN N 391 -40.21 -3.42 -30.66
C ASN N 391 -39.66 -4.65 -31.37
N GLU N 392 -39.67 -5.80 -30.71
CA GLU N 392 -39.22 -7.03 -31.36
C GLU N 392 -40.09 -7.37 -32.57
N LYS N 393 -41.41 -7.29 -32.40
CA LYS N 393 -42.33 -7.57 -33.51
C LYS N 393 -42.16 -6.56 -34.63
N LYS N 394 -41.92 -5.29 -34.31
CA LYS N 394 -41.69 -4.28 -35.33
C LYS N 394 -40.42 -4.57 -36.12
N ASP N 395 -39.36 -4.98 -35.42
CA ASP N 395 -38.14 -5.35 -36.11
C ASP N 395 -38.36 -6.52 -37.06
N ARG N 396 -39.10 -7.54 -36.61
CA ARG N 396 -39.41 -8.65 -37.51
C ARG N 396 -40.29 -8.26 -38.69
N VAL N 397 -41.28 -7.37 -38.47
CA VAL N 397 -42.13 -6.91 -39.56
C VAL N 397 -41.33 -6.09 -40.56
N THR N 398 -40.43 -5.24 -40.08
CA THR N 398 -39.58 -4.46 -40.98
C THR N 398 -38.67 -5.39 -41.78
N ASP N 399 -38.12 -6.42 -41.14
CA ASP N 399 -37.31 -7.40 -41.86
C ASP N 399 -38.13 -8.08 -42.95
N ALA N 400 -39.36 -8.49 -42.61
CA ALA N 400 -40.21 -9.16 -43.59
C ALA N 400 -40.55 -8.24 -44.76
N LEU N 401 -40.86 -6.98 -44.49
CA LEU N 401 -41.17 -6.04 -45.56
C LEU N 401 -39.96 -5.78 -46.46
N ASN N 402 -38.78 -5.59 -45.87
CA ASN N 402 -37.59 -5.40 -46.69
C ASN N 402 -37.30 -6.62 -47.53
N ALA N 403 -37.43 -7.82 -46.94
CA ALA N 403 -37.15 -9.04 -47.69
C ALA N 403 -38.15 -9.24 -48.83
N THR N 404 -39.44 -8.97 -48.58
CA THR N 404 -40.41 -9.14 -49.66
C THR N 404 -40.26 -8.07 -50.74
N ARG N 405 -39.82 -6.86 -50.36
CA ARG N 405 -39.50 -5.85 -51.38
C ARG N 405 -38.34 -6.30 -52.24
N ALA N 406 -37.30 -6.88 -51.63
CA ALA N 406 -36.19 -7.42 -52.41
C ALA N 406 -36.64 -8.60 -53.28
N ALA N 407 -37.55 -9.42 -52.76
CA ALA N 407 -38.01 -10.59 -53.51
C ALA N 407 -38.90 -10.20 -54.68
N VAL N 408 -39.62 -9.09 -54.58
CA VAL N 408 -40.41 -8.63 -55.70
C VAL N 408 -39.58 -7.78 -56.66
N GLU N 409 -38.47 -7.21 -56.20
CA GLU N 409 -37.57 -6.48 -57.08
C GLU N 409 -36.57 -7.39 -57.79
N GLU N 410 -36.48 -8.64 -57.39
CA GLU N 410 -35.49 -9.57 -57.93
C GLU N 410 -36.09 -10.97 -57.90
N GLY N 411 -35.24 -11.99 -58.02
CA GLY N 411 -35.68 -13.37 -58.06
C GLY N 411 -35.84 -13.98 -56.68
N ILE N 412 -36.04 -15.30 -56.68
CA ILE N 412 -36.22 -16.08 -55.47
C ILE N 412 -35.37 -17.34 -55.56
N VAL N 413 -34.67 -17.66 -54.48
CA VAL N 413 -33.85 -18.86 -54.39
C VAL N 413 -34.31 -19.67 -53.18
N LEU N 414 -33.73 -20.86 -53.02
CA LEU N 414 -34.07 -21.72 -51.91
C LEU N 414 -33.59 -21.13 -50.59
N GLY N 415 -34.30 -21.44 -49.51
CA GLY N 415 -33.95 -20.96 -48.20
C GLY N 415 -33.02 -21.90 -47.46
N GLY N 416 -32.80 -21.60 -46.19
CA GLY N 416 -32.01 -22.45 -45.32
C GLY N 416 -30.53 -22.48 -45.63
N GLY N 417 -30.04 -21.61 -46.51
CA GLY N 417 -28.67 -21.66 -46.95
C GLY N 417 -28.39 -22.66 -48.05
N CYS N 418 -29.42 -23.35 -48.54
CA CYS N 418 -29.25 -24.32 -49.61
C CYS N 418 -28.89 -23.66 -50.94
N ALA N 419 -29.40 -22.44 -51.17
CA ALA N 419 -29.06 -21.73 -52.40
C ALA N 419 -27.57 -21.46 -52.48
N LEU N 420 -26.95 -21.09 -51.36
CA LEU N 420 -25.51 -20.89 -51.33
C LEU N 420 -24.76 -22.21 -51.41
N LEU N 421 -25.37 -23.30 -50.96
CA LEU N 421 -24.74 -24.61 -51.07
C LEU N 421 -24.72 -25.11 -52.51
N ARG N 422 -25.73 -24.76 -53.30
CA ARG N 422 -25.80 -25.24 -54.68
C ARG N 422 -24.76 -24.61 -55.59
N CYS N 423 -24.03 -23.60 -55.15
CA CYS N 423 -23.06 -22.91 -55.98
C CYS N 423 -21.66 -23.47 -55.86
N ILE N 424 -21.46 -24.53 -55.08
CA ILE N 424 -20.13 -25.15 -54.98
C ILE N 424 -19.65 -25.71 -56.31
N PRO N 425 -20.46 -26.41 -57.11
CA PRO N 425 -19.97 -26.87 -58.42
C PRO N 425 -19.49 -25.74 -59.32
N ALA N 426 -20.08 -24.55 -59.20
CA ALA N 426 -19.59 -23.40 -59.96
C ALA N 426 -18.15 -23.07 -59.60
N LEU N 427 -17.81 -23.16 -58.31
CA LEU N 427 -16.43 -22.98 -57.88
C LEU N 427 -15.55 -24.13 -58.33
N ASP N 428 -16.10 -25.35 -58.36
CA ASP N 428 -15.33 -26.49 -58.84
C ASP N 428 -14.93 -26.32 -60.30
N SER N 429 -15.82 -25.72 -61.10
CA SER N 429 -15.52 -25.51 -62.52
C SER N 429 -14.38 -24.52 -62.70
N LEU N 430 -14.30 -23.51 -61.85
CA LEU N 430 -13.29 -22.46 -62.00
C LEU N 430 -11.88 -23.02 -61.85
N THR N 431 -10.95 -22.44 -62.61
CA THR N 431 -9.54 -22.82 -62.52
C THR N 431 -8.74 -21.67 -61.95
N PRO N 432 -7.78 -21.94 -61.07
CA PRO N 432 -6.99 -20.85 -60.48
C PRO N 432 -5.89 -20.39 -61.41
N ALA N 433 -5.38 -19.18 -61.14
CA ALA N 433 -4.24 -18.67 -61.89
C ALA N 433 -2.92 -19.02 -61.20
N ASN N 434 -2.92 -19.10 -59.87
CA ASN N 434 -1.74 -19.48 -59.11
C ASN N 434 -2.18 -20.12 -57.80
N GLU N 435 -1.24 -20.37 -56.90
CA GLU N 435 -1.55 -21.07 -55.66
C GLU N 435 -2.40 -20.21 -54.73
N ASP N 436 -2.10 -18.91 -54.65
CA ASP N 436 -2.86 -18.04 -53.75
C ASP N 436 -4.31 -17.91 -54.18
N GLN N 437 -4.56 -17.80 -55.48
CA GLN N 437 -5.94 -17.75 -55.96
C GLN N 437 -6.66 -19.06 -55.69
N LYS N 438 -5.95 -20.19 -55.79
CA LYS N 438 -6.54 -21.47 -55.40
C LYS N 438 -6.90 -21.48 -53.92
N ILE N 439 -6.03 -20.91 -53.08
CA ILE N 439 -6.31 -20.84 -51.65
C ILE N 439 -7.57 -20.02 -51.40
N GLY N 440 -7.68 -18.88 -52.08
CA GLY N 440 -8.88 -18.05 -51.92
C GLY N 440 -10.14 -18.74 -52.39
N ILE N 441 -10.06 -19.45 -53.52
CA ILE N 441 -11.21 -20.18 -54.03
C ILE N 441 -11.65 -21.26 -53.05
N GLU N 442 -10.68 -21.99 -52.47
CA GLU N 442 -11.02 -23.00 -51.47
C GLU N 442 -11.59 -22.36 -50.20
N ILE N 443 -11.11 -21.18 -49.84
CA ILE N 443 -11.68 -20.46 -48.69
C ILE N 443 -13.15 -20.18 -48.94
N ILE N 444 -13.48 -19.65 -50.11
CA ILE N 444 -14.87 -19.35 -50.42
C ILE N 444 -15.70 -20.64 -50.51
N LYS N 445 -15.11 -21.71 -51.05
CA LYS N 445 -15.82 -22.98 -51.16
C LYS N 445 -16.17 -23.54 -49.79
N ARG N 446 -15.23 -23.45 -48.84
CA ARG N 446 -15.52 -23.90 -47.48
C ARG N 446 -16.49 -22.98 -46.77
N THR N 447 -16.44 -21.67 -47.07
CA THR N 447 -17.34 -20.73 -46.42
C THR N 447 -18.78 -20.90 -46.89
N LEU N 448 -18.98 -21.36 -48.13
CA LEU N 448 -20.33 -21.48 -48.66
C LEU N 448 -21.22 -22.40 -47.84
N LYS N 449 -20.64 -23.29 -47.04
CA LYS N 449 -21.40 -24.21 -46.21
C LYS N 449 -21.77 -23.64 -44.84
N ILE N 450 -21.30 -22.45 -44.51
CA ILE N 450 -21.46 -21.87 -43.17
C ILE N 450 -22.92 -21.60 -42.80
N PRO N 451 -23.72 -20.93 -43.64
CA PRO N 451 -25.09 -20.59 -43.19
C PRO N 451 -25.95 -21.79 -42.85
N ALA N 452 -25.90 -22.85 -43.68
CA ALA N 452 -26.70 -24.03 -43.41
C ALA N 452 -26.26 -24.72 -42.12
N MET N 453 -24.95 -24.82 -41.90
CA MET N 453 -24.46 -25.42 -40.66
C MET N 453 -24.86 -24.60 -39.45
N THR N 454 -24.82 -23.27 -39.56
CA THR N 454 -25.25 -22.42 -38.45
C THR N 454 -26.73 -22.62 -38.16
N ILE N 455 -27.56 -22.67 -39.20
CA ILE N 455 -28.99 -22.87 -39.01
C ILE N 455 -29.26 -24.20 -38.35
N ALA N 456 -28.56 -25.26 -38.79
CA ALA N 456 -28.73 -26.57 -38.17
C ALA N 456 -28.23 -26.57 -36.73
N LYS N 457 -27.13 -25.88 -36.46
CA LYS N 457 -26.57 -25.82 -35.11
C LYS N 457 -27.53 -25.16 -34.14
N ASN N 458 -28.16 -24.05 -34.57
CA ASN N 458 -29.15 -23.42 -33.71
C ASN N 458 -30.36 -24.32 -33.47
N ALA N 459 -30.61 -25.29 -34.34
CA ALA N 459 -31.70 -26.24 -34.18
C ALA N 459 -31.35 -27.39 -33.27
N GLY N 460 -30.12 -27.47 -32.77
CA GLY N 460 -29.74 -28.54 -31.88
C GLY N 460 -29.28 -29.81 -32.54
N VAL N 461 -28.97 -29.78 -33.84
CA VAL N 461 -28.51 -30.96 -34.56
C VAL N 461 -27.10 -30.72 -35.06
N GLU N 462 -26.51 -31.73 -35.71
CA GLU N 462 -25.16 -31.63 -36.25
C GLU N 462 -25.23 -31.02 -37.64
N GLY N 463 -24.62 -29.84 -37.80
CA GLY N 463 -24.67 -29.14 -39.08
C GLY N 463 -23.94 -29.86 -40.19
N SER N 464 -22.83 -30.53 -39.88
CA SER N 464 -22.03 -31.17 -40.92
C SER N 464 -22.81 -32.27 -41.62
N LEU N 465 -23.49 -33.13 -40.85
CA LEU N 465 -24.26 -34.20 -41.45
C LEU N 465 -25.43 -33.66 -42.26
N ILE N 466 -26.09 -32.61 -41.75
CA ILE N 466 -27.21 -32.00 -42.47
C ILE N 466 -26.74 -31.46 -43.81
N VAL N 467 -25.61 -30.75 -43.81
CA VAL N 467 -25.08 -30.18 -45.05
C VAL N 467 -24.66 -31.28 -46.02
N GLU N 468 -24.02 -32.34 -45.50
CA GLU N 468 -23.62 -33.44 -46.37
C GLU N 468 -24.82 -34.12 -47.01
N LYS N 469 -25.89 -34.34 -46.23
CA LYS N 469 -27.08 -34.95 -46.80
C LYS N 469 -27.80 -34.02 -47.77
N ILE N 470 -27.75 -32.71 -47.52
CA ILE N 470 -28.33 -31.75 -48.46
C ILE N 470 -27.58 -31.80 -49.78
N MET N 471 -26.25 -31.81 -49.73
CA MET N 471 -25.45 -31.84 -50.95
C MET N 471 -25.63 -33.16 -51.69
N GLN N 472 -25.76 -34.27 -50.94
CA GLN N 472 -25.98 -35.56 -51.58
C GLN N 472 -27.39 -35.67 -52.16
N SER N 473 -28.33 -34.86 -51.67
CA SER N 473 -29.71 -34.96 -52.09
C SER N 473 -29.91 -34.27 -53.43
N SER N 474 -31.18 -34.20 -53.86
CA SER N 474 -31.52 -33.53 -55.10
C SER N 474 -31.46 -32.02 -54.92
N SER N 475 -31.49 -31.30 -56.05
CA SER N 475 -31.37 -29.85 -56.02
C SER N 475 -32.56 -29.20 -55.32
N GLU N 476 -33.75 -29.78 -55.48
CA GLU N 476 -34.94 -29.17 -54.92
C GLU N 476 -35.08 -29.47 -53.43
N VAL N 477 -34.33 -30.44 -52.92
CA VAL N 477 -34.50 -30.90 -51.55
C VAL N 477 -33.62 -30.09 -50.62
N GLY N 478 -34.21 -29.61 -49.53
CA GLY N 478 -33.47 -28.91 -48.48
C GLY N 478 -33.88 -29.40 -47.11
N TYR N 479 -33.37 -28.75 -46.06
CA TYR N 479 -33.62 -29.15 -44.69
C TYR N 479 -34.49 -28.10 -44.00
N ASP N 480 -35.64 -28.54 -43.48
CA ASP N 480 -36.52 -27.71 -42.67
C ASP N 480 -36.12 -27.89 -41.21
N ALA N 481 -35.61 -26.83 -40.59
CA ALA N 481 -35.17 -26.90 -39.21
C ALA N 481 -36.35 -26.88 -38.25
N MET N 482 -37.40 -26.13 -38.57
CA MET N 482 -38.57 -26.10 -37.70
C MET N 482 -39.23 -27.47 -37.61
N ALA N 483 -39.43 -28.13 -38.75
CA ALA N 483 -39.92 -29.50 -38.76
C ALA N 483 -38.80 -30.51 -38.54
N GLY N 484 -37.54 -30.09 -38.71
CA GLY N 484 -36.41 -30.98 -38.51
C GLY N 484 -36.37 -32.16 -39.46
N ASP N 485 -36.63 -31.92 -40.75
CA ASP N 485 -36.62 -33.03 -41.71
C ASP N 485 -36.31 -32.49 -43.09
N PHE N 486 -35.94 -33.39 -43.99
CA PHE N 486 -35.58 -33.03 -45.36
C PHE N 486 -36.84 -33.02 -46.21
N VAL N 487 -37.13 -31.87 -46.81
CA VAL N 487 -38.36 -31.64 -47.56
C VAL N 487 -38.02 -30.95 -48.88
N ASN N 488 -39.06 -30.62 -49.63
CA ASN N 488 -38.92 -29.79 -50.83
C ASN N 488 -39.16 -28.33 -50.44
N MET N 489 -38.13 -27.49 -50.63
CA MET N 489 -38.17 -26.16 -50.04
C MET N 489 -39.21 -25.26 -50.70
N VAL N 490 -39.32 -25.33 -52.03
CA VAL N 490 -40.28 -24.46 -52.72
C VAL N 490 -41.71 -24.81 -52.32
N GLU N 491 -42.02 -26.10 -52.24
CA GLU N 491 -43.37 -26.50 -51.83
C GLU N 491 -43.66 -26.11 -50.40
N LYS N 492 -42.69 -26.30 -49.49
CA LYS N 492 -42.91 -25.93 -48.10
C LYS N 492 -42.87 -24.42 -47.90
N GLY N 493 -42.31 -23.68 -48.85
CA GLY N 493 -42.24 -22.24 -48.76
C GLY N 493 -40.99 -21.68 -48.14
N ILE N 494 -39.94 -22.47 -48.00
CA ILE N 494 -38.68 -22.01 -47.43
C ILE N 494 -37.88 -21.42 -48.60
N ILE N 495 -38.09 -20.13 -48.85
CA ILE N 495 -37.44 -19.43 -49.95
C ILE N 495 -36.89 -18.10 -49.44
N ASP N 496 -35.87 -17.60 -50.13
CA ASP N 496 -35.21 -16.36 -49.78
C ASP N 496 -35.08 -15.47 -51.02
N PRO N 497 -35.11 -14.15 -50.84
CA PRO N 497 -34.73 -13.26 -51.95
C PRO N 497 -33.29 -13.47 -52.34
N THR N 498 -33.03 -13.47 -53.65
CA THR N 498 -31.66 -13.66 -54.12
C THR N 498 -30.80 -12.41 -53.87
N LYS N 499 -31.43 -11.23 -53.83
CA LYS N 499 -30.68 -10.01 -53.57
C LYS N 499 -30.07 -10.03 -52.17
N VAL N 500 -30.82 -10.51 -51.18
CA VAL N 500 -30.34 -10.50 -49.81
C VAL N 500 -29.10 -11.37 -49.67
N VAL N 501 -29.17 -12.62 -50.15
CA VAL N 501 -28.04 -13.52 -50.02
C VAL N 501 -26.87 -13.03 -50.87
N ARG N 502 -27.16 -12.49 -52.05
CA ARG N 502 -26.10 -11.98 -52.92
C ARG N 502 -25.32 -10.86 -52.24
N THR N 503 -26.04 -9.86 -51.70
CA THR N 503 -25.35 -8.73 -51.10
C THR N 503 -24.68 -9.13 -49.78
N ALA N 504 -25.28 -10.05 -49.02
CA ALA N 504 -24.63 -10.50 -47.79
C ALA N 504 -23.30 -11.17 -48.12
N LEU N 505 -23.30 -12.08 -49.09
CA LEU N 505 -22.07 -12.75 -49.48
C LEU N 505 -21.05 -11.75 -49.99
N LEU N 506 -21.48 -10.81 -50.85
CA LEU N 506 -20.54 -9.86 -51.42
C LEU N 506 -19.89 -8.98 -50.35
N ASP N 507 -20.70 -8.40 -49.46
CA ASP N 507 -20.16 -7.53 -48.43
C ASP N 507 -19.24 -8.28 -47.48
N ALA N 508 -19.70 -9.44 -47.00
CA ALA N 508 -18.89 -10.22 -46.07
C ALA N 508 -17.56 -10.61 -46.71
N ALA N 509 -17.61 -11.10 -47.94
CA ALA N 509 -16.40 -11.53 -48.62
C ALA N 509 -15.43 -10.38 -48.83
N GLY N 510 -15.93 -9.25 -49.32
CA GLY N 510 -15.06 -8.12 -49.55
C GLY N 510 -14.37 -7.66 -48.29
N VAL N 511 -15.15 -7.41 -47.24
CA VAL N 511 -14.55 -6.87 -46.02
C VAL N 511 -13.59 -7.87 -45.38
N ALA N 512 -13.99 -9.15 -45.32
CA ALA N 512 -13.14 -10.14 -44.68
C ALA N 512 -11.85 -10.37 -45.49
N SER N 513 -11.95 -10.40 -46.82
CA SER N 513 -10.77 -10.58 -47.64
C SER N 513 -9.81 -9.40 -47.49
N LEU N 514 -10.34 -8.18 -47.41
CA LEU N 514 -9.48 -7.04 -47.11
C LEU N 514 -8.85 -7.18 -45.74
N LEU N 515 -9.60 -7.74 -44.79
CA LEU N 515 -9.07 -7.92 -43.44
C LEU N 515 -7.89 -8.89 -43.41
N THR N 516 -7.98 -9.99 -44.17
CA THR N 516 -6.97 -11.04 -44.07
C THR N 516 -5.60 -10.59 -44.58
N THR N 517 -5.55 -9.47 -45.31
CA THR N 517 -4.27 -8.99 -45.82
C THR N 517 -3.44 -8.27 -44.77
N ALA N 518 -3.85 -8.30 -43.51
CA ALA N 518 -3.18 -7.54 -42.47
C ALA N 518 -1.85 -8.16 -42.07
N GLU N 519 -0.87 -7.31 -41.75
CA GLU N 519 0.38 -7.72 -41.13
C GLU N 519 0.74 -6.90 -39.91
N VAL N 520 0.40 -5.62 -39.88
CA VAL N 520 0.72 -4.72 -38.78
C VAL N 520 -0.56 -4.01 -38.37
N VAL N 521 -0.74 -3.82 -37.06
CA VAL N 521 -1.90 -3.13 -36.51
C VAL N 521 -1.42 -2.02 -35.58
N VAL N 522 -1.90 -0.81 -35.80
CA VAL N 522 -1.55 0.35 -35.01
C VAL N 522 -2.80 0.82 -34.27
N THR N 523 -2.70 0.94 -32.95
CA THR N 523 -3.81 1.37 -32.12
C THR N 523 -3.35 2.49 -31.20
N GLU N 524 -4.33 3.18 -30.60
CA GLU N 524 -4.00 4.20 -29.62
C GLU N 524 -3.74 3.56 -28.25
N ILE N 525 -2.91 4.23 -27.46
CA ILE N 525 -2.59 3.75 -26.12
C ILE N 525 -3.81 3.94 -25.21
N PRO N 526 -4.24 2.93 -24.47
CA PRO N 526 -5.45 3.08 -23.64
C PRO N 526 -5.21 3.95 -22.42
N LYS N 527 -5.23 5.26 -22.62
CA LYS N 527 -5.03 6.21 -21.53
C LYS N 527 -6.23 6.22 -20.59
PB ADP O . 52.67 -0.33 -6.70
O1B ADP O . 52.34 -0.81 -5.31
O2B ADP O . 51.74 -0.83 -7.77
O3B ADP O . 54.13 -0.41 -7.07
PA ADP O . 53.15 2.21 -5.64
O1A ADP O . 52.17 3.00 -4.82
O2A ADP O . 54.24 1.40 -4.98
O3A ADP O . 52.35 1.25 -6.65
O5' ADP O . 53.84 3.19 -6.70
C5' ADP O . 55.26 3.25 -6.76
C4' ADP O . 55.68 3.76 -8.13
O4' ADP O . 55.86 5.17 -8.06
C3' ADP O . 57.00 3.14 -8.55
O3' ADP O . 56.83 2.45 -9.78
C2' ADP O . 57.96 4.29 -8.74
O2' ADP O . 58.55 4.20 -10.04
C1' ADP O . 57.12 5.55 -8.62
N9 ADP O . 57.78 6.52 -7.72
C8 ADP O . 58.09 6.30 -6.42
N7 ADP O . 58.68 7.39 -5.87
C5 ADP O . 58.75 8.32 -6.83
C6 ADP O . 59.27 9.72 -6.93
N6 ADP O . 59.84 10.33 -5.86
N1 ADP O . 59.16 10.34 -8.12
C2 ADP O . 58.59 9.76 -9.18
N3 ADP O . 58.11 8.50 -9.17
C4 ADP O . 58.16 7.75 -8.04
BE BEF P . 51.61 -1.72 -4.52
F1 BEF P . 53.00 -1.18 -4.18
F2 BEF P . 50.46 -0.88 -3.89
F3 BEF P . 51.45 -3.17 -4.02
MG MG Q . 55.20 -0.33 -4.08
K K R . 49.86 1.72 -4.00
PB ADP S . 32.47 -26.59 -32.49
O1B ADP S . 33.09 -26.51 -31.12
O2B ADP S . 30.99 -26.84 -32.51
O3B ADP S . 33.24 -27.44 -33.47
PA ADP S . 34.05 -24.41 -33.26
O1A ADP S . 34.06 -23.08 -32.55
O2A ADP S . 35.10 -25.46 -33.01
O3A ADP S . 32.60 -25.10 -33.08
O5' ADP S . 34.00 -24.15 -34.85
C5' ADP S . 34.97 -24.77 -35.68
C4' ADP S . 34.43 -24.86 -37.09
O4' ADP S . 34.89 -23.72 -37.83
C3' ADP S . 34.96 -26.10 -37.79
O3' ADP S . 33.86 -26.90 -38.23
C2' ADP S . 35.73 -25.61 -39.00
O2' ADP S . 35.25 -26.27 -40.16
C1' ADP S . 35.46 -24.12 -39.07
N9 ADP S . 36.73 -23.38 -39.28
C8 ADP S . 37.80 -23.40 -38.46
N7 ADP S . 38.80 -22.63 -38.94
C5 ADP S . 38.37 -22.09 -40.09
C6 ADP S . 38.93 -21.17 -41.12
N6 ADP S . 40.17 -20.66 -41.00
N1 ADP S . 38.14 -20.85 -42.17
C2 ADP S . 36.90 -21.36 -42.30
N3 ADP S . 36.33 -22.19 -41.42
C4 ADP S . 37.00 -22.59 -40.32
BE BEF T . 32.90 -26.77 -29.75
F1 BEF T . 34.18 -26.92 -30.57
F2 BEF T . 32.68 -25.32 -29.25
F3 BEF T . 32.96 -27.69 -28.51
MG MG U . 36.11 -27.13 -32.12
K K V . 32.70 -22.83 -30.14
PB ADP W . -4.57 -45.58 -26.89
O1B ADP W . -3.18 -45.50 -26.29
O2B ADP W . -5.66 -45.09 -25.98
O3B ADP W . -4.88 -46.89 -27.57
PA ADP W . -3.52 -44.63 -29.29
O1A ADP W . -2.75 -43.34 -29.42
O2A ADP W . -2.81 -45.95 -29.15
O3A ADP W . -4.56 -44.50 -28.07
O5' ADP W . -4.55 -44.76 -30.50
C5' ADP W . -4.56 -45.96 -31.26
C4' ADP W . -5.94 -46.13 -31.90
O4' ADP W . -5.92 -45.54 -33.20
C3' ADP W . -6.29 -47.59 -32.05
O3' ADP W . -7.51 -47.87 -31.37
C2' ADP W . -6.47 -47.83 -33.53
O2' ADP W . -7.74 -48.45 -33.75
C1' ADP W . -6.43 -46.46 -34.17
N9 ADP W . -5.51 -46.47 -35.34
C8 ADP W . -4.21 -46.79 -35.31
N7 ADP W . -3.65 -46.71 -36.55
C5 ADP W . -4.63 -46.33 -37.39
C6 ADP W . -4.74 -46.06 -38.86
N6 ADP W . -3.66 -46.17 -39.67
N1 ADP W . -5.94 -45.69 -39.33
C2 ADP W . -7.02 -45.56 -38.54
N3 ADP W . -7.00 -45.80 -37.21
C4 ADP W . -5.85 -46.18 -36.60
BE BEF X . -2.39 -45.37 -25.14
F1 BEF X . -1.96 -46.24 -26.34
F2 BEF X . -1.95 -43.88 -25.30
F3 BEF X . -1.75 -45.91 -23.84
MG MG Y . -1.83 -47.62 -28.15
K K Z . -2.01 -41.96 -27.10
PB ADP AA . -30.52 -43.04 6.05
O1B ADP AA . -29.12 -43.45 5.69
O2B ADP AA . -30.61 -41.89 7.02
O3B ADP AA . -31.46 -44.17 6.36
PA ADP AA . -31.22 -43.29 3.36
O1A ADP AA . -30.54 -42.58 2.22
O2A ADP AA . -30.87 -44.71 3.71
O3A ADP AA . -31.10 -42.40 4.69
O5' ADP AA . -32.81 -43.22 3.14
C5' ADP AA . -33.57 -44.41 3.24
C4' ADP AA . -35.02 -44.06 3.57
O4' ADP AA . -35.74 -43.90 2.35
C3' ADP AA . -35.67 -45.16 4.36
O3' ADP AA . -36.15 -44.65 5.60
C2' ADP AA . -36.85 -45.63 3.53
O2' ADP AA . -38.03 -45.61 4.33
C1' ADP AA . -36.95 -44.64 2.39
N9 ADP AA . -37.12 -45.37 1.10
C8 ADP AA . -36.25 -46.26 0.58
N7 ADP AA . -36.70 -46.75 -0.60
C5 ADP AA . -37.89 -46.16 -0.85
C6 ADP AA . -38.90 -46.22 -1.93
N6 ADP AA . -38.74 -47.03 -3.00
N1 ADP AA . -40.01 -45.45 -1.80
C2 ADP AA . -40.19 -44.64 -0.74
N3 ADP AA . -39.30 -44.54 0.28
C4 ADP AA . -38.16 -45.26 0.28
BE BEF BA . -27.75 -43.42 5.99
F1 BEF BA . -28.44 -44.63 5.38
F2 BEF BA . -27.26 -42.39 4.91
F3 BEF BA . -26.52 -43.86 6.80
MG MG CA . -29.82 -46.30 4.71
K K DA . -28.22 -41.16 2.78
PB ADP EA . -25.85 -20.82 41.42
O1B ADP EA . -25.17 -21.89 40.61
O2B ADP EA . -25.04 -19.55 41.60
O3B ADP EA . -26.51 -21.30 42.69
PA ADP EA . -28.24 -21.35 40.08
O1A ADP EA . -28.40 -21.35 38.58
O2A ADP EA . -28.05 -22.63 40.85
O3A ADP EA . -27.08 -20.33 40.50
O5' ADP EA . -29.50 -20.58 40.73
C5' ADP EA . -30.25 -21.23 41.75
C4' ADP EA . -30.96 -20.18 42.59
O4' ADP EA . -32.27 -19.98 42.07
C3' ADP EA . -31.09 -20.62 44.03
O3' ADP EA . -30.44 -19.69 44.89
C2' ADP EA . -32.58 -20.65 44.32
O2' ADP EA . -32.83 -19.88 45.49
C1' ADP EA . -33.25 -20.03 43.11
N9 ADP EA . -34.38 -20.87 42.68
C8 ADP EA . -34.31 -22.16 42.29
N7 ADP EA . -35.53 -22.65 41.96
C5 ADP EA . -36.42 -21.65 42.12
C6 ADP EA . -37.87 -21.47 41.96
N6 ADP EA . -38.66 -22.49 41.53
N1 ADP EA . -38.40 -20.26 42.25
C2 ADP EA . -37.64 -19.25 42.68
N3 ADP EA . -36.31 -19.33 42.86
C4 ADP EA . -35.66 -20.49 42.61
BE BEF FA . -24.01 -22.43 40.06
F1 BEF FA . -25.19 -23.22 40.64
F2 BEF FA . -24.20 -22.12 38.54
F3 BEF FA . -22.70 -23.25 40.19
MG MG GA . -27.01 -24.28 41.78
K K HA . -26.15 -21.17 37.01
PB ADP IA . 5.86 4.26 52.60
O1B ADP IA . 5.58 2.81 52.30
O2B ADP IA . 6.80 4.93 51.64
O3B ADP IA . 6.17 4.54 54.05
PA ADP IA . 3.16 4.61 53.19
O1A ADP IA . 2.01 4.33 52.25
O2A ADP IA . 3.57 3.62 54.25
O3A ADP IA . 4.47 5.01 52.34
O5' ADP IA . 2.90 6.01 53.93
C5' ADP IA . 2.97 6.06 55.35
C4' ADP IA . 3.26 7.50 55.79
O4' ADP IA . 2.02 8.17 56.02
C3' ADP IA . 4.05 7.51 57.08
O3' ADP IA . 5.27 8.23 56.87
C2' ADP IA . 3.20 8.25 58.08
O2' ADP IA . 3.97 9.31 58.66
C1' ADP IA . 2.03 8.82 57.29
N9 ADP IA . 0.76 8.52 57.99
C8 ADP IA . 0.30 7.29 58.30
N7 ADP IA . -0.90 7.37 58.94
C5 ADP IA . -1.20 8.67 59.07
C6 ADP IA . -2.31 9.46 59.65
N6 ADP IA . -3.37 8.85 60.25
N1 ADP IA . -2.25 10.81 59.57
C2 ADP IA . -1.21 11.42 58.97
N3 ADP IA . -0.17 10.78 58.43
C4 ADP IA . -0.10 9.43 58.45
BE BEF JA . 5.94 1.69 51.54
F1 BEF JA . 5.36 1.61 52.96
F2 BEF JA . 4.83 1.74 50.45
F3 BEF JA . 6.82 0.45 51.25
MG MG KA . 4.63 2.01 55.22
K K LA . 2.64 3.10 49.82
PB ADP MA . 40.85 13.40 31.17
O1B ADP MA . 40.10 12.23 31.76
O2B ADP MA . 41.01 13.34 29.67
O3B ADP MA . 42.09 13.79 31.91
PA ADP MA . 39.41 15.11 32.84
O1A ADP MA . 37.89 15.18 32.91
O2A ADP MA . 40.20 14.32 33.84
O3A ADP MA . 39.85 14.65 31.37
O5' ADP MA . 40.00 16.61 32.83
C5' ADP MA . 41.01 16.95 33.76
C4' ADP MA . 41.79 18.14 33.22
O4' ADP MA . 41.21 19.35 33.73
C3' ADP MA . 43.23 18.08 33.68
O3' ADP MA . 44.09 18.07 32.54
C2' ADP MA . 43.47 19.34 34.48
O2' ADP MA . 44.62 20.02 33.96
C1' ADP MA . 42.23 20.19 34.28
N9 ADP MA . 41.75 20.72 35.59
C8 ADP MA . 41.40 19.97 36.66
N7 ADP MA . 41.03 20.75 37.69
C5 ADP MA . 41.14 22.03 37.30
C6 ADP MA . 40.89 23.36 37.89
N6 ADP MA . 40.45 23.49 39.16
N1 ADP MA . 41.13 24.45 37.12
C2 ADP MA . 41.58 24.34 35.86
N3 ADP MA . 41.81 23.17 35.26
C4 ADP MA . 41.62 21.99 35.91
BE BEF NA . 39.56 10.94 31.62
F1 BEF NA . 40.10 11.50 32.95
F2 BEF NA . 38.02 11.20 31.46
F3 BEF NA . 39.77 9.41 31.56
MG MG OA . 41.32 12.67 34.70
K K PA . 36.41 13.28 31.70
PB ADP QA . 6.43 3.08 -52.61
O1B ADP QA . 5.02 3.49 -52.26
O2B ADP QA . 7.48 3.58 -51.67
O3B ADP QA . 6.79 3.24 -54.07
PA ADP QA . 5.48 0.52 -53.21
O1A ADP QA . 4.70 -0.35 -52.26
O2A ADP QA . 4.79 1.35 -54.26
O3A ADP QA . 6.45 1.49 -52.37
O5' ADP QA . 6.58 -0.37 -53.95
C5' ADP QA . 6.64 -0.37 -55.37
C4' ADP QA . 8.03 -0.79 -55.82
O4' ADP QA . 8.03 -2.19 -56.06
C3' ADP QA . 8.41 -0.10 -57.11
O3' ADP QA . 9.62 0.66 -56.91
C2' ADP QA . 8.65 -1.19 -58.12
O2' ADP QA . 9.94 -1.01 -58.71
C1' ADP QA . 8.59 -2.49 -57.34
N9 ADP QA . 7.74 -3.47 -58.04
C8 ADP QA . 6.44 -3.29 -58.34
N7 ADP QA . 5.93 -4.38 -58.98
C5 ADP QA . 6.93 -5.27 -59.10
C6 ADP QA . 7.09 -6.63 -59.68
N6 ADP QA . 6.05 -7.26 -60.26
N1 ADP QA . 8.31 -7.20 -59.59
C2 ADP QA . 9.34 -6.59 -59.01
N3 ADP QA . 9.28 -5.36 -58.47
C4 ADP QA . 8.11 -4.66 -58.48
BE BEF RA . 4.19 4.32 -51.49
F1 BEF RA . 3.87 3.82 -52.90
F2 BEF RA . 3.61 3.39 -50.38
F3 BEF RA . 3.62 5.73 -51.26
MG MG SA . 3.80 3.08 -55.13
K K TA . 3.83 0.78 -49.89
PB ADP UA . 31.06 29.56 -31.29
O1B ADP UA . 29.70 29.43 -31.91
O2B ADP UA . 31.07 29.73 -29.79
O3B ADP UA . 32.01 30.49 -32.00
PA ADP UA . 31.94 27.49 -32.95
O1A ADP UA . 31.28 26.14 -33.04
O2A ADP UA . 31.62 28.57 -33.95
O3A ADP UA . 31.73 28.10 -31.49
O5' ADP UA . 33.53 27.30 -32.93
C5' ADP UA . 34.32 28.00 -33.88
C4' ADP UA . 35.73 28.13 -33.34
O4' ADP UA . 36.52 27.04 -33.85
C3' ADP UA . 36.38 29.42 -33.81
O3' ADP UA . 36.78 30.19 -32.67
C2' ADP UA . 37.60 29.02 -34.60
O2' ADP UA . 38.74 29.71 -34.08
C1' ADP UA . 37.74 27.52 -34.40
N9 ADP UA . 37.98 26.86 -35.71
C8 ADP UA . 37.15 26.90 -36.77
N7 ADP UA . 37.66 26.19 -37.80
C5 ADP UA . 38.84 25.68 -37.40
C6 ADP UA . 39.91 24.84 -38.01
N6 ADP UA . 39.80 24.38 -39.27
N1 ADP UA . 40.98 24.54 -37.23
C2 ADP UA . 41.09 24.99 -35.97
N3 ADP UA . 40.17 25.75 -35.37
C4 ADP UA . 39.05 26.13 -36.02
BE BEF VA . 28.33 29.63 -31.69
F1 BEF VA . 29.13 29.87 -32.97
F2 BEF VA . 27.89 28.13 -31.55
F3 BEF VA . 27.04 30.48 -31.71
MG MG WA . 30.66 30.23 -34.89
K K XA . 28.89 25.70 -31.68
PB ADP YA . 24.76 46.52 6.62
O1B ADP YA . 24.18 46.48 5.23
O2B ADP YA . 23.89 45.95 7.69
O3B ADP YA . 25.39 47.85 6.99
PA ADP YA . 27.20 45.73 5.52
O1A ADP YA . 27.40 44.49 4.69
O2A ADP YA . 27.00 47.07 4.87
O3A ADP YA . 26.00 45.50 6.56
O5' ADP YA . 28.42 45.87 6.55
C5' ADP YA . 29.12 47.10 6.62
C4' ADP YA . 29.76 47.23 7.99
O4' ADP YA . 31.09 46.71 7.95
C3' ADP YA . 29.84 48.70 8.41
O3' ADP YA . 29.15 48.87 9.65
C2' ADP YA . 31.31 48.99 8.60
O2' ADP YA . 31.51 49.56 9.89
C1' ADP YA . 32.02 47.65 8.49
N9 ADP YA . 33.18 47.76 7.58
C8 ADP YA . 33.13 48.14 6.28
N7 ADP YA . 34.37 48.14 5.73
C5 ADP YA . 35.24 47.76 6.68
C6 ADP YA . 36.70 47.54 6.77
N6 ADP YA . 37.51 47.75 5.71
N1 ADP YA . 37.20 47.14 7.96
C2 ADP YA . 36.41 46.93 9.03
N3 ADP YA . 35.08 47.10 9.02
C4 ADP YA . 34.44 47.51 7.90
BE BEF ZA . 23.04 46.34 4.43
F1 BEF ZA . 24.17 47.28 4.04
F2 BEF ZA . 23.26 44.87 3.92
F3 BEF ZA . 21.70 46.83 3.83
MG MG AB . 25.92 48.74 3.97
K K BB . 25.15 43.02 3.88
PB ADP CB . -7.89 41.24 32.50
O1B ADP CB . -7.56 41.75 31.12
O2B ADP CB . -8.82 40.06 32.54
O3B ADP CB . -8.25 42.32 33.49
PA ADP CB . -5.21 41.59 33.21
O1A ADP CB . -4.04 40.96 32.49
O2A ADP CB . -5.63 43.01 32.93
O3A ADP CB . -6.50 40.65 33.05
O5' ADP CB . -4.98 41.46 34.79
C5' ADP CB . -5.14 42.61 35.61
C4' ADP CB . -5.44 42.17 37.04
O4' ADP CB . -4.21 42.03 37.75
C3' ADP CB . -6.28 43.21 37.74
O3' ADP CB . -7.50 42.61 38.19
C2' ADP CB . -5.47 43.66 38.94
O2' ADP CB . -6.27 43.54 40.12
C1' ADP CB . -4.28 42.72 39.00
N9 ADP CB . -3.02 43.50 39.19
C8 ADP CB . -2.55 44.45 38.37
N7 ADP CB . -1.40 44.97 38.84
C5 ADP CB . -1.11 44.34 39.99
C6 ADP CB . -0.04 44.41 41.01
N6 ADP CB . 1.00 45.27 40.87
N1 ADP CB . -0.12 43.58 42.07
C2 ADP CB . -1.15 42.72 42.21
N3 ADP CB . -2.15 42.60 41.33
C4 ADP CB . -2.19 43.37 40.23
BE BEF DB . -7.87 41.76 29.76
F1 BEF DB . -7.30 42.97 30.50
F2 BEF DB . -6.75 40.82 29.21
F3 BEF DB . -8.70 42.22 28.54
MG MG EB . -6.71 44.59 31.95
K K FB . -4.55 39.64 30.11
PB ADP GB . -42.22 17.64 26.90
O1B ADP GB . -41.46 18.78 26.27
O2B ADP GB . -42.34 16.42 26.04
O3B ADP GB . -43.50 18.04 27.59
PA ADP GB . -40.89 18.12 29.31
O1A ADP GB . -39.40 18.19 29.46
O2A ADP GB . -41.72 19.39 29.18
O3A ADP GB . -41.27 17.14 28.10
O5' ADP GB . -41.50 17.28 30.53
C5' ADP GB . -42.55 17.84 31.31
C4' ADP GB . -43.33 16.71 31.97
O4' ADP GB . -42.80 16.48 33.27
C3' ADP GB . -44.79 17.09 32.13
O3' ADP GB . -45.61 16.14 31.44
C2' ADP GB . -45.08 17.04 33.62
O2' ADP GB . -46.21 16.20 33.84
C1' ADP GB . -43.84 16.45 34.25
N9 ADP GB . -43.44 17.25 35.42
C8 ADP GB . -43.11 18.55 35.41
N7 ADP GB . -42.79 19.00 36.65
C5 ADP GB . -42.91 17.96 37.49
C6 ADP GB . -42.73 17.71 38.94
N6 ADP GB . -42.34 18.71 39.77
N1 ADP GB . -42.97 16.48 39.41
C2 ADP GB . -43.35 15.47 38.60
N3 ADP GB . -43.54 15.61 37.28
C4 ADP GB . -43.34 16.80 36.68
BE BEF HB . -40.94 19.41 25.13
F1 BEF HB . -41.55 20.11 26.35
F2 BEF HB . -39.41 19.15 25.30
F3 BEF HB . -41.12 20.28 23.86
MG MG IB . -42.73 21.03 28.22
K K JB . -37.83 18.19 27.20
PB ADP KB . -52.38 -6.42 -5.91
O1B ADP KB . -52.13 -4.98 -5.56
O2B ADP KB . -51.39 -7.01 -6.89
O3B ADP KB . -53.81 -6.76 -6.23
PA ADP KB . -52.94 -6.93 -3.23
O1A ADP KB . -52.01 -6.66 -2.08
O2A ADP KB . -54.04 -5.97 -3.59
O3A ADP KB . -52.08 -7.23 -4.55
O5' ADP KB . -53.61 -8.37 -3.03
C5' ADP KB . -55.03 -8.49 -3.11
C4' ADP KB . -55.39 -9.93 -3.45
O4' ADP KB . -55.59 -10.66 -2.25
C3' ADP KB . -56.68 -9.97 -4.25
O3' ADP KB . -56.45 -10.62 -5.50
C2' ADP KB . -57.65 -10.79 -3.43
O2' ADP KB . -58.18 -11.84 -4.25
C1' ADP KB . -56.83 -11.37 -2.28
N9 ADP KB . -57.54 -11.16 -1.00
C8 ADP KB . -57.90 -9.97 -0.48
N7 ADP KB . -58.53 -10.14 0.71
C5 ADP KB . -58.59 -11.46 0.95
C6 ADP KB . -59.13 -12.32 2.03
N6 ADP KB . -59.76 -11.79 3.11
N1 ADP KB . -58.98 -13.66 1.90
C2 ADP KB . -58.38 -14.20 0.83
N3 ADP KB . -57.86 -13.48 -0.18
C4 ADP KB . -57.94 -12.13 -0.18
BE BEF LB . -51.43 -3.82 -5.88
F1 BEF LB . -52.85 -3.83 -5.29
F2 BEF LB . -50.33 -3.85 -4.77
F3 BEF LB . -51.21 -2.52 -6.70
MG MG MB . -55.09 -4.36 -4.57
K K NB . -49.64 -5.28 -2.66
PB ADP OB . -30.71 -12.93 -41.33
O1B ADP OB . -31.35 -11.82 -40.53
O2B ADP OB . -29.22 -12.80 -41.52
O3B ADP OB . -31.44 -13.29 -42.60
PA ADP OB . -32.30 -14.79 -39.98
O1A ADP OB . -32.35 -14.92 -38.47
O2A ADP OB . -33.33 -14.00 -40.73
O3A ADP OB . -30.85 -14.23 -40.40
O5' ADP OB . -32.22 -16.24 -40.63
C5' ADP OB . -33.14 -16.58 -41.66
C4' ADP OB . -32.55 -17.71 -42.49
O4' ADP OB . -32.99 -18.97 -41.98
C3' ADP OB . -33.01 -17.61 -43.94
O3' ADP OB . -31.88 -17.50 -44.80
C2' ADP OB . -33.75 -18.89 -44.23
O2' ADP OB . -33.21 -19.49 -45.41
C1' ADP OB . -33.51 -19.78 -43.02
N9 ADP OB . -34.79 -20.39 -42.58
C8 ADP OB . -35.89 -19.71 -42.19
N7 ADP OB . -36.89 -20.56 -41.84
C5 ADP OB . -36.43 -21.81 -42.02
C6 ADP OB . -36.96 -23.18 -41.84
N6 ADP OB . -38.23 -23.39 -41.40
N1 ADP OB . -36.15 -24.22 -42.13
C2 ADP OB . -34.89 -24.03 -42.57
N3 ADP OB . -34.35 -22.82 -42.76
C4 ADP OB . -35.05 -21.69 -42.50
BE BEF PB . -31.27 -10.56 -39.94
F1 BEF PB . -32.57 -11.16 -40.50
F2 BEF PB . -31.09 -10.88 -38.42
F3 BEF PB . -31.28 -9.02 -40.08
MG MG QB . -34.27 -12.34 -41.77
K K RB . -31.23 -13.04 -36.91
#